data_8TWA
#
_entry.id   8TWA
#
loop_
_entity.id
_entity.type
_entity.pdbx_description
1 polymer 'Chromosome transmission fidelity protein 18'
2 polymer 'Primer DNA'
3 polymer 'Template DNA'
4 polymer 'DNA polymerase epsilon catalytic subunit A'
5 polymer 'Chromosome transmission fidelity protein 8'
6 polymer 'Sister chromatid cohesion protein DCC1'
7 polymer 'Replication factor C subunit 4'
8 polymer 'Replication factor C subunit 3'
9 polymer 'Replication factor C subunit 2'
10 polymer 'Replication factor C subunit 5'
11 polymer 'Chromosome transmission fidelity protein 18'
12 polymer 'Proliferating cell nuclear antigen'
13 non-polymer 'IRON/SULFUR CLUSTER'
14 non-polymer 'PHOSPHOTHIOPHOSPHORIC ACID-ADENYLATE ESTER'
15 non-polymer 'MAGNESIUM ION'
16 non-polymer "ADENOSINE-5'-DIPHOSPHATE"
#
loop_
_entity_poly.entity_id
_entity_poly.type
_entity_poly.pdbx_seq_one_letter_code
_entity_poly.pdbx_strand_id
1 'polypeptide(L)' TVKIWVKYNEGFSNAVRKNVTWNNLW C
2 'polydeoxyribonucleotide' (DT)(DG)(DT)(DT)(DG)(DC)(DT)(DG)(DC) P
3 'polydeoxyribonucleotide' (DT)(DT)(DT)(DT)(DT)(DA)(DG)(DC)(DA)(DG)(DC)(DA)(DA)(DC)(DA) T
4 'polypeptide(L)'
;MMFGKKKNNGGSSTARYSAGNKYNTLSNNYALSAQQLLNASKIDDIDSMMGFERYVPPQYNGRFDAKDIDQIPGRVGWLT
NMHATLVSQETLSSGSNGGGNSNDGERVTTNQGISGVDFYFLDEEGGSFKSTVVYDPYFFIACNDESRVNDVEELVKKYL
ESCLKSLQIIRKEDLTMDNHLLGLQKTLIKLSFVNSNQLFEARKLLRPILQDNANNNVQRNIYNVAANGSEKVDAKHLIE
DIREYDVPYHVRVSIDKDIRVGKWYKVTQQGFIEDTRKIAFADPVVMAFDIETTKPPLKFPDSAVDQIMMISYMIDGEGF
LITNREIISEDIEDFEYTPKPEYPGFFTIFNENDEVALLQRFFEHIRDVRPTVISTFNGDFFDWPFIHNRSKIHGLDMFD
EIGFAPDAEGEYKSSYCSHMDCFRWVKRDSYLPQGSQGLKAVTQSKLGYNPIELDPELMTPYAFEKPQHLSEYSVSDAVA
TYYLYMKYVHPFIFSLCTIIPLNPDETLRKGTGTLCEMLLMVQAYQHNILLPNKHTDPIERFYDGHLLESETYVGGHVES
LEAGVFRSDLKNEFKIDPSAIDELLQELPEALKFSVEVENKSSVDKVTNFEEIKNQITQKLLELKENNIRNELPLIYHVD
VASMYPNIMTTNRLQPDSIKAERDCASCDFNRPGKTCARKLKWAWRGEFFPSKMDEYNMIKRALQNETFPNKNKFSKKKV
LTFDELSYADQVIHIKKRLTEYSRKVYHRVKVSEIVEREAIVCQRENPFYVDTVKSFRDRRYEFKGLAKTWKGNLSKIDP
SDKHARDEAKKMIVLYDSLQLAHKVILNSFYGYVMRKGSRWYSMEMAGITCLTGATIIQMARALVERVGRPLELDTDGIW
CILPKSFPETYFFTLENGKKLYLSYPCSMLNYRVHQKFTNHQYQELKDPLNYIYETHSENTIFFEVDGPYKAMILPSSKE
EGKGIKKRYAVFNEDGSLAELKGFELKRRGELQLIKNFQSDIFKVFLEGDTLEGCYSAVASVCNRWLDVLDSHGLMLEDE
DLVSLICENRSMSKTLKEYEGQKSTSITTARRLGDFLGEDMVKDKGLQCKYIISSKPFNAPVTERAIPVAIFSADIPIKR
SFLRRWTLDPSLEDLDIRTIIDWGYYRERLGSAIQKIITIPAALQGVSNPVPRVEHPDWLKRKIATKEDKFKQTSLTKFF
SKTKNVPTMGKIKDIEDLFEPTVEEDNAKIKIARTTKKKAVSKRKRNQLTNEEDPLVLPSEIPSMDEDYVGWLNYQKIKW
KIQARDRKRRDQLFGNTNSSRERSALGSMIRKQAESYANSTWEVLQYKDSGEPGVLEVFVTINGKVQNITFHIPKTIYMK
FKSQTMPLQKIKNCLIEKSSASLPNNPKTSNPAGGQLFKITLPESVFLEEKENCTSIFNDENVLGVFEGTITPHQRAIMD
LGASVTFRSKAMGALGKGIQQGFEMKDLSMAENERYLSGFSMDIGYLLHFPTSIGYEFFSLFKSWGDTITILVLKPSNQA
QEINASSLGQIYKQMFEKKKGKIETYSYLVDIKEDINFEFVYFTDISKLYRRLSQETTKLKEERGLQFLLLLQSPFITKL
LGTIRLLNQMPIVKLSLNEVLLPQLNWQPTLLKKLVNHVLSSGSWISHLIKLSQYSNIPICNLRLDSMDYIIDVLYARKL
KKENIVLWWNEKAPLPDHGGIQNDFDLNTSWIMNDSEFPKINNSGVYDNVVLDVGVDNLTVNTILTSALINDAEGSDLVN
NNMGIDDKDAVINSPSEFVHDAFSNDALNVLRGMLKEWWDEALKENSTADLLVNSLASWVQNPNAKLFDGLLRYHVHNLT
KKALLQLVNEFSALGSTIVYADRNQILIKTNKYSPENCYAYSQYMMKAVRTNPMFSYLDLNIKRYWDLLIWMDKFNFSGL
ACIEIEEKENQDYTAVSQWQLKKFLSPIYQPEFEDWMMIILDSMLKTKQSYLKLNSGTQRPTQIVNVKKQDKEDSVENSL
NGFSHLFSKPLMKRVKKLFKNQQEFILDPQYEADYVIPVLPGSHLNVKNPLLELVKSLCHVMLLSKSTILEIRTLRKELL
KIFELREFAKVAEFKDPSLSLVVPDFLCEYCFFISDIDFCKAAPESIFSCVRCHKAFNQVLLQEHLIQKLRSDIESYLIQ
DLRCSRCHKVKRDYMSAHCPCAGAWEGTLPRESIVQKLNVFKQVAKYYGFDILLSCIADLTI
;
E
5 'polypeptide(L)'
;PSVDIDASQWQKLTQSREKQTTVITPLGMMMLEIQGELELPKDFASLARRDSPNEGRFSEQDGETLIRFGSLQIDGERAT
LFVGKKQRLLGKVTKLDVPMGIMHFNSKDNKVELVDVMKYKVIFKDRPLPIM
;
D
6 'polypeptide(L)'
;MSINLHSAPEYDPSYKLIQLTPELLDIIQDPVQNHQLRFKSLDKDKSEVVLCSHDKTWVLKQRKHSNTVLLMREFVPEQP
ITFDETLLFGLSKPYMDVVGFAKTESEFETRETHGELNLNSVPIYNGELDFSDKIMKRSSTKVIGTLEELLENSPCSALE
GISKWHKIGGSVKDGVLCILSQDFLFKALHVLLMSAMAESLDLQHLNVEDTHHAVGKDIEDEFNPYTREIIETVLNKFAV
QEQEAENNTWRLRIPFIAQWYGIQALRKYVSGISMPIDEFLIKWKSLFPPFFPCDIDIDMLRGYHFKPTDKTVQYIAKST
LPMDPKERFKVLFRLQSQWDLEDIKPLIEELNSRGMKIDSFIMKYARRKRLGKKTVVTSR
;
B
7 'polypeptide(L)'
;TLSLQLPWVEKYRPQVLSDIVGNKETIDRLQQIAKDGNMPHMIISGMPGIGKTTSVHCLAHELLGRSYADGVLELNASDD
RGIDVVRNQIKHFAQKKLHLPPGKHKIVILDEADSMTAGAQQALRRTMELYSNSTRFAFACNQSNKIIEPLQSRCAILRY
SKLSDEDVLKRLLQIIKLEDVKYTNDGLEAIIFTAEGDMRQAINNLQSTVAGHGLVNADNVFKIVDSPHPLIVKKMLLAS
NLEDSIQILRTDLWKKGYSSIDIVTTSFRVTKNLAQVKESVRLEMIKEIGLTHMRILEGVGTYLQLASMLAKIHKLNNK
;
4
8 'polypeptide(L)'
;SKENLPWVEKYRPETLDEVYGQNEVITTVRKFVDEGKLPHLLFYGPPGTGKTSTIVALAREIYGKNYSNMVLELNASDDR
GIDVVRNQIKDFASTRQIFSKGFKLIILDEADAMTNAAQNALRRVIERYTKNTRFCVLANYAHKLTPALLSRCTRFRFQP
LPQEAIERRIANVLVHEKLKLSPNAEKALIELSNGDMRRVLNVLQSCKATLDNPDEDEISDDVIYECCGAPRPSDLKAVL
KSILEDDWGTAHYTLNKVRSAKGLALIDLIEGIVKILEDYELQNEETRVHLLTKLADIEYSISKGGNDQIQGSAVIGAIK
ASFENET
;
3
9 'polypeptide(L)'
;SKLAAEQSLAQQPWVEKYRPKNLDEVTAQDHAVTVLKKTLKSANLPHMLFYGPPGTGKTSTILALTKELYGPDLMKSRIL
ELNASDERGISIVREKVKNFARLTVSKPSKHDLENYPCPPYKIIILDEADSMTADAQSALRRTMETYSGVTRFCLICNYV
TRIIDPLASRCSKFRFKALDASNAIDRLRFISEQENVKCDDGVLERILDISAGDLRRGITLLQSASKGAQYLGDGKNITS
TQVEELAGVVPHDILIEIVEKVKSGDFDEIKKYVNTFMKSGWSAASVVNQLHEYYITNDNFDTNFKNQISWLLFTTDSRL
NNGTNEHIQLLNLLVKISQL
;
2
10 'polypeptide(L)'
;MSLWVDKYRPKSLNALSHNEELTNFLKSLSDQPRDLPHLLLYGPNGTGKKTRCMALLESIFGPGVYRLKIDVRQFVTASN
RKLELNVVSSPYHLEITPSDMGNNDRIVIQELLKEVAQMEQVDFQDSKDGLAHRYKCVIINEANSLTKDAQAALRRTMEK
YSKNIRLIMVCDSMSPIIAPIKSRCLLIRCPAPSDSEISTILSDVVTNERIQLETKDILKRIAQASNGNLRVSLLMLESM
ALNNELALKSSSPIIKPDWIIVIHKLTRKIVKERSVNSLIECRAVLYDLLAHCIPANIILKELTFSLLDVETLNTTNKSS
IIEYSSVFDERLSLGNKAIFHLEGFIAKVMCCLD
;
5
11 'polypeptide(L)'
;MVDTAPYIGSLGRSSLFDTGDIEQAPGNNAIGINEEDIHAFVSSTGETVQLKKKPAKLATGNISLYTNPDTVWRSDDTYG
ININYLLDKIEASGDDRTNAQKTSPITGKIGSDTLWVEKWRPKKFLDLVGNEKTNRRMLGWLRQWTPAVFKEQLPKLPTE
KEVSDMELDPLKRPPKKILLLHGPPGIGKTSVAHVIAKQSGFSVSEINASDERAGPMVKEKIYNLLFNHTFDTNPVCLVA
DEIDGSIESGFIRILVDIMQSDIKATNKLLYGQPDKKDKKRKKKRSKLLTRPIICICNNLYAPSLEKLKPFCEIIAVKRP
SDTTLLERLNLICHKENMNIPIKAINDLIDLAQGDVRNCINNLQFLASNVDSRDSSASDKPACAKNTWASSNKDSPISWF
KIVNQLFRKDPHRDIKEQFYELLNQVELNGNSDRILQGCFNIFPYVKYSDNGIRKPANISDWLFFHDLMYQSMYAHNGEL
LRYSALVPLVFFQTFGDIANKDDIRMKNSEYEQRELKRANSDIVSLIMRHISVQSPLMASFTDRKSLIFEILPYLDSMIS
SDFNKIRNLKLKQAIMEELVQLLKSFQLNLIQNRSEGFDVRGGLTIDPPIDEVVLLNPKHINEVQHKRANNLSSLLAKIE
ENRAKKRHIDQVTEDRLQSQEMHSKKVKTGLNSSSSTIDFFKNQYGLLKQTQELEETQKTIGSDETNQADDCNQTVKIWV
KYNEGFSNAVRKNVTWNNLWE
;
1
12 'polypeptide(L)'
;MLEAKFEEASLFKRIIDGFKDCVQLVNFQCKEDGIIAQAVDDSRVLLVSLEIGVEAFQEYRCDHPVTLGMDLTSLSKILR
CGNNTDTLTLIADNTPDSIILLFEDTKKDRIAEYSLKLMDIDADFLKIEELQYDSTLSLPSSEFSKIVRDLSQLSDSINI
MITKETIKFVADGDIGSGSVIIKPFVDMEHPETSIKLEMDQPVDLTFGAKYLLDIIKGSSLSDRVGIRLSSEAPALFQFD
LKSGFLQFFLAPKFNDEE
;
X,Y,Z
#
loop_
_chem_comp.id
_chem_comp.type
_chem_comp.name
_chem_comp.formula
ADP non-polymer ADENOSINE-5'-DIPHOSPHATE 'C10 H15 N5 O10 P2'
AGS non-polymer 'PHOSPHOTHIOPHOSPHORIC ACID-ADENYLATE ESTER' 'C10 H16 N5 O12 P3 S'
DA DNA linking 2'-DEOXYADENOSINE-5'-MONOPHOSPHATE 'C10 H14 N5 O6 P'
DC DNA linking 2'-DEOXYCYTIDINE-5'-MONOPHOSPHATE 'C9 H14 N3 O7 P'
DG DNA linking 2'-DEOXYGUANOSINE-5'-MONOPHOSPHATE 'C10 H14 N5 O7 P'
DT DNA linking THYMIDINE-5'-MONOPHOSPHATE 'C10 H15 N2 O8 P'
MG non-polymer 'MAGNESIUM ION' 'Mg 2'
SF4 non-polymer 'IRON/SULFUR CLUSTER' 'Fe4 S4'
#
# COMPACT_ATOMS: atom_id res chain seq x y z
N THR A 1 63.19 38.29 -7.29
CA THR A 1 63.84 39.59 -7.09
C THR A 1 62.84 40.73 -7.00
N VAL A 2 61.67 40.54 -7.61
CA VAL A 2 60.57 41.49 -7.60
C VAL A 2 59.42 40.76 -6.92
N LYS A 3 59.74 40.02 -5.86
CA LYS A 3 58.71 39.23 -5.20
C LYS A 3 58.46 39.70 -3.79
N ILE A 4 58.33 41.02 -3.62
CA ILE A 4 58.11 41.64 -2.33
C ILE A 4 56.85 42.48 -2.44
N TRP A 5 55.87 42.24 -1.56
CA TRP A 5 54.63 42.98 -1.62
C TRP A 5 53.90 42.86 -0.28
N VAL A 6 52.81 43.62 -0.19
CA VAL A 6 51.94 43.63 0.98
C VAL A 6 50.61 43.01 0.60
N LYS A 7 50.22 41.97 1.33
CA LYS A 7 48.88 41.42 1.18
C LYS A 7 47.96 42.27 2.03
N TYR A 8 47.18 43.11 1.37
CA TYR A 8 46.34 44.11 2.05
C TYR A 8 45.23 43.50 2.89
N ASN A 9 45.18 43.92 4.15
CA ASN A 9 44.06 43.64 5.02
C ASN A 9 42.99 44.69 4.77
N GLU A 10 41.76 44.24 4.51
CA GLU A 10 40.66 45.13 4.17
C GLU A 10 40.35 46.14 5.28
N GLY A 11 40.50 45.75 6.54
CA GLY A 11 40.24 46.66 7.64
C GLY A 11 41.20 46.47 8.79
N PHE A 12 41.41 47.55 9.53
CA PHE A 12 42.32 47.54 10.66
C PHE A 12 41.66 46.79 11.80
N SER A 13 42.39 45.87 12.41
CA SER A 13 41.88 45.12 13.53
C SER A 13 42.85 45.26 14.67
N ASN A 14 42.35 45.54 15.87
CA ASN A 14 43.16 45.47 17.08
C ASN A 14 42.62 44.34 17.96
N ALA A 15 43.50 43.41 18.30
CA ALA A 15 43.22 42.22 19.09
C ALA A 15 42.98 42.51 20.58
N VAL A 16 42.50 41.46 21.24
CA VAL A 16 42.21 41.45 22.66
C VAL A 16 43.42 41.69 23.56
N ARG A 17 43.23 42.50 24.60
CA ARG A 17 44.29 42.67 25.60
C ARG A 17 44.62 41.34 26.27
N LYS A 18 45.89 41.08 26.50
CA LYS A 18 46.27 39.83 27.15
C LYS A 18 47.12 40.12 28.38
N ASN A 19 47.07 39.23 29.36
CA ASN A 19 47.96 39.33 30.52
C ASN A 19 49.39 39.03 30.10
N VAL A 20 50.35 39.46 30.91
CA VAL A 20 51.75 39.23 30.60
C VAL A 20 52.41 38.41 31.70
N THR A 21 53.11 37.37 31.31
CA THR A 21 53.88 36.58 32.25
C THR A 21 55.35 36.93 32.06
N TRP A 22 56.18 36.42 32.98
CA TRP A 22 57.62 36.67 32.91
C TRP A 22 58.19 36.03 31.65
N ASN A 23 57.65 34.86 31.29
CA ASN A 23 58.08 34.13 30.11
C ASN A 23 57.63 34.82 28.84
N ASN A 24 56.59 35.65 28.92
CA ASN A 24 56.13 36.42 27.76
C ASN A 24 57.20 37.41 27.33
N LEU A 25 57.97 37.91 28.29
CA LEU A 25 59.02 38.87 27.96
C LEU A 25 60.24 38.14 27.46
N TRP A 26 60.65 37.09 28.16
CA TRP A 26 61.76 36.28 27.72
C TRP A 26 61.27 34.97 27.12
N ALA D 19 -28.13 15.34 13.73
CA ALA D 19 -28.28 15.24 15.18
C ALA D 19 -27.41 14.09 15.73
N GLY D 20 -26.10 14.33 15.87
CA GLY D 20 -25.14 13.27 16.19
C GLY D 20 -23.70 13.72 16.44
N ASN D 21 -23.47 14.75 17.28
CA ASN D 21 -22.15 14.93 17.92
C ASN D 21 -22.10 15.87 19.16
N LYS D 22 -23.23 16.23 19.78
CA LYS D 22 -23.29 17.25 20.85
C LYS D 22 -22.51 16.93 22.15
N TYR D 23 -22.08 15.68 22.37
CA TYR D 23 -21.38 15.27 23.59
C TYR D 23 -19.84 15.30 23.51
N ASN D 24 -19.24 15.34 22.31
CA ASN D 24 -17.78 15.25 22.15
C ASN D 24 -17.02 16.58 22.21
N THR D 25 -17.70 17.73 22.17
CA THR D 25 -17.04 19.05 22.25
C THR D 25 -16.82 19.53 23.68
N LEU D 26 -17.70 19.18 24.62
CA LEU D 26 -17.57 19.56 26.03
C LEU D 26 -16.35 18.89 26.69
N SER D 27 -16.14 17.59 26.47
CA SER D 27 -15.01 16.84 27.02
C SER D 27 -13.64 17.42 26.64
N ASN D 28 -13.47 17.81 25.37
CA ASN D 28 -12.21 18.41 24.89
C ASN D 28 -11.87 19.75 25.55
N ASN D 29 -12.87 20.57 25.91
CA ASN D 29 -12.61 21.87 26.54
C ASN D 29 -12.21 21.73 28.02
N TYR D 30 -12.80 20.78 28.75
CA TYR D 30 -12.33 20.45 30.10
C TYR D 30 -10.92 19.86 30.06
N ALA D 31 -10.61 18.99 29.09
CA ALA D 31 -9.26 18.46 28.89
C ALA D 31 -8.24 19.57 28.59
N LEU D 32 -8.57 20.53 27.71
CA LEU D 32 -7.71 21.66 27.40
C LEU D 32 -7.50 22.58 28.62
N SER D 33 -8.56 22.85 29.40
CA SER D 33 -8.45 23.66 30.63
C SER D 33 -7.60 22.98 31.69
N ALA D 34 -7.66 21.65 31.81
CA ALA D 34 -6.80 20.88 32.72
C ALA D 34 -5.33 20.90 32.26
N GLN D 35 -5.07 20.75 30.95
CA GLN D 35 -3.73 20.87 30.37
C GLN D 35 -3.13 22.27 30.62
N GLN D 36 -3.93 23.33 30.46
CA GLN D 36 -3.49 24.70 30.72
C GLN D 36 -3.21 24.96 32.21
N LEU D 37 -4.02 24.41 33.12
CA LEU D 37 -3.75 24.46 34.56
C LEU D 37 -2.46 23.72 34.93
N LEU D 38 -2.17 22.58 34.28
CA LEU D 38 -0.95 21.82 34.52
C LEU D 38 0.30 22.56 34.03
N ASN D 39 0.21 23.24 32.88
CA ASN D 39 1.25 24.16 32.42
C ASN D 39 1.40 25.38 33.37
N ALA D 40 0.30 25.94 33.88
CA ALA D 40 0.34 27.05 34.84
C ALA D 40 1.01 26.64 36.16
N SER D 41 0.76 25.42 36.65
CA SER D 41 1.45 24.87 37.82
C SER D 41 2.95 24.74 37.58
N LYS D 42 3.38 24.18 36.44
CA LYS D 42 4.81 24.12 36.07
C LYS D 42 5.45 25.51 36.03
N ILE D 43 4.74 26.51 35.50
CA ILE D 43 5.21 27.90 35.47
C ILE D 43 5.32 28.47 36.89
N ASP D 44 4.35 28.20 37.78
CA ASP D 44 4.42 28.61 39.19
C ASP D 44 5.62 27.98 39.93
N ASP D 45 5.93 26.71 39.65
CA ASP D 45 7.09 26.00 40.22
C ASP D 45 8.42 26.64 39.75
N ILE D 46 8.56 26.89 38.44
CA ILE D 46 9.71 27.56 37.84
C ILE D 46 9.87 29.00 38.37
N ASP D 47 8.79 29.76 38.42
CA ASP D 47 8.80 31.14 38.93
C ASP D 47 9.28 31.18 40.38
N SER D 48 8.81 30.26 41.22
CA SER D 48 9.20 30.16 42.62
C SER D 48 10.68 29.79 42.78
N MET D 49 11.19 28.85 41.95
CA MET D 49 12.64 28.53 41.87
C MET D 49 13.48 29.79 41.57
N MET D 50 12.98 30.66 40.68
CA MET D 50 13.63 31.90 40.27
C MET D 50 13.30 33.11 41.16
N GLY D 51 12.69 32.88 42.33
CA GLY D 51 12.40 33.90 43.36
C GLY D 51 11.05 34.61 43.24
N PHE D 52 10.27 34.34 42.20
CA PHE D 52 8.95 34.93 41.95
C PHE D 52 7.81 34.17 42.65
N GLU D 53 7.91 34.06 43.97
CA GLU D 53 6.83 33.62 44.86
C GLU D 53 5.55 34.46 44.66
N ARG D 54 4.37 33.82 44.69
CA ARG D 54 3.08 34.51 44.50
C ARG D 54 2.64 35.24 45.77
N TYR D 55 2.93 36.53 45.83
CA TYR D 55 2.48 37.44 46.88
C TYR D 55 0.98 37.72 46.82
N VAL D 56 0.29 37.49 47.94
CA VAL D 56 -1.11 37.88 48.17
C VAL D 56 -1.14 38.98 49.25
N PRO D 57 -1.64 40.18 48.94
CA PRO D 57 -1.61 41.30 49.87
C PRO D 57 -2.57 41.12 51.08
N PRO D 58 -2.26 41.72 52.25
CA PRO D 58 -3.12 41.66 53.43
C PRO D 58 -4.51 42.26 53.18
N GLN D 59 -5.53 41.72 53.86
CA GLN D 59 -6.88 42.31 53.81
C GLN D 59 -6.90 43.70 54.47
N TYR D 60 -7.53 44.66 53.79
CA TYR D 60 -7.65 46.04 54.24
C TYR D 60 -9.07 46.57 54.00
N ASN D 61 -9.83 46.74 55.08
CA ASN D 61 -11.22 47.23 55.04
C ASN D 61 -11.34 48.76 55.15
N GLY D 62 -10.22 49.49 55.10
CA GLY D 62 -10.19 50.94 55.22
C GLY D 62 -10.65 51.67 53.94
N ARG D 63 -10.79 53.00 54.03
CA ARG D 63 -11.18 53.82 52.88
C ARG D 63 -10.01 53.87 51.87
N PHE D 64 -10.28 53.49 50.63
CA PHE D 64 -9.32 53.51 49.54
C PHE D 64 -9.15 54.95 49.01
N ASP D 65 -7.98 55.56 49.23
CA ASP D 65 -7.53 56.78 48.57
C ASP D 65 -6.04 56.59 48.20
N ALA D 66 -5.71 56.81 46.93
CA ALA D 66 -4.34 56.67 46.42
C ALA D 66 -3.37 57.75 46.97
N LYS D 67 -3.88 58.83 47.57
CA LYS D 67 -3.03 59.86 48.20
C LYS D 67 -2.35 59.38 49.48
N ASP D 68 -2.98 58.46 50.21
CA ASP D 68 -2.45 57.88 51.45
C ASP D 68 -1.81 56.51 51.19
N ILE D 69 -1.18 56.32 50.01
CA ILE D 69 -0.59 55.06 49.53
C ILE D 69 0.30 54.38 50.58
N ASP D 70 1.03 55.16 51.37
CA ASP D 70 1.97 54.66 52.38
C ASP D 70 1.25 53.98 53.56
N GLN D 71 -0.02 54.35 53.75
CA GLN D 71 -0.87 53.64 54.74
C GLN D 71 -1.57 52.52 53.98
N ILE D 72 -1.78 52.72 52.68
CA ILE D 72 -2.41 51.66 51.83
C ILE D 72 -1.63 50.36 52.02
N PRO D 73 -2.27 49.17 52.03
CA PRO D 73 -1.61 47.93 52.40
C PRO D 73 -1.13 47.09 51.22
N GLY D 74 -0.39 46.00 51.49
CA GLY D 74 0.09 45.11 50.43
C GLY D 74 1.57 45.29 50.17
N ARG D 75 1.94 45.74 48.99
CA ARG D 75 3.35 45.94 48.61
C ARG D 75 3.43 46.78 47.33
N VAL D 76 4.32 47.78 47.31
CA VAL D 76 4.61 48.58 46.11
C VAL D 76 5.67 47.87 45.28
N GLY D 77 5.52 47.90 43.96
CA GLY D 77 6.54 47.41 43.05
C GLY D 77 6.40 47.94 41.62
N TRP D 78 7.52 47.98 40.92
CA TRP D 78 7.61 48.25 39.48
C TRP D 78 7.35 46.97 38.69
N LEU D 79 6.35 46.98 37.82
CA LEU D 79 5.95 45.81 37.04
C LEU D 79 6.94 45.57 35.89
N THR D 80 7.81 44.57 36.00
CA THR D 80 8.83 44.24 34.99
C THR D 80 8.33 43.25 33.93
N ASN D 81 7.51 42.26 34.30
CA ASN D 81 7.05 41.22 33.36
C ASN D 81 5.62 40.72 33.67
N MET D 82 4.81 40.72 32.54
CA MET D 82 3.43 40.23 32.73
C MET D 82 3.04 39.16 31.70
N HIS D 83 2.28 38.14 32.13
CA HIS D 83 1.83 37.03 31.29
C HIS D 83 0.41 36.56 31.64
N ALA D 84 -0.35 36.08 30.65
CA ALA D 84 -1.65 35.46 30.87
C ALA D 84 -1.50 34.04 31.46
N THR D 85 -2.28 33.72 32.49
CA THR D 85 -2.28 32.42 33.18
C THR D 85 -3.70 31.91 33.43
N LEU D 86 -3.81 30.67 33.90
CA LEU D 86 -5.05 30.01 34.29
C LEU D 86 -4.93 29.50 35.73
N VAL D 87 -5.73 30.05 36.63
CA VAL D 87 -5.61 29.85 38.09
C VAL D 87 -6.71 28.94 38.62
N SER D 88 -6.39 28.11 39.61
CA SER D 88 -7.36 27.32 40.37
C SER D 88 -8.04 28.19 41.44
N GLY D 113 -10.46 26.17 35.19
CA GLY D 113 -9.56 27.25 35.57
C GLY D 113 -10.14 28.62 35.25
N ILE D 114 -9.81 29.62 36.08
CA ILE D 114 -10.19 31.03 35.92
C ILE D 114 -9.05 31.76 35.20
N SER D 115 -9.35 32.62 34.22
CA SER D 115 -8.31 33.42 33.58
C SER D 115 -7.79 34.54 34.49
N GLY D 116 -6.47 34.72 34.51
CA GLY D 116 -5.77 35.76 35.26
C GLY D 116 -4.50 36.20 34.54
N VAL D 117 -3.87 37.27 35.04
CA VAL D 117 -2.57 37.73 34.56
C VAL D 117 -1.62 37.76 35.75
N ASP D 118 -0.48 37.09 35.61
CA ASP D 118 0.64 37.18 36.56
C ASP D 118 1.51 38.39 36.20
N PHE D 119 1.85 39.17 37.21
CA PHE D 119 2.65 40.39 37.14
C PHE D 119 3.89 40.23 38.01
N TYR D 120 5.07 40.49 37.43
CA TYR D 120 6.37 40.16 37.99
C TYR D 120 7.06 41.44 38.46
N PHE D 121 7.27 41.67 39.73
CA PHE D 121 7.78 43.05 40.01
C PHE D 121 9.26 43.10 40.41
N LEU D 122 10.07 43.59 39.47
CA LEU D 122 11.48 43.76 39.84
C LEU D 122 11.34 44.44 41.19
N ASP D 123 10.26 45.19 41.32
CA ASP D 123 10.00 45.73 42.67
C ASP D 123 11.14 46.63 43.14
N GLU D 124 10.78 47.42 44.15
CA GLU D 124 11.78 48.31 44.74
C GLU D 124 12.32 47.49 45.85
N GLU D 125 13.53 47.80 46.24
CA GLU D 125 14.01 47.08 47.43
C GLU D 125 14.17 45.59 47.08
N GLY D 126 13.07 44.89 46.85
CA GLY D 126 13.16 43.43 46.70
C GLY D 126 13.89 42.92 45.48
N GLY D 127 14.24 41.64 45.51
CA GLY D 127 14.83 41.01 44.33
C GLY D 127 13.70 40.72 43.37
N SER D 128 12.50 40.43 43.90
CA SER D 128 11.31 40.23 43.02
C SER D 128 10.16 39.51 43.73
N PHE D 129 8.95 39.59 43.16
CA PHE D 129 7.76 38.89 43.70
C PHE D 129 6.63 38.92 42.69
N LYS D 130 5.92 37.81 42.50
CA LYS D 130 4.81 37.99 41.54
C LYS D 130 3.47 38.17 42.24
N SER D 131 2.51 38.76 41.54
CA SER D 131 1.12 38.86 42.01
C SER D 131 0.14 38.71 40.83
N THR D 132 -1.05 38.19 41.11
CA THR D 132 -2.01 37.79 40.07
C THR D 132 -3.28 38.64 40.13
N VAL D 133 -3.73 39.15 38.98
CA VAL D 133 -5.05 39.78 38.84
C VAL D 133 -5.96 38.88 38.03
N VAL D 134 -7.06 38.44 38.63
CA VAL D 134 -8.15 37.72 37.93
C VAL D 134 -9.15 38.70 37.31
N TYR D 135 -9.61 38.41 36.09
CA TYR D 135 -10.58 39.27 35.38
C TYR D 135 -11.35 38.45 34.34
N ASP D 136 -12.67 38.63 34.24
CA ASP D 136 -13.47 37.85 33.29
C ASP D 136 -13.19 38.29 31.84
N PRO D 137 -12.78 37.38 30.94
CA PRO D 137 -12.76 37.66 29.51
C PRO D 137 -14.18 38.02 29.02
N TYR D 138 -14.30 39.00 28.14
CA TYR D 138 -15.59 39.44 27.62
C TYR D 138 -15.53 39.89 26.15
N PHE D 139 -16.69 39.93 25.49
CA PHE D 139 -16.92 40.65 24.23
C PHE D 139 -18.37 41.13 24.13
N PHE D 140 -18.73 41.84 23.06
CA PHE D 140 -20.07 42.41 22.88
C PHE D 140 -20.83 41.81 21.69
N ILE D 141 -22.16 41.73 21.80
CA ILE D 141 -23.08 41.60 20.66
C ILE D 141 -23.69 42.96 20.36
N ALA D 142 -23.74 43.30 19.06
CA ALA D 142 -24.49 44.42 18.52
C ALA D 142 -25.86 43.97 17.98
N CYS D 143 -26.87 44.80 18.20
CA CYS D 143 -28.23 44.60 17.68
C CYS D 143 -28.54 45.63 16.59
N ASN D 144 -29.32 45.23 15.58
CA ASN D 144 -29.81 46.11 14.51
C ASN D 144 -31.02 46.98 14.94
N ASP D 145 -31.84 46.48 15.86
CA ASP D 145 -33.01 47.16 16.43
C ASP D 145 -32.86 47.25 17.97
N GLU D 146 -32.62 48.46 18.47
CA GLU D 146 -32.46 48.71 19.91
C GLU D 146 -33.77 48.53 20.71
N SER D 147 -34.94 48.47 20.06
CA SER D 147 -36.22 48.27 20.76
C SER D 147 -36.43 46.82 21.20
N ARG D 148 -35.72 45.86 20.60
CA ARG D 148 -35.86 44.41 20.84
C ARG D 148 -34.62 43.74 21.41
N VAL D 149 -33.74 44.50 22.08
CA VAL D 149 -32.52 43.96 22.74
C VAL D 149 -32.85 42.85 23.73
N ASN D 150 -33.97 42.96 24.48
CA ASN D 150 -34.40 41.95 25.44
C ASN D 150 -34.72 40.58 24.78
N ASP D 151 -35.30 40.57 23.56
CA ASP D 151 -35.54 39.33 22.79
C ASP D 151 -34.20 38.66 22.39
N VAL D 152 -33.17 39.46 22.09
CA VAL D 152 -31.81 38.96 21.79
C VAL D 152 -31.13 38.47 23.06
N GLU D 153 -31.32 39.16 24.19
CA GLU D 153 -30.81 38.77 25.50
C GLU D 153 -31.29 37.37 25.91
N GLU D 154 -32.60 37.12 25.81
CA GLU D 154 -33.20 35.82 26.13
C GLU D 154 -32.67 34.73 25.20
N LEU D 155 -32.58 35.02 23.89
CA LEU D 155 -32.00 34.11 22.90
C LEU D 155 -30.57 33.72 23.26
N VAL D 156 -29.69 34.69 23.58
CA VAL D 156 -28.27 34.38 23.80
C VAL D 156 -28.00 33.74 25.16
N LYS D 157 -28.76 34.09 26.22
CA LYS D 157 -28.76 33.36 27.50
C LYS D 157 -29.01 31.86 27.27
N LYS D 158 -30.03 31.54 26.48
CA LYS D 158 -30.46 30.15 26.19
C LYS D 158 -29.58 29.43 25.16
N TYR D 159 -28.95 30.17 24.24
CA TYR D 159 -28.10 29.59 23.20
C TYR D 159 -26.64 29.37 23.63
N LEU D 160 -26.14 30.16 24.60
CA LEU D 160 -24.76 30.11 25.10
C LEU D 160 -24.63 29.56 26.53
N GLU D 161 -25.70 29.02 27.11
CA GLU D 161 -25.79 28.45 28.47
C GLU D 161 -24.63 27.51 28.84
N SER D 162 -24.06 26.79 27.87
CA SER D 162 -22.93 25.86 28.08
C SER D 162 -21.58 26.51 28.36
N CYS D 163 -21.42 27.82 28.18
CA CYS D 163 -20.12 28.52 28.26
C CYS D 163 -20.19 29.94 28.86
N LEU D 164 -21.34 30.61 28.82
CA LEU D 164 -21.53 31.97 29.32
C LEU D 164 -21.49 32.00 30.86
N LYS D 165 -20.70 32.91 31.45
CA LYS D 165 -20.68 33.14 32.91
C LYS D 165 -21.76 34.13 33.32
N SER D 166 -21.79 35.28 32.65
CA SER D 166 -22.75 36.35 32.91
C SER D 166 -22.97 37.20 31.67
N LEU D 167 -24.06 37.96 31.69
CA LEU D 167 -24.48 38.86 30.63
C LEU D 167 -24.90 40.20 31.26
N GLN D 168 -24.64 41.30 30.56
CA GLN D 168 -25.05 42.64 30.98
C GLN D 168 -25.31 43.53 29.76
N ILE D 169 -26.40 44.30 29.75
CA ILE D 169 -26.60 45.36 28.76
C ILE D 169 -25.76 46.58 29.15
N ILE D 170 -24.95 47.09 28.22
CA ILE D 170 -24.13 48.30 28.40
C ILE D 170 -24.33 49.28 27.24
N ARG D 171 -23.75 50.48 27.36
CA ARG D 171 -23.76 51.52 26.33
C ARG D 171 -22.34 52.03 26.08
N LYS D 172 -21.97 52.16 24.80
CA LYS D 172 -20.68 52.72 24.35
C LYS D 172 -20.91 53.73 23.23
N GLU D 173 -20.00 54.68 23.09
CA GLU D 173 -20.00 55.57 21.93
C GLU D 173 -19.53 54.78 20.68
N ASP D 174 -20.29 54.82 19.59
CA ASP D 174 -19.91 54.22 18.30
C ASP D 174 -19.82 55.34 17.27
N LEU D 175 -18.62 55.67 16.80
CA LEU D 175 -18.37 56.82 15.91
C LEU D 175 -18.95 56.64 14.49
N THR D 176 -19.43 55.43 14.18
CA THR D 176 -20.19 55.12 12.96
C THR D 176 -21.71 55.30 13.12
N MET D 177 -22.21 55.49 14.35
CA MET D 177 -23.63 55.77 14.62
C MET D 177 -23.98 57.22 14.27
N ASP D 178 -25.10 57.40 13.57
CA ASP D 178 -25.65 58.73 13.28
C ASP D 178 -25.95 59.50 14.57
N ASN D 179 -25.46 60.74 14.67
CA ASN D 179 -25.69 61.66 15.80
C ASN D 179 -25.10 61.23 17.16
N HIS D 180 -24.10 60.34 17.20
CA HIS D 180 -23.37 60.04 18.44
C HIS D 180 -22.75 61.29 19.10
N LEU D 181 -22.39 62.31 18.31
CA LEU D 181 -21.94 63.65 18.77
C LEU D 181 -22.96 64.45 19.60
N LEU D 182 -24.19 63.95 19.76
CA LEU D 182 -25.20 64.45 20.72
C LEU D 182 -25.31 63.59 21.99
N GLY D 183 -24.36 62.68 22.22
CA GLY D 183 -24.37 61.72 23.32
C GLY D 183 -25.20 60.46 23.07
N LEU D 184 -25.62 60.20 21.83
CA LEU D 184 -26.28 58.93 21.49
C LEU D 184 -25.25 57.79 21.53
N GLN D 185 -25.53 56.76 22.32
CA GLN D 185 -24.64 55.61 22.53
C GLN D 185 -25.30 54.33 22.03
N LYS D 186 -24.53 53.46 21.38
CA LYS D 186 -25.02 52.15 20.91
C LYS D 186 -25.23 51.22 22.09
N THR D 187 -26.40 50.62 22.14
CA THR D 187 -26.76 49.58 23.13
C THR D 187 -26.12 48.25 22.72
N LEU D 188 -25.43 47.61 23.66
CA LEU D 188 -24.63 46.41 23.44
C LEU D 188 -24.87 45.38 24.54
N ILE D 189 -24.84 44.10 24.18
CA ILE D 189 -24.90 43.00 25.16
C ILE D 189 -23.47 42.55 25.46
N LYS D 190 -22.95 42.85 26.65
CA LYS D 190 -21.68 42.32 27.17
C LYS D 190 -21.87 40.87 27.60
N LEU D 191 -21.10 39.98 26.98
CA LEU D 191 -20.99 38.57 27.36
C LEU D 191 -19.67 38.37 28.10
N SER D 192 -19.72 37.85 29.32
CA SER D 192 -18.55 37.57 30.15
C SER D 192 -18.41 36.06 30.39
N PHE D 193 -17.16 35.60 30.51
CA PHE D 193 -16.79 34.19 30.55
C PHE D 193 -15.87 33.92 31.74
N VAL D 194 -15.75 32.65 32.18
CA VAL D 194 -14.84 32.27 33.27
C VAL D 194 -13.38 32.25 32.79
N ASN D 195 -13.15 31.90 31.53
CA ASN D 195 -11.84 31.86 30.89
C ASN D 195 -11.91 32.04 29.37
N SER D 196 -10.75 32.26 28.76
CA SER D 196 -10.61 32.52 27.32
C SER D 196 -11.05 31.36 26.42
N ASN D 197 -11.04 30.11 26.91
CA ASN D 197 -11.52 28.96 26.14
C ASN D 197 -13.05 29.03 25.97
N GLN D 198 -13.79 29.34 27.03
CA GLN D 198 -15.25 29.48 26.98
C GLN D 198 -15.67 30.65 26.06
N LEU D 199 -14.92 31.76 26.08
CA LEU D 199 -15.10 32.88 25.15
C LEU D 199 -14.94 32.43 23.68
N PHE D 200 -13.96 31.56 23.40
CA PHE D 200 -13.72 31.05 22.06
C PHE D 200 -14.83 30.10 21.57
N GLU D 201 -15.40 29.28 22.46
CA GLU D 201 -16.56 28.45 22.13
C GLU D 201 -17.81 29.29 21.82
N ALA D 202 -18.08 30.35 22.59
CA ALA D 202 -19.17 31.27 22.28
C ALA D 202 -19.01 31.89 20.89
N ARG D 203 -17.78 32.28 20.50
CA ARG D 203 -17.49 32.75 19.14
C ARG D 203 -17.75 31.68 18.07
N LYS D 204 -17.42 30.41 18.33
CA LYS D 204 -17.72 29.29 17.41
C LYS D 204 -19.22 29.03 17.24
N LEU D 205 -20.01 29.25 18.30
CA LEU D 205 -21.48 29.12 18.25
C LEU D 205 -22.16 30.29 17.54
N LEU D 206 -21.66 31.52 17.72
CA LEU D 206 -22.26 32.73 17.11
C LEU D 206 -21.91 32.92 15.62
N ARG D 207 -20.69 32.55 15.19
CA ARG D 207 -20.23 32.80 13.80
C ARG D 207 -21.15 32.20 12.72
N PRO D 208 -21.73 30.99 12.85
CA PRO D 208 -22.71 30.47 11.90
C PRO D 208 -23.98 31.32 11.78
N ILE D 209 -24.47 31.93 12.86
CA ILE D 209 -25.66 32.80 12.82
C ILE D 209 -25.36 34.07 12.02
N LEU D 210 -24.20 34.68 12.25
CA LEU D 210 -23.75 35.86 11.49
C LEU D 210 -23.60 35.54 10.00
N GLN D 211 -23.08 34.36 9.66
CA GLN D 211 -22.93 33.91 8.26
C GLN D 211 -24.28 33.61 7.60
N ASP D 212 -25.26 33.08 8.33
CA ASP D 212 -26.61 32.84 7.82
C ASP D 212 -27.34 34.17 7.57
N ASN D 213 -27.31 35.08 8.57
CA ASN D 213 -27.87 36.43 8.48
C ASN D 213 -27.30 37.24 7.30
N ALA D 214 -25.99 37.15 7.05
CA ALA D 214 -25.34 37.90 5.98
C ALA D 214 -25.62 37.34 4.57
N ASN D 215 -25.85 36.03 4.43
CA ASN D 215 -26.00 35.38 3.13
C ASN D 215 -27.48 35.18 2.70
N ASN D 216 -28.39 34.96 3.66
CA ASN D 216 -29.75 34.50 3.40
C ASN D 216 -30.80 35.52 3.84
N ASP D 234 -37.59 36.90 13.57
CA ASP D 234 -36.82 35.99 14.45
C ASP D 234 -35.69 36.76 15.15
N ALA D 235 -35.54 36.55 16.47
CA ALA D 235 -34.50 37.17 17.29
C ALA D 235 -33.08 36.88 16.78
N LYS D 236 -32.86 35.78 16.05
CA LYS D 236 -31.56 35.47 15.40
C LYS D 236 -31.17 36.52 14.37
N HIS D 237 -32.12 37.04 13.59
CA HIS D 237 -31.88 38.07 12.57
C HIS D 237 -31.67 39.46 13.19
N LEU D 238 -31.85 39.63 14.50
CA LEU D 238 -31.56 40.88 15.20
C LEU D 238 -30.08 41.01 15.60
N ILE D 239 -29.31 39.92 15.56
CA ILE D 239 -27.87 39.91 15.82
C ILE D 239 -27.15 40.45 14.57
N GLU D 240 -26.60 41.66 14.70
CA GLU D 240 -25.90 42.40 13.64
C GLU D 240 -24.46 41.88 13.49
N ASP D 241 -23.64 41.99 14.54
CA ASP D 241 -22.26 41.52 14.58
C ASP D 241 -21.80 41.28 16.04
N ILE D 242 -20.65 40.64 16.20
CA ILE D 242 -19.90 40.57 17.46
C ILE D 242 -18.77 41.62 17.45
N ARG D 243 -18.56 42.34 18.55
CA ARG D 243 -17.58 43.43 18.67
C ARG D 243 -16.58 43.14 19.79
N GLU D 244 -15.34 43.61 19.63
CA GLU D 244 -14.24 43.46 20.61
C GLU D 244 -13.84 42.01 20.96
N TYR D 245 -14.23 41.03 20.14
CA TYR D 245 -14.05 39.59 20.39
C TYR D 245 -12.62 39.06 20.20
N ASP D 246 -11.71 39.90 19.71
CA ASP D 246 -10.35 39.56 19.25
C ASP D 246 -9.23 40.34 19.96
N VAL D 247 -9.54 41.00 21.08
CA VAL D 247 -8.53 41.64 21.95
C VAL D 247 -7.79 40.55 22.75
N PRO D 248 -6.44 40.52 22.74
CA PRO D 248 -5.68 39.57 23.55
C PRO D 248 -5.98 39.75 25.05
N TYR D 249 -6.03 38.66 25.80
CA TYR D 249 -6.56 38.70 27.17
C TYR D 249 -5.67 39.50 28.14
N HIS D 250 -4.35 39.34 28.09
CA HIS D 250 -3.43 40.16 28.90
C HIS D 250 -3.47 41.64 28.53
N VAL D 251 -3.58 41.96 27.23
CA VAL D 251 -3.83 43.33 26.74
C VAL D 251 -5.14 43.87 27.30
N ARG D 252 -6.22 43.07 27.33
CA ARG D 252 -7.50 43.47 27.94
C ARG D 252 -7.31 43.84 29.40
N VAL D 253 -6.68 42.99 30.21
CA VAL D 253 -6.44 43.27 31.64
C VAL D 253 -5.56 44.50 31.82
N SER D 254 -4.49 44.64 31.04
CA SER D 254 -3.59 45.80 31.08
C SER D 254 -4.31 47.11 30.75
N ILE D 255 -5.18 47.14 29.73
CA ILE D 255 -5.99 48.32 29.39
C ILE D 255 -7.05 48.60 30.47
N ASP D 256 -7.87 47.61 30.81
CA ASP D 256 -9.02 47.76 31.72
C ASP D 256 -8.63 48.06 33.18
N LYS D 257 -7.39 47.74 33.58
CA LYS D 257 -6.82 48.04 34.91
C LYS D 257 -5.77 49.14 34.90
N ASP D 258 -5.44 49.68 33.71
CA ASP D 258 -4.37 50.65 33.43
C ASP D 258 -2.97 50.28 33.99
N ILE D 259 -2.64 48.99 33.99
CA ILE D 259 -1.34 48.46 34.45
C ILE D 259 -0.33 48.43 33.28
N ARG D 260 0.84 49.00 33.48
CA ARG D 260 1.79 49.07 32.33
C ARG D 260 3.19 48.69 32.82
N VAL D 261 3.88 47.86 32.05
CA VAL D 261 5.29 47.54 32.39
C VAL D 261 6.04 48.86 32.29
N GLY D 262 7.21 48.97 32.92
CA GLY D 262 7.91 50.26 32.90
C GLY D 262 7.29 51.21 33.90
N LYS D 263 6.03 50.95 34.30
CA LYS D 263 5.47 51.80 35.36
C LYS D 263 5.54 51.12 36.73
N TRP D 264 5.47 51.97 37.76
CA TRP D 264 5.43 51.41 39.13
C TRP D 264 3.98 51.33 39.61
N TYR D 265 3.64 50.25 40.30
CA TYR D 265 2.32 50.01 40.88
C TYR D 265 2.41 49.50 42.32
N LYS D 266 1.41 49.85 43.13
CA LYS D 266 1.10 49.17 44.39
C LYS D 266 0.01 48.13 44.14
N VAL D 267 0.31 46.86 44.43
CA VAL D 267 -0.60 45.72 44.29
C VAL D 267 -1.47 45.60 45.54
N THR D 268 -2.78 45.78 45.39
CA THR D 268 -3.78 45.83 46.47
C THR D 268 -4.98 44.92 46.16
N GLN D 269 -5.84 44.62 47.14
CA GLN D 269 -7.04 43.78 46.91
C GLN D 269 -7.96 44.36 45.81
N GLN D 270 -8.08 45.68 45.73
CA GLN D 270 -8.92 46.37 44.75
C GLN D 270 -8.35 46.36 43.33
N GLY D 271 -7.05 46.08 43.18
CA GLY D 271 -6.32 46.14 41.92
C GLY D 271 -4.96 46.82 42.07
N PHE D 272 -4.40 47.28 40.95
CA PHE D 272 -3.09 47.91 40.90
C PHE D 272 -3.24 49.44 40.86
N ILE D 273 -2.52 50.15 41.72
CA ILE D 273 -2.55 51.63 41.81
C ILE D 273 -1.20 52.15 41.29
N GLU D 274 -1.20 53.00 40.26
CA GLU D 274 0.03 53.59 39.72
C GLU D 274 0.67 54.58 40.71
N ASP D 275 1.95 54.35 41.03
CA ASP D 275 2.67 55.33 41.87
C ASP D 275 2.90 56.57 41.00
N THR D 276 3.60 57.57 41.51
CA THR D 276 3.92 58.76 40.68
C THR D 276 5.25 59.36 41.15
N ARG D 277 5.73 58.95 42.32
CA ARG D 277 6.95 59.56 42.87
C ARG D 277 8.22 58.96 42.26
N LYS D 278 8.15 57.72 41.75
CA LYS D 278 9.30 56.95 41.23
C LYS D 278 9.25 56.85 39.70
N ILE D 279 10.03 57.70 39.02
CA ILE D 279 10.12 57.74 37.55
C ILE D 279 11.28 56.88 37.02
N ALA D 280 12.39 56.79 37.76
CA ALA D 280 13.51 55.94 37.38
C ALA D 280 13.12 54.45 37.45
N PHE D 281 13.64 53.67 36.50
CA PHE D 281 13.50 52.22 36.51
C PHE D 281 14.30 51.62 37.68
N ALA D 282 13.89 50.44 38.15
CA ALA D 282 14.79 49.60 38.94
C ALA D 282 15.89 49.04 38.03
N ASP D 283 16.98 48.57 38.61
CA ASP D 283 18.05 47.85 37.90
C ASP D 283 17.75 46.34 37.97
N PRO D 284 17.17 45.71 36.91
CA PRO D 284 17.05 44.26 36.83
C PRO D 284 18.43 43.63 36.68
N VAL D 285 18.61 42.39 37.18
CA VAL D 285 19.76 41.55 36.79
C VAL D 285 19.67 41.25 35.29
N VAL D 286 20.66 41.71 34.54
CA VAL D 286 20.78 41.55 33.08
C VAL D 286 21.94 40.62 32.76
N MET D 287 21.60 39.47 32.18
CA MET D 287 22.56 38.59 31.51
C MET D 287 22.53 38.87 30.00
N ALA D 288 23.68 38.86 29.34
CA ALA D 288 23.77 38.81 27.88
C ALA D 288 24.74 37.71 27.47
N PHE D 289 24.38 36.84 26.53
CA PHE D 289 25.24 35.72 26.10
C PHE D 289 25.31 35.58 24.58
N ASP D 290 26.36 34.88 24.14
CA ASP D 290 26.61 34.43 22.77
C ASP D 290 27.22 33.01 22.80
N ILE D 291 27.16 32.25 21.70
CA ILE D 291 27.68 30.87 21.64
C ILE D 291 28.57 30.64 20.42
N GLU D 292 29.65 29.89 20.64
CA GLU D 292 30.54 29.44 19.57
C GLU D 292 30.34 27.94 19.33
N THR D 293 30.09 27.56 18.09
CA THR D 293 29.81 26.16 17.71
C THR D 293 30.86 25.62 16.75
N THR D 294 31.12 24.31 16.78
CA THR D 294 31.83 23.66 15.68
C THR D 294 31.04 23.83 14.37
N LYS D 295 31.72 23.77 13.23
CA LYS D 295 31.05 23.63 11.94
C LYS D 295 31.91 22.86 10.93
N PRO D 296 31.32 22.23 9.92
CA PRO D 296 32.06 21.72 8.79
C PRO D 296 32.59 22.86 7.91
N PRO D 297 33.71 22.66 7.18
CA PRO D 297 34.21 23.62 6.20
C PRO D 297 33.13 23.98 5.16
N LEU D 298 33.00 25.28 4.87
CA LEU D 298 32.08 25.89 3.90
C LEU D 298 30.58 25.67 4.17
N LYS D 299 30.20 25.06 5.30
CA LYS D 299 28.81 24.83 5.72
C LYS D 299 28.41 25.70 6.92
N PHE D 300 27.11 25.75 7.19
CA PHE D 300 26.56 26.25 8.46
C PHE D 300 26.64 25.17 9.55
N PRO D 301 26.67 25.56 10.84
CA PRO D 301 26.55 24.62 11.96
C PRO D 301 25.22 23.85 11.92
N ASP D 302 25.23 22.55 12.22
CA ASP D 302 24.03 21.73 12.42
C ASP D 302 24.03 21.13 13.83
N SER D 303 23.11 21.62 14.67
CA SER D 303 22.89 21.14 16.05
C SER D 303 22.70 19.62 16.21
N ALA D 304 22.39 18.88 15.14
CA ALA D 304 22.32 17.42 15.18
C ALA D 304 23.71 16.74 15.30
N VAL D 305 24.79 17.38 14.82
CA VAL D 305 26.14 16.81 14.73
C VAL D 305 27.22 17.70 15.33
N ASP D 306 27.11 19.01 15.16
CA ASP D 306 28.05 19.99 15.71
C ASP D 306 27.83 20.21 17.22
N GLN D 307 28.92 20.46 17.94
CA GLN D 307 28.92 20.74 19.37
C GLN D 307 29.06 22.24 19.67
N ILE D 308 28.63 22.67 20.85
CA ILE D 308 29.00 23.97 21.43
C ILE D 308 30.44 23.87 21.95
N MET D 309 31.29 24.81 21.50
CA MET D 309 32.69 24.93 21.90
C MET D 309 32.83 25.82 23.14
N MET D 310 32.09 26.93 23.17
CA MET D 310 32.14 27.92 24.25
C MET D 310 30.81 28.67 24.36
N ILE D 311 30.52 29.18 25.56
CA ILE D 311 29.45 30.15 25.80
C ILE D 311 30.05 31.34 26.54
N SER D 312 30.07 32.50 25.90
CA SER D 312 30.50 33.76 26.50
C SER D 312 29.29 34.53 27.01
N TYR D 313 29.40 35.17 28.17
CA TYR D 313 28.32 35.98 28.71
C TYR D 313 28.82 37.08 29.63
N MET D 314 27.97 38.10 29.82
CA MET D 314 28.14 39.12 30.85
C MET D 314 26.91 39.16 31.75
N ILE D 315 27.13 39.40 33.05
CA ILE D 315 26.08 39.61 34.04
C ILE D 315 26.41 40.92 34.76
N ASP D 316 25.56 41.94 34.59
CA ASP D 316 25.66 43.27 35.20
C ASP D 316 27.00 44.03 35.06
N GLY D 317 27.91 43.55 34.19
CA GLY D 317 29.23 44.15 33.92
C GLY D 317 30.41 43.23 34.23
N GLU D 318 30.19 42.15 34.98
CA GLU D 318 31.13 41.02 35.10
C GLU D 318 31.02 40.14 33.86
N GLY D 319 32.15 39.64 33.36
CA GLY D 319 32.23 38.72 32.22
C GLY D 319 32.52 37.29 32.65
N PHE D 320 32.00 36.34 31.89
CA PHE D 320 32.22 34.91 32.07
C PHE D 320 32.37 34.20 30.73
N LEU D 321 33.14 33.11 30.72
CA LEU D 321 33.27 32.22 29.58
C LEU D 321 33.24 30.76 30.08
N ILE D 322 32.33 29.95 29.54
CA ILE D 322 32.39 28.49 29.73
C ILE D 322 33.02 27.88 28.47
N THR D 323 33.99 26.99 28.61
CA THR D 323 34.65 26.28 27.50
C THR D 323 34.43 24.77 27.60
N ASN D 324 34.22 24.12 26.45
CA ASN D 324 34.11 22.66 26.32
C ASN D 324 35.49 22.09 25.96
N ARG D 325 36.12 21.38 26.90
CA ARG D 325 37.48 20.84 26.77
C ARG D 325 37.59 19.58 25.91
N GLU D 326 36.49 19.00 25.39
CA GLU D 326 36.57 18.06 24.26
C GLU D 326 37.03 18.75 22.96
N ILE D 327 36.74 20.05 22.81
CA ILE D 327 36.95 20.81 21.58
C ILE D 327 38.07 21.86 21.73
N ILE D 328 38.02 22.66 22.79
CA ILE D 328 39.03 23.65 23.14
C ILE D 328 40.26 22.93 23.69
N SER D 329 41.44 23.12 23.09
CA SER D 329 42.63 22.27 23.37
C SER D 329 43.41 22.62 24.65
N GLU D 330 43.39 23.87 25.12
CA GLU D 330 44.07 24.34 26.33
C GLU D 330 43.08 24.91 27.37
N ASP D 331 43.49 24.97 28.64
CA ASP D 331 42.71 25.66 29.68
C ASP D 331 42.90 27.16 29.46
N ILE D 332 41.80 27.91 29.30
CA ILE D 332 41.85 29.36 29.14
C ILE D 332 41.87 30.02 30.53
N GLU D 333 42.81 30.94 30.76
CA GLU D 333 42.94 31.70 32.02
C GLU D 333 42.10 32.99 32.00
N ASP D 334 41.76 33.51 33.19
CA ASP D 334 41.01 34.76 33.37
C ASP D 334 41.71 35.95 32.69
N PHE D 335 40.97 36.72 31.90
CA PHE D 335 41.52 37.84 31.12
C PHE D 335 40.57 39.04 31.00
N GLU D 336 41.10 40.19 30.60
CA GLU D 336 40.34 41.43 30.41
C GLU D 336 40.19 41.77 28.92
N TYR D 337 38.93 41.96 28.48
CA TYR D 337 38.59 42.54 27.18
C TYR D 337 37.80 43.85 27.38
N THR D 338 38.53 44.96 27.51
CA THR D 338 37.98 46.32 27.68
C THR D 338 38.22 47.15 26.41
N PRO D 339 37.33 47.10 25.39
CA PRO D 339 37.54 47.80 24.11
C PRO D 339 37.48 49.32 24.21
N LYS D 340 36.88 49.86 25.28
CA LYS D 340 36.99 51.26 25.71
C LYS D 340 36.89 51.34 27.24
N PRO D 341 37.44 52.39 27.87
CA PRO D 341 37.30 52.61 29.32
C PRO D 341 35.85 52.72 29.84
N GLU D 342 34.89 52.94 28.95
CA GLU D 342 33.45 53.02 29.24
C GLU D 342 32.70 51.68 29.07
N TYR D 343 33.42 50.63 28.65
CA TYR D 343 32.97 49.25 28.41
C TYR D 343 33.94 48.22 29.04
N PRO D 344 34.08 48.16 30.38
CA PRO D 344 34.91 47.16 31.04
C PRO D 344 34.41 45.73 30.76
N GLY D 345 35.32 44.76 30.69
CA GLY D 345 34.98 43.35 30.54
C GLY D 345 36.04 42.45 31.16
N PHE D 346 35.91 42.15 32.45
CA PHE D 346 36.75 41.17 33.15
C PHE D 346 36.09 39.80 33.04
N PHE D 347 36.77 38.82 32.43
CA PHE D 347 36.22 37.50 32.15
C PHE D 347 36.78 36.43 33.08
N THR D 348 35.91 35.84 33.90
CA THR D 348 36.21 34.65 34.71
C THR D 348 35.88 33.39 33.89
N ILE D 349 36.78 32.41 33.85
CA ILE D 349 36.67 31.26 32.94
C ILE D 349 36.31 29.96 33.67
N PHE D 350 35.32 29.24 33.14
CA PHE D 350 34.93 27.91 33.55
C PHE D 350 35.33 26.89 32.48
N ASN D 351 36.47 26.23 32.67
CA ASN D 351 36.95 25.17 31.80
C ASN D 351 36.25 23.84 32.16
N GLU D 352 35.18 23.51 31.45
CA GLU D 352 34.36 22.32 31.70
C GLU D 352 34.78 21.14 30.81
N ASN D 353 34.67 19.92 31.33
CA ASN D 353 35.28 18.73 30.71
C ASN D 353 34.68 18.37 29.34
N ASP D 354 33.37 18.58 29.16
CA ASP D 354 32.61 18.17 27.99
C ASP D 354 31.41 19.13 27.72
N GLU D 355 30.69 18.89 26.62
CA GLU D 355 29.54 19.71 26.23
C GLU D 355 28.38 19.65 27.25
N VAL D 356 28.18 18.53 27.95
CA VAL D 356 27.06 18.41 28.90
C VAL D 356 27.36 19.12 30.21
N ALA D 357 28.60 19.09 30.69
CA ALA D 357 29.07 19.91 31.81
C ALA D 357 29.00 21.41 31.48
N LEU D 358 29.36 21.81 30.26
CA LEU D 358 29.19 23.19 29.78
C LEU D 358 27.71 23.63 29.83
N LEU D 359 26.78 22.80 29.36
CA LEU D 359 25.34 23.11 29.39
C LEU D 359 24.81 23.17 30.84
N GLN D 360 25.20 22.22 31.69
CA GLN D 360 24.79 22.19 33.09
C GLN D 360 25.32 23.40 33.87
N ARG D 361 26.59 23.79 33.67
CA ARG D 361 27.16 25.00 34.26
C ARG D 361 26.40 26.25 33.83
N PHE D 362 26.05 26.36 32.55
CA PHE D 362 25.29 27.50 32.03
C PHE D 362 23.89 27.59 32.69
N PHE D 363 23.18 26.47 32.81
CA PHE D 363 21.86 26.42 33.46
C PHE D 363 21.91 26.65 34.97
N GLU D 364 22.94 26.11 35.65
CA GLU D 364 23.21 26.37 37.07
C GLU D 364 23.44 27.85 37.33
N HIS D 365 24.33 28.49 36.57
CA HIS D 365 24.67 29.90 36.78
C HIS D 365 23.47 30.84 36.49
N ILE D 366 22.61 30.49 35.52
CA ILE D 366 21.31 31.18 35.30
C ILE D 366 20.41 31.07 36.53
N ARG D 367 20.29 29.89 37.16
CA ARG D 367 19.48 29.68 38.37
C ARG D 367 20.01 30.44 39.59
N ASP D 368 21.33 30.58 39.69
CA ASP D 368 21.98 31.26 40.81
C ASP D 368 21.78 32.78 40.75
N VAL D 369 22.03 33.41 39.60
CA VAL D 369 21.94 34.89 39.46
C VAL D 369 20.52 35.39 39.18
N ARG D 370 19.61 34.50 38.75
CA ARG D 370 18.18 34.77 38.51
C ARG D 370 17.94 35.98 37.60
N PRO D 371 18.50 35.98 36.37
CA PRO D 371 18.37 37.11 35.47
C PRO D 371 16.90 37.33 35.12
N THR D 372 16.42 38.57 35.20
CA THR D 372 15.06 38.92 34.73
C THR D 372 15.05 39.43 33.30
N VAL D 373 16.26 39.67 32.76
CA VAL D 373 16.51 39.86 31.35
C VAL D 373 17.67 38.96 30.92
N ILE D 374 17.45 38.21 29.85
CA ILE D 374 18.52 37.59 29.06
C ILE D 374 18.53 38.26 27.68
N SER D 375 19.67 38.81 27.27
CA SER D 375 19.89 39.40 25.95
C SER D 375 20.82 38.53 25.10
N THR D 376 20.62 38.58 23.78
CA THR D 376 21.42 37.85 22.78
C THR D 376 21.46 38.68 21.50
N PHE D 377 22.32 38.35 20.55
CA PHE D 377 22.25 38.90 19.19
C PHE D 377 21.81 37.82 18.18
N ASN D 378 20.56 37.84 17.74
CA ASN D 378 19.94 36.83 16.86
C ASN D 378 19.64 35.46 17.52
N GLY D 379 19.74 35.36 18.86
CA GLY D 379 19.48 34.13 19.62
C GLY D 379 18.09 33.50 19.51
N ASP D 380 17.06 34.23 19.04
CA ASP D 380 15.76 33.65 18.66
C ASP D 380 15.92 32.56 17.56
N PHE D 381 16.94 32.66 16.69
CA PHE D 381 17.09 31.87 15.46
C PHE D 381 18.39 31.09 15.32
N PHE D 382 19.34 31.24 16.26
CA PHE D 382 20.58 30.47 16.27
C PHE D 382 20.85 29.90 17.67
N ASP D 383 21.20 30.76 18.62
CA ASP D 383 21.75 30.42 19.94
C ASP D 383 20.82 29.51 20.75
N TRP D 384 19.59 29.97 21.05
CA TRP D 384 18.63 29.17 21.82
C TRP D 384 18.18 27.90 21.08
N PRO D 385 17.86 27.90 19.76
CA PRO D 385 17.65 26.67 19.01
C PRO D 385 18.78 25.66 19.13
N PHE D 386 20.04 26.13 19.12
CA PHE D 386 21.21 25.27 19.21
C PHE D 386 21.31 24.66 20.62
N ILE D 387 21.33 25.50 21.66
CA ILE D 387 21.35 25.06 23.08
C ILE D 387 20.24 24.05 23.36
N HIS D 388 19.00 24.33 22.94
CA HIS D 388 17.85 23.47 23.16
C HIS D 388 17.98 22.10 22.46
N ASN D 389 18.49 22.06 21.21
CA ASN D 389 18.70 20.81 20.49
C ASN D 389 19.86 19.99 21.09
N ARG D 390 20.97 20.63 21.48
CA ARG D 390 22.08 19.96 22.17
C ARG D 390 21.66 19.41 23.54
N SER D 391 20.90 20.20 24.31
CA SER D 391 20.28 19.77 25.57
C SER D 391 19.42 18.52 25.38
N LYS D 392 18.56 18.51 24.36
CA LYS D 392 17.74 17.34 24.01
C LYS D 392 18.54 16.10 23.61
N ILE D 393 19.67 16.27 22.93
CA ILE D 393 20.57 15.16 22.58
C ILE D 393 21.19 14.55 23.84
N HIS D 394 21.54 15.38 24.83
CA HIS D 394 22.06 14.96 26.14
C HIS D 394 20.99 14.59 27.17
N GLY D 395 19.71 14.65 26.80
CA GLY D 395 18.58 14.27 27.68
C GLY D 395 18.20 15.33 28.74
N LEU D 396 18.70 16.56 28.63
CA LEU D 396 18.30 17.69 29.47
C LEU D 396 17.05 18.38 28.91
N ASP D 397 16.08 18.71 29.77
CA ASP D 397 14.92 19.53 29.40
C ASP D 397 15.14 20.98 29.83
N MET D 398 15.49 21.83 28.87
CA MET D 398 15.80 23.25 29.08
C MET D 398 14.63 24.03 29.71
N PHE D 399 13.37 23.58 29.56
CA PHE D 399 12.24 24.22 30.20
C PHE D 399 12.19 23.93 31.71
N ASP D 400 12.45 22.68 32.11
CA ASP D 400 12.49 22.31 33.52
C ASP D 400 13.80 22.80 34.21
N GLU D 401 14.89 22.98 33.47
CA GLU D 401 16.16 23.54 33.97
C GLU D 401 16.11 25.05 34.24
N ILE D 402 15.64 25.87 33.28
CA ILE D 402 15.72 27.35 33.36
C ILE D 402 14.43 28.09 32.94
N GLY D 403 13.34 27.38 32.65
CA GLY D 403 12.05 27.99 32.29
C GLY D 403 11.91 28.44 30.83
N PHE D 404 12.89 28.19 29.96
CA PHE D 404 12.89 28.65 28.57
C PHE D 404 12.31 27.61 27.60
N ALA D 405 11.37 28.03 26.75
CA ALA D 405 10.79 27.20 25.70
C ALA D 405 10.51 28.01 24.42
N PRO D 406 10.46 27.36 23.23
CA PRO D 406 9.99 27.99 22.01
C PRO D 406 8.47 28.20 22.04
N ASP D 407 8.03 29.39 21.65
CA ASP D 407 6.62 29.73 21.49
C ASP D 407 6.03 29.29 20.13
N ALA D 408 4.81 29.74 19.81
CA ALA D 408 4.12 29.41 18.57
C ALA D 408 4.78 30.01 17.31
N GLU D 409 5.60 31.06 17.47
CA GLU D 409 6.39 31.69 16.42
C GLU D 409 7.80 31.06 16.29
N GLY D 410 8.18 30.20 17.24
CA GLY D 410 9.50 29.57 17.33
C GLY D 410 10.55 30.47 18.02
N GLU D 411 10.11 31.51 18.71
CA GLU D 411 10.95 32.43 19.48
C GLU D 411 11.07 31.93 20.93
N TYR D 412 12.21 32.15 21.59
CA TYR D 412 12.45 31.58 22.92
C TYR D 412 12.01 32.57 24.01
N LYS D 413 11.20 32.07 24.96
CA LYS D 413 10.55 32.87 26.00
C LYS D 413 10.57 32.11 27.33
N SER D 414 10.52 32.85 28.43
CA SER D 414 10.21 32.33 29.77
C SER D 414 9.12 33.19 30.44
N SER D 415 8.67 32.76 31.62
CA SER D 415 7.74 33.49 32.46
C SER D 415 8.43 34.65 33.21
N TYR D 416 9.35 34.34 34.11
CA TYR D 416 10.05 35.30 34.95
C TYR D 416 11.02 36.22 34.18
N CYS D 417 11.69 35.72 33.14
CA CYS D 417 12.75 36.41 32.42
C CYS D 417 12.35 36.76 30.98
N SER D 418 12.50 38.04 30.62
CA SER D 418 12.27 38.52 29.26
C SER D 418 13.48 38.30 28.35
N HIS D 419 13.26 37.80 27.13
CA HIS D 419 14.33 37.53 26.17
C HIS D 419 14.51 38.69 25.20
N MET D 420 15.54 39.51 25.43
CA MET D 420 15.81 40.72 24.68
C MET D 420 16.80 40.47 23.54
N ASP D 421 16.36 39.81 22.47
CA ASP D 421 17.16 39.71 21.22
C ASP D 421 17.40 41.12 20.62
N CYS D 422 18.63 41.61 20.78
CA CYS D 422 19.10 42.90 20.27
C CYS D 422 18.89 43.03 18.75
N PHE D 423 18.95 41.92 18.00
CA PHE D 423 18.78 41.93 16.56
C PHE D 423 17.35 42.35 16.15
N ARG D 424 16.33 42.13 17.00
CA ARG D 424 14.95 42.61 16.77
C ARG D 424 14.90 44.15 16.78
N TRP D 425 15.50 44.77 17.80
CA TRP D 425 15.65 46.23 17.89
C TRP D 425 16.51 46.79 16.73
N VAL D 426 17.60 46.10 16.38
CA VAL D 426 18.44 46.47 15.22
C VAL D 426 17.62 46.49 13.92
N LYS D 427 16.79 45.47 13.68
CA LYS D 427 15.93 45.39 12.47
C LYS D 427 14.82 46.45 12.43
N ARG D 428 14.24 46.81 13.58
CA ARG D 428 13.03 47.66 13.67
C ARG D 428 13.33 49.15 13.96
N ASP D 429 14.19 49.41 14.95
CA ASP D 429 14.25 50.70 15.65
C ASP D 429 15.59 51.43 15.49
N SER D 430 16.70 50.71 15.25
CA SER D 430 18.05 51.30 15.20
C SER D 430 18.27 52.34 14.09
N TYR D 431 17.37 52.40 13.11
CA TYR D 431 17.45 53.16 11.86
C TYR D 431 18.65 52.79 10.96
N LEU D 432 19.34 51.68 11.26
CA LEU D 432 20.45 51.19 10.46
C LEU D 432 19.93 50.51 9.18
N PRO D 433 20.53 50.79 8.00
CA PRO D 433 20.20 50.08 6.78
C PRO D 433 20.61 48.61 6.91
N GLN D 434 19.92 47.70 6.22
CA GLN D 434 20.13 46.25 6.34
C GLN D 434 21.58 45.78 6.12
N GLY D 435 22.43 46.57 5.46
CA GLY D 435 23.86 46.26 5.27
C GLY D 435 24.72 46.49 6.51
N SER D 436 24.20 47.21 7.51
CA SER D 436 24.86 47.56 8.76
C SER D 436 24.16 46.96 9.98
N GLN D 437 23.39 45.88 9.78
CA GLN D 437 22.61 45.20 10.82
C GLN D 437 23.27 43.93 11.39
N GLY D 438 24.49 43.58 10.96
CA GLY D 438 25.30 42.52 11.60
C GLY D 438 26.07 43.10 12.79
N LEU D 439 26.37 42.27 13.81
CA LEU D 439 26.89 42.70 15.11
C LEU D 439 28.06 43.68 14.99
N LYS D 440 29.14 43.32 14.28
CA LYS D 440 30.26 44.23 13.99
C LYS D 440 29.85 45.62 13.51
N ALA D 441 28.98 45.71 12.50
CA ALA D 441 28.57 47.00 11.92
C ALA D 441 27.65 47.79 12.86
N VAL D 442 26.89 47.10 13.71
CA VAL D 442 26.10 47.72 14.79
C VAL D 442 27.04 48.27 15.87
N THR D 443 28.02 47.49 16.33
CA THR D 443 29.06 47.87 17.29
C THR D 443 29.83 49.09 16.82
N GLN D 444 30.34 49.07 15.57
CA GLN D 444 30.97 50.23 14.93
C GLN D 444 30.07 51.46 14.90
N SER D 445 28.79 51.30 14.54
CA SER D 445 27.88 52.43 14.34
C SER D 445 27.21 52.96 15.62
N LYS D 446 27.17 52.18 16.70
CA LYS D 446 26.47 52.50 17.95
C LYS D 446 27.43 52.64 19.13
N LEU D 447 28.31 51.66 19.36
CA LEU D 447 29.30 51.68 20.45
C LEU D 447 30.61 52.39 20.04
N GLY D 448 30.84 52.56 18.73
CA GLY D 448 31.93 53.37 18.21
C GLY D 448 33.32 52.77 18.45
N TYR D 449 33.44 51.44 18.37
CA TYR D 449 34.70 50.70 18.32
C TYR D 449 34.60 49.55 17.32
N ASN D 450 35.73 48.95 16.94
CA ASN D 450 35.77 47.71 16.17
C ASN D 450 35.85 46.53 17.14
N PRO D 451 34.86 45.62 17.19
CA PRO D 451 35.02 44.35 17.89
C PRO D 451 36.07 43.49 17.17
N ILE D 452 36.54 42.44 17.85
CA ILE D 452 37.40 41.42 17.23
C ILE D 452 36.59 40.74 16.12
N GLU D 453 37.26 40.35 15.04
CA GLU D 453 36.64 39.69 13.90
C GLU D 453 37.45 38.45 13.54
N LEU D 454 36.78 37.30 13.47
CA LEU D 454 37.36 36.02 13.09
C LEU D 454 36.61 35.49 11.87
N ASP D 455 37.31 34.81 10.95
CA ASP D 455 36.62 34.12 9.84
C ASP D 455 35.89 32.89 10.40
N PRO D 456 34.59 32.70 10.12
CA PRO D 456 33.87 31.50 10.53
C PRO D 456 34.52 30.17 10.12
N GLU D 457 35.28 30.13 9.03
CA GLU D 457 36.03 28.93 8.61
C GLU D 457 37.26 28.65 9.50
N LEU D 458 37.76 29.65 10.24
CA LEU D 458 38.89 29.51 11.16
C LEU D 458 38.47 29.17 12.60
N MET D 459 37.20 29.33 12.97
CA MET D 459 36.71 29.05 14.32
C MET D 459 36.99 27.61 14.79
N THR D 460 36.55 26.61 14.02
CA THR D 460 36.74 25.19 14.40
C THR D 460 38.22 24.76 14.38
N PRO D 461 39.07 25.17 13.42
CA PRO D 461 40.52 24.99 13.53
C PRO D 461 41.15 25.69 14.75
N TYR D 462 40.74 26.92 15.06
CA TYR D 462 41.35 27.71 16.15
C TYR D 462 41.01 27.16 17.53
N ALA D 463 39.91 26.42 17.69
CA ALA D 463 39.65 25.67 18.92
C ALA D 463 40.80 24.72 19.31
N PHE D 464 41.53 24.19 18.31
CA PHE D 464 42.71 23.35 18.54
C PHE D 464 44.03 24.12 18.41
N GLU D 465 44.16 25.00 17.41
CA GLU D 465 45.43 25.67 17.06
C GLU D 465 45.72 26.96 17.86
N LYS D 466 44.69 27.73 18.21
CA LYS D 466 44.80 29.06 18.86
C LYS D 466 43.58 29.38 19.75
N PRO D 467 43.23 28.53 20.72
CA PRO D 467 41.99 28.70 21.45
C PRO D 467 41.93 30.00 22.25
N GLN D 468 43.05 30.54 22.76
CA GLN D 468 43.08 31.89 23.37
C GLN D 468 42.52 32.99 22.44
N HIS D 469 42.83 32.95 21.14
CA HIS D 469 42.35 33.94 20.17
C HIS D 469 40.87 33.71 19.79
N LEU D 470 40.40 32.47 19.88
CA LEU D 470 38.98 32.13 19.73
C LEU D 470 38.17 32.62 20.94
N SER D 471 38.67 32.43 22.18
CA SER D 471 38.04 32.95 23.39
C SER D 471 38.00 34.48 23.43
N GLU D 472 39.06 35.17 23.00
CA GLU D 472 39.05 36.63 22.82
C GLU D 472 37.96 37.12 21.86
N TYR D 473 37.74 36.41 20.74
CA TYR D 473 36.66 36.70 19.81
C TYR D 473 35.28 36.50 20.44
N SER D 474 35.07 35.37 21.13
CA SER D 474 33.78 35.04 21.75
C SER D 474 33.38 36.01 22.86
N VAL D 475 34.32 36.40 23.73
CA VAL D 475 34.02 37.41 24.77
C VAL D 475 33.77 38.80 24.15
N SER D 476 34.41 39.12 23.01
CA SER D 476 34.16 40.36 22.28
C SER D 476 32.70 40.51 21.83
N ASP D 477 32.06 39.41 21.39
CA ASP D 477 30.67 39.44 20.95
C ASP D 477 29.67 39.46 22.13
N ALA D 478 30.01 38.84 23.28
CA ALA D 478 29.28 39.05 24.53
C ALA D 478 29.35 40.51 25.03
N VAL D 479 30.55 41.12 25.07
CA VAL D 479 30.74 42.54 25.43
C VAL D 479 29.96 43.46 24.49
N ALA D 480 30.04 43.22 23.17
CA ALA D 480 29.31 43.99 22.19
C ALA D 480 27.78 43.90 22.41
N THR D 481 27.27 42.70 22.68
CA THR D 481 25.84 42.44 22.90
C THR D 481 25.35 43.06 24.21
N TYR D 482 26.08 42.89 25.32
CA TYR D 482 25.75 43.47 26.63
C TYR D 482 25.67 45.01 26.57
N TYR D 483 26.70 45.67 26.05
CA TYR D 483 26.71 47.13 25.98
C TYR D 483 25.75 47.70 24.92
N LEU D 484 25.49 46.97 23.83
CA LEU D 484 24.41 47.33 22.89
C LEU D 484 23.05 47.28 23.58
N TYR D 485 22.78 46.23 24.37
CA TYR D 485 21.56 46.11 25.13
C TYR D 485 21.41 47.26 26.14
N MET D 486 22.39 47.45 27.04
CA MET D 486 22.32 48.41 28.14
C MET D 486 22.30 49.87 27.67
N LYS D 487 23.03 50.23 26.61
CA LYS D 487 23.06 51.63 26.11
C LYS D 487 21.89 52.00 25.22
N TYR D 488 21.25 51.03 24.54
CA TYR D 488 20.23 51.31 23.53
C TYR D 488 18.91 50.56 23.70
N VAL D 489 18.94 49.23 23.84
CA VAL D 489 17.72 48.41 23.80
C VAL D 489 16.95 48.50 25.11
N HIS D 490 17.62 48.35 26.25
CA HIS D 490 17.03 48.43 27.58
C HIS D 490 16.22 49.73 27.81
N PRO D 491 16.82 50.94 27.75
CA PRO D 491 16.09 52.18 28.02
C PRO D 491 14.96 52.41 27.01
N PHE D 492 15.13 51.97 25.76
CA PHE D 492 14.14 52.16 24.69
C PHE D 492 12.89 51.27 24.90
N ILE D 493 13.06 49.99 25.21
CA ILE D 493 11.96 49.03 25.31
C ILE D 493 11.16 49.23 26.60
N PHE D 494 11.82 49.34 27.77
CA PHE D 494 11.12 49.59 29.03
C PHE D 494 10.38 50.94 29.02
N SER D 495 10.95 51.98 28.38
CA SER D 495 10.22 53.24 28.16
C SER D 495 8.96 53.07 27.33
N LEU D 496 8.99 52.26 26.26
CA LEU D 496 7.80 51.94 25.46
C LEU D 496 6.74 51.19 26.29
N CYS D 497 7.15 50.28 27.17
CA CYS D 497 6.24 49.53 28.04
C CYS D 497 5.44 50.43 29.00
N THR D 498 6.00 51.57 29.45
CA THR D 498 5.29 52.50 30.36
C THR D 498 4.00 53.09 29.77
N ILE D 499 3.84 53.04 28.44
CA ILE D 499 2.71 53.59 27.69
C ILE D 499 1.94 52.52 26.90
N ILE D 500 2.61 51.48 26.41
CA ILE D 500 2.00 50.40 25.63
C ILE D 500 1.56 49.25 26.55
N PRO D 501 0.33 48.75 26.45
CA PRO D 501 -0.19 47.63 27.25
C PRO D 501 0.35 46.26 26.79
N LEU D 502 1.67 46.11 26.73
CA LEU D 502 2.39 44.89 26.34
C LEU D 502 3.60 44.65 27.26
N ASN D 503 4.06 43.41 27.36
CA ASN D 503 5.28 43.07 28.08
C ASN D 503 6.55 43.41 27.24
N PRO D 504 7.78 43.31 27.78
CA PRO D 504 8.99 43.68 27.06
C PRO D 504 9.20 42.85 25.78
N ASP D 505 8.95 41.54 25.83
CA ASP D 505 9.13 40.63 24.69
C ASP D 505 8.25 41.00 23.50
N GLU D 506 6.97 41.26 23.74
CA GLU D 506 6.05 41.73 22.71
C GLU D 506 6.39 43.14 22.25
N THR D 507 6.76 44.03 23.17
CA THR D 507 7.15 45.41 22.87
C THR D 507 8.40 45.49 22.00
N LEU D 508 9.33 44.56 22.13
CA LEU D 508 10.51 44.40 21.26
C LEU D 508 10.15 43.80 19.89
N ARG D 509 9.21 42.84 19.85
CA ARG D 509 9.02 42.00 18.66
C ARG D 509 7.84 42.36 17.76
N LYS D 510 6.75 42.97 18.27
CA LYS D 510 5.60 43.35 17.42
C LYS D 510 5.98 44.49 16.46
N GLY D 511 5.36 44.53 15.28
CA GLY D 511 5.54 45.62 14.32
C GLY D 511 4.98 46.95 14.84
N THR D 512 5.59 48.07 14.44
CA THR D 512 5.27 49.42 14.94
C THR D 512 3.78 49.80 14.78
N GLY D 513 3.14 49.39 13.68
CA GLY D 513 1.70 49.59 13.48
C GLY D 513 0.82 48.83 14.49
N THR D 514 1.29 47.71 15.06
CA THR D 514 0.59 47.05 16.18
C THR D 514 0.76 47.85 17.47
N LEU D 515 1.91 48.52 17.68
CA LEU D 515 2.10 49.41 18.83
C LEU D 515 1.14 50.61 18.77
N CYS D 516 0.96 51.21 17.58
CA CYS D 516 -0.09 52.22 17.33
C CYS D 516 -1.49 51.70 17.65
N GLU D 517 -1.82 50.47 17.22
CA GLU D 517 -3.12 49.84 17.52
C GLU D 517 -3.39 49.76 19.02
N MET D 518 -2.39 49.37 19.82
CA MET D 518 -2.54 49.26 21.27
C MET D 518 -2.75 50.63 21.93
N LEU D 519 -2.00 51.66 21.52
CA LEU D 519 -2.15 53.03 22.03
C LEU D 519 -3.54 53.61 21.72
N LEU D 520 -4.01 53.42 20.49
CA LEU D 520 -5.36 53.83 20.08
C LEU D 520 -6.46 53.06 20.82
N MET D 521 -6.24 51.77 21.12
CA MET D 521 -7.17 50.97 21.93
C MET D 521 -7.25 51.45 23.38
N VAL D 522 -6.13 51.87 24.00
CA VAL D 522 -6.13 52.52 25.32
C VAL D 522 -6.98 53.79 25.28
N GLN D 523 -6.72 54.69 24.31
CA GLN D 523 -7.43 55.96 24.23
C GLN D 523 -8.91 55.80 23.91
N ALA D 524 -9.28 54.90 22.99
CA ALA D 524 -10.68 54.59 22.71
C ALA D 524 -11.40 54.00 23.93
N TYR D 525 -10.75 53.10 24.68
CA TYR D 525 -11.31 52.53 25.90
C TYR D 525 -11.56 53.60 26.98
N GLN D 526 -10.56 54.47 27.23
CA GLN D 526 -10.64 55.56 28.22
C GLN D 526 -11.79 56.55 27.90
N HIS D 527 -12.07 56.79 26.62
CA HIS D 527 -13.19 57.64 26.18
C HIS D 527 -14.53 56.87 26.03
N ASN D 528 -14.61 55.63 26.49
CA ASN D 528 -15.75 54.72 26.35
C ASN D 528 -16.22 54.46 24.90
N ILE D 529 -15.34 54.66 23.93
CA ILE D 529 -15.58 54.37 22.51
C ILE D 529 -15.59 52.84 22.30
N LEU D 530 -16.43 52.34 21.40
CA LEU D 530 -16.49 50.95 20.96
C LEU D 530 -15.44 50.69 19.89
N LEU D 531 -14.56 49.70 20.09
CA LEU D 531 -13.55 49.40 19.08
C LEU D 531 -14.19 48.85 17.78
N PRO D 532 -13.76 49.31 16.60
CA PRO D 532 -14.10 48.67 15.35
C PRO D 532 -13.51 47.25 15.26
N ASN D 533 -14.17 46.39 14.49
CA ASN D 533 -13.60 45.11 14.07
C ASN D 533 -12.47 45.35 13.06
N LYS D 534 -11.53 44.39 12.95
CA LYS D 534 -10.38 44.52 12.06
C LYS D 534 -10.80 44.53 10.59
N HIS D 535 -10.29 45.51 9.83
CA HIS D 535 -10.54 45.65 8.40
C HIS D 535 -10.09 44.40 7.63
N THR D 536 -10.99 43.90 6.79
CA THR D 536 -10.72 42.80 5.86
C THR D 536 -10.76 43.33 4.44
N ASP D 537 -9.62 43.31 3.75
CA ASP D 537 -9.53 43.74 2.36
C ASP D 537 -10.54 42.94 1.49
N PRO D 538 -11.36 43.60 0.65
CA PRO D 538 -12.21 42.89 -0.32
C PRO D 538 -11.38 42.02 -1.27
N ILE D 539 -11.79 40.78 -1.48
CA ILE D 539 -11.02 39.76 -2.23
C ILE D 539 -10.81 40.18 -3.69
N GLU D 540 -11.82 40.84 -4.29
CA GLU D 540 -11.73 41.54 -5.56
C GLU D 540 -12.51 42.86 -5.52
N ARG D 541 -12.09 43.83 -6.33
CA ARG D 541 -12.79 45.09 -6.61
C ARG D 541 -12.73 45.39 -8.09
N PHE D 542 -13.67 46.19 -8.57
CA PHE D 542 -13.75 46.60 -9.97
C PHE D 542 -13.73 48.13 -10.10
N TYR D 543 -13.15 48.62 -11.19
CA TYR D 543 -13.14 50.02 -11.60
C TYR D 543 -13.44 50.08 -13.10
N ASP D 544 -14.48 50.83 -13.52
CA ASP D 544 -14.99 50.86 -14.91
C ASP D 544 -15.18 49.48 -15.57
N GLY D 545 -15.62 48.50 -14.78
CA GLY D 545 -15.82 47.11 -15.22
C GLY D 545 -14.53 46.30 -15.39
N HIS D 546 -13.37 46.86 -15.02
CA HIS D 546 -12.08 46.19 -15.00
C HIS D 546 -11.76 45.64 -13.60
N LEU D 547 -11.21 44.43 -13.52
CA LEU D 547 -10.74 43.86 -12.25
C LEU D 547 -9.49 44.62 -11.76
N LEU D 548 -9.55 45.16 -10.54
CA LEU D 548 -8.39 45.76 -9.88
C LEU D 548 -7.41 44.67 -9.43
N GLU D 549 -6.14 44.81 -9.84
CA GLU D 549 -5.06 44.04 -9.27
C GLU D 549 -4.67 44.59 -7.90
N SER D 550 -4.58 45.91 -7.79
CA SER D 550 -4.32 46.65 -6.56
C SER D 550 -4.79 48.10 -6.70
N GLU D 551 -5.21 48.71 -5.59
CA GLU D 551 -5.49 50.15 -5.50
C GLU D 551 -4.68 50.79 -4.36
N THR D 552 -4.38 52.07 -4.49
CA THR D 552 -3.57 52.85 -3.54
C THR D 552 -3.79 54.34 -3.80
N TYR D 553 -2.93 55.21 -3.27
CA TYR D 553 -2.91 56.65 -3.53
C TYR D 553 -1.53 57.10 -4.03
N VAL D 554 -1.44 58.34 -4.51
CA VAL D 554 -0.15 58.99 -4.78
C VAL D 554 0.50 59.37 -3.45
N GLY D 555 1.64 58.74 -3.15
CA GLY D 555 2.42 58.97 -1.93
C GLY D 555 3.28 60.24 -1.99
N GLY D 556 4.35 60.27 -1.17
CA GLY D 556 5.27 61.39 -1.08
C GLY D 556 5.87 61.82 -2.42
N HIS D 557 5.95 63.13 -2.64
CA HIS D 557 6.50 63.72 -3.86
C HIS D 557 8.04 63.74 -3.79
N VAL D 558 8.73 63.37 -4.87
CA VAL D 558 10.19 63.27 -4.88
C VAL D 558 10.71 63.77 -6.23
N GLU D 559 11.66 64.69 -6.24
CA GLU D 559 12.29 65.27 -7.44
C GLU D 559 13.81 65.28 -7.32
N SER D 560 14.49 65.00 -8.43
CA SER D 560 15.94 65.21 -8.57
C SER D 560 16.07 66.25 -9.68
N LEU D 561 16.47 67.46 -9.28
CA LEU D 561 16.37 68.67 -10.09
C LEU D 561 17.72 68.98 -10.73
N GLU D 562 18.79 68.89 -9.94
CA GLU D 562 20.16 69.05 -10.38
C GLU D 562 21.05 67.86 -9.98
N ALA D 563 22.17 67.71 -10.70
CA ALA D 563 23.22 66.73 -10.42
C ALA D 563 24.58 67.41 -10.59
N GLY D 564 25.55 67.07 -9.74
CA GLY D 564 26.81 67.81 -9.65
C GLY D 564 27.43 67.80 -8.26
N VAL D 565 28.57 68.50 -8.17
CA VAL D 565 29.25 68.86 -6.92
C VAL D 565 28.90 70.30 -6.58
N PHE D 566 28.38 70.52 -5.37
CA PHE D 566 28.09 71.84 -4.82
C PHE D 566 28.89 72.01 -3.54
N ARG D 567 29.57 73.15 -3.39
CA ARG D 567 30.57 73.37 -2.35
C ARG D 567 30.57 74.82 -1.89
N SER D 568 30.64 75.05 -0.58
CA SER D 568 30.57 76.38 0.07
C SER D 568 31.69 77.35 -0.34
N ASP D 569 32.76 76.82 -0.94
CA ASP D 569 33.97 77.51 -1.43
C ASP D 569 34.06 77.57 -2.97
N LEU D 570 33.14 76.95 -3.72
CA LEU D 570 33.04 77.03 -5.18
C LEU D 570 31.87 77.94 -5.57
N LYS D 571 32.03 78.79 -6.59
CA LYS D 571 30.96 79.71 -7.02
C LYS D 571 29.86 79.01 -7.83
N ASN D 572 28.63 79.49 -7.69
CA ASN D 572 27.48 79.10 -8.49
C ASN D 572 26.75 80.32 -9.07
N GLU D 573 26.25 80.18 -10.30
CA GLU D 573 25.33 81.16 -10.89
C GLU D 573 23.93 81.06 -10.27
N PHE D 574 23.36 82.22 -9.94
CA PHE D 574 22.00 82.41 -9.47
C PHE D 574 21.27 83.39 -10.38
N LYS D 575 20.00 83.09 -10.70
CA LYS D 575 19.10 83.96 -11.46
C LYS D 575 17.81 84.13 -10.67
N ILE D 576 17.86 85.11 -9.78
CA ILE D 576 16.77 85.46 -8.87
C ILE D 576 15.65 86.10 -9.67
N ASP D 577 14.42 85.67 -9.42
CA ASP D 577 13.21 86.31 -9.95
C ASP D 577 12.92 87.58 -9.14
N PRO D 578 13.02 88.79 -9.73
CA PRO D 578 12.76 90.03 -8.99
C PRO D 578 11.37 90.09 -8.38
N SER D 579 10.37 89.43 -9.02
CA SER D 579 9.00 89.39 -8.51
C SER D 579 8.86 88.54 -7.24
N ALA D 580 9.72 87.54 -7.04
CA ALA D 580 9.76 86.77 -5.79
C ALA D 580 10.30 87.62 -4.64
N ILE D 581 11.28 88.47 -4.92
CA ILE D 581 11.81 89.41 -3.93
C ILE D 581 10.78 90.50 -3.60
N ASP D 582 9.99 90.97 -4.57
CA ASP D 582 8.87 91.88 -4.31
C ASP D 582 7.79 91.25 -3.42
N GLU D 583 7.42 89.99 -3.66
CA GLU D 583 6.52 89.25 -2.76
C GLU D 583 7.14 89.14 -1.35
N LEU D 584 8.42 88.74 -1.23
CA LEU D 584 9.08 88.59 0.07
C LEU D 584 9.22 89.91 0.83
N LEU D 585 9.48 91.03 0.15
CA LEU D 585 9.50 92.38 0.75
C LEU D 585 8.12 92.80 1.26
N GLN D 586 7.05 92.44 0.54
CA GLN D 586 5.68 92.73 0.95
C GLN D 586 5.21 91.84 2.11
N GLU D 587 5.69 90.60 2.18
CA GLU D 587 5.40 89.64 3.26
C GLU D 587 6.27 89.84 4.50
N LEU D 588 7.45 90.47 4.37
CA LEU D 588 8.46 90.59 5.42
C LEU D 588 7.94 91.08 6.80
N PRO D 589 7.08 92.11 6.91
CA PRO D 589 6.62 92.58 8.23
C PRO D 589 5.82 91.51 8.99
N GLU D 590 4.90 90.85 8.30
CA GLU D 590 4.06 89.80 8.87
C GLU D 590 4.82 88.49 9.07
N ALA D 591 5.79 88.16 8.21
CA ALA D 591 6.67 87.01 8.39
C ALA D 591 7.58 87.14 9.63
N LEU D 592 8.09 88.34 9.92
CA LEU D 592 8.88 88.61 11.14
C LEU D 592 7.99 88.61 12.39
N LYS D 593 6.79 89.20 12.30
CA LYS D 593 5.80 89.14 13.39
C LYS D 593 5.40 87.69 13.69
N PHE D 594 5.12 86.89 12.66
CA PHE D 594 4.86 85.46 12.75
C PHE D 594 5.99 84.69 13.42
N SER D 595 7.25 85.02 13.13
CA SER D 595 8.41 84.39 13.79
C SER D 595 8.47 84.68 15.29
N VAL D 596 8.08 85.89 15.72
CA VAL D 596 7.99 86.23 17.15
C VAL D 596 6.78 85.58 17.81
N GLU D 597 5.60 85.69 17.20
CA GLU D 597 4.31 85.31 17.80
C GLU D 597 4.00 83.81 17.74
N VAL D 598 4.35 83.15 16.64
CA VAL D 598 3.99 81.74 16.39
C VAL D 598 5.17 80.80 16.57
N GLU D 599 6.32 81.08 15.93
CA GLU D 599 7.50 80.20 16.03
C GLU D 599 8.12 80.27 17.44
N ASN D 600 8.32 81.49 17.96
CA ASN D 600 8.94 81.75 19.27
C ASN D 600 7.95 82.03 20.41
N LYS D 601 6.63 82.02 20.15
CA LYS D 601 5.56 82.11 21.16
C LYS D 601 5.71 83.29 22.14
N SER D 602 6.15 84.42 21.61
CA SER D 602 6.40 85.68 22.33
C SER D 602 5.53 86.81 21.75
N SER D 603 5.57 88.03 22.30
CA SER D 603 4.86 89.17 21.71
C SER D 603 5.83 90.17 21.11
N VAL D 604 5.49 90.78 19.97
CA VAL D 604 6.34 91.78 19.29
C VAL D 604 6.68 92.97 20.18
N ASP D 605 5.77 93.37 21.08
CA ASP D 605 5.98 94.48 22.02
C ASP D 605 7.19 94.29 22.96
N LYS D 606 7.63 93.04 23.17
CA LYS D 606 8.78 92.71 24.02
C LYS D 606 10.10 92.74 23.26
N VAL D 607 10.09 92.93 21.93
CA VAL D 607 11.27 92.82 21.06
C VAL D 607 11.86 94.19 20.76
N THR D 608 13.03 94.47 21.33
CA THR D 608 13.67 95.80 21.29
C THR D 608 14.26 96.16 19.92
N ASN D 609 14.70 95.17 19.14
CA ASN D 609 15.42 95.36 17.86
C ASN D 609 14.63 94.90 16.63
N PHE D 610 13.30 94.85 16.70
CA PHE D 610 12.45 94.33 15.61
C PHE D 610 12.68 95.06 14.28
N GLU D 611 12.66 96.40 14.30
CA GLU D 611 12.92 97.23 13.12
C GLU D 611 14.38 97.17 12.64
N GLU D 612 15.34 96.92 13.52
CA GLU D 612 16.74 96.74 13.12
C GLU D 612 16.90 95.50 12.24
N ILE D 613 16.36 94.35 12.70
CA ILE D 613 16.39 93.08 11.95
C ILE D 613 15.59 93.22 10.64
N LYS D 614 14.42 93.87 10.68
CA LYS D 614 13.61 94.14 9.47
C LYS D 614 14.41 94.93 8.42
N ASN D 615 15.09 95.99 8.83
CA ASN D 615 15.88 96.83 7.93
C ASN D 615 17.10 96.08 7.37
N GLN D 616 17.80 95.27 8.17
CA GLN D 616 18.91 94.43 7.71
C GLN D 616 18.48 93.42 6.64
N ILE D 617 17.33 92.75 6.83
CA ILE D 617 16.79 91.81 5.83
C ILE D 617 16.32 92.57 4.57
N THR D 618 15.66 93.72 4.75
CA THR D 618 15.18 94.57 3.64
C THR D 618 16.34 95.01 2.73
N GLN D 619 17.47 95.44 3.29
CA GLN D 619 18.65 95.83 2.51
C GLN D 619 19.20 94.68 1.66
N LYS D 620 19.39 93.49 2.25
CA LYS D 620 19.85 92.31 1.51
C LYS D 620 18.88 91.91 0.40
N LEU D 621 17.58 91.94 0.65
CA LEU D 621 16.57 91.65 -0.37
C LEU D 621 16.61 92.67 -1.52
N LEU D 622 16.65 93.98 -1.22
CA LEU D 622 16.74 95.01 -2.26
C LEU D 622 18.00 94.85 -3.13
N GLU D 623 19.16 94.54 -2.54
CA GLU D 623 20.40 94.31 -3.29
C GLU D 623 20.30 93.10 -4.22
N LEU D 624 19.63 92.02 -3.79
CA LEU D 624 19.35 90.83 -4.60
C LEU D 624 18.29 91.07 -5.68
N LYS D 625 17.36 92.03 -5.48
CA LYS D 625 16.38 92.43 -6.49
C LYS D 625 17.05 93.21 -7.63
N GLU D 626 17.93 94.16 -7.29
CA GLU D 626 18.64 95.00 -8.25
C GLU D 626 19.72 94.19 -9.01
N ASN D 627 20.51 93.40 -8.27
CA ASN D 627 21.54 92.53 -8.83
C ASN D 627 21.02 91.09 -8.91
N ASN D 628 19.98 90.85 -9.69
CA ASN D 628 19.26 89.56 -9.69
C ASN D 628 20.00 88.40 -10.41
N ILE D 629 21.01 88.70 -11.24
CA ILE D 629 21.90 87.69 -11.84
C ILE D 629 23.27 87.81 -11.16
N ARG D 630 23.64 86.81 -10.35
CA ARG D 630 24.90 86.80 -9.57
C ARG D 630 25.67 85.51 -9.79
N ASN D 631 26.98 85.57 -9.59
CA ASN D 631 27.86 84.41 -9.58
C ASN D 631 28.77 84.49 -8.34
N GLU D 632 28.32 83.87 -7.26
CA GLU D 632 28.90 83.97 -5.92
C GLU D 632 28.91 82.60 -5.23
N LEU D 633 29.42 82.54 -3.99
CA LEU D 633 29.44 81.30 -3.22
C LEU D 633 28.01 80.89 -2.80
N PRO D 634 27.73 79.58 -2.65
CA PRO D 634 26.45 79.09 -2.15
C PRO D 634 26.43 78.99 -0.61
N LEU D 635 25.22 79.01 -0.06
CA LEU D 635 24.86 78.42 1.24
C LEU D 635 24.09 77.13 0.96
N ILE D 636 24.64 75.98 1.35
CA ILE D 636 24.02 74.67 1.15
C ILE D 636 23.12 74.38 2.34
N TYR D 637 21.80 74.37 2.12
CA TYR D 637 20.80 74.18 3.17
C TYR D 637 19.89 72.98 2.91
N HIS D 638 19.46 72.37 4.01
CA HIS D 638 18.33 71.45 4.05
C HIS D 638 17.19 72.12 4.82
N VAL D 639 16.01 72.23 4.21
CA VAL D 639 14.78 72.65 4.89
C VAL D 639 13.77 71.51 4.87
N ASP D 640 13.35 71.07 6.05
CA ASP D 640 12.55 69.84 6.25
C ASP D 640 11.39 70.10 7.22
N VAL D 641 10.21 69.56 6.94
CA VAL D 641 9.03 69.78 7.78
C VAL D 641 9.07 68.88 9.01
N ALA D 642 9.15 69.50 10.19
CA ALA D 642 9.07 68.81 11.47
C ALA D 642 7.88 67.85 11.50
N SER D 643 8.09 66.54 11.62
CA SER D 643 7.02 65.54 11.75
C SER D 643 5.87 65.73 10.72
N MET D 644 6.21 65.92 9.44
CA MET D 644 5.31 66.41 8.39
C MET D 644 3.89 65.81 8.43
N TYR D 645 3.76 64.49 8.26
CA TYR D 645 2.45 63.82 8.18
C TYR D 645 1.65 63.93 9.49
N PRO D 646 2.22 63.65 10.68
CA PRO D 646 1.58 63.97 11.96
C PRO D 646 1.06 65.41 12.07
N ASN D 647 1.84 66.40 11.64
CA ASN D 647 1.42 67.82 11.72
C ASN D 647 0.32 68.18 10.70
N ILE D 648 0.35 67.59 9.50
CA ILE D 648 -0.77 67.69 8.53
C ILE D 648 -2.03 67.06 9.12
N MET D 649 -1.89 65.91 9.80
CA MET D 649 -2.99 65.20 10.44
C MET D 649 -3.60 66.01 11.60
N THR D 650 -2.78 66.55 12.52
CA THR D 650 -3.31 67.39 13.61
C THR D 650 -3.92 68.69 13.07
N THR D 651 -3.25 69.38 12.14
CA THR D 651 -3.75 70.62 11.54
C THR D 651 -5.12 70.45 10.90
N ASN D 652 -5.31 69.42 10.08
CA ASN D 652 -6.56 69.19 9.34
C ASN D 652 -7.58 68.33 10.10
N ARG D 653 -7.28 67.96 11.35
CA ARG D 653 -8.10 67.10 12.22
C ARG D 653 -8.40 65.73 11.57
N LEU D 654 -7.39 65.18 10.88
CA LEU D 654 -7.49 63.93 10.10
C LEU D 654 -7.37 62.71 11.00
N GLN D 655 -8.40 61.86 10.92
CA GLN D 655 -8.48 60.59 11.67
C GLN D 655 -9.26 59.67 10.74
N PRO D 656 -9.56 58.40 11.09
CA PRO D 656 -10.44 57.57 10.26
C PRO D 656 -11.78 57.62 10.99
N ASP D 657 -11.86 58.43 12.06
CA ASP D 657 -13.11 58.57 12.86
C ASP D 657 -13.96 59.68 12.27
N SER D 658 -13.45 60.37 11.27
CA SER D 658 -14.20 61.52 10.73
C SER D 658 -14.53 61.31 9.25
N ILE D 659 -13.57 60.87 8.42
CA ILE D 659 -13.90 60.74 7.00
C ILE D 659 -15.35 60.28 6.88
N LYS D 660 -16.26 61.22 6.56
CA LYS D 660 -17.70 60.94 6.42
C LYS D 660 -18.12 60.93 4.95
N ALA D 661 -19.06 60.05 4.60
CA ALA D 661 -19.75 60.09 3.32
C ALA D 661 -20.75 61.26 3.27
N GLU D 662 -21.27 61.59 2.09
CA GLU D 662 -22.38 62.54 1.97
C GLU D 662 -23.61 62.08 2.79
N ARG D 663 -23.85 60.77 2.90
CA ARG D 663 -24.94 60.17 3.69
C ARG D 663 -24.82 60.50 5.18
N ASP D 664 -23.71 60.13 5.81
CA ASP D 664 -23.49 60.32 7.25
C ASP D 664 -23.45 61.82 7.61
N CYS D 665 -22.89 62.64 6.71
CA CYS D 665 -22.95 64.08 6.84
C CYS D 665 -24.40 64.61 6.72
N ALA D 666 -25.22 64.09 5.82
CA ALA D 666 -26.64 64.45 5.66
C ALA D 666 -27.52 64.00 6.85
N SER D 667 -27.20 62.88 7.48
CA SER D 667 -27.88 62.35 8.67
C SER D 667 -27.55 63.10 9.98
N CYS D 668 -26.47 63.90 9.99
CA CYS D 668 -25.98 64.62 11.16
C CYS D 668 -26.80 65.91 11.46
N ASP D 669 -27.30 66.07 12.68
CA ASP D 669 -28.10 67.23 13.14
C ASP D 669 -27.34 68.57 13.14
N PHE D 670 -26.01 68.54 13.06
CA PHE D 670 -25.19 69.74 12.88
C PHE D 670 -25.10 70.22 11.41
N ASN D 671 -25.68 69.49 10.45
CA ASN D 671 -25.68 69.83 9.04
C ASN D 671 -26.79 70.85 8.68
N ARG D 672 -26.50 72.13 8.90
CA ARG D 672 -27.38 73.25 8.56
C ARG D 672 -26.88 74.04 7.34
N PRO D 673 -27.73 74.90 6.75
CA PRO D 673 -27.25 76.08 6.02
C PRO D 673 -26.14 76.79 6.83
N GLY D 674 -25.10 77.29 6.16
CA GLY D 674 -23.96 77.95 6.82
C GLY D 674 -22.95 77.02 7.52
N LYS D 675 -23.08 75.68 7.46
CA LYS D 675 -22.15 74.78 8.19
C LYS D 675 -20.66 75.00 7.82
N THR D 676 -19.85 75.20 8.84
CA THR D 676 -18.38 75.34 8.72
C THR D 676 -17.62 74.05 9.00
N CYS D 677 -18.25 73.07 9.67
CA CYS D 677 -17.58 71.86 10.19
C CYS D 677 -17.25 70.77 9.15
N ALA D 678 -17.65 70.94 7.90
CA ALA D 678 -17.40 69.99 6.81
C ALA D 678 -16.21 70.47 5.97
N ARG D 679 -14.98 70.15 6.41
CA ARG D 679 -13.76 70.49 5.67
C ARG D 679 -13.57 69.51 4.52
N LYS D 680 -13.64 70.00 3.28
CA LYS D 680 -13.43 69.17 2.09
C LYS D 680 -11.95 69.18 1.71
N LEU D 681 -11.36 67.99 1.54
CA LEU D 681 -9.97 67.84 1.13
C LEU D 681 -9.83 66.85 -0.02
N LYS D 682 -8.85 67.12 -0.88
CA LYS D 682 -8.54 66.30 -2.05
C LYS D 682 -7.50 65.22 -1.74
N TRP D 683 -7.56 64.14 -2.51
CA TRP D 683 -6.55 63.09 -2.56
C TRP D 683 -6.48 62.47 -3.96
N ALA D 684 -5.34 61.89 -4.32
CA ALA D 684 -5.17 61.26 -5.61
C ALA D 684 -5.17 59.72 -5.47
N TRP D 685 -6.29 59.10 -5.81
CA TRP D 685 -6.44 57.63 -5.88
C TRP D 685 -5.67 57.10 -7.09
N ARG D 686 -5.06 55.92 -6.97
CA ARG D 686 -4.35 55.24 -8.06
C ARG D 686 -4.76 53.77 -8.13
N GLY D 687 -5.48 53.40 -9.19
CA GLY D 687 -5.77 52.02 -9.54
C GLY D 687 -4.66 51.40 -10.40
N GLU D 688 -4.42 50.11 -10.19
CA GLU D 688 -3.82 49.22 -11.19
C GLU D 688 -4.82 48.10 -11.50
N PHE D 689 -5.30 48.03 -12.74
CA PHE D 689 -6.32 47.08 -13.17
C PHE D 689 -5.92 46.32 -14.44
N PHE D 690 -6.55 45.17 -14.66
CA PHE D 690 -6.41 44.43 -15.90
C PHE D 690 -7.12 45.17 -17.03
N PRO D 691 -6.53 45.29 -18.25
CA PRO D 691 -7.23 45.87 -19.41
C PRO D 691 -8.55 45.19 -19.77
N SER D 692 -8.76 43.96 -19.28
CA SER D 692 -9.95 43.16 -19.54
C SER D 692 -11.21 43.68 -18.86
N LYS D 693 -12.32 43.57 -19.58
CA LYS D 693 -13.65 44.03 -19.17
C LYS D 693 -14.45 42.94 -18.47
N MET D 694 -15.62 43.30 -17.94
CA MET D 694 -16.48 42.41 -17.15
C MET D 694 -17.00 41.19 -17.94
N ASP D 695 -17.26 41.34 -19.24
CA ASP D 695 -17.62 40.23 -20.15
C ASP D 695 -16.46 39.24 -20.33
N GLU D 696 -15.24 39.73 -20.48
CA GLU D 696 -14.02 38.92 -20.56
C GLU D 696 -13.68 38.24 -19.23
N TYR D 697 -13.83 38.94 -18.10
CA TYR D 697 -13.74 38.35 -16.75
C TYR D 697 -14.72 37.18 -16.60
N ASN D 698 -15.98 37.37 -16.98
CA ASN D 698 -17.01 36.35 -16.90
C ASN D 698 -16.73 35.15 -17.82
N MET D 699 -16.17 35.40 -19.01
CA MET D 699 -15.67 34.33 -19.90
C MET D 699 -14.54 33.52 -19.27
N ILE D 700 -13.57 34.16 -18.61
CA ILE D 700 -12.49 33.47 -17.88
C ILE D 700 -13.05 32.66 -16.69
N LYS D 701 -14.01 33.20 -15.95
CA LYS D 701 -14.68 32.50 -14.84
C LYS D 701 -15.40 31.23 -15.31
N ARG D 702 -16.19 31.32 -16.40
CA ARG D 702 -16.86 30.17 -17.02
C ARG D 702 -15.87 29.12 -17.55
N ALA D 703 -14.71 29.54 -18.06
CA ALA D 703 -13.67 28.61 -18.47
C ALA D 703 -13.07 27.84 -17.28
N LEU D 704 -12.81 28.52 -16.16
CA LEU D 704 -12.27 27.91 -14.94
C LEU D 704 -13.28 26.97 -14.25
N GLN D 705 -14.58 27.21 -14.36
CA GLN D 705 -15.62 26.29 -13.87
C GLN D 705 -15.60 24.91 -14.53
N ASN D 706 -15.02 24.79 -15.73
CA ASN D 706 -14.82 23.50 -16.42
C ASN D 706 -13.49 22.81 -16.07
N GLU D 707 -12.62 23.45 -15.27
CA GLU D 707 -11.34 22.88 -14.80
C GLU D 707 -11.49 22.22 -13.42
N THR D 708 -10.52 21.38 -13.05
CA THR D 708 -10.48 20.69 -11.75
C THR D 708 -9.20 21.02 -11.00
N PHE D 709 -9.31 21.15 -9.66
CA PHE D 709 -8.26 21.73 -8.82
C PHE D 709 -7.85 20.79 -7.69
N PRO D 710 -6.56 20.76 -7.28
CA PRO D 710 -6.12 19.94 -6.17
C PRO D 710 -6.63 20.49 -4.83
N ASN D 711 -7.10 19.60 -3.96
CA ASN D 711 -7.52 20.01 -2.62
C ASN D 711 -6.31 20.34 -1.74
N LYS D 712 -6.29 21.56 -1.20
CA LYS D 712 -5.21 21.90 -0.23
C LYS D 712 -5.42 21.06 1.03
N ASN D 713 -6.22 20.00 0.93
CA ASN D 713 -6.50 19.14 2.12
C ASN D 713 -5.32 18.20 2.37
N LYS D 714 -5.06 17.86 3.64
CA LYS D 714 -3.89 17.02 3.99
C LYS D 714 -4.36 15.63 4.44
N PHE D 715 -4.46 15.42 5.76
CA PHE D 715 -4.98 14.13 6.29
C PHE D 715 -6.40 13.94 5.75
N SER D 716 -6.95 14.96 5.09
CA SER D 716 -8.29 14.85 4.48
C SER D 716 -8.22 13.86 3.31
N LYS D 717 -9.31 13.74 2.55
CA LYS D 717 -9.34 12.70 1.48
C LYS D 717 -9.64 13.31 0.12
N LYS D 718 -10.86 13.84 -0.09
CA LYS D 718 -11.21 14.29 -1.43
C LYS D 718 -10.02 15.04 -2.05
N LYS D 719 -9.29 14.40 -2.98
CA LYS D 719 -8.09 14.98 -3.61
C LYS D 719 -8.36 16.10 -4.64
N VAL D 720 -9.58 16.16 -5.19
CA VAL D 720 -9.95 17.05 -6.31
C VAL D 720 -11.21 17.83 -5.95
N LEU D 721 -11.24 19.11 -6.31
CA LEU D 721 -12.34 20.05 -6.15
C LEU D 721 -12.76 20.64 -7.50
N THR D 722 -14.02 21.02 -7.65
CA THR D 722 -14.46 21.91 -8.74
C THR D 722 -14.10 23.37 -8.42
N PHE D 723 -14.23 24.28 -9.38
CA PHE D 723 -13.98 25.71 -9.15
C PHE D 723 -14.87 26.29 -8.04
N ASP D 724 -16.17 26.00 -8.05
CA ASP D 724 -17.12 26.56 -7.08
C ASP D 724 -16.96 25.94 -5.67
N GLU D 725 -16.30 24.78 -5.56
CA GLU D 725 -15.92 24.16 -4.27
C GLU D 725 -14.61 24.75 -3.67
N LEU D 726 -13.86 25.55 -4.43
CA LEU D 726 -12.73 26.31 -3.90
C LEU D 726 -13.20 27.47 -3.02
N SER D 727 -12.35 27.91 -2.09
CA SER D 727 -12.58 29.17 -1.38
C SER D 727 -12.60 30.35 -2.36
N TYR D 728 -13.36 31.40 -2.07
CA TYR D 728 -13.49 32.56 -2.96
C TYR D 728 -12.14 33.25 -3.22
N ALA D 729 -11.24 33.27 -2.23
CA ALA D 729 -9.87 33.75 -2.39
C ALA D 729 -9.07 32.91 -3.40
N ASP D 730 -9.23 31.58 -3.38
CA ASP D 730 -8.56 30.69 -4.32
C ASP D 730 -9.13 30.82 -5.74
N GLN D 731 -10.46 30.95 -5.86
CA GLN D 731 -11.14 31.24 -7.13
C GLN D 731 -10.54 32.50 -7.78
N VAL D 732 -10.41 33.59 -7.03
CA VAL D 732 -9.84 34.86 -7.52
C VAL D 732 -8.35 34.74 -7.86
N ILE D 733 -7.56 33.95 -7.11
CA ILE D 733 -6.14 33.67 -7.47
C ILE D 733 -6.05 32.98 -8.85
N HIS D 734 -6.92 32.00 -9.13
CA HIS D 734 -6.96 31.33 -10.43
C HIS D 734 -7.47 32.25 -11.55
N ILE D 735 -8.50 33.08 -11.28
CA ILE D 735 -8.99 34.11 -12.21
C ILE D 735 -7.87 35.09 -12.56
N LYS D 736 -7.18 35.68 -11.58
CA LYS D 736 -6.07 36.63 -11.79
C LYS D 736 -4.96 36.01 -12.65
N LYS D 737 -4.59 34.74 -12.41
CA LYS D 737 -3.62 34.02 -13.24
C LYS D 737 -4.05 33.96 -14.71
N ARG D 738 -5.27 33.50 -15.02
CA ARG D 738 -5.75 33.44 -16.41
C ARG D 738 -6.00 34.81 -17.03
N LEU D 739 -6.41 35.82 -16.25
CA LEU D 739 -6.52 37.20 -16.71
C LEU D 739 -5.16 37.83 -17.05
N THR D 740 -4.08 37.51 -16.33
CA THR D 740 -2.74 38.00 -16.70
C THR D 740 -2.29 37.47 -18.07
N GLU D 741 -2.58 36.20 -18.38
CA GLU D 741 -2.28 35.58 -19.68
C GLU D 741 -3.17 36.15 -20.80
N TYR D 742 -4.48 36.23 -20.55
CA TYR D 742 -5.45 36.78 -21.50
C TYR D 742 -5.16 38.25 -21.84
N SER D 743 -4.98 39.09 -20.81
CA SER D 743 -4.67 40.53 -20.98
C SER D 743 -3.40 40.73 -21.81
N ARG D 744 -2.34 39.96 -21.52
CA ARG D 744 -1.08 40.01 -22.28
C ARG D 744 -1.27 39.59 -23.74
N LYS D 745 -2.13 38.61 -24.01
CA LYS D 745 -2.41 38.08 -25.35
C LYS D 745 -3.27 39.02 -26.20
N VAL D 746 -4.29 39.66 -25.61
CA VAL D 746 -5.29 40.48 -26.31
C VAL D 746 -4.92 41.97 -26.34
N TYR D 747 -4.43 42.52 -25.22
CA TYR D 747 -4.14 43.95 -25.05
C TYR D 747 -2.65 44.29 -25.08
N HIS D 748 -1.77 43.30 -25.24
CA HIS D 748 -0.30 43.43 -25.24
C HIS D 748 0.31 44.04 -23.96
N ARG D 749 -0.48 44.22 -22.91
CA ARG D 749 -0.09 44.69 -21.57
C ARG D 749 -0.88 43.94 -20.50
N VAL D 750 -0.28 43.75 -19.33
CA VAL D 750 -0.92 43.04 -18.20
C VAL D 750 -1.76 43.99 -17.35
N LYS D 751 -1.32 45.24 -17.22
CA LYS D 751 -1.93 46.26 -16.34
C LYS D 751 -2.14 47.57 -17.08
N VAL D 752 -3.15 48.31 -16.67
CA VAL D 752 -3.28 49.75 -16.85
C VAL D 752 -3.20 50.38 -15.46
N SER D 753 -2.58 51.56 -15.35
CA SER D 753 -2.62 52.37 -14.13
C SER D 753 -3.22 53.73 -14.46
N GLU D 754 -4.09 54.20 -13.57
CA GLU D 754 -4.83 55.44 -13.71
C GLU D 754 -4.81 56.18 -12.37
N ILE D 755 -4.72 57.51 -12.42
CA ILE D 755 -4.75 58.38 -11.24
C ILE D 755 -6.00 59.25 -11.35
N VAL D 756 -6.85 59.20 -10.33
CA VAL D 756 -8.09 59.96 -10.25
C VAL D 756 -8.05 60.84 -9.01
N GLU D 757 -8.19 62.14 -9.19
CA GLU D 757 -8.33 63.07 -8.07
C GLU D 757 -9.75 62.92 -7.48
N ARG D 758 -9.82 62.63 -6.18
CA ARG D 758 -11.04 62.46 -5.41
C ARG D 758 -11.10 63.46 -4.26
N GLU D 759 -12.30 63.67 -3.74
CA GLU D 759 -12.58 64.60 -2.65
C GLU D 759 -13.26 63.82 -1.52
N ALA D 760 -12.94 64.14 -0.27
CA ALA D 760 -13.59 63.54 0.90
C ALA D 760 -13.87 64.61 1.97
N ILE D 761 -14.86 64.33 2.82
CA ILE D 761 -15.37 65.24 3.83
C ILE D 761 -14.76 64.88 5.18
N VAL D 762 -13.98 65.80 5.75
CA VAL D 762 -13.37 65.66 7.08
C VAL D 762 -14.21 66.42 8.09
N CYS D 763 -14.96 65.68 8.90
CA CYS D 763 -15.78 66.23 9.98
C CYS D 763 -14.88 66.85 11.05
N GLN D 764 -15.25 68.09 11.40
CA GLN D 764 -14.56 68.83 12.49
C GLN D 764 -15.32 68.65 13.81
N ARG D 765 -16.60 68.24 13.78
CA ARG D 765 -17.46 68.17 15.01
C ARG D 765 -17.37 66.76 15.60
N GLU D 766 -16.85 65.79 14.85
CA GLU D 766 -16.75 64.39 15.24
C GLU D 766 -15.88 64.27 16.49
N ASN D 767 -16.29 63.50 17.79
CA ASN D 767 -15.58 63.12 19.01
C ASN D 767 -14.05 63.05 18.87
N PRO D 768 -13.33 63.86 19.64
CA PRO D 768 -11.89 63.95 19.41
C PRO D 768 -11.00 63.02 20.24
N PHE D 769 -10.57 61.89 19.69
CA PHE D 769 -9.92 60.94 20.57
C PHE D 769 -8.63 60.56 19.85
N TYR D 770 -8.70 60.51 18.53
CA TYR D 770 -7.57 60.14 17.72
C TYR D 770 -6.60 61.32 17.71
N VAL D 771 -7.13 62.45 17.27
CA VAL D 771 -6.37 63.69 17.16
C VAL D 771 -5.92 64.17 18.52
N ASP D 772 -6.73 63.94 19.57
CA ASP D 772 -6.30 64.31 20.90
C ASP D 772 -5.11 63.49 21.34
N THR D 773 -5.09 62.21 20.95
CA THR D 773 -3.92 61.38 21.18
C THR D 773 -2.71 61.90 20.44
N VAL D 774 -2.91 62.45 19.25
CA VAL D 774 -1.77 62.93 18.50
C VAL D 774 -1.25 64.26 19.03
N LYS D 775 -2.14 65.25 19.21
CA LYS D 775 -1.78 66.50 19.87
C LYS D 775 -1.13 66.31 21.23
N SER D 776 -1.71 65.45 22.05
CA SER D 776 -1.23 65.23 23.41
C SER D 776 0.11 64.54 23.41
N PHE D 777 0.26 63.57 22.52
CA PHE D 777 1.50 62.86 22.36
C PHE D 777 2.61 63.77 21.85
N ARG D 778 2.30 64.59 20.86
CA ARG D 778 3.22 65.61 20.37
C ARG D 778 3.67 66.57 21.48
N ASP D 779 2.73 67.01 22.33
CA ASP D 779 3.11 67.91 23.42
C ASP D 779 3.95 67.24 24.48
N ARG D 780 3.63 66.00 24.86
CA ARG D 780 4.47 65.26 25.79
C ARG D 780 5.89 65.05 25.24
N ARG D 781 6.01 64.72 23.96
CA ARG D 781 7.35 64.63 23.38
C ARG D 781 8.08 65.97 23.46
N TYR D 782 7.42 67.06 23.05
CA TYR D 782 8.03 68.38 23.18
C TYR D 782 8.47 68.64 24.63
N GLU D 783 7.60 68.27 25.58
CA GLU D 783 7.86 68.32 27.02
C GLU D 783 9.19 67.68 27.35
N PHE D 784 9.44 66.49 26.80
CA PHE D 784 10.65 65.76 27.15
C PHE D 784 11.87 66.35 26.47
N LYS D 785 11.75 66.78 25.21
CA LYS D 785 12.80 67.60 24.60
C LYS D 785 13.18 68.79 25.48
N GLY D 786 12.17 69.44 26.06
CA GLY D 786 12.43 70.56 26.96
C GLY D 786 13.16 70.10 28.20
N LEU D 787 12.62 69.07 28.84
CA LEU D 787 13.19 68.51 30.07
C LEU D 787 14.64 68.07 29.83
N ALA D 788 14.87 67.34 28.74
CA ALA D 788 16.19 67.03 28.18
C ALA D 788 17.12 68.23 28.22
N LYS D 789 16.68 69.37 27.66
CA LYS D 789 17.53 70.56 27.63
C LYS D 789 17.81 71.09 29.04
N THR D 790 16.80 71.06 29.91
CA THR D 790 16.98 71.51 31.29
C THR D 790 17.99 70.62 31.99
N TRP D 791 17.90 69.31 31.72
CA TRP D 791 18.80 68.34 32.31
C TRP D 791 20.20 68.52 31.75
N LYS D 792 20.32 68.89 30.47
CA LYS D 792 21.63 69.15 29.87
C LYS D 792 22.30 70.28 30.62
N GLY D 793 21.49 71.26 31.01
CA GLY D 793 22.01 72.38 31.77
C GLY D 793 22.41 71.91 33.15
N ASN D 794 21.61 71.02 33.73
CA ASN D 794 21.94 70.48 35.06
C ASN D 794 23.21 69.64 35.00
N LEU D 795 23.41 68.84 33.93
CA LEU D 795 24.63 68.04 33.84
C LEU D 795 25.86 68.89 33.60
N SER D 796 25.72 70.19 33.32
CA SER D 796 26.98 70.92 33.20
C SER D 796 27.15 72.01 34.26
N LYS D 797 26.05 72.58 34.78
CA LYS D 797 26.08 73.66 35.77
C LYS D 797 26.95 73.32 36.99
N ILE D 798 26.69 72.15 37.59
CA ILE D 798 27.25 71.62 38.82
C ILE D 798 28.74 71.34 38.82
N ASP D 799 29.20 70.72 39.91
CA ASP D 799 30.59 70.42 40.16
C ASP D 799 31.06 69.24 39.29
N PRO D 800 32.38 68.98 39.23
CA PRO D 800 32.89 67.89 38.38
C PRO D 800 33.16 66.55 39.05
N SER D 801 32.85 66.39 40.33
CA SER D 801 33.09 65.12 41.01
C SER D 801 32.00 64.18 40.51
N ASP D 802 32.31 63.54 39.37
CA ASP D 802 31.43 62.60 38.65
C ASP D 802 30.76 61.56 39.56
N LYS D 803 31.49 61.01 40.53
CA LYS D 803 30.88 60.13 41.53
C LYS D 803 30.61 60.99 42.75
N HIS D 804 29.46 61.63 42.76
CA HIS D 804 28.96 62.35 43.92
C HIS D 804 27.44 62.31 43.92
N ALA D 805 26.88 61.12 43.66
CA ALA D 805 25.43 60.88 43.63
C ALA D 805 24.74 61.71 42.55
N ARG D 806 25.43 61.89 41.41
CA ARG D 806 24.80 62.49 40.24
C ARG D 806 24.86 61.60 39.01
N ASP D 807 25.25 60.33 39.16
CA ASP D 807 25.08 59.39 38.06
C ASP D 807 23.64 58.90 37.94
N GLU D 808 22.80 59.21 38.94
CA GLU D 808 21.36 58.97 38.83
C GLU D 808 20.74 60.01 37.91
N ALA D 809 21.27 61.24 37.98
CA ALA D 809 20.81 62.32 37.11
C ALA D 809 21.12 61.99 35.65
N LYS D 810 22.22 61.31 35.34
CA LYS D 810 22.56 61.12 33.90
C LYS D 810 21.75 59.99 33.27
N LYS D 811 21.44 58.98 34.07
CA LYS D 811 20.63 57.84 33.57
C LYS D 811 19.24 58.39 33.23
N MET D 812 18.73 59.33 34.03
CA MET D 812 17.37 59.89 33.81
C MET D 812 17.43 60.76 32.56
N ILE D 813 18.59 61.31 32.26
CA ILE D 813 18.77 62.06 30.99
C ILE D 813 18.60 61.05 29.87
N VAL D 814 19.35 59.94 29.94
CA VAL D 814 19.09 58.92 28.90
C VAL D 814 17.61 58.63 28.88
N LEU D 815 16.96 58.54 30.04
CA LEU D 815 15.54 58.12 30.14
C LEU D 815 14.59 59.07 29.42
N TYR D 816 14.76 60.37 29.64
CA TYR D 816 13.81 61.33 29.02
C TYR D 816 14.14 61.37 27.55
N ASP D 817 15.42 61.22 27.21
CA ASP D 817 15.75 61.16 25.77
C ASP D 817 14.98 59.99 25.19
N SER D 818 15.00 58.90 25.94
CA SER D 818 14.37 57.65 25.45
C SER D 818 12.87 57.84 25.41
N LEU D 819 12.26 58.45 26.43
CA LEU D 819 10.79 58.67 26.29
C LEU D 819 10.57 59.64 25.11
N GLN D 820 11.52 60.56 24.86
CA GLN D 820 11.36 61.46 23.68
C GLN D 820 11.36 60.60 22.42
N LEU D 821 12.39 59.78 22.26
CA LEU D 821 12.49 58.99 21.01
C LEU D 821 11.27 58.09 20.93
N ALA D 822 10.70 57.74 22.08
CA ALA D 822 9.60 56.78 22.09
C ALA D 822 8.35 57.47 21.57
N HIS D 823 8.02 58.61 22.15
CA HIS D 823 6.86 59.33 21.62
C HIS D 823 7.13 59.58 20.13
N LYS D 824 8.39 59.77 19.75
CA LYS D 824 8.68 60.13 18.34
C LYS D 824 8.28 58.97 17.43
N VAL D 825 8.78 57.80 17.77
CA VAL D 825 8.45 56.62 16.93
C VAL D 825 6.94 56.48 16.98
N ILE D 826 6.31 56.61 18.14
CA ILE D 826 4.86 56.34 18.21
C ILE D 826 4.15 57.29 17.24
N LEU D 827 4.52 58.56 17.21
CA LEU D 827 3.84 59.57 16.34
C LEU D 827 4.09 59.23 14.86
N ASN D 828 5.35 59.06 14.49
CA ASN D 828 5.58 58.83 13.04
C ASN D 828 4.85 57.55 12.66
N SER D 829 4.63 56.65 13.61
CA SER D 829 3.95 55.36 13.34
C SER D 829 2.45 55.58 13.14
N PHE D 830 1.81 56.25 14.09
CA PHE D 830 0.40 56.60 13.87
C PHE D 830 0.41 57.00 12.41
N TYR D 831 1.35 57.87 12.05
CA TYR D 831 1.30 58.37 10.66
C TYR D 831 1.24 57.21 9.65
N GLY D 832 1.91 56.09 9.94
CA GLY D 832 1.91 54.94 9.02
C GLY D 832 0.75 54.01 9.32
N TYR D 833 0.74 53.39 10.51
CA TYR D 833 -0.40 52.57 10.99
C TYR D 833 -1.62 52.82 10.13
N VAL D 834 -1.98 54.09 10.00
CA VAL D 834 -3.25 54.32 9.24
C VAL D 834 -3.29 53.72 7.80
N MET D 835 -2.27 53.03 7.34
CA MET D 835 -2.46 52.35 6.04
C MET D 835 -2.11 50.89 6.32
N ARG D 836 -2.17 50.51 7.61
CA ARG D 836 -1.81 49.13 8.04
C ARG D 836 -2.88 48.12 7.63
N LYS D 837 -2.78 47.55 6.43
CA LYS D 837 -3.80 46.60 5.94
C LYS D 837 -4.08 45.55 7.03
N GLY D 838 -5.35 45.32 7.34
CA GLY D 838 -5.70 44.28 8.34
C GLY D 838 -5.81 44.87 9.72
N SER D 839 -5.17 46.02 9.95
CA SER D 839 -5.28 46.68 11.27
C SER D 839 -6.68 47.29 11.41
N ARG D 840 -7.01 47.81 12.60
CA ARG D 840 -8.31 48.51 12.78
C ARG D 840 -8.10 49.99 12.49
N TRP D 841 -9.15 50.79 12.63
CA TRP D 841 -8.96 52.24 12.45
C TRP D 841 -8.21 52.49 11.13
N TYR D 842 -8.21 51.50 10.23
CA TYR D 842 -7.58 51.68 8.90
C TYR D 842 -8.27 52.88 8.23
N SER D 843 -7.65 53.50 7.22
CA SER D 843 -8.23 54.73 6.62
C SER D 843 -7.54 55.04 5.29
N MET D 844 -7.61 54.13 4.31
CA MET D 844 -6.85 54.33 3.06
C MET D 844 -7.01 55.77 2.57
N GLU D 845 -8.22 56.32 2.63
CA GLU D 845 -8.43 57.74 2.24
C GLU D 845 -7.46 58.58 3.05
N MET D 846 -7.92 59.21 4.12
CA MET D 846 -7.09 59.93 5.09
C MET D 846 -5.60 59.89 4.72
N ALA D 847 -5.07 58.71 4.37
CA ALA D 847 -3.68 58.55 3.98
C ALA D 847 -3.38 59.31 2.67
N GLY D 848 -4.28 59.23 1.68
CA GLY D 848 -4.19 59.96 0.42
C GLY D 848 -4.26 61.48 0.59
N ILE D 849 -5.13 61.99 1.46
CA ILE D 849 -5.22 63.43 1.80
C ILE D 849 -3.91 63.89 2.42
N THR D 850 -3.38 63.12 3.38
CA THR D 850 -2.13 63.45 4.09
C THR D 850 -0.97 63.57 3.10
N CYS D 851 -0.85 62.62 2.17
CA CYS D 851 0.19 62.64 1.14
C CYS D 851 0.02 63.76 0.11
N LEU D 852 -1.20 64.00 -0.40
CA LEU D 852 -1.43 65.05 -1.40
C LEU D 852 -1.25 66.45 -0.79
N THR D 853 -1.70 66.66 0.44
CA THR D 853 -1.47 67.90 1.18
C THR D 853 0.03 68.14 1.36
N GLY D 854 0.78 67.11 1.76
CA GLY D 854 2.24 67.18 1.88
C GLY D 854 2.95 67.48 0.56
N ALA D 855 2.58 66.78 -0.52
CA ALA D 855 3.07 67.05 -1.87
C ALA D 855 2.80 68.51 -2.31
N THR D 856 1.65 69.06 -1.96
CA THR D 856 1.28 70.44 -2.29
C THR D 856 2.11 71.45 -1.48
N ILE D 857 2.34 71.19 -0.19
CA ILE D 857 3.20 72.03 0.67
C ILE D 857 4.64 72.07 0.14
N ILE D 858 5.23 70.91 -0.16
CA ILE D 858 6.64 70.84 -0.58
C ILE D 858 6.84 71.40 -1.99
N GLN D 859 5.88 71.24 -2.90
CA GLN D 859 5.91 71.89 -4.22
C GLN D 859 5.76 73.42 -4.11
N MET D 860 4.97 73.94 -3.16
CA MET D 860 4.85 75.37 -2.87
C MET D 860 6.18 75.94 -2.35
N ALA D 861 6.82 75.25 -1.41
CA ALA D 861 8.13 75.61 -0.89
C ALA D 861 9.21 75.60 -1.99
N ARG D 862 9.27 74.52 -2.79
CA ARG D 862 10.19 74.41 -3.94
C ARG D 862 10.00 75.55 -4.92
N ALA D 863 8.76 75.91 -5.26
CA ALA D 863 8.47 76.98 -6.21
C ALA D 863 8.92 78.37 -5.72
N LEU D 864 9.02 78.61 -4.40
CA LEU D 864 9.68 79.80 -3.88
C LEU D 864 11.21 79.66 -3.94
N VAL D 865 11.76 78.55 -3.45
CA VAL D 865 13.22 78.31 -3.41
C VAL D 865 13.86 78.35 -4.81
N GLU D 866 13.16 77.86 -5.84
CA GLU D 866 13.55 77.92 -7.26
C GLU D 866 13.58 79.35 -7.82
N ARG D 867 12.85 80.28 -7.22
CA ARG D 867 12.81 81.70 -7.63
C ARG D 867 13.87 82.57 -6.92
N VAL D 868 14.40 82.13 -5.77
CA VAL D 868 15.39 82.89 -4.99
C VAL D 868 16.76 82.21 -4.87
N GLY D 869 16.86 80.94 -5.29
CA GLY D 869 18.06 80.11 -5.26
C GLY D 869 17.91 78.93 -6.22
N ARG D 870 18.57 77.81 -5.93
CA ARG D 870 18.49 76.58 -6.75
C ARG D 870 18.25 75.34 -5.87
N PRO D 871 17.04 74.74 -5.90
CA PRO D 871 16.78 73.45 -5.27
C PRO D 871 17.46 72.32 -6.06
N LEU D 872 18.13 71.41 -5.36
CA LEU D 872 18.95 70.34 -5.92
C LEU D 872 18.22 69.00 -5.91
N GLU D 873 17.65 68.65 -4.75
CA GLU D 873 16.87 67.42 -4.52
C GLU D 873 15.70 67.74 -3.58
N LEU D 874 14.59 67.04 -3.78
CA LEU D 874 13.40 67.15 -2.97
C LEU D 874 12.93 65.72 -2.66
N ASP D 875 12.77 65.41 -1.39
CA ASP D 875 12.30 64.12 -0.92
C ASP D 875 11.22 64.27 0.16
N THR D 876 9.96 64.20 -0.27
CA THR D 876 8.75 64.13 0.56
C THR D 876 8.48 65.37 1.42
N ASP D 877 9.27 65.55 2.46
CA ASP D 877 9.22 66.61 3.47
C ASP D 877 10.44 67.55 3.42
N GLY D 878 11.57 67.09 2.89
CA GLY D 878 12.82 67.85 2.76
C GLY D 878 13.10 68.42 1.37
N ILE D 879 13.68 69.63 1.32
CA ILE D 879 14.32 70.23 0.15
C ILE D 879 15.78 70.51 0.47
N TRP D 880 16.68 69.96 -0.36
CA TRP D 880 18.08 70.39 -0.45
C TRP D 880 18.21 71.52 -1.45
N CYS D 881 18.81 72.64 -1.06
CA CYS D 881 19.00 73.78 -1.94
C CYS D 881 20.33 74.50 -1.71
N ILE D 882 20.72 75.28 -2.72
CA ILE D 882 21.72 76.34 -2.58
C ILE D 882 21.05 77.70 -2.70
N LEU D 883 21.38 78.59 -1.76
CA LEU D 883 21.03 80.00 -1.78
C LEU D 883 22.29 80.84 -2.05
N PRO D 884 22.18 82.07 -2.59
CA PRO D 884 23.31 83.00 -2.64
C PRO D 884 23.89 83.25 -1.24
N LYS D 885 25.21 83.33 -1.09
CA LYS D 885 25.84 83.66 0.22
C LYS D 885 25.46 85.04 0.76
N SER D 886 25.01 85.93 -0.11
CA SER D 886 24.47 87.24 0.25
C SER D 886 23.03 87.20 0.79
N PHE D 887 22.33 86.06 0.71
CA PHE D 887 20.95 85.92 1.16
C PHE D 887 20.79 86.23 2.67
N PRO D 888 19.65 86.80 3.11
CA PRO D 888 19.34 86.95 4.54
C PRO D 888 19.20 85.59 5.23
N GLU D 889 19.97 85.38 6.30
CA GLU D 889 20.25 84.07 6.88
C GLU D 889 19.74 83.99 8.34
N THR D 890 20.64 83.99 9.32
CA THR D 890 20.31 83.86 10.75
C THR D 890 20.40 85.21 11.46
N TYR D 891 19.42 85.50 12.31
CA TYR D 891 19.35 86.70 13.14
C TYR D 891 18.87 86.36 14.55
N PHE D 892 18.97 87.33 15.46
CA PHE D 892 18.48 87.20 16.83
C PHE D 892 17.65 88.42 17.24
N PHE D 893 16.39 88.18 17.61
CA PHE D 893 15.57 89.18 18.28
C PHE D 893 15.97 89.26 19.76
N THR D 894 16.11 90.47 20.29
CA THR D 894 16.46 90.73 21.69
C THR D 894 15.20 91.15 22.45
N LEU D 895 14.82 90.37 23.45
CA LEU D 895 13.72 90.70 24.35
C LEU D 895 14.17 91.73 25.39
N GLU D 896 13.24 92.50 25.96
CA GLU D 896 13.52 93.45 27.07
C GLU D 896 14.25 92.80 28.26
N ASN D 897 14.01 91.51 28.51
CA ASN D 897 14.67 90.75 29.58
C ASN D 897 16.08 90.22 29.19
N GLY D 898 16.63 90.67 28.06
CA GLY D 898 17.95 90.28 27.55
C GLY D 898 18.03 88.89 26.90
N LYS D 899 16.97 88.06 26.96
CA LYS D 899 16.94 86.78 26.24
C LYS D 899 16.87 87.03 24.73
N LYS D 900 17.54 86.15 23.97
CA LYS D 900 17.54 86.18 22.51
C LYS D 900 16.63 85.09 21.95
N LEU D 901 15.76 85.46 21.01
CA LEU D 901 14.97 84.54 20.19
C LEU D 901 15.68 84.31 18.86
N TYR D 902 15.62 83.08 18.35
CA TYR D 902 16.28 82.68 17.10
C TYR D 902 15.37 82.95 15.89
N LEU D 903 15.93 83.55 14.84
CA LEU D 903 15.29 83.72 13.53
C LEU D 903 16.19 83.10 12.45
N SER D 904 15.63 82.20 11.64
CA SER D 904 16.21 81.80 10.35
C SER D 904 15.27 82.27 9.26
N TYR D 905 15.64 83.33 8.54
CA TYR D 905 14.77 83.92 7.55
C TYR D 905 14.36 82.97 6.41
N PRO D 906 15.25 82.12 5.85
CA PRO D 906 14.86 81.11 4.85
C PRO D 906 13.79 80.13 5.34
N CYS D 907 13.75 79.88 6.66
CA CYS D 907 12.79 78.99 7.30
C CYS D 907 11.46 79.73 7.58
N SER D 908 11.53 80.90 8.23
CA SER D 908 10.35 81.69 8.60
C SER D 908 9.59 82.23 7.39
N MET D 909 10.26 82.55 6.26
CA MET D 909 9.57 82.93 5.02
C MET D 909 8.71 81.79 4.44
N LEU D 910 9.15 80.54 4.60
CA LEU D 910 8.39 79.36 4.19
C LEU D 910 7.25 79.10 5.19
N ASN D 911 7.53 79.15 6.49
CA ASN D 911 6.54 78.90 7.54
C ASN D 911 5.38 79.91 7.49
N TYR D 912 5.67 81.19 7.30
CA TYR D 912 4.64 82.21 7.08
C TYR D 912 3.72 81.87 5.90
N ARG D 913 4.28 81.50 4.73
CA ARG D 913 3.50 81.08 3.56
C ARG D 913 2.72 79.78 3.77
N VAL D 914 3.26 78.84 4.56
CA VAL D 914 2.55 77.62 4.95
C VAL D 914 1.34 77.98 5.80
N HIS D 915 1.50 78.87 6.78
CA HIS D 915 0.41 79.32 7.63
C HIS D 915 -0.65 80.13 6.88
N GLN D 916 -0.28 80.95 5.89
CA GLN D 916 -1.29 81.67 5.08
C GLN D 916 -2.06 80.78 4.10
N LYS D 917 -1.54 79.60 3.72
CA LYS D 917 -2.16 78.73 2.68
C LYS D 917 -2.78 77.44 3.20
N PHE D 918 -2.28 76.88 4.30
CA PHE D 918 -2.65 75.54 4.78
C PHE D 918 -3.26 75.51 6.18
N THR D 919 -3.47 76.67 6.81
CA THR D 919 -4.16 76.76 8.11
C THR D 919 -5.61 76.27 8.02
N ASN D 920 -6.04 75.56 9.06
CA ASN D 920 -7.39 75.07 9.19
C ASN D 920 -8.22 76.04 10.04
N HIS D 921 -8.86 77.01 9.39
CA HIS D 921 -9.81 77.95 10.01
C HIS D 921 -11.18 77.32 10.38
N GLN D 922 -11.34 76.01 10.15
CA GLN D 922 -12.57 75.26 10.40
C GLN D 922 -12.44 74.29 11.58
N TYR D 923 -11.31 74.30 12.31
CA TYR D 923 -11.07 73.38 13.40
C TYR D 923 -12.11 73.62 14.50
N GLN D 924 -12.82 72.57 14.93
CA GLN D 924 -13.82 72.66 16.00
C GLN D 924 -13.43 71.77 17.19
N GLU D 925 -13.59 72.33 18.38
CA GLU D 925 -13.26 71.68 19.63
C GLU D 925 -14.39 71.86 20.65
N LEU D 926 -14.60 70.85 21.47
CA LEU D 926 -15.79 70.72 22.29
C LEU D 926 -15.55 71.38 23.65
N LYS D 927 -16.02 72.63 23.79
CA LYS D 927 -15.78 73.48 24.96
C LYS D 927 -16.64 73.09 26.17
N ASP D 928 -17.89 72.71 25.92
CA ASP D 928 -18.85 72.29 26.96
C ASP D 928 -19.43 70.91 26.60
N PRO D 929 -18.96 69.82 27.25
CA PRO D 929 -19.42 68.45 27.00
C PRO D 929 -20.83 68.15 27.52
N LEU D 930 -21.41 68.97 28.40
CA LEU D 930 -22.78 68.77 28.89
C LEU D 930 -23.81 69.34 27.90
N ASN D 931 -23.46 70.45 27.24
CA ASN D 931 -24.32 71.15 26.28
C ASN D 931 -23.94 70.93 24.81
N TYR D 932 -22.89 70.14 24.53
CA TYR D 932 -22.35 69.89 23.19
C TYR D 932 -22.01 71.18 22.41
N ILE D 933 -21.45 72.17 23.11
CA ILE D 933 -21.05 73.45 22.52
C ILE D 933 -19.63 73.33 21.96
N TYR D 934 -19.48 73.67 20.68
CA TYR D 934 -18.20 73.67 19.98
C TYR D 934 -17.75 75.11 19.73
N GLU D 935 -16.46 75.37 19.97
CA GLU D 935 -15.79 76.59 19.54
C GLU D 935 -15.06 76.32 18.22
N THR D 936 -14.97 77.32 17.33
CA THR D 936 -14.21 77.21 16.07
C THR D 936 -12.98 78.10 16.15
N HIS D 937 -11.80 77.53 15.91
CA HIS D 937 -10.53 78.26 15.92
C HIS D 937 -9.67 77.93 14.68
N SER D 938 -8.52 78.59 14.58
CA SER D 938 -7.56 78.38 13.48
C SER D 938 -6.38 77.54 13.97
N GLU D 939 -6.25 76.33 13.44
CA GLU D 939 -5.19 75.39 13.80
C GLU D 939 -4.16 75.26 12.66
N ASN D 940 -2.86 75.33 12.97
CA ASN D 940 -1.79 74.91 12.08
C ASN D 940 -0.50 74.64 12.87
N THR D 941 0.07 73.44 12.70
CA THR D 941 1.29 73.00 13.37
C THR D 941 2.40 72.61 12.40
N ILE D 942 2.32 73.05 11.14
CA ILE D 942 3.23 72.65 10.05
C ILE D 942 4.37 73.67 9.93
N PHE D 943 5.54 73.32 10.47
CA PHE D 943 6.75 74.12 10.42
C PHE D 943 7.89 73.38 9.72
N PHE D 944 8.57 74.05 8.80
CA PHE D 944 9.94 73.74 8.42
C PHE D 944 10.88 73.98 9.61
N GLU D 945 11.88 73.11 9.72
CA GLU D 945 13.14 73.30 10.42
C GLU D 945 14.25 73.51 9.36
N VAL D 946 15.36 74.13 9.74
CA VAL D 946 16.54 74.27 8.88
C VAL D 946 17.72 73.52 9.48
N ASP D 947 18.43 72.77 8.64
CA ASP D 947 19.71 72.13 8.95
C ASP D 947 20.79 72.62 7.97
N GLY D 948 21.97 72.95 8.50
CA GLY D 948 23.09 73.56 7.77
C GLY D 948 23.52 74.92 8.33
N PRO D 949 24.39 75.67 7.62
CA PRO D 949 24.88 75.37 6.28
C PRO D 949 25.87 74.20 6.23
N TYR D 950 25.96 73.54 5.08
CA TYR D 950 26.87 72.41 4.83
C TYR D 950 28.05 72.82 3.93
N LYS D 951 29.18 72.09 4.04
CA LYS D 951 30.39 72.34 3.25
C LYS D 951 30.24 71.88 1.80
N ALA D 952 29.69 70.68 1.60
CA ALA D 952 29.57 70.08 0.28
C ALA D 952 28.36 69.16 0.16
N MET D 953 27.79 69.09 -1.04
CA MET D 953 26.77 68.13 -1.44
C MET D 953 27.09 67.56 -2.83
N ILE D 954 26.99 66.24 -2.99
CA ILE D 954 27.27 65.53 -4.24
C ILE D 954 26.04 64.74 -4.67
N LEU D 955 25.53 65.03 -5.87
CA LEU D 955 24.34 64.42 -6.46
C LEU D 955 24.66 63.70 -7.77
N PRO D 956 24.33 62.40 -7.93
CA PRO D 956 24.57 61.64 -9.15
C PRO D 956 23.48 61.86 -10.22
N SER D 957 23.85 61.64 -11.48
CA SER D 957 22.94 61.71 -12.64
C SER D 957 22.65 60.33 -13.23
N SER D 958 21.56 60.21 -14.02
CA SER D 958 21.26 58.97 -14.75
C SER D 958 22.10 58.85 -16.03
N LYS D 959 22.19 57.62 -16.55
CA LYS D 959 22.66 57.35 -17.92
C LYS D 959 21.58 57.67 -18.98
N GLU D 960 20.32 57.81 -18.58
CA GLU D 960 19.20 58.22 -19.43
C GLU D 960 19.15 59.75 -19.60
N GLU D 961 18.80 60.22 -20.80
CA GLU D 961 18.71 61.66 -21.09
C GLU D 961 17.61 62.35 -20.26
N GLY D 962 17.95 63.49 -19.65
CA GLY D 962 17.00 64.35 -18.93
C GLY D 962 16.49 63.80 -17.60
N LYS D 963 17.09 62.74 -17.06
CA LYS D 963 16.60 62.04 -15.86
C LYS D 963 17.62 62.11 -14.72
N GLY D 964 17.26 62.69 -13.59
CA GLY D 964 18.07 62.65 -12.36
C GLY D 964 17.98 61.31 -11.62
N ILE D 965 18.80 61.12 -10.59
CA ILE D 965 18.70 59.97 -9.66
C ILE D 965 18.23 60.49 -8.29
N LYS D 966 16.99 60.12 -7.94
CA LYS D 966 16.34 60.48 -6.67
C LYS D 966 16.89 59.64 -5.50
N LYS D 967 16.82 60.17 -4.27
CA LYS D 967 17.20 59.49 -3.02
C LYS D 967 18.65 58.99 -2.98
N ARG D 968 19.57 59.64 -3.71
CA ARG D 968 21.01 59.36 -3.66
C ARG D 968 21.81 60.65 -3.61
N TYR D 969 22.54 60.85 -2.51
CA TYR D 969 23.43 61.99 -2.31
C TYR D 969 24.41 61.71 -1.17
N ALA D 970 25.50 62.47 -1.14
CA ALA D 970 26.46 62.54 -0.04
C ALA D 970 26.59 64.01 0.39
N VAL D 971 26.63 64.27 1.70
CA VAL D 971 26.68 65.60 2.31
C VAL D 971 27.78 65.64 3.36
N PHE D 972 28.50 66.77 3.44
CA PHE D 972 29.60 66.99 4.38
C PHE D 972 29.37 68.24 5.25
N ASN D 973 29.70 68.10 6.53
CA ASN D 973 29.72 69.19 7.51
C ASN D 973 30.89 70.16 7.25
N GLU D 974 30.88 71.34 7.89
CA GLU D 974 31.94 72.36 7.77
C GLU D 974 33.34 71.86 8.19
N ASP D 975 33.40 70.94 9.16
CA ASP D 975 34.62 70.26 9.62
C ASP D 975 35.16 69.20 8.64
N GLY D 976 34.43 68.90 7.56
CA GLY D 976 34.77 67.86 6.59
C GLY D 976 34.29 66.46 6.95
N SER D 977 33.59 66.28 8.07
CA SER D 977 32.96 64.99 8.42
C SER D 977 31.77 64.69 7.51
N LEU D 978 31.54 63.40 7.23
CA LEU D 978 30.42 62.94 6.41
C LEU D 978 29.11 63.05 7.21
N ALA D 979 28.28 64.04 6.88
CA ALA D 979 27.03 64.34 7.56
C ALA D 979 25.93 63.33 7.21
N GLU D 980 25.67 63.20 5.90
CA GLU D 980 24.55 62.32 5.45
C GLU D 980 24.87 61.71 4.08
N LEU D 981 24.43 60.47 3.86
CA LEU D 981 24.68 59.77 2.58
C LEU D 981 23.36 59.18 2.07
N LYS D 982 23.30 58.83 0.79
CA LYS D 982 22.08 58.19 0.21
C LYS D 982 22.51 57.16 -0.84
N GLY D 983 21.80 56.03 -0.90
CA GLY D 983 22.20 54.95 -1.82
C GLY D 983 23.59 54.46 -1.48
N PHE D 984 24.47 54.37 -2.47
CA PHE D 984 25.88 53.98 -2.22
C PHE D 984 25.98 52.51 -1.84
N GLU D 985 27.22 52.01 -1.72
CA GLU D 985 27.45 50.58 -1.35
C GLU D 985 28.40 50.55 -0.14
N LEU D 986 29.43 49.69 -0.17
CA LEU D 986 30.43 49.61 0.93
C LEU D 986 29.72 49.23 2.24
N LYS D 987 29.09 50.20 2.91
CA LYS D 987 28.29 49.88 4.11
C LYS D 987 27.53 48.55 4.05
N ARG D 988 27.55 47.84 2.91
CA ARG D 988 26.77 46.61 2.70
C ARG D 988 27.59 45.37 3.10
N ARG D 989 26.89 44.29 3.49
CA ARG D 989 27.51 42.97 3.74
C ARG D 989 27.95 42.37 2.43
N GLY D 990 29.18 41.86 2.38
CA GLY D 990 29.76 41.40 1.14
C GLY D 990 29.99 42.56 0.17
N GLU D 991 29.54 42.37 -1.08
CA GLU D 991 29.90 43.17 -2.26
C GLU D 991 31.37 42.96 -2.66
N LEU D 992 31.82 43.65 -3.71
CA LEU D 992 33.16 43.58 -4.27
C LEU D 992 34.11 44.53 -3.52
N GLN D 993 35.17 44.00 -2.91
CA GLN D 993 36.04 44.75 -1.99
C GLN D 993 36.71 45.95 -2.64
N LEU D 994 37.19 45.83 -3.89
CA LEU D 994 37.65 46.93 -4.77
C LEU D 994 36.74 48.17 -4.71
N ILE D 995 35.42 47.97 -4.80
CA ILE D 995 34.45 49.10 -4.82
C ILE D 995 34.29 49.70 -3.42
N LYS D 996 34.45 48.91 -2.36
CA LYS D 996 34.38 49.38 -0.97
C LYS D 996 35.60 50.21 -0.62
N ASN D 997 36.79 49.74 -0.98
CA ASN D 997 38.04 50.47 -0.78
C ASN D 997 38.05 51.76 -1.61
N PHE D 998 37.66 51.71 -2.89
CA PHE D 998 37.46 52.90 -3.74
C PHE D 998 36.48 53.91 -3.10
N GLN D 999 35.33 53.46 -2.59
CA GLN D 999 34.36 54.33 -1.91
C GLN D 999 34.90 54.93 -0.61
N SER D 1000 35.68 54.18 0.16
CA SER D 1000 36.33 54.65 1.39
C SER D 1000 37.30 55.79 1.11
N ASP D 1001 38.10 55.67 0.04
CA ASP D 1001 39.02 56.70 -0.41
C ASP D 1001 38.30 57.93 -0.97
N ILE D 1002 37.29 57.73 -1.82
CA ILE D 1002 36.73 58.82 -2.63
C ILE D 1002 35.90 59.84 -1.83
N PHE D 1003 35.16 59.41 -0.79
CA PHE D 1003 34.18 60.30 -0.15
C PHE D 1003 34.83 61.49 0.58
N LYS D 1004 35.95 61.26 1.26
CA LYS D 1004 36.71 62.32 1.97
C LYS D 1004 37.32 63.35 1.01
N VAL D 1005 37.71 62.94 -0.20
CA VAL D 1005 38.35 63.79 -1.21
C VAL D 1005 37.39 64.82 -1.85
N PHE D 1006 36.06 64.63 -1.75
CA PHE D 1006 35.09 65.66 -2.13
C PHE D 1006 35.16 66.94 -1.27
N LEU D 1007 35.86 66.91 -0.12
CA LEU D 1007 36.14 68.10 0.68
C LEU D 1007 37.34 68.92 0.17
N GLU D 1008 38.12 68.39 -0.79
CA GLU D 1008 39.25 69.08 -1.40
C GLU D 1008 38.83 70.00 -2.56
N GLY D 1009 39.69 70.97 -2.90
CA GLY D 1009 39.49 71.91 -4.01
C GLY D 1009 38.60 73.12 -3.68
N ASP D 1010 38.97 74.28 -4.24
CA ASP D 1010 38.34 75.59 -3.97
C ASP D 1010 37.18 75.93 -4.92
N THR D 1011 37.06 75.21 -6.04
CA THR D 1011 35.95 75.33 -7.00
C THR D 1011 35.33 73.96 -7.27
N LEU D 1012 34.15 73.93 -7.90
CA LEU D 1012 33.49 72.67 -8.25
C LEU D 1012 34.32 71.84 -9.25
N GLU D 1013 34.97 72.48 -10.21
CA GLU D 1013 35.90 71.82 -11.14
C GLU D 1013 37.16 71.31 -10.43
N GLY D 1014 37.71 72.10 -9.48
CA GLY D 1014 38.86 71.72 -8.67
C GLY D 1014 38.58 70.49 -7.78
N CYS D 1015 37.40 70.48 -7.14
CA CYS D 1015 36.90 69.34 -6.37
C CYS D 1015 36.79 68.08 -7.24
N TYR D 1016 36.14 68.17 -8.40
CA TYR D 1016 36.05 67.03 -9.33
C TYR D 1016 37.43 66.59 -9.88
N SER D 1017 38.41 67.49 -9.99
CA SER D 1017 39.78 67.15 -10.40
C SER D 1017 40.57 66.38 -9.33
N ALA D 1018 40.45 66.77 -8.06
CA ALA D 1018 41.03 66.03 -6.94
C ALA D 1018 40.45 64.60 -6.84
N VAL D 1019 39.13 64.50 -6.95
CA VAL D 1019 38.38 63.23 -7.03
C VAL D 1019 38.81 62.39 -8.24
N ALA D 1020 39.07 63.01 -9.40
CA ALA D 1020 39.52 62.33 -10.60
C ALA D 1020 40.95 61.75 -10.50
N SER D 1021 41.85 62.40 -9.75
CA SER D 1021 43.17 61.85 -9.43
C SER D 1021 43.06 60.45 -8.78
N VAL D 1022 42.21 60.34 -7.76
CA VAL D 1022 41.94 59.07 -7.07
C VAL D 1022 41.25 58.06 -7.99
N CYS D 1023 40.32 58.49 -8.85
CA CYS D 1023 39.72 57.61 -9.86
C CYS D 1023 40.80 57.02 -10.80
N ASN D 1024 41.71 57.85 -11.30
CA ASN D 1024 42.76 57.39 -12.21
C ASN D 1024 43.72 56.40 -11.52
N ARG D 1025 44.15 56.66 -10.27
CA ARG D 1025 44.96 55.71 -9.49
C ARG D 1025 44.30 54.33 -9.37
N TRP D 1026 43.00 54.29 -9.09
CA TRP D 1026 42.25 53.03 -9.00
C TRP D 1026 42.00 52.37 -10.37
N LEU D 1027 41.97 53.14 -11.47
CA LEU D 1027 41.97 52.60 -12.83
C LEU D 1027 43.34 52.03 -13.23
N ASP D 1028 44.45 52.63 -12.78
CA ASP D 1028 45.80 52.15 -13.06
C ASP D 1028 46.04 50.75 -12.49
N VAL D 1029 45.57 50.49 -11.25
CA VAL D 1029 45.61 49.16 -10.62
C VAL D 1029 44.96 48.07 -11.48
N LEU D 1030 43.85 48.39 -12.17
CA LEU D 1030 43.14 47.45 -13.04
C LEU D 1030 43.73 47.38 -14.45
N ASP D 1031 44.07 48.52 -15.03
CA ASP D 1031 44.65 48.59 -16.38
C ASP D 1031 46.06 47.94 -16.40
N SER D 1032 46.81 48.01 -15.29
CA SER D 1032 48.06 47.27 -15.07
C SER D 1032 47.88 45.80 -14.65
N HIS D 1033 46.62 45.32 -14.71
CA HIS D 1033 46.29 43.92 -14.32
C HIS D 1033 46.73 43.67 -12.87
N GLY D 1034 46.81 44.73 -12.07
CA GLY D 1034 47.14 44.56 -10.65
C GLY D 1034 48.34 43.65 -10.48
N LEU D 1035 49.25 43.65 -11.46
CA LEU D 1035 50.50 42.85 -11.34
C LEU D 1035 51.26 43.37 -10.12
N MET D 1036 50.88 44.55 -9.64
CA MET D 1036 51.56 45.18 -8.49
C MET D 1036 51.02 44.62 -7.18
N LEU D 1037 51.49 45.16 -6.05
CA LEU D 1037 50.97 44.74 -4.72
C LEU D 1037 51.35 43.29 -4.43
N GLU D 1038 50.64 42.66 -3.48
CA GLU D 1038 50.87 41.22 -3.21
C GLU D 1038 49.70 40.40 -3.78
N ASP D 1039 49.95 39.14 -4.11
CA ASP D 1039 48.91 38.27 -4.72
C ASP D 1039 47.70 38.15 -3.79
N GLU D 1040 47.93 37.87 -2.50
CA GLU D 1040 46.81 37.66 -1.55
C GLU D 1040 45.98 38.94 -1.48
N ASP D 1041 46.63 40.10 -1.49
CA ASP D 1041 45.89 41.39 -1.46
C ASP D 1041 45.04 41.53 -2.72
N LEU D 1042 45.66 41.29 -3.88
CA LEU D 1042 44.84 41.32 -5.12
C LEU D 1042 43.61 40.46 -4.85
N VAL D 1043 43.82 39.22 -4.41
CA VAL D 1043 42.70 38.30 -4.09
C VAL D 1043 41.64 39.07 -3.31
N SER D 1044 41.94 39.40 -2.06
CA SER D 1044 40.92 40.08 -1.21
C SER D 1044 40.19 41.19 -1.99
N LEU D 1045 40.92 42.18 -2.51
CA LEU D 1045 40.20 43.31 -3.15
C LEU D 1045 39.27 42.77 -4.23
N ILE D 1046 39.85 42.13 -5.24
CA ILE D 1046 39.03 41.53 -6.33
C ILE D 1046 37.93 40.71 -5.66
N CYS D 1047 38.27 40.04 -4.54
CA CYS D 1047 37.21 39.21 -4.00
C CYS D 1047 35.84 39.94 -3.94
N GLU D 1048 34.78 39.25 -4.39
CA GLU D 1048 33.40 39.56 -4.04
C GLU D 1048 32.89 38.51 -3.04
N ASN D 1049 32.32 38.98 -1.93
CA ASN D 1049 31.69 38.13 -0.92
C ASN D 1049 30.16 38.26 -1.00
N ARG D 1050 29.44 37.14 -0.89
CA ARG D 1050 27.97 37.07 -0.83
C ARG D 1050 27.56 36.00 0.16
N SER D 1051 26.61 36.27 1.05
CA SER D 1051 26.09 35.25 1.97
C SER D 1051 24.80 34.60 1.44
N MET D 1052 24.70 33.27 1.50
CA MET D 1052 23.44 32.55 1.22
C MET D 1052 22.55 32.53 2.47
N SER D 1053 21.26 32.83 2.33
CA SER D 1053 20.36 32.71 3.52
C SER D 1053 20.38 31.28 4.09
N LYS D 1054 19.51 30.38 3.60
CA LYS D 1054 19.46 28.97 4.09
C LYS D 1054 19.92 28.05 2.96
N THR D 1055 21.03 27.33 3.02
CA THR D 1055 21.39 26.50 1.82
C THR D 1055 20.30 25.45 1.49
N LEU D 1056 20.58 24.18 1.81
CA LEU D 1056 19.59 23.09 1.66
C LEU D 1056 18.82 23.08 0.32
N LYS D 1057 17.49 23.00 0.41
CA LYS D 1057 16.64 22.87 -0.81
C LYS D 1057 16.42 24.23 -1.46
N GLU D 1058 16.48 25.32 -0.69
CA GLU D 1058 16.35 26.63 -1.38
C GLU D 1058 17.48 26.59 -2.40
N TYR D 1059 18.50 25.80 -2.08
CA TYR D 1059 19.70 25.76 -2.94
C TYR D 1059 19.63 24.68 -4.01
N GLU D 1060 19.11 23.50 -3.66
CA GLU D 1060 18.88 22.59 -4.81
C GLU D 1060 18.18 23.53 -5.79
N GLY D 1061 17.44 24.52 -5.28
CA GLY D 1061 16.61 25.36 -6.16
C GLY D 1061 17.34 26.21 -7.18
N GLN D 1062 17.35 27.54 -6.97
CA GLN D 1062 17.93 28.46 -7.99
C GLN D 1062 19.42 28.17 -8.20
N LYS D 1063 19.99 28.66 -9.31
CA LYS D 1063 21.43 28.47 -9.61
C LYS D 1063 22.00 29.78 -10.16
N SER D 1064 23.20 30.19 -9.69
CA SER D 1064 23.81 31.47 -10.11
C SER D 1064 25.26 31.54 -9.65
N THR D 1065 25.82 32.75 -9.52
CA THR D 1065 27.26 32.91 -9.14
C THR D 1065 27.54 32.35 -7.74
N SER D 1066 26.92 32.92 -6.70
CA SER D 1066 27.10 32.34 -5.34
C SER D 1066 26.67 30.88 -5.38
N ILE D 1067 25.41 30.62 -5.75
CA ILE D 1067 25.00 29.21 -5.93
C ILE D 1067 26.11 28.40 -6.63
N THR D 1068 26.75 28.97 -7.65
CA THR D 1068 27.89 28.32 -8.31
C THR D 1068 29.10 28.23 -7.38
N THR D 1069 29.43 29.28 -6.63
CA THR D 1069 30.53 29.27 -5.64
C THR D 1069 30.28 28.25 -4.54
N ALA D 1070 29.09 28.19 -3.95
CA ALA D 1070 28.71 27.21 -2.94
C ALA D 1070 28.83 25.78 -3.46
N ARG D 1071 28.28 25.50 -4.65
CA ARG D 1071 28.43 24.20 -5.32
C ARG D 1071 29.91 23.87 -5.62
N ARG D 1072 30.71 24.84 -6.04
CA ARG D 1072 32.15 24.67 -6.29
C ARG D 1072 32.93 24.42 -5.01
N LEU D 1073 32.56 25.05 -3.89
CA LEU D 1073 33.10 24.72 -2.56
C LEU D 1073 32.70 23.30 -2.13
N GLY D 1074 31.46 22.89 -2.35
CA GLY D 1074 31.01 21.52 -2.11
C GLY D 1074 31.77 20.48 -2.92
N ASP D 1075 31.97 20.73 -4.22
CA ASP D 1075 32.77 19.87 -5.12
C ASP D 1075 34.25 19.78 -4.70
N PHE D 1076 34.80 20.82 -4.07
CA PHE D 1076 36.24 21.00 -3.75
C PHE D 1076 36.60 20.54 -2.33
N LEU D 1077 35.84 20.96 -1.32
CA LEU D 1077 36.13 20.74 0.11
C LEU D 1077 35.23 19.69 0.78
N LYS D 1085 22.98 27.05 6.66
CA LYS D 1085 22.57 28.36 6.17
C LYS D 1085 23.59 29.43 6.57
N GLY D 1086 23.75 30.49 5.78
CA GLY D 1086 24.62 31.62 6.09
C GLY D 1086 25.98 31.63 5.39
N LEU D 1087 26.32 30.58 4.66
CA LEU D 1087 27.61 30.39 3.96
C LEU D 1087 28.08 31.66 3.25
N GLN D 1088 29.33 32.06 3.51
CA GLN D 1088 29.99 33.19 2.85
C GLN D 1088 30.69 32.73 1.56
N CYS D 1089 30.04 32.95 0.43
CA CYS D 1089 30.62 32.69 -0.89
C CYS D 1089 31.61 33.81 -1.26
N LYS D 1090 32.88 33.66 -0.88
CA LYS D 1090 34.02 34.47 -1.37
C LYS D 1090 34.45 33.96 -2.76
N TYR D 1091 34.38 34.79 -3.80
CA TYR D 1091 34.75 34.38 -5.18
C TYR D 1091 35.41 35.49 -6.01
N ILE D 1092 36.11 35.07 -7.07
CA ILE D 1092 36.50 35.91 -8.21
C ILE D 1092 35.78 35.47 -9.50
N ILE D 1093 35.78 36.32 -10.52
CA ILE D 1093 35.26 36.00 -11.86
C ILE D 1093 36.42 35.67 -12.80
N SER D 1094 36.37 34.50 -13.44
CA SER D 1094 37.42 34.03 -14.37
C SER D 1094 37.18 34.43 -15.82
N SER D 1095 38.21 34.81 -16.56
CA SER D 1095 38.15 35.16 -17.99
C SER D 1095 37.57 34.03 -18.85
N LYS D 1096 37.98 32.78 -18.58
CA LYS D 1096 37.47 31.57 -19.24
C LYS D 1096 36.33 30.90 -18.43
N PRO D 1097 35.36 30.23 -19.10
CA PRO D 1097 35.21 30.10 -20.55
C PRO D 1097 34.74 31.40 -21.20
N PHE D 1098 35.33 31.79 -22.32
CA PHE D 1098 34.91 32.99 -23.05
C PHE D 1098 33.45 32.87 -23.52
N ASN D 1099 32.73 33.99 -23.54
CA ASN D 1099 31.29 34.09 -23.84
C ASN D 1099 30.35 33.35 -22.86
N ALA D 1100 30.85 32.75 -21.78
CA ALA D 1100 29.99 32.14 -20.76
C ALA D 1100 29.38 33.19 -19.79
N PRO D 1101 28.15 32.96 -19.27
CA PRO D 1101 27.53 33.85 -18.29
C PRO D 1101 28.39 34.01 -17.02
N VAL D 1102 28.40 35.21 -16.44
CA VAL D 1102 29.15 35.53 -15.20
C VAL D 1102 28.88 34.53 -14.07
N THR D 1103 27.66 34.00 -13.98
CA THR D 1103 27.27 32.99 -12.96
C THR D 1103 27.99 31.65 -13.11
N GLU D 1104 28.56 31.33 -14.26
CA GLU D 1104 29.32 30.09 -14.51
C GLU D 1104 30.84 30.31 -14.40
N ARG D 1105 31.26 31.59 -14.37
CA ARG D 1105 32.66 32.03 -14.24
C ARG D 1105 33.07 32.38 -12.79
N ALA D 1106 32.20 32.18 -11.81
CA ALA D 1106 32.48 32.46 -10.39
C ALA D 1106 33.30 31.36 -9.71
N ILE D 1107 34.59 31.61 -9.45
CA ILE D 1107 35.54 30.66 -8.84
C ILE D 1107 35.74 31.00 -7.36
N PRO D 1108 35.58 30.04 -6.41
CA PRO D 1108 35.86 30.28 -5.00
C PRO D 1108 37.34 30.61 -4.76
N VAL D 1109 37.63 31.65 -3.97
CA VAL D 1109 39.02 32.11 -3.75
C VAL D 1109 39.88 31.08 -2.99
N ALA D 1110 39.26 30.24 -2.17
CA ALA D 1110 39.94 29.18 -1.42
C ALA D 1110 40.71 28.17 -2.32
N ILE D 1111 40.43 28.11 -3.62
CA ILE D 1111 41.20 27.26 -4.54
C ILE D 1111 42.64 27.77 -4.76
N PHE D 1112 42.91 29.07 -4.54
CA PHE D 1112 44.23 29.64 -4.81
C PHE D 1112 45.26 29.29 -3.72
N SER D 1113 44.77 29.06 -2.50
CA SER D 1113 45.51 28.57 -1.32
C SER D 1113 45.60 27.03 -1.24
N ALA D 1114 44.98 26.30 -2.17
CA ALA D 1114 44.98 24.84 -2.19
C ALA D 1114 46.21 24.26 -2.92
N ASP D 1115 46.55 22.99 -2.62
CA ASP D 1115 47.65 22.27 -3.26
C ASP D 1115 47.61 22.35 -4.78
N ILE D 1116 48.77 22.54 -5.40
CA ILE D 1116 48.93 22.73 -6.85
C ILE D 1116 48.19 21.68 -7.70
N PRO D 1117 48.18 20.36 -7.38
CA PRO D 1117 47.43 19.37 -8.15
C PRO D 1117 45.91 19.59 -8.09
N ILE D 1118 45.39 19.91 -6.89
CA ILE D 1118 43.96 20.20 -6.64
C ILE D 1118 43.58 21.49 -7.37
N LYS D 1119 44.35 22.57 -7.15
CA LYS D 1119 44.20 23.86 -7.84
C LYS D 1119 44.15 23.68 -9.36
N ARG D 1120 45.10 22.92 -9.93
CA ARG D 1120 45.16 22.64 -11.38
C ARG D 1120 43.94 21.88 -11.88
N SER D 1121 43.51 20.81 -11.21
CA SER D 1121 42.36 20.00 -11.64
C SER D 1121 41.04 20.77 -11.64
N PHE D 1122 40.76 21.54 -10.58
CA PHE D 1122 39.53 22.33 -10.49
C PHE D 1122 39.56 23.56 -11.41
N LEU D 1123 40.68 24.29 -11.51
CA LEU D 1123 40.78 25.41 -12.46
C LEU D 1123 40.58 24.96 -13.91
N ARG D 1124 41.19 23.84 -14.33
CA ARG D 1124 40.95 23.23 -15.67
C ARG D 1124 39.46 22.91 -15.88
N ARG D 1125 38.82 22.27 -14.90
CA ARG D 1125 37.38 21.90 -14.94
C ARG D 1125 36.45 23.13 -14.93
N TRP D 1126 36.81 24.21 -14.25
CA TRP D 1126 35.95 25.40 -14.12
C TRP D 1126 36.11 26.41 -15.25
N THR D 1127 37.30 26.49 -15.86
CA THR D 1127 37.57 27.32 -17.04
C THR D 1127 37.26 26.61 -18.37
N LEU D 1128 36.98 25.30 -18.33
CA LEU D 1128 36.84 24.41 -19.49
C LEU D 1128 38.10 24.41 -20.39
N ASP D 1129 39.27 24.51 -19.77
CA ASP D 1129 40.57 24.47 -20.45
C ASP D 1129 41.41 23.29 -19.92
N PRO D 1130 41.40 22.13 -20.59
CA PRO D 1130 42.21 20.97 -20.18
C PRO D 1130 43.72 21.21 -20.24
N SER D 1131 44.16 22.21 -21.02
CA SER D 1131 45.56 22.59 -21.27
C SER D 1131 46.07 23.69 -20.32
N LEU D 1132 45.28 24.15 -19.36
CA LEU D 1132 45.69 25.20 -18.43
C LEU D 1132 46.88 24.73 -17.56
N GLU D 1133 48.06 25.25 -17.82
CA GLU D 1133 49.29 24.99 -17.05
C GLU D 1133 49.69 26.16 -16.16
N ASP D 1134 49.45 27.38 -16.63
CA ASP D 1134 49.56 28.59 -15.83
C ASP D 1134 48.42 28.65 -14.80
N LEU D 1135 48.80 28.90 -13.55
CA LEU D 1135 47.91 28.93 -12.38
C LEU D 1135 48.07 30.24 -11.58
N ASP D 1136 48.74 31.26 -12.15
CA ASP D 1136 48.74 32.62 -11.61
C ASP D 1136 47.30 33.15 -11.55
N ILE D 1137 46.94 33.80 -10.44
CA ILE D 1137 45.61 34.38 -10.27
C ILE D 1137 45.34 35.47 -11.30
N ARG D 1138 46.37 36.22 -11.74
CA ARG D 1138 46.22 37.33 -12.70
C ARG D 1138 45.78 36.87 -14.09
N THR D 1139 46.21 35.70 -14.56
CA THR D 1139 45.79 35.16 -15.88
C THR D 1139 44.43 34.46 -15.83
N ILE D 1140 43.95 34.08 -14.64
CA ILE D 1140 42.58 33.59 -14.43
C ILE D 1140 41.56 34.72 -14.36
N ILE D 1141 41.86 35.84 -13.68
CA ILE D 1141 40.93 36.96 -13.45
C ILE D 1141 40.38 37.57 -14.76
N ASP D 1142 39.09 37.94 -14.76
CA ASP D 1142 38.44 38.77 -15.80
C ASP D 1142 38.62 40.26 -15.49
N TRP D 1143 39.77 40.83 -15.84
CA TRP D 1143 40.06 42.25 -15.64
C TRP D 1143 39.05 43.17 -16.33
N GLY D 1144 38.50 42.77 -17.48
CA GLY D 1144 37.47 43.52 -18.19
C GLY D 1144 36.20 43.69 -17.36
N TYR D 1145 35.75 42.61 -16.71
CA TYR D 1145 34.61 42.65 -15.79
C TYR D 1145 34.83 43.60 -14.60
N TYR D 1146 36.00 43.51 -13.94
CA TYR D 1146 36.31 44.39 -12.80
C TYR D 1146 36.46 45.85 -13.23
N ARG D 1147 37.04 46.11 -14.41
CA ARG D 1147 37.14 47.42 -15.04
C ARG D 1147 35.78 48.04 -15.37
N GLU D 1148 34.80 47.23 -15.81
CA GLU D 1148 33.42 47.69 -16.01
C GLU D 1148 32.70 47.98 -14.69
N ARG D 1149 32.90 47.15 -13.65
CA ARG D 1149 32.35 47.36 -12.30
C ARG D 1149 32.84 48.68 -11.70
N LEU D 1150 34.14 48.94 -11.74
CA LEU D 1150 34.74 50.20 -11.26
C LEU D 1150 34.32 51.39 -12.13
N GLY D 1151 34.36 51.25 -13.46
CA GLY D 1151 33.89 52.28 -14.39
C GLY D 1151 32.42 52.68 -14.14
N SER D 1152 31.57 51.71 -13.79
CA SER D 1152 30.18 51.97 -13.42
C SER D 1152 30.03 52.66 -12.06
N ALA D 1153 30.95 52.45 -11.11
CA ALA D 1153 30.99 53.24 -9.87
C ALA D 1153 31.44 54.68 -10.14
N ILE D 1154 32.47 54.85 -10.97
CA ILE D 1154 33.00 56.16 -11.41
C ILE D 1154 31.93 56.97 -12.16
N GLN D 1155 31.16 56.34 -13.06
CA GLN D 1155 30.02 56.99 -13.73
C GLN D 1155 28.95 57.46 -12.75
N LYS D 1156 28.52 56.61 -11.81
CA LYS D 1156 27.43 56.92 -10.87
C LYS D 1156 27.81 58.02 -9.87
N ILE D 1157 29.04 58.01 -9.36
CA ILE D 1157 29.47 58.88 -8.24
C ILE D 1157 30.17 60.15 -8.73
N ILE D 1158 30.84 60.13 -9.89
CA ILE D 1158 31.59 61.38 -10.26
C ILE D 1158 31.28 61.82 -11.70
N THR D 1159 31.70 61.06 -12.71
CA THR D 1159 31.52 61.51 -14.11
C THR D 1159 30.14 62.15 -14.25
N ILE D 1160 29.10 61.51 -13.70
CA ILE D 1160 27.71 62.01 -13.84
C ILE D 1160 27.62 63.39 -13.19
N PRO D 1161 27.79 63.53 -11.86
CA PRO D 1161 27.69 64.83 -11.19
C PRO D 1161 28.22 65.99 -12.05
N ALA D 1162 29.51 65.96 -12.40
CA ALA D 1162 30.11 67.09 -13.13
C ALA D 1162 29.48 67.26 -14.53
N ALA D 1163 29.42 66.18 -15.30
CA ALA D 1163 28.83 66.19 -16.65
C ALA D 1163 27.33 66.50 -16.65
N LEU D 1164 26.58 66.10 -15.61
CA LEU D 1164 25.17 66.44 -15.45
C LEU D 1164 24.97 67.93 -15.14
N GLN D 1165 25.87 68.52 -14.34
CA GLN D 1165 25.91 69.96 -14.06
C GLN D 1165 26.53 70.80 -15.20
N GLY D 1166 27.04 70.17 -16.26
CA GLY D 1166 27.58 70.84 -17.44
C GLY D 1166 29.08 71.15 -17.39
N VAL D 1167 29.80 70.64 -16.40
CA VAL D 1167 31.27 70.72 -16.29
C VAL D 1167 31.89 69.57 -17.10
N SER D 1168 33.00 69.85 -17.80
CA SER D 1168 33.64 68.81 -18.65
C SER D 1168 33.93 67.54 -17.83
N ASN D 1169 34.04 66.40 -18.52
CA ASN D 1169 34.22 65.08 -17.86
C ASN D 1169 35.62 64.99 -17.26
N PRO D 1170 35.78 64.85 -15.92
CA PRO D 1170 37.11 64.82 -15.30
C PRO D 1170 37.82 63.46 -15.40
N VAL D 1171 37.08 62.37 -15.58
CA VAL D 1171 37.77 61.07 -15.75
C VAL D 1171 37.57 60.57 -17.20
N PRO D 1172 38.30 61.09 -18.20
CA PRO D 1172 38.10 60.73 -19.60
C PRO D 1172 38.27 59.23 -19.91
N ARG D 1173 39.08 58.50 -19.12
CA ARG D 1173 39.27 57.04 -19.18
C ARG D 1173 38.01 56.21 -18.86
N VAL D 1174 36.93 56.88 -18.44
CA VAL D 1174 35.59 56.30 -18.28
C VAL D 1174 34.60 57.22 -19.01
N GLU D 1175 34.24 56.80 -20.22
CA GLU D 1175 33.37 57.58 -21.09
C GLU D 1175 31.94 57.71 -20.54
N HIS D 1176 31.25 58.78 -20.92
CA HIS D 1176 29.82 58.94 -20.64
C HIS D 1176 28.95 57.99 -21.47
N PRO D 1177 27.77 57.57 -20.98
CA PRO D 1177 26.75 56.88 -21.78
C PRO D 1177 26.32 57.70 -23.00
N ASP D 1178 25.92 57.03 -24.08
CA ASP D 1178 25.59 57.67 -25.37
C ASP D 1178 24.44 58.68 -25.32
N TRP D 1179 23.50 58.51 -24.39
CA TRP D 1179 22.42 59.48 -24.17
C TRP D 1179 22.99 60.78 -23.57
N LEU D 1180 23.95 60.67 -22.64
CA LEU D 1180 24.55 61.82 -21.97
C LEU D 1180 25.51 62.57 -22.91
N LYS D 1181 26.30 61.87 -23.74
CA LYS D 1181 27.07 62.49 -24.83
C LYS D 1181 26.16 63.30 -25.77
N ARG D 1182 25.04 62.71 -26.23
CA ARG D 1182 24.05 63.41 -27.05
C ARG D 1182 23.42 64.60 -26.33
N LYS D 1183 23.14 64.49 -25.02
CA LYS D 1183 22.58 65.56 -24.20
C LYS D 1183 23.55 66.73 -23.99
N ILE D 1184 24.85 66.47 -23.87
CA ILE D 1184 25.89 67.52 -23.78
C ILE D 1184 26.04 68.20 -25.15
N ALA D 1185 26.19 67.45 -26.24
CA ALA D 1185 26.28 68.00 -27.59
C ALA D 1185 25.08 68.89 -27.96
N THR D 1186 23.86 68.45 -27.64
CA THR D 1186 22.64 69.26 -27.82
C THR D 1186 22.51 70.42 -26.83
N LYS D 1187 23.25 70.44 -25.71
CA LYS D 1187 23.28 71.57 -24.77
C LYS D 1187 24.30 72.64 -25.21
N GLU D 1188 25.39 72.26 -25.85
CA GLU D 1188 26.43 73.17 -26.37
C GLU D 1188 26.11 73.75 -27.75
N ASP D 1189 25.31 73.06 -28.57
CA ASP D 1189 24.91 73.57 -29.89
C ASP D 1189 24.18 74.92 -29.77
N PRO E 1 60.38 37.18 40.77
CA PRO E 1 61.56 37.88 40.25
C PRO E 1 61.29 39.37 40.03
N SER E 2 62.36 40.15 39.80
CA SER E 2 62.21 41.58 39.63
C SER E 2 63.45 42.17 38.95
N VAL E 3 63.26 43.25 38.18
CA VAL E 3 64.37 43.88 37.47
C VAL E 3 64.04 45.34 37.13
N ASP E 4 65.04 46.23 37.29
CA ASP E 4 64.92 47.65 37.00
C ASP E 4 64.97 47.99 35.51
N ILE E 5 64.31 49.08 35.15
CA ILE E 5 64.44 49.67 33.81
C ILE E 5 65.60 50.65 33.86
N ASP E 6 66.62 50.46 33.03
CA ASP E 6 67.69 51.45 33.04
C ASP E 6 67.32 52.51 32.02
N ALA E 7 67.10 53.75 32.49
CA ALA E 7 66.74 54.84 31.60
C ALA E 7 67.68 56.03 31.74
N SER E 8 68.84 55.84 32.37
CA SER E 8 69.77 56.93 32.61
C SER E 8 70.39 57.49 31.32
N GLN E 9 70.86 56.60 30.44
CA GLN E 9 71.50 57.04 29.20
C GLN E 9 70.54 57.82 28.30
N TRP E 10 69.33 57.29 28.10
CA TRP E 10 68.37 58.01 27.26
C TRP E 10 68.00 59.34 27.88
N GLN E 11 67.89 59.38 29.21
CA GLN E 11 67.52 60.61 29.91
C GLN E 11 68.61 61.66 29.78
N LYS E 12 69.87 61.26 30.02
CA LYS E 12 70.99 62.18 29.91
C LYS E 12 71.10 62.70 28.47
N LEU E 13 70.93 61.82 27.49
CA LEU E 13 70.98 62.24 26.10
C LEU E 13 69.82 63.18 25.78
N THR E 14 68.64 62.92 26.35
CA THR E 14 67.48 63.79 26.13
C THR E 14 67.67 65.18 26.70
N GLN E 15 68.15 65.28 27.94
CA GLN E 15 68.37 66.60 28.55
C GLN E 15 69.46 67.40 27.84
N SER E 16 70.51 66.73 27.35
CA SER E 16 71.62 67.42 26.73
C SER E 16 71.40 67.75 25.26
N ARG E 17 70.35 67.22 24.64
CA ARG E 17 70.07 67.46 23.23
C ARG E 17 68.74 68.20 23.11
N GLU E 18 68.57 68.88 21.98
CA GLU E 18 67.43 69.76 21.79
C GLU E 18 66.13 68.94 21.67
N LYS E 19 65.01 69.66 21.65
CA LYS E 19 63.70 69.05 21.51
C LYS E 19 63.55 68.42 20.13
N GLN E 20 62.68 67.41 20.04
CA GLN E 20 62.49 66.69 18.79
C GLN E 20 61.82 67.64 17.80
N THR E 21 62.45 67.82 16.65
CA THR E 21 61.97 68.75 15.64
C THR E 21 61.17 68.08 14.53
N THR E 22 61.76 67.11 13.84
CA THR E 22 61.02 66.46 12.78
C THR E 22 60.45 65.13 13.25
N VAL E 23 60.07 64.28 12.30
CA VAL E 23 59.49 62.98 12.62
C VAL E 23 60.55 62.03 13.16
N ILE E 24 61.81 62.22 12.78
CA ILE E 24 62.92 61.42 13.26
C ILE E 24 63.59 62.11 14.45
N THR E 25 63.77 61.37 15.54
CA THR E 25 64.46 61.84 16.73
C THR E 25 65.93 62.06 16.41
N PRO E 26 66.65 62.88 17.21
CA PRO E 26 68.09 63.04 17.01
C PRO E 26 68.91 61.76 17.06
N LEU E 27 68.41 60.69 17.66
CA LEU E 27 69.14 59.43 17.70
C LEU E 27 68.84 58.57 16.48
N GLY E 28 67.95 59.03 15.61
CA GLY E 28 67.69 58.36 14.34
C GLY E 28 66.72 57.20 14.37
N MET E 29 65.48 57.43 14.78
CA MET E 29 64.53 56.35 14.95
C MET E 29 63.26 56.62 14.17
N MET E 30 62.62 55.55 13.71
CA MET E 30 61.32 55.66 13.08
C MET E 30 60.56 54.35 13.24
N MET E 31 59.26 54.45 13.47
CA MET E 31 58.37 53.31 13.43
C MET E 31 57.58 53.34 12.13
N LEU E 32 56.74 52.32 11.94
CA LEU E 32 56.00 52.11 10.71
C LEU E 32 54.91 51.08 10.93
N GLU E 33 53.69 51.35 10.49
CA GLU E 33 52.56 50.45 10.66
C GLU E 33 51.89 50.24 9.30
N ILE E 34 51.65 48.99 8.95
CA ILE E 34 51.05 48.62 7.68
C ILE E 34 49.84 47.72 7.94
N GLN E 35 48.69 48.07 7.36
CA GLN E 35 47.50 47.24 7.45
C GLN E 35 47.63 46.05 6.51
N GLY E 36 48.41 45.06 6.94
CA GLY E 36 48.63 43.89 6.12
C GLY E 36 49.87 43.15 6.56
N GLU E 37 50.22 42.14 5.76
CA GLU E 37 51.38 41.30 6.00
C GLU E 37 52.40 41.58 4.90
N LEU E 38 53.62 41.91 5.30
CA LEU E 38 54.69 42.17 4.35
C LEU E 38 55.27 40.84 3.88
N GLU E 39 54.96 40.44 2.66
CA GLU E 39 55.39 39.14 2.14
C GLU E 39 56.82 39.28 1.62
N LEU E 40 57.76 38.75 2.38
CA LEU E 40 59.18 38.68 2.11
C LEU E 40 59.68 37.25 1.89
N PRO E 41 60.79 37.09 1.15
CA PRO E 41 61.39 35.76 0.95
C PRO E 41 61.77 35.10 2.26
N LYS E 42 61.72 33.77 2.26
CA LYS E 42 62.06 33.03 3.47
C LYS E 42 63.55 32.90 3.67
N ASP E 43 64.35 33.17 2.64
CA ASP E 43 65.80 33.04 2.70
C ASP E 43 66.40 34.32 2.16
N PHE E 44 67.59 34.64 2.59
CA PHE E 44 68.12 35.87 2.01
C PHE E 44 69.54 35.77 1.48
N ALA E 45 70.42 35.01 2.15
CA ALA E 45 71.83 34.97 1.75
C ALA E 45 71.98 34.45 0.33
N SER E 46 71.22 33.42 -0.02
CA SER E 46 71.29 32.85 -1.36
C SER E 46 70.73 33.83 -2.39
N LEU E 47 69.61 34.48 -2.06
CA LEU E 47 68.96 35.37 -3.01
C LEU E 47 69.64 36.73 -3.12
N ALA E 48 70.39 37.16 -2.10
CA ALA E 48 71.08 38.45 -2.19
C ALA E 48 72.21 38.43 -3.21
N ARG E 49 72.78 37.25 -3.45
CA ARG E 49 73.86 37.04 -4.42
C ARG E 49 73.41 36.99 -5.88
N ARG E 50 72.16 36.65 -6.19
CA ARG E 50 71.83 36.62 -7.60
C ARG E 50 71.33 37.95 -8.14
N ASP E 51 71.15 38.96 -7.27
CA ASP E 51 70.69 40.28 -7.68
C ASP E 51 71.79 40.88 -8.54
N SER E 52 71.45 41.35 -9.74
CA SER E 52 72.49 41.95 -10.56
C SER E 52 73.13 43.18 -9.89
N PRO E 53 74.40 43.47 -10.20
CA PRO E 53 75.10 44.64 -9.62
C PRO E 53 74.49 46.02 -9.85
N ASN E 54 73.89 46.26 -11.01
CA ASN E 54 73.29 47.56 -11.30
C ASN E 54 72.11 47.91 -10.40
N GLU E 55 71.28 46.94 -10.04
CA GLU E 55 70.10 47.24 -9.23
C GLU E 55 70.45 47.53 -7.77
N GLY E 56 71.29 46.70 -7.17
CA GLY E 56 71.66 46.82 -5.76
C GLY E 56 70.46 46.82 -4.83
N ARG E 57 69.51 45.94 -5.12
CA ARG E 57 68.20 45.85 -4.49
C ARG E 57 68.30 44.95 -3.26
N PHE E 58 69.36 44.15 -3.22
CA PHE E 58 69.69 43.19 -2.18
C PHE E 58 71.15 43.54 -1.94
N SER E 59 71.45 44.42 -0.99
CA SER E 59 72.86 44.67 -0.75
C SER E 59 73.39 43.92 0.47
N GLU E 60 74.72 43.84 0.54
CA GLU E 60 75.43 43.24 1.67
C GLU E 60 76.13 44.35 2.46
N GLN E 61 75.86 44.43 3.75
CA GLN E 61 76.49 45.41 4.63
C GLN E 61 76.95 44.70 5.89
N ASP E 62 78.27 44.70 6.12
CA ASP E 62 78.97 44.12 7.28
C ASP E 62 78.60 42.66 7.52
N GLY E 63 78.52 41.90 6.43
CA GLY E 63 78.21 40.49 6.55
C GLY E 63 76.74 40.18 6.70
N GLU E 64 75.86 41.17 6.63
CA GLU E 64 74.43 40.96 6.75
C GLU E 64 73.81 41.30 5.42
N THR E 65 72.91 40.45 4.94
CA THR E 65 72.21 40.72 3.69
C THR E 65 70.98 41.57 3.95
N LEU E 66 71.06 42.84 3.60
CA LEU E 66 69.96 43.76 3.77
C LEU E 66 69.21 43.81 2.45
N ILE E 67 67.90 43.88 2.52
CA ILE E 67 67.10 44.06 1.32
C ILE E 67 66.71 45.52 1.24
N ARG E 68 66.88 46.10 0.07
CA ARG E 68 66.43 47.45 -0.18
C ARG E 68 64.98 47.31 -0.59
N PHE E 69 64.07 47.57 0.33
CA PHE E 69 62.70 47.23 0.01
C PHE E 69 61.89 48.44 -0.41
N GLY E 70 62.39 49.65 -0.21
CA GLY E 70 61.63 50.81 -0.63
C GLY E 70 62.40 52.09 -0.40
N SER E 71 61.67 53.18 -0.65
CA SER E 71 62.16 54.54 -0.50
C SER E 71 61.09 55.38 0.16
N LEU E 72 61.48 56.35 0.97
CA LEU E 72 60.51 57.21 1.63
C LEU E 72 60.73 58.67 1.28
N GLN E 73 59.65 59.35 0.90
CA GLN E 73 59.71 60.75 0.54
C GLN E 73 58.67 61.47 1.37
N ILE E 74 59.13 62.39 2.21
CA ILE E 74 58.28 63.12 3.13
C ILE E 74 58.07 64.53 2.60
N ASP E 75 56.80 64.86 2.30
CA ASP E 75 56.39 66.21 1.88
C ASP E 75 55.42 66.77 2.91
N GLY E 76 55.97 67.50 3.88
CA GLY E 76 55.18 68.05 4.96
C GLY E 76 54.55 66.98 5.83
N GLU E 77 53.23 66.99 5.91
CA GLU E 77 52.55 65.91 6.64
C GLU E 77 52.39 64.69 5.76
N ARG E 78 52.32 64.89 4.45
CA ARG E 78 52.14 63.77 3.53
C ARG E 78 53.43 62.97 3.42
N ALA E 79 53.30 61.66 3.24
CA ALA E 79 54.48 60.82 3.09
C ALA E 79 54.19 59.74 2.08
N THR E 80 55.21 59.36 1.29
CA THR E 80 55.04 58.27 0.36
C THR E 80 56.17 57.26 0.45
N LEU E 81 55.78 56.00 0.44
CA LEU E 81 56.72 54.89 0.57
C LEU E 81 56.61 54.09 -0.72
N PHE E 82 57.71 53.96 -1.44
CA PHE E 82 57.76 53.13 -2.62
C PHE E 82 58.33 51.78 -2.25
N VAL E 83 57.63 50.70 -2.59
CA VAL E 83 58.11 49.36 -2.28
C VAL E 83 58.28 48.57 -3.56
N GLY E 84 59.47 47.99 -3.74
CA GLY E 84 59.82 47.20 -4.91
C GLY E 84 59.74 48.02 -6.18
N LYS E 85 59.25 47.35 -7.22
CA LYS E 85 59.03 47.93 -8.53
C LYS E 85 57.56 48.17 -8.76
N LYS E 86 56.69 47.60 -7.93
CA LYS E 86 55.27 47.55 -8.23
C LYS E 86 54.39 48.10 -7.11
N GLN E 87 54.94 48.63 -6.02
CA GLN E 87 54.11 49.10 -4.93
C GLN E 87 54.37 50.57 -4.61
N ARG E 88 53.29 51.31 -4.34
CA ARG E 88 53.35 52.71 -3.89
C ARG E 88 52.37 52.87 -2.73
N LEU E 89 52.82 53.41 -1.60
CA LEU E 89 51.94 53.58 -0.47
C LEU E 89 51.88 55.05 -0.09
N LEU E 90 50.67 55.56 0.09
CA LEU E 90 50.43 56.94 0.52
C LEU E 90 50.07 56.96 1.98
N GLY E 91 50.71 57.82 2.76
CA GLY E 91 50.37 57.86 4.16
C GLY E 91 50.60 59.21 4.79
N LYS E 92 50.58 59.24 6.11
CA LYS E 92 50.68 60.50 6.82
C LYS E 92 51.53 60.35 8.07
N VAL E 93 52.14 61.47 8.45
CA VAL E 93 52.82 61.62 9.73
C VAL E 93 51.82 62.14 10.75
N THR E 94 51.53 61.33 11.76
CA THR E 94 50.56 61.67 12.78
C THR E 94 51.27 61.75 14.12
N LYS E 95 50.89 62.74 14.91
CA LYS E 95 51.44 62.91 16.25
C LYS E 95 50.75 61.92 17.17
N LEU E 96 51.55 61.13 17.89
CA LEU E 96 51.01 60.13 18.79
C LEU E 96 50.28 60.76 19.97
N ASP E 97 49.06 60.29 20.20
CA ASP E 97 48.30 60.66 21.39
C ASP E 97 49.02 60.18 22.65
N VAL E 98 49.52 58.95 22.63
CA VAL E 98 50.32 58.36 23.69
C VAL E 98 51.74 58.15 23.15
N PRO E 99 52.72 58.92 23.63
CA PRO E 99 54.11 58.74 23.19
C PRO E 99 54.61 57.33 23.46
N MET E 100 54.91 56.61 22.39
CA MET E 100 55.37 55.24 22.53
C MET E 100 56.82 55.23 23.00
N GLY E 101 57.20 54.14 23.66
CA GLY E 101 58.57 53.99 24.11
C GLY E 101 59.11 52.61 23.78
N ILE E 102 60.23 52.58 23.09
CA ILE E 102 60.93 51.34 22.83
C ILE E 102 61.96 51.10 23.93
N MET E 103 62.00 49.86 24.42
CA MET E 103 62.94 49.38 25.42
C MET E 103 63.66 48.16 24.89
N HIS E 104 64.42 47.48 25.77
CA HIS E 104 65.32 46.40 25.34
C HIS E 104 65.61 45.52 26.54
N PHE E 105 65.23 44.24 26.47
CA PHE E 105 65.42 43.29 27.57
C PHE E 105 66.71 42.50 27.39
N ASN E 106 67.77 42.88 28.10
CA ASN E 106 69.01 42.11 28.00
C ASN E 106 68.88 40.87 28.86
N SER E 107 68.53 39.74 28.22
CA SER E 107 68.30 38.50 28.96
C SER E 107 69.57 38.02 29.66
N LYS E 108 70.70 38.22 28.99
CA LYS E 108 72.02 37.80 29.46
C LYS E 108 72.36 38.34 30.85
N ASP E 109 72.26 39.65 31.03
CA ASP E 109 72.63 40.26 32.29
C ASP E 109 71.42 40.62 33.14
N ASN E 110 70.22 40.24 32.69
CA ASN E 110 68.94 40.60 33.30
C ASN E 110 68.83 42.10 33.53
N LYS E 111 69.21 42.85 32.50
CA LYS E 111 69.13 44.31 32.50
C LYS E 111 68.11 44.76 31.47
N VAL E 112 67.37 45.81 31.80
CA VAL E 112 66.39 46.38 30.88
C VAL E 112 66.85 47.79 30.56
N GLU E 113 66.88 48.13 29.28
CA GLU E 113 67.33 49.46 28.90
C GLU E 113 66.28 50.18 28.07
N LEU E 114 66.00 51.42 28.45
CA LEU E 114 65.12 52.29 27.67
C LEU E 114 65.84 52.68 26.40
N VAL E 115 65.28 52.36 25.24
CA VAL E 115 66.00 52.72 24.03
C VAL E 115 65.62 54.12 23.59
N ASP E 116 64.32 54.37 23.41
CA ASP E 116 63.90 55.72 23.02
C ASP E 116 62.41 55.89 23.24
N VAL E 117 61.96 57.14 23.09
CA VAL E 117 60.56 57.50 23.19
C VAL E 117 60.12 58.11 21.86
N MET E 118 59.03 57.60 21.30
CA MET E 118 58.47 58.17 20.08
C MET E 118 57.49 59.30 20.39
N LYS E 119 57.21 60.10 19.37
CA LYS E 119 56.09 61.04 19.36
C LYS E 119 55.31 61.05 18.05
N TYR E 120 55.83 60.48 16.96
CA TYR E 120 55.12 60.50 15.68
C TYR E 120 55.09 59.09 15.11
N LYS E 121 54.18 58.88 14.16
CA LYS E 121 54.17 57.63 13.41
C LYS E 121 53.73 57.89 11.98
N VAL E 122 54.27 57.08 11.07
CA VAL E 122 53.94 57.10 9.65
C VAL E 122 52.98 55.97 9.28
N ILE E 123 51.73 56.31 8.98
CA ILE E 123 50.69 55.31 8.79
C ILE E 123 50.27 55.31 7.32
N PHE E 124 49.96 54.12 6.81
CA PHE E 124 49.54 53.88 5.44
C PHE E 124 48.28 53.02 5.51
N LYS E 125 47.12 53.62 5.29
CA LYS E 125 45.84 52.92 5.45
C LYS E 125 45.14 52.53 4.15
N ASP E 126 45.69 52.88 2.99
CA ASP E 126 45.03 52.62 1.72
C ASP E 126 45.74 51.51 0.96
N ARG E 127 44.99 50.83 0.10
CA ARG E 127 45.53 49.70 -0.67
C ARG E 127 46.72 50.16 -1.52
N PRO E 128 47.83 49.44 -1.52
CA PRO E 128 48.99 49.81 -2.35
C PRO E 128 48.71 49.90 -3.85
N LEU E 129 49.33 50.87 -4.48
CA LEU E 129 49.17 51.11 -5.90
C LEU E 129 50.52 50.84 -6.57
N PRO E 130 50.56 50.66 -7.89
CA PRO E 130 51.85 50.71 -8.60
C PRO E 130 52.58 52.04 -8.41
N ILE E 131 53.90 52.00 -8.61
CA ILE E 131 54.79 53.13 -8.30
C ILE E 131 54.59 54.39 -9.14
N MET E 132 53.75 54.37 -10.16
CA MET E 132 53.66 55.50 -11.10
C MET E 132 53.00 56.75 -10.49
N SER F 2 66.18 61.84 0.41
CA SER F 2 65.31 60.78 0.91
C SER F 2 66.10 59.81 1.76
N ILE F 3 65.41 58.94 2.48
CA ILE F 3 66.06 57.91 3.28
C ILE F 3 65.70 56.53 2.73
N ASN F 4 66.72 55.75 2.42
CA ASN F 4 66.56 54.36 1.99
C ASN F 4 66.19 53.43 3.15
N LEU F 5 65.12 52.66 2.98
CA LEU F 5 64.66 51.72 3.99
C LEU F 5 65.08 50.30 3.65
N HIS F 6 65.87 49.70 4.53
CA HIS F 6 66.41 48.35 4.49
C HIS F 6 65.92 47.46 5.61
N SER F 7 66.02 46.15 5.42
CA SER F 7 65.60 45.20 6.45
C SER F 7 66.65 44.11 6.56
N ALA F 8 66.96 43.75 7.80
CA ALA F 8 67.85 42.68 8.20
C ALA F 8 67.13 41.32 8.16
N PRO F 9 67.87 40.23 7.97
CA PRO F 9 67.24 38.90 7.95
C PRO F 9 66.77 38.41 9.31
N GLU F 10 67.23 39.02 10.40
CA GLU F 10 66.90 38.54 11.75
C GLU F 10 66.71 39.74 12.67
N TYR F 11 65.54 39.81 13.30
CA TYR F 11 65.18 40.86 14.22
C TYR F 11 65.51 40.47 15.66
N ASP F 12 65.75 41.47 16.50
CA ASP F 12 65.98 41.22 17.91
C ASP F 12 64.63 41.25 18.63
N PRO F 13 64.17 40.14 19.20
CA PRO F 13 62.85 40.15 19.87
C PRO F 13 62.86 40.78 21.25
N SER F 14 64.01 41.21 21.75
CA SER F 14 64.08 41.87 23.04
C SER F 14 63.41 43.25 23.04
N TYR F 15 63.36 43.90 21.90
CA TYR F 15 62.73 45.21 21.78
C TYR F 15 61.22 45.10 21.78
N LYS F 16 60.57 45.77 22.75
CA LYS F 16 59.12 45.75 22.91
C LYS F 16 58.60 47.17 23.16
N LEU F 17 57.36 47.41 22.75
CA LEU F 17 56.70 48.70 22.87
C LEU F 17 55.80 48.85 24.09
N ILE F 18 56.04 49.88 24.90
CA ILE F 18 55.24 50.16 26.10
C ILE F 18 54.64 51.55 25.97
N GLN F 19 53.33 51.65 26.16
CA GLN F 19 52.65 52.94 26.12
C GLN F 19 53.09 53.85 27.26
N LEU F 20 53.44 55.10 26.97
CA LEU F 20 53.85 56.03 28.02
C LEU F 20 52.83 57.16 28.15
N THR F 21 51.99 57.07 29.18
CA THR F 21 51.07 58.11 29.58
C THR F 21 51.82 59.38 30.00
N PRO F 22 51.14 60.56 29.97
CA PRO F 22 51.77 61.84 30.43
C PRO F 22 52.45 61.74 31.79
N GLU F 23 51.81 61.03 32.72
CA GLU F 23 52.34 60.86 34.06
C GLU F 23 53.61 60.02 34.00
N LEU F 24 53.60 58.97 33.19
CA LEU F 24 54.78 58.14 32.98
C LEU F 24 55.91 58.98 32.41
N LEU F 25 55.58 59.91 31.50
CA LEU F 25 56.59 60.78 30.92
C LEU F 25 57.20 61.67 31.98
N ASP F 26 56.38 62.25 32.86
CA ASP F 26 56.88 63.06 33.97
C ASP F 26 57.81 62.25 34.87
N ILE F 27 57.41 61.01 35.17
CA ILE F 27 58.22 60.10 35.99
C ILE F 27 59.54 59.80 35.29
N ILE F 28 59.45 59.49 34.00
CA ILE F 28 60.60 59.18 33.16
C ILE F 28 61.58 60.34 33.12
N GLN F 29 61.08 61.57 33.03
CA GLN F 29 62.05 62.66 33.00
C GLN F 29 62.39 63.16 34.40
N ASP F 30 62.49 62.30 35.41
CA ASP F 30 62.89 62.74 36.75
C ASP F 30 64.18 62.11 37.22
N PRO F 31 65.32 62.80 37.16
CA PRO F 31 66.59 62.20 37.62
C PRO F 31 66.69 62.02 39.13
N VAL F 32 65.84 62.70 39.90
CA VAL F 32 65.83 62.72 41.36
C VAL F 32 65.59 61.35 42.01
N GLN F 33 64.65 60.56 41.48
CA GLN F 33 64.25 59.25 42.02
C GLN F 33 65.41 58.32 42.37
N ASN F 34 65.21 57.56 43.46
CA ASN F 34 66.15 56.55 43.90
C ASN F 34 66.07 55.43 42.88
N HIS F 35 64.91 54.82 42.81
CA HIS F 35 64.62 53.77 41.85
C HIS F 35 63.73 54.42 40.81
N GLN F 36 64.07 54.27 39.53
CA GLN F 36 63.22 54.89 38.53
C GLN F 36 62.01 54.02 38.23
N LEU F 37 62.24 52.84 37.66
CA LEU F 37 61.17 51.91 37.34
C LEU F 37 61.69 50.49 37.41
N ARG F 38 60.80 49.59 37.79
CA ARG F 38 61.18 48.20 38.01
C ARG F 38 60.02 47.29 37.62
N PHE F 39 60.32 46.25 36.84
CA PHE F 39 59.33 45.24 36.54
C PHE F 39 59.35 44.24 37.68
N LYS F 40 58.17 43.94 38.21
CA LYS F 40 58.03 43.04 39.34
C LYS F 40 56.95 41.98 39.09
N SER F 41 57.20 40.80 39.64
CA SER F 41 56.24 39.71 39.57
C SER F 41 56.46 38.81 40.76
N LEU F 42 55.37 38.19 41.23
CA LEU F 42 55.46 37.29 42.38
C LEU F 42 56.19 36.02 42.02
N ASP F 43 55.94 35.51 40.82
CA ASP F 43 56.57 34.29 40.34
C ASP F 43 56.80 34.43 38.84
N LYS F 44 57.34 33.38 38.25
CA LYS F 44 57.76 33.45 36.87
C LYS F 44 56.68 32.95 35.91
N ASP F 45 55.84 32.02 36.33
CA ASP F 45 54.94 31.34 35.41
C ASP F 45 53.48 31.68 35.58
N LYS F 46 53.06 32.20 36.73
CA LYS F 46 51.63 32.34 37.02
C LYS F 46 51.20 33.79 37.22
N SER F 47 51.87 34.51 38.10
CA SER F 47 51.40 35.82 38.54
C SER F 47 51.56 36.89 37.46
N GLU F 48 50.80 37.95 37.62
CA GLU F 48 50.80 39.11 36.74
C GLU F 48 52.12 39.85 36.89
N VAL F 49 52.47 40.63 35.87
CA VAL F 49 53.64 41.49 35.92
C VAL F 49 53.22 42.93 36.08
N VAL F 50 53.85 43.63 37.02
CA VAL F 50 53.58 45.02 37.27
C VAL F 50 54.83 45.85 36.99
N LEU F 51 54.58 47.11 36.71
CA LEU F 51 55.57 48.15 36.52
C LEU F 51 55.48 49.13 37.69
N CYS F 52 56.58 49.36 38.37
CA CYS F 52 56.53 50.19 39.56
C CYS F 52 57.50 51.36 39.43
N SER F 53 57.01 52.53 39.80
CA SER F 53 57.86 53.68 40.05
C SER F 53 58.27 53.70 41.53
N HIS F 54 58.74 54.85 42.03
CA HIS F 54 59.18 54.90 43.40
C HIS F 54 57.99 54.98 44.36
N ASP F 55 56.83 55.31 43.86
CA ASP F 55 55.69 55.51 44.74
C ASP F 55 54.37 55.07 44.14
N LYS F 56 54.35 54.49 42.95
CA LYS F 56 53.10 54.07 42.34
C LYS F 56 53.32 52.77 41.59
N THR F 57 52.23 52.03 41.35
CA THR F 57 52.26 50.73 40.69
C THR F 57 51.21 50.64 39.60
N TRP F 58 51.60 50.11 38.45
CA TRP F 58 50.76 49.85 37.30
C TRP F 58 50.83 48.38 36.95
N VAL F 59 49.73 47.80 36.52
CA VAL F 59 49.75 46.42 36.05
C VAL F 59 49.87 46.50 34.54
N LEU F 60 50.66 45.60 33.98
CA LEU F 60 50.89 45.57 32.54
C LEU F 60 49.93 44.63 31.84
N LYS F 61 49.45 45.07 30.69
CA LYS F 61 48.58 44.26 29.83
C LYS F 61 49.07 44.41 28.41
N GLN F 62 49.37 43.30 27.78
CA GLN F 62 49.82 43.28 26.40
C GLN F 62 48.61 43.27 25.50
N ARG F 63 48.69 44.02 24.42
CA ARG F 63 47.59 44.14 23.49
C ARG F 63 48.17 43.92 22.11
N LYS F 64 47.76 42.80 21.53
CA LYS F 64 48.16 42.37 20.21
C LYS F 64 47.36 43.15 19.18
N HIS F 65 47.97 43.35 18.03
CA HIS F 65 47.31 44.00 16.92
C HIS F 65 47.57 43.15 15.68
N SER F 66 46.79 43.39 14.64
CA SER F 66 46.87 42.55 13.46
C SER F 66 47.75 43.14 12.38
N ASN F 67 48.45 44.23 12.68
CA ASN F 67 49.28 44.88 11.69
C ASN F 67 50.74 44.46 11.80
N THR F 68 51.47 44.76 10.74
CA THR F 68 52.92 44.61 10.70
C THR F 68 53.49 45.95 11.12
N VAL F 69 54.16 45.98 12.27
CA VAL F 69 54.77 47.20 12.76
C VAL F 69 56.28 47.05 12.77
N LEU F 70 56.95 47.85 11.96
CA LEU F 70 58.40 47.84 11.80
C LEU F 70 59.02 49.10 12.38
N LEU F 71 59.92 48.94 13.34
CA LEU F 71 60.74 50.03 13.83
C LEU F 71 62.04 50.12 13.03
N MET F 72 62.36 51.31 12.55
CA MET F 72 63.58 51.55 11.80
C MET F 72 64.52 52.42 12.62
N ARG F 73 65.79 52.02 12.67
CA ARG F 73 66.83 52.88 13.22
C ARG F 73 67.74 53.36 12.10
N GLU F 74 68.26 54.57 12.26
CA GLU F 74 69.16 55.15 11.29
C GLU F 74 70.50 54.44 11.36
N PHE F 75 71.10 54.19 10.19
CA PHE F 75 72.42 53.61 10.20
C PHE F 75 73.27 54.26 9.13
N VAL F 76 74.57 54.22 9.37
CA VAL F 76 75.59 54.70 8.45
C VAL F 76 76.18 53.50 7.72
N PRO F 77 75.91 53.33 6.42
CA PRO F 77 76.44 52.16 5.69
C PRO F 77 77.96 52.16 5.74
N GLU F 78 78.51 51.00 6.09
CA GLU F 78 79.96 50.80 6.21
C GLU F 78 80.69 51.05 4.90
N GLN F 79 80.10 50.68 3.79
CA GLN F 79 80.75 51.03 2.54
C GLN F 79 79.77 51.83 1.70
N PRO F 80 80.26 52.81 0.91
CA PRO F 80 79.35 53.59 0.06
C PRO F 80 78.56 52.66 -0.85
N ILE F 81 77.25 52.84 -0.88
CA ILE F 81 76.36 52.03 -1.69
C ILE F 81 75.46 52.92 -2.53
N THR F 82 75.40 52.61 -3.81
CA THR F 82 74.64 53.38 -4.78
C THR F 82 73.55 52.45 -5.27
N PHE F 83 72.33 52.95 -5.27
CA PHE F 83 71.17 52.23 -5.77
C PHE F 83 70.73 52.76 -7.13
N ASP F 84 70.23 51.84 -7.96
CA ASP F 84 69.71 52.23 -9.26
C ASP F 84 68.40 52.98 -9.10
N GLU F 85 68.11 53.84 -10.07
CA GLU F 85 66.84 54.54 -10.08
C GLU F 85 65.84 53.72 -10.89
N THR F 86 64.68 53.49 -10.30
CA THR F 86 63.60 52.73 -10.88
C THR F 86 62.60 53.81 -11.28
N LEU F 87 61.44 53.46 -11.84
CA LEU F 87 60.47 54.49 -12.21
C LEU F 87 59.79 55.11 -10.96
N LEU F 88 60.60 55.67 -10.07
CA LEU F 88 60.14 56.26 -8.81
C LEU F 88 60.18 57.78 -8.93
N PHE F 89 59.10 58.43 -8.54
CA PHE F 89 58.92 59.86 -8.74
C PHE F 89 58.90 60.60 -7.41
N GLY F 90 59.63 61.70 -7.34
CA GLY F 90 59.68 62.48 -6.12
C GLY F 90 60.68 61.82 -5.22
N LEU F 91 61.95 61.88 -5.61
CA LEU F 91 63.05 61.27 -4.90
C LEU F 91 64.16 62.29 -4.74
N SER F 92 64.44 62.68 -3.49
CA SER F 92 65.54 63.58 -3.21
C SER F 92 66.80 62.75 -3.02
N LYS F 93 67.95 63.43 -3.00
CA LYS F 93 69.23 62.78 -2.81
C LYS F 93 69.26 62.04 -1.48
N PRO F 94 69.78 60.81 -1.43
CA PRO F 94 69.92 60.13 -0.14
C PRO F 94 70.93 60.83 0.75
N TYR F 95 70.53 61.04 1.99
CA TYR F 95 71.33 61.70 3.00
C TYR F 95 71.55 60.88 4.26
N MET F 96 70.60 60.02 4.65
CA MET F 96 70.85 59.01 5.66
C MET F 96 70.11 57.74 5.29
N ASP F 97 70.30 56.70 6.11
CA ASP F 97 69.84 55.35 5.81
C ASP F 97 69.22 54.78 7.08
N VAL F 98 68.01 54.20 6.99
CA VAL F 98 67.42 53.52 8.13
C VAL F 98 67.12 52.07 7.78
N VAL F 99 67.22 51.21 8.79
CA VAL F 99 66.96 49.79 8.66
C VAL F 99 65.87 49.34 9.65
N GLY F 100 64.86 48.61 9.15
CA GLY F 100 63.88 48.05 10.06
C GLY F 100 64.57 46.95 10.85
N PHE F 101 64.77 47.17 12.14
CA PHE F 101 65.44 46.19 12.98
C PHE F 101 64.52 45.34 13.86
N ALA F 102 63.28 45.74 14.04
CA ALA F 102 62.33 44.98 14.84
C ALA F 102 60.95 44.96 14.22
N LYS F 103 60.23 43.88 14.49
CA LYS F 103 58.84 43.72 14.06
C LYS F 103 57.99 43.32 15.26
N THR F 104 57.28 44.30 15.80
CA THR F 104 56.48 44.16 17.01
C THR F 104 55.01 43.97 16.68
N GLU F 105 54.37 43.09 17.43
CA GLU F 105 52.96 42.81 17.26
C GLU F 105 52.12 43.25 18.44
N SER F 106 52.70 43.89 19.46
CA SER F 106 51.90 44.24 20.62
C SER F 106 52.46 45.44 21.35
N GLU F 107 51.60 46.01 22.20
CA GLU F 107 51.95 47.12 23.07
C GLU F 107 51.70 46.71 24.52
N PHE F 108 52.40 47.36 25.43
CA PHE F 108 52.20 47.15 26.86
C PHE F 108 51.49 48.32 27.55
N GLU F 109 50.20 48.15 27.80
CA GLU F 109 49.37 49.16 28.46
C GLU F 109 49.55 49.06 29.97
N THR F 110 49.54 50.21 30.64
CA THR F 110 49.69 50.28 32.09
C THR F 110 48.41 50.79 32.75
N ARG F 111 47.87 50.00 33.68
CA ARG F 111 46.66 50.40 34.41
C ARG F 111 46.97 50.45 35.89
N GLU F 112 46.69 51.60 36.52
CA GLU F 112 46.89 51.77 37.97
C GLU F 112 46.12 50.77 38.83
N THR F 113 46.81 50.14 39.79
CA THR F 113 46.25 49.10 40.64
C THR F 113 46.88 49.24 42.02
N HIS F 114 46.21 48.71 43.04
CA HIS F 114 46.72 48.76 44.41
C HIS F 114 47.81 47.72 44.61
N GLY F 115 49.01 48.19 44.90
CA GLY F 115 50.11 47.29 45.20
C GLY F 115 49.88 46.52 46.48
N MET F 323 34.02 33.80 48.87
CA MET F 323 34.29 34.61 47.70
C MET F 323 33.27 34.44 46.61
N ASP F 324 32.44 33.40 46.67
CA ASP F 324 31.33 33.36 45.73
C ASP F 324 30.25 34.32 46.19
N PRO F 325 29.80 35.25 45.31
CA PRO F 325 28.80 36.27 45.69
C PRO F 325 27.51 35.74 46.29
N LYS F 326 26.85 34.84 45.56
CA LYS F 326 25.57 34.28 45.99
C LYS F 326 25.69 33.53 47.32
N GLU F 327 26.77 32.77 47.50
CA GLU F 327 26.97 32.04 48.76
C GLU F 327 27.18 32.98 49.93
N ARG F 328 28.02 33.99 49.74
CA ARG F 328 28.30 34.95 50.80
C ARG F 328 27.03 35.71 51.17
N PHE F 329 26.23 36.12 50.18
CA PHE F 329 24.96 36.77 50.47
C PHE F 329 24.02 35.82 51.19
N LYS F 330 24.03 34.53 50.82
CA LYS F 330 23.19 33.53 51.47
C LYS F 330 23.53 33.42 52.96
N VAL F 331 24.82 33.37 53.27
CA VAL F 331 25.27 33.21 54.65
C VAL F 331 25.02 34.50 55.42
N LEU F 332 25.14 35.65 54.75
CA LEU F 332 24.84 36.93 55.37
C LEU F 332 23.37 37.03 55.73
N PHE F 333 22.49 36.57 54.84
CA PHE F 333 21.07 36.58 55.12
C PHE F 333 20.70 35.54 56.15
N ARG F 334 21.51 34.50 56.27
CA ARG F 334 21.30 33.51 57.30
C ARG F 334 21.62 34.09 58.66
N LEU F 335 22.48 33.91 59.79
CA LEU F 335 22.76 34.57 61.06
C LEU F 335 21.72 35.64 61.36
N GLN F 336 21.26 36.38 60.34
CA GLN F 336 20.29 37.46 60.54
C GLN F 336 19.35 37.56 59.35
N SER F 337 18.06 37.30 59.56
CA SER F 337 17.10 37.33 58.47
C SER F 337 17.01 38.75 57.87
N GLN F 338 16.95 39.75 58.73
CA GLN F 338 16.82 41.16 58.37
C GLN F 338 18.04 41.91 58.91
N TRP F 339 18.77 42.60 58.02
CA TRP F 339 19.99 43.33 58.38
C TRP F 339 19.81 44.83 58.29
N ASP F 340 20.65 45.56 59.05
CA ASP F 340 20.64 47.06 58.95
C ASP F 340 21.30 47.51 57.64
N LEU F 341 22.05 48.63 57.70
CA LEU F 341 22.75 49.19 56.51
C LEU F 341 24.23 49.42 56.85
N GLU F 342 24.57 50.56 57.43
CA GLU F 342 25.95 50.72 57.89
C GLU F 342 26.49 49.45 58.50
N ASP F 343 25.60 48.51 58.83
CA ASP F 343 26.01 47.24 59.40
C ASP F 343 26.38 46.28 58.29
N ILE F 344 25.71 46.39 57.15
CA ILE F 344 25.93 45.43 56.08
C ILE F 344 26.99 45.91 55.10
N LYS F 345 27.27 47.23 55.04
CA LYS F 345 28.26 47.76 54.09
C LYS F 345 29.65 47.14 54.26
N PRO F 346 30.30 47.11 55.44
CA PRO F 346 31.66 46.54 55.51
C PRO F 346 31.69 45.04 55.26
N LEU F 347 30.54 44.39 55.31
CA LEU F 347 30.34 42.98 55.08
C LEU F 347 30.30 42.62 53.59
N ILE F 348 30.05 43.58 52.71
CA ILE F 348 29.90 43.30 51.29
C ILE F 348 30.99 43.95 50.47
N GLU F 349 31.91 44.68 51.09
CA GLU F 349 32.99 45.40 50.42
C GLU F 349 33.84 44.45 49.58
N GLU F 350 34.04 43.24 50.10
CA GLU F 350 34.88 42.19 49.56
C GLU F 350 34.37 41.56 48.26
N LEU F 351 33.11 41.75 47.87
CA LEU F 351 32.69 41.02 46.68
C LEU F 351 32.95 41.67 45.33
N ASN F 352 32.74 42.96 45.13
CA ASN F 352 33.06 43.44 43.80
C ASN F 352 33.67 44.83 43.82
N SER F 353 34.95 44.64 43.40
CA SER F 353 35.65 45.90 43.25
C SER F 353 35.10 46.77 42.12
N ARG F 354 33.87 46.56 41.64
CA ARG F 354 33.41 47.29 40.46
C ARG F 354 33.06 48.74 40.75
N GLY F 355 33.10 49.10 42.24
CA GLY F 355 32.88 50.49 42.54
C GLY F 355 31.45 50.94 42.35
N MET F 356 30.76 50.17 42.97
CA MET F 356 29.37 50.43 42.63
C MET F 356 28.64 51.05 43.82
N LYS F 357 27.38 51.41 43.57
CA LYS F 357 26.46 51.69 44.65
C LYS F 357 26.28 50.44 45.51
N ILE F 358 26.40 50.63 46.83
CA ILE F 358 26.40 49.55 47.83
C ILE F 358 25.12 48.74 47.73
N ASP F 359 24.03 49.40 47.36
CA ASP F 359 22.74 48.73 47.19
C ASP F 359 22.80 47.72 46.05
N SER F 360 23.48 48.08 44.95
CA SER F 360 23.66 47.16 43.84
C SER F 360 24.51 45.97 44.26
N PHE F 361 25.53 46.21 45.08
CA PHE F 361 26.36 45.14 45.62
C PHE F 361 25.51 44.14 46.39
N ILE F 362 24.59 44.65 47.22
CA ILE F 362 23.67 43.81 47.97
C ILE F 362 22.70 43.08 47.02
N MET F 363 22.21 43.80 46.01
CA MET F 363 21.16 43.22 45.11
C MET F 363 21.75 42.15 44.20
N LYS F 364 23.03 41.83 44.37
CA LYS F 364 23.64 40.74 43.57
C LYS F 364 23.05 39.42 44.03
N TYR F 365 22.42 39.43 45.22
CA TYR F 365 21.80 38.18 45.74
C TYR F 365 20.70 38.55 46.76
N ALA F 366 21.06 39.24 47.84
CA ALA F 366 20.01 39.63 48.75
C ALA F 366 19.27 40.86 48.24
N ARG F 367 18.14 41.16 48.88
CA ARG F 367 17.34 42.30 48.43
C ARG F 367 16.92 43.19 49.59
N ARG F 368 16.82 44.48 49.29
CA ARG F 368 16.42 45.55 50.19
C ARG F 368 14.90 45.65 50.27
N LYS F 369 14.43 46.20 51.38
CA LYS F 369 13.02 46.42 51.59
C LYS F 369 12.95 47.52 52.61
N ARG F 370 12.23 48.59 52.28
CA ARG F 370 12.15 49.71 53.20
C ARG F 370 10.85 49.70 54.00
N LEU F 371 10.82 50.63 54.94
CA LEU F 371 9.73 50.91 55.86
C LEU F 371 9.83 52.41 56.15
N GLY F 372 9.29 52.84 57.29
CA GLY F 372 9.30 54.26 57.66
C GLY F 372 10.67 54.94 57.55
N LYS F 373 11.61 54.55 58.41
CA LYS F 373 12.93 55.16 58.29
C LYS F 373 14.00 54.11 57.97
N LYS F 374 13.83 52.89 58.49
CA LYS F 374 14.83 51.87 58.28
C LYS F 374 14.59 51.11 56.97
N THR F 375 15.69 50.66 56.38
CA THR F 375 15.72 49.81 55.20
C THR F 375 16.41 48.51 55.59
N VAL F 376 15.71 47.38 55.51
CA VAL F 376 16.39 46.18 55.93
C VAL F 376 16.65 45.33 54.70
N VAL F 377 17.42 44.26 54.91
CA VAL F 377 17.79 43.44 53.78
C VAL F 377 17.36 42.01 54.04
N THR F 378 16.61 41.43 53.09
CA THR F 378 16.03 40.08 53.31
C THR F 378 16.39 39.10 52.19
N SER F 379 15.66 39.09 51.06
CA SER F 379 15.96 38.04 50.05
C SER F 379 15.62 38.47 48.61
N THR G 1 -30.26 -64.60 -33.39
CA THR G 1 -30.64 -63.24 -33.77
C THR G 1 -29.53 -62.58 -34.59
N LEU G 2 -29.94 -61.85 -35.64
CA LEU G 2 -29.00 -61.16 -36.52
C LEU G 2 -29.21 -59.66 -36.58
N SER G 3 -30.46 -59.18 -36.61
CA SER G 3 -30.75 -57.77 -36.69
C SER G 3 -32.07 -57.48 -36.00
N LEU G 4 -32.27 -56.21 -35.65
CA LEU G 4 -33.49 -55.75 -34.98
C LEU G 4 -34.33 -54.91 -35.92
N GLN G 5 -35.55 -54.63 -35.49
CA GLN G 5 -36.47 -53.78 -36.22
C GLN G 5 -36.51 -52.38 -35.61
N LEU G 6 -36.94 -51.42 -36.42
CA LEU G 6 -36.99 -50.04 -35.96
C LEU G 6 -38.10 -49.88 -34.91
N PRO G 7 -37.85 -49.16 -33.83
CA PRO G 7 -38.91 -48.93 -32.84
C PRO G 7 -40.04 -48.09 -33.42
N TRP G 8 -41.20 -48.20 -32.78
CA TRP G 8 -42.38 -47.50 -33.26
C TRP G 8 -42.29 -45.99 -33.09
N VAL G 9 -41.44 -45.51 -32.18
CA VAL G 9 -41.23 -44.07 -32.04
C VAL G 9 -40.47 -43.53 -33.24
N GLU G 10 -39.52 -44.30 -33.76
CA GLU G 10 -38.73 -43.86 -34.90
C GLU G 10 -39.40 -44.24 -36.22
N LYS G 11 -39.98 -45.43 -36.29
CA LYS G 11 -40.65 -45.86 -37.51
C LYS G 11 -41.85 -44.97 -37.82
N TYR G 12 -42.73 -44.75 -36.83
CA TYR G 12 -43.90 -43.91 -36.99
C TYR G 12 -43.65 -42.46 -36.57
N ARG G 13 -42.40 -42.02 -36.62
CA ARG G 13 -42.09 -40.62 -36.37
C ARG G 13 -42.73 -39.75 -37.44
N PRO G 14 -43.52 -38.74 -37.07
CA PRO G 14 -44.22 -37.95 -38.08
C PRO G 14 -43.26 -37.26 -39.04
N GLN G 15 -43.60 -37.31 -40.33
CA GLN G 15 -42.83 -36.63 -41.36
C GLN G 15 -43.59 -35.47 -42.00
N VAL G 16 -44.86 -35.29 -41.66
CA VAL G 16 -45.67 -34.17 -42.13
C VAL G 16 -46.32 -33.51 -40.93
N LEU G 17 -46.45 -32.18 -40.99
CA LEU G 17 -47.00 -31.43 -39.86
C LEU G 17 -48.44 -31.79 -39.54
N SER G 18 -49.15 -32.48 -40.44
CA SER G 18 -50.53 -32.87 -40.15
C SER G 18 -50.56 -34.07 -39.22
N ASP G 19 -49.56 -34.94 -39.29
CA ASP G 19 -49.50 -36.13 -38.44
C ASP G 19 -49.21 -35.81 -36.99
N ILE G 20 -48.84 -34.57 -36.67
CA ILE G 20 -48.54 -34.20 -35.29
C ILE G 20 -49.85 -33.91 -34.55
N VAL G 21 -50.04 -34.58 -33.42
CA VAL G 21 -51.27 -34.43 -32.64
C VAL G 21 -50.97 -33.55 -31.42
N GLY G 22 -49.95 -32.72 -31.52
CA GLY G 22 -49.56 -31.82 -30.45
C GLY G 22 -50.50 -30.64 -30.31
N ASN G 23 -49.95 -29.53 -29.83
CA ASN G 23 -50.72 -28.30 -29.68
C ASN G 23 -51.22 -27.81 -31.04
N LYS G 24 -52.55 -27.72 -31.19
CA LYS G 24 -53.13 -27.44 -32.50
C LYS G 24 -52.76 -26.05 -32.99
N GLU G 25 -52.72 -25.06 -32.09
CA GLU G 25 -52.47 -23.68 -32.50
C GLU G 25 -51.10 -23.53 -33.15
N THR G 26 -50.04 -23.96 -32.43
CA THR G 26 -48.69 -23.83 -32.96
C THR G 26 -48.49 -24.72 -34.19
N ILE G 27 -49.18 -25.86 -34.24
CA ILE G 27 -49.06 -26.75 -35.40
C ILE G 27 -49.62 -26.09 -36.64
N ASP G 28 -50.82 -25.51 -36.54
CA ASP G 28 -51.38 -24.80 -37.69
C ASP G 28 -50.55 -23.56 -38.04
N ARG G 29 -49.97 -22.91 -37.02
CA ARG G 29 -49.09 -21.78 -37.27
C ARG G 29 -47.90 -22.19 -38.13
N LEU G 30 -47.22 -23.28 -37.73
CA LEU G 30 -46.07 -23.75 -38.49
C LEU G 30 -46.47 -24.27 -39.86
N GLN G 31 -47.66 -24.87 -39.96
CA GLN G 31 -48.15 -25.33 -41.26
C GLN G 31 -48.37 -24.16 -42.21
N GLN G 32 -49.02 -23.10 -41.75
CA GLN G 32 -49.20 -21.91 -42.57
C GLN G 32 -47.88 -21.23 -42.89
N ILE G 33 -46.91 -21.29 -41.96
CA ILE G 33 -45.59 -20.73 -42.23
C ILE G 33 -44.90 -21.50 -43.35
N ALA G 34 -44.96 -22.83 -43.29
CA ALA G 34 -44.35 -23.65 -44.34
C ALA G 34 -45.08 -23.49 -45.66
N LYS G 35 -46.40 -23.23 -45.62
CA LYS G 35 -47.15 -23.00 -46.85
C LYS G 35 -46.79 -21.66 -47.49
N ASP G 36 -46.69 -20.60 -46.69
CA ASP G 36 -46.40 -19.28 -47.22
C ASP G 36 -44.92 -18.97 -47.29
N GLY G 37 -44.11 -19.52 -46.37
CA GLY G 37 -42.70 -19.22 -46.33
C GLY G 37 -42.38 -18.15 -45.30
N ASN G 38 -41.22 -17.54 -45.48
CA ASN G 38 -40.73 -16.46 -44.59
C ASN G 38 -40.70 -16.94 -43.15
N MET G 39 -40.03 -18.06 -42.92
CA MET G 39 -39.93 -18.60 -41.57
C MET G 39 -39.03 -17.71 -40.72
N PRO G 40 -39.51 -17.23 -39.58
CA PRO G 40 -38.69 -16.40 -38.71
C PRO G 40 -37.89 -17.24 -37.71
N HIS G 41 -36.97 -16.58 -37.03
CA HIS G 41 -36.24 -17.22 -35.93
C HIS G 41 -37.23 -17.64 -34.86
N MET G 42 -37.05 -18.85 -34.33
CA MET G 42 -38.01 -19.39 -33.38
C MET G 42 -37.29 -20.16 -32.28
N ILE G 43 -37.93 -20.22 -31.12
CA ILE G 43 -37.46 -21.00 -29.98
C ILE G 43 -38.66 -21.81 -29.47
N ILE G 44 -38.57 -23.13 -29.57
CA ILE G 44 -39.63 -24.04 -29.14
C ILE G 44 -39.22 -24.65 -27.81
N SER G 45 -40.02 -24.39 -26.77
CA SER G 45 -39.74 -24.89 -25.44
C SER G 45 -40.90 -25.76 -24.97
N GLY G 46 -40.60 -26.61 -23.99
CA GLY G 46 -41.63 -27.50 -23.45
C GLY G 46 -41.01 -28.59 -22.58
N MET G 47 -41.67 -29.73 -22.58
CA MET G 47 -41.25 -30.90 -21.82
C MET G 47 -40.83 -32.02 -22.77
N PRO G 48 -40.02 -32.97 -22.28
CA PRO G 48 -39.55 -34.04 -23.15
C PRO G 48 -40.69 -34.91 -23.68
N GLY G 49 -40.60 -35.26 -24.96
CA GLY G 49 -41.56 -36.17 -25.55
C GLY G 49 -42.93 -35.60 -25.81
N ILE G 50 -43.00 -34.43 -26.45
CA ILE G 50 -44.27 -33.84 -26.85
C ILE G 50 -44.29 -33.40 -28.31
N GLY G 51 -43.22 -33.61 -29.06
CA GLY G 51 -43.20 -33.24 -30.47
C GLY G 51 -42.57 -31.89 -30.75
N LYS G 52 -41.38 -31.66 -30.20
CA LYS G 52 -40.66 -30.42 -30.47
C LYS G 52 -39.63 -30.60 -31.58
N THR G 53 -38.78 -31.63 -31.46
CA THR G 53 -37.79 -31.90 -32.49
C THR G 53 -38.45 -32.36 -33.79
N THR G 54 -39.47 -33.22 -33.67
CA THR G 54 -40.19 -33.67 -34.85
C THR G 54 -40.90 -32.50 -35.54
N SER G 55 -41.42 -31.55 -34.76
CA SER G 55 -42.12 -30.40 -35.34
C SER G 55 -41.18 -29.56 -36.18
N VAL G 56 -40.01 -29.21 -35.64
CA VAL G 56 -39.07 -28.38 -36.39
C VAL G 56 -38.48 -29.16 -37.56
N HIS G 57 -38.27 -30.47 -37.40
CA HIS G 57 -37.80 -31.28 -38.52
C HIS G 57 -38.81 -31.29 -39.66
N CYS G 58 -40.09 -31.49 -39.34
CA CYS G 58 -41.14 -31.48 -40.35
C CYS G 58 -41.24 -30.11 -41.02
N LEU G 59 -41.14 -29.04 -40.22
CA LEU G 59 -41.19 -27.69 -40.77
C LEU G 59 -40.05 -27.45 -41.76
N ALA G 60 -38.83 -27.81 -41.35
CA ALA G 60 -37.68 -27.61 -42.23
C ALA G 60 -37.80 -28.44 -43.50
N HIS G 61 -38.22 -29.71 -43.36
CA HIS G 61 -38.37 -30.57 -44.53
C HIS G 61 -39.40 -30.00 -45.50
N GLU G 62 -40.59 -29.64 -45.00
CA GLU G 62 -41.64 -29.13 -45.87
C GLU G 62 -41.24 -27.79 -46.48
N LEU G 63 -40.45 -26.99 -45.76
CA LEU G 63 -40.08 -25.68 -46.27
C LEU G 63 -38.95 -25.75 -47.28
N LEU G 64 -38.06 -26.73 -47.19
CA LEU G 64 -36.92 -26.81 -48.08
C LEU G 64 -37.07 -27.81 -49.21
N GLY G 65 -38.02 -28.74 -49.13
CA GLY G 65 -38.21 -29.68 -50.22
C GLY G 65 -36.98 -30.57 -50.38
N ARG G 66 -36.42 -30.58 -51.60
CA ARG G 66 -35.24 -31.37 -51.88
C ARG G 66 -33.95 -30.69 -51.43
N SER G 67 -33.98 -29.38 -51.19
CA SER G 67 -32.80 -28.65 -50.75
C SER G 67 -32.53 -28.79 -49.25
N TYR G 68 -33.17 -29.75 -48.59
CA TYR G 68 -32.98 -29.93 -47.15
C TYR G 68 -31.54 -30.33 -46.84
N ALA G 69 -30.92 -31.10 -47.73
CA ALA G 69 -29.58 -31.61 -47.46
C ALA G 69 -28.55 -30.48 -47.43
N ASP G 70 -28.67 -29.51 -48.33
CA ASP G 70 -27.69 -28.44 -48.46
C ASP G 70 -28.18 -27.11 -47.92
N GLY G 71 -29.38 -27.05 -47.33
CA GLY G 71 -29.89 -25.80 -46.80
C GLY G 71 -30.17 -25.83 -45.31
N VAL G 72 -30.11 -27.00 -44.69
CA VAL G 72 -30.38 -27.17 -43.27
C VAL G 72 -29.10 -27.60 -42.58
N LEU G 73 -28.75 -26.89 -41.50
CA LEU G 73 -27.59 -27.21 -40.68
C LEU G 73 -28.08 -27.68 -39.32
N GLU G 74 -27.94 -28.96 -39.05
CA GLU G 74 -28.38 -29.57 -37.79
C GLU G 74 -27.21 -29.63 -36.82
N LEU G 75 -27.40 -29.11 -35.61
CA LEU G 75 -26.41 -29.21 -34.55
C LEU G 75 -27.11 -29.63 -33.27
N ASN G 76 -26.75 -30.79 -32.76
CA ASN G 76 -27.35 -31.32 -31.54
C ASN G 76 -26.41 -31.09 -30.36
N ALA G 77 -26.82 -31.48 -29.16
CA ALA G 77 -25.95 -31.43 -28.00
C ALA G 77 -24.85 -32.46 -28.05
N SER G 78 -24.95 -33.47 -28.93
CA SER G 78 -23.90 -34.45 -29.10
C SER G 78 -22.70 -33.90 -29.85
N ASP G 79 -22.85 -32.79 -30.55
CA ASP G 79 -21.75 -32.16 -31.26
C ASP G 79 -21.24 -30.96 -30.48
N ASP G 80 -19.98 -30.59 -30.73
CA ASP G 80 -19.41 -29.41 -30.10
C ASP G 80 -20.15 -28.16 -30.57
N ARG G 81 -20.66 -27.39 -29.61
CA ARG G 81 -21.42 -26.18 -29.91
C ARG G 81 -20.92 -25.02 -29.06
N GLY G 82 -19.59 -24.87 -29.02
CA GLY G 82 -18.96 -23.82 -28.25
C GLY G 82 -18.81 -22.54 -29.03
N ILE G 83 -17.95 -21.66 -28.51
CA ILE G 83 -17.74 -20.36 -29.15
C ILE G 83 -17.02 -20.55 -30.48
N ASP G 84 -16.10 -21.51 -30.56
CA ASP G 84 -15.34 -21.72 -31.78
C ASP G 84 -16.23 -22.22 -32.91
N VAL G 85 -17.16 -23.13 -32.59
CA VAL G 85 -18.05 -23.65 -33.61
C VAL G 85 -18.97 -22.55 -34.14
N VAL G 86 -19.56 -21.77 -33.23
CA VAL G 86 -20.43 -20.67 -33.64
C VAL G 86 -19.65 -19.65 -34.46
N ARG G 87 -18.38 -19.43 -34.11
CA ARG G 87 -17.57 -18.45 -34.82
C ARG G 87 -17.23 -18.92 -36.23
N ASN G 88 -16.87 -20.19 -36.39
CA ASN G 88 -16.39 -20.68 -37.67
C ASN G 88 -17.49 -21.31 -38.51
N GLN G 89 -18.08 -22.41 -38.04
CA GLN G 89 -18.93 -23.24 -38.88
C GLN G 89 -20.29 -22.60 -39.10
N ILE G 90 -20.92 -22.10 -38.05
CA ILE G 90 -22.23 -21.47 -38.18
C ILE G 90 -22.14 -20.22 -39.05
N LYS G 91 -21.06 -19.45 -38.87
CA LYS G 91 -20.88 -18.25 -39.68
C LYS G 91 -20.60 -18.59 -41.14
N HIS G 92 -19.83 -19.66 -41.37
CA HIS G 92 -19.58 -20.08 -42.75
C HIS G 92 -20.85 -20.60 -43.41
N PHE G 93 -21.73 -21.26 -42.65
CA PHE G 93 -23.00 -21.73 -43.21
C PHE G 93 -23.94 -20.57 -43.50
N ALA G 94 -23.96 -19.58 -42.59
CA ALA G 94 -24.82 -18.42 -42.81
C ALA G 94 -24.34 -17.55 -43.96
N GLN G 95 -23.02 -17.46 -44.16
CA GLN G 95 -22.46 -16.71 -45.27
C GLN G 95 -22.42 -17.49 -46.56
N LYS G 96 -22.74 -18.79 -46.53
CA LYS G 96 -22.69 -19.62 -47.71
C LYS G 96 -23.72 -19.18 -48.73
N LYS G 97 -23.32 -19.14 -50.00
CA LYS G 97 -24.22 -18.78 -51.09
C LYS G 97 -25.04 -19.99 -51.50
N LEU G 98 -26.34 -19.80 -51.69
CA LEU G 98 -27.24 -20.89 -52.07
C LEU G 98 -28.45 -20.30 -52.77
N HIS G 99 -28.74 -20.81 -53.97
CA HIS G 99 -29.90 -20.36 -54.75
C HIS G 99 -31.13 -21.12 -54.28
N LEU G 100 -32.03 -20.40 -53.62
CA LEU G 100 -33.25 -20.95 -53.06
C LEU G 100 -34.47 -20.27 -53.67
N PRO G 101 -35.64 -20.89 -53.59
CA PRO G 101 -36.86 -20.22 -54.07
C PRO G 101 -37.08 -18.89 -53.38
N PRO G 102 -37.90 -18.00 -53.95
CA PRO G 102 -38.05 -16.65 -53.38
C PRO G 102 -38.91 -16.61 -52.13
N GLY G 103 -39.17 -17.78 -51.53
CA GLY G 103 -39.96 -17.82 -50.31
C GLY G 103 -39.33 -18.66 -49.22
N LYS G 104 -38.14 -19.20 -49.48
CA LYS G 104 -37.46 -20.09 -48.56
C LYS G 104 -36.17 -19.44 -48.05
N HIS G 105 -35.62 -20.04 -46.98
CA HIS G 105 -34.40 -19.55 -46.38
C HIS G 105 -33.64 -20.74 -45.79
N LYS G 106 -32.32 -20.55 -45.61
CA LYS G 106 -31.51 -21.56 -44.95
C LYS G 106 -31.85 -21.64 -43.47
N ILE G 107 -31.98 -22.87 -42.96
CA ILE G 107 -32.43 -23.12 -41.60
C ILE G 107 -31.27 -23.72 -40.81
N VAL G 108 -31.03 -23.18 -39.62
CA VAL G 108 -30.04 -23.69 -38.68
C VAL G 108 -30.80 -24.25 -37.49
N ILE G 109 -30.91 -25.56 -37.41
CA ILE G 109 -31.60 -26.24 -36.32
C ILE G 109 -30.58 -26.53 -35.23
N LEU G 110 -30.89 -26.11 -34.00
CA LEU G 110 -30.02 -26.28 -32.85
C LEU G 110 -30.81 -27.02 -31.78
N ASP G 111 -30.63 -28.34 -31.72
CA ASP G 111 -31.32 -29.14 -30.72
C ASP G 111 -30.63 -28.99 -29.36
N GLU G 112 -31.45 -29.01 -28.31
CA GLU G 112 -30.98 -28.83 -26.94
C GLU G 112 -30.25 -27.50 -26.79
N ALA G 113 -30.94 -26.41 -27.14
CA ALA G 113 -30.34 -25.08 -27.06
C ALA G 113 -30.07 -24.64 -25.63
N ASP G 114 -30.70 -25.28 -24.65
CA ASP G 114 -30.49 -24.93 -23.25
C ASP G 114 -29.13 -25.39 -22.72
N SER G 115 -28.35 -26.11 -23.53
CA SER G 115 -27.04 -26.59 -23.11
C SER G 115 -25.88 -25.80 -23.70
N MET G 116 -26.14 -24.86 -24.61
CA MET G 116 -25.08 -24.06 -25.19
C MET G 116 -24.50 -23.10 -24.16
N THR G 117 -23.19 -22.89 -24.25
CA THR G 117 -22.51 -22.01 -23.30
C THR G 117 -22.93 -20.55 -23.52
N ALA G 118 -22.60 -19.72 -22.53
CA ALA G 118 -22.96 -18.31 -22.60
C ALA G 118 -22.20 -17.59 -23.71
N GLY G 119 -20.94 -17.96 -23.94
CA GLY G 119 -20.17 -17.31 -24.99
C GLY G 119 -20.72 -17.58 -26.37
N ALA G 120 -21.07 -18.83 -26.64
CA ALA G 120 -21.65 -19.18 -27.93
C ALA G 120 -23.00 -18.49 -28.15
N GLN G 121 -23.82 -18.47 -27.10
CA GLN G 121 -25.12 -17.80 -27.19
C GLN G 121 -24.97 -16.31 -27.42
N GLN G 122 -23.95 -15.70 -26.81
CA GLN G 122 -23.71 -14.27 -27.03
C GLN G 122 -23.20 -14.01 -28.44
N ALA G 123 -22.32 -14.89 -28.93
CA ALA G 123 -21.80 -14.70 -30.28
C ALA G 123 -22.85 -14.94 -31.35
N LEU G 124 -23.85 -15.78 -31.04
CA LEU G 124 -24.89 -16.09 -32.01
C LEU G 124 -25.80 -14.89 -32.30
N ARG G 125 -25.78 -13.86 -31.45
CA ARG G 125 -26.69 -12.73 -31.63
C ARG G 125 -26.43 -12.02 -32.96
N ARG G 126 -25.24 -11.45 -33.12
CA ARG G 126 -24.93 -10.76 -34.38
C ARG G 126 -24.84 -11.74 -35.53
N THR G 127 -24.49 -13.00 -35.25
CA THR G 127 -24.45 -14.01 -36.31
C THR G 127 -25.82 -14.20 -36.94
N MET G 128 -26.87 -14.23 -36.12
CA MET G 128 -28.23 -14.34 -36.62
C MET G 128 -28.82 -13.01 -37.04
N GLU G 129 -28.22 -11.89 -36.61
CA GLU G 129 -28.72 -10.58 -36.97
C GLU G 129 -28.22 -10.07 -38.33
N LEU G 130 -26.95 -10.30 -38.66
CA LEU G 130 -26.39 -9.85 -39.92
C LEU G 130 -26.80 -10.71 -41.11
N TYR G 131 -27.22 -11.96 -40.88
CA TYR G 131 -27.62 -12.86 -41.95
C TYR G 131 -29.06 -13.33 -41.77
N SER G 132 -29.92 -12.43 -41.29
CA SER G 132 -31.35 -12.73 -41.07
C SER G 132 -32.16 -12.68 -42.35
N ASN G 133 -31.55 -12.45 -43.51
CA ASN G 133 -32.26 -12.43 -44.78
C ASN G 133 -31.95 -13.65 -45.65
N SER G 134 -30.99 -14.47 -45.24
CA SER G 134 -30.68 -15.70 -45.96
C SER G 134 -30.43 -16.87 -45.03
N THR G 135 -30.57 -16.69 -43.71
CA THR G 135 -30.35 -17.75 -42.75
C THR G 135 -31.29 -17.53 -41.57
N ARG G 136 -31.98 -18.59 -41.16
CA ARG G 136 -32.93 -18.53 -40.06
C ARG G 136 -32.56 -19.56 -39.01
N PHE G 137 -32.85 -19.24 -37.75
CA PHE G 137 -32.45 -20.07 -36.62
C PHE G 137 -33.67 -20.61 -35.89
N ALA G 138 -33.65 -21.92 -35.64
CA ALA G 138 -34.71 -22.60 -34.90
C ALA G 138 -34.09 -23.35 -33.74
N PHE G 139 -34.39 -22.92 -32.51
CA PHE G 139 -33.88 -23.54 -31.30
C PHE G 139 -34.96 -24.44 -30.73
N ALA G 140 -34.54 -25.59 -30.19
CA ALA G 140 -35.45 -26.53 -29.53
C ALA G 140 -34.87 -26.87 -28.17
N CYS G 141 -35.55 -26.43 -27.11
CA CYS G 141 -35.05 -26.60 -25.76
C CYS G 141 -36.19 -27.04 -24.84
N ASN G 142 -35.83 -27.35 -23.60
CA ASN G 142 -36.80 -27.70 -22.58
C ASN G 142 -37.03 -26.59 -21.56
N GLN G 143 -36.03 -25.74 -21.34
CA GLN G 143 -36.13 -24.61 -20.42
C GLN G 143 -35.76 -23.34 -21.19
N SER G 144 -36.75 -22.49 -21.44
CA SER G 144 -36.49 -21.25 -22.17
C SER G 144 -35.69 -20.27 -21.33
N ASN G 145 -35.68 -20.45 -20.01
CA ASN G 145 -34.92 -19.57 -19.14
C ASN G 145 -33.42 -19.74 -19.27
N LYS G 146 -32.95 -20.88 -19.78
CA LYS G 146 -31.52 -21.10 -19.96
C LYS G 146 -30.96 -20.32 -21.14
N ILE G 147 -31.80 -19.86 -22.05
CA ILE G 147 -31.37 -19.07 -23.20
C ILE G 147 -31.42 -17.60 -22.80
N ILE G 148 -30.38 -16.85 -23.16
CA ILE G 148 -30.28 -15.46 -22.75
C ILE G 148 -31.42 -14.64 -23.38
N GLU G 149 -31.79 -13.56 -22.69
CA GLU G 149 -32.87 -12.71 -23.18
C GLU G 149 -32.56 -12.02 -24.51
N PRO G 150 -31.32 -11.56 -24.78
CA PRO G 150 -31.05 -11.02 -26.13
C PRO G 150 -31.36 -11.99 -27.26
N LEU G 151 -31.08 -13.27 -27.09
CA LEU G 151 -31.41 -14.25 -28.12
C LEU G 151 -32.91 -14.44 -28.24
N GLN G 152 -33.63 -14.44 -27.11
CA GLN G 152 -35.08 -14.60 -27.15
C GLN G 152 -35.76 -13.38 -27.75
N SER G 153 -35.11 -12.21 -27.69
CA SER G 153 -35.71 -10.99 -28.21
C SER G 153 -35.74 -10.95 -29.73
N ARG G 154 -34.89 -11.74 -30.40
CA ARG G 154 -34.80 -11.72 -31.85
C ARG G 154 -35.58 -12.86 -32.50
N CYS G 155 -36.41 -13.57 -31.75
CA CYS G 155 -37.08 -14.74 -32.27
C CYS G 155 -38.48 -14.86 -31.68
N ALA G 156 -39.30 -15.69 -32.32
CA ALA G 156 -40.60 -16.04 -31.77
C ALA G 156 -40.44 -17.08 -30.68
N ILE G 157 -41.42 -17.13 -29.78
CA ILE G 157 -41.39 -18.05 -28.64
C ILE G 157 -42.61 -18.96 -28.75
N LEU G 158 -42.38 -20.26 -28.92
CA LEU G 158 -43.44 -21.25 -28.99
C LEU G 158 -43.32 -22.19 -27.80
N ARG G 159 -44.25 -22.08 -26.87
CA ARG G 159 -44.27 -22.91 -25.66
C ARG G 159 -45.23 -24.07 -25.88
N TYR G 160 -44.68 -25.28 -26.01
CA TYR G 160 -45.49 -26.47 -26.18
C TYR G 160 -45.95 -26.98 -24.82
N SER G 161 -47.20 -27.46 -24.79
CA SER G 161 -47.83 -27.91 -23.55
C SER G 161 -47.99 -29.42 -23.57
N LYS G 162 -48.43 -29.96 -22.44
CA LYS G 162 -48.67 -31.39 -22.32
C LYS G 162 -49.78 -31.83 -23.27
N LEU G 163 -49.72 -33.10 -23.66
CA LEU G 163 -50.70 -33.67 -24.57
C LEU G 163 -51.86 -34.23 -23.76
N SER G 164 -53.08 -33.77 -24.07
CA SER G 164 -54.26 -34.23 -23.37
C SER G 164 -54.50 -35.72 -23.64
N ASP G 165 -55.44 -36.29 -22.89
CA ASP G 165 -55.73 -37.71 -23.01
C ASP G 165 -56.23 -38.05 -24.41
N GLU G 166 -57.03 -37.16 -25.00
CA GLU G 166 -57.65 -37.45 -26.28
C GLU G 166 -56.62 -37.58 -27.39
N ASP G 167 -55.62 -36.69 -27.40
CA ASP G 167 -54.64 -36.70 -28.49
C ASP G 167 -53.78 -37.95 -28.44
N VAL G 168 -53.30 -38.32 -27.26
CA VAL G 168 -52.47 -39.52 -27.14
C VAL G 168 -53.30 -40.77 -27.43
N LEU G 169 -54.57 -40.77 -27.00
CA LEU G 169 -55.44 -41.90 -27.32
C LEU G 169 -55.65 -42.03 -28.82
N LYS G 170 -55.84 -40.91 -29.51
CA LYS G 170 -56.04 -40.94 -30.96
C LYS G 170 -54.78 -41.43 -31.67
N ARG G 171 -53.61 -40.94 -31.23
CA ARG G 171 -52.36 -41.39 -31.85
C ARG G 171 -52.12 -42.88 -31.60
N LEU G 172 -52.42 -43.37 -30.41
CA LEU G 172 -52.25 -44.79 -30.13
C LEU G 172 -53.23 -45.62 -30.93
N LEU G 173 -54.46 -45.14 -31.12
CA LEU G 173 -55.41 -45.86 -31.95
C LEU G 173 -54.95 -45.91 -33.39
N GLN G 174 -54.39 -44.81 -33.90
CA GLN G 174 -53.84 -44.81 -35.25
C GLN G 174 -52.69 -45.81 -35.37
N ILE G 175 -51.81 -45.85 -34.38
CA ILE G 175 -50.69 -46.80 -34.42
C ILE G 175 -51.19 -48.23 -34.37
N ILE G 176 -52.21 -48.51 -33.55
CA ILE G 176 -52.75 -49.86 -33.46
C ILE G 176 -53.40 -50.27 -34.78
N LYS G 177 -54.14 -49.34 -35.40
CA LYS G 177 -54.74 -49.62 -36.69
C LYS G 177 -53.67 -49.88 -37.75
N LEU G 178 -52.56 -49.15 -37.69
CA LEU G 178 -51.48 -49.34 -38.64
C LEU G 178 -50.65 -50.59 -38.34
N GLU G 179 -50.76 -51.15 -37.13
CA GLU G 179 -49.95 -52.31 -36.76
C GLU G 179 -50.75 -53.58 -36.48
N ASP G 180 -52.08 -53.50 -36.43
CA ASP G 180 -52.95 -54.66 -36.22
C ASP G 180 -52.60 -55.36 -34.91
N VAL G 181 -52.84 -54.64 -33.81
CA VAL G 181 -52.53 -55.12 -32.47
C VAL G 181 -53.84 -55.35 -31.72
N LYS G 182 -53.88 -56.43 -30.93
CA LYS G 182 -55.01 -56.71 -30.08
C LYS G 182 -54.90 -55.89 -28.79
N TYR G 183 -55.94 -55.13 -28.48
CA TYR G 183 -55.92 -54.23 -27.34
C TYR G 183 -57.29 -54.24 -26.66
N THR G 184 -57.40 -53.46 -25.59
CA THR G 184 -58.65 -53.29 -24.86
C THR G 184 -58.67 -51.89 -24.27
N ASN G 185 -59.87 -51.43 -23.90
CA ASN G 185 -60.02 -50.06 -23.41
C ASN G 185 -59.24 -49.83 -22.12
N ASP G 186 -59.32 -50.76 -21.17
CA ASP G 186 -58.62 -50.59 -19.91
C ASP G 186 -57.11 -50.62 -20.09
N GLY G 187 -56.62 -51.40 -21.05
CA GLY G 187 -55.19 -51.42 -21.33
C GLY G 187 -54.69 -50.09 -21.85
N LEU G 188 -55.41 -49.51 -22.83
CA LEU G 188 -55.03 -48.20 -23.34
C LEU G 188 -55.15 -47.14 -22.26
N GLU G 189 -56.17 -47.25 -21.40
CA GLU G 189 -56.32 -46.30 -20.30
C GLU G 189 -55.12 -46.37 -19.35
N ALA G 190 -54.67 -47.59 -19.02
CA ALA G 190 -53.51 -47.74 -18.16
C ALA G 190 -52.25 -47.21 -18.84
N ILE G 191 -52.12 -47.43 -20.16
CA ILE G 191 -50.98 -46.91 -20.89
C ILE G 191 -50.94 -45.39 -20.82
N ILE G 192 -52.07 -44.74 -21.10
CA ILE G 192 -52.13 -43.28 -21.07
C ILE G 192 -51.91 -42.77 -19.65
N PHE G 193 -52.38 -43.52 -18.65
CA PHE G 193 -52.18 -43.11 -17.26
C PHE G 193 -50.70 -43.16 -16.87
N THR G 194 -50.01 -44.21 -17.31
CA THR G 194 -48.58 -44.33 -17.03
C THR G 194 -47.73 -43.44 -17.94
N ALA G 195 -48.32 -42.86 -19.00
CA ALA G 195 -47.55 -42.00 -19.89
C ALA G 195 -47.35 -40.62 -19.31
N GLU G 196 -48.39 -40.05 -18.71
CA GLU G 196 -48.35 -38.69 -18.14
C GLU G 196 -47.99 -37.66 -19.21
N GLY G 197 -48.81 -37.60 -20.25
CA GLY G 197 -48.62 -36.62 -21.30
C GLY G 197 -47.38 -36.80 -22.13
N ASP G 198 -46.68 -37.92 -21.99
CA ASP G 198 -45.45 -38.20 -22.72
C ASP G 198 -45.79 -39.13 -23.87
N MET G 199 -45.84 -38.58 -25.09
CA MET G 199 -46.21 -39.38 -26.25
C MET G 199 -45.12 -40.40 -26.58
N ARG G 200 -43.86 -39.99 -26.51
CA ARG G 200 -42.76 -40.93 -26.78
C ARG G 200 -42.77 -42.07 -25.78
N GLN G 201 -42.91 -41.76 -24.48
CA GLN G 201 -42.98 -42.80 -23.48
C GLN G 201 -44.20 -43.68 -23.67
N ALA G 202 -45.33 -43.09 -24.10
CA ALA G 202 -46.53 -43.87 -24.35
C ALA G 202 -46.30 -44.88 -25.46
N ILE G 203 -45.73 -44.44 -26.58
CA ILE G 203 -45.49 -45.34 -27.70
C ILE G 203 -44.46 -46.40 -27.33
N ASN G 204 -43.44 -46.01 -26.54
CA ASN G 204 -42.44 -46.98 -26.11
C ASN G 204 -43.06 -48.05 -25.22
N ASN G 205 -43.88 -47.65 -24.25
CA ASN G 205 -44.54 -48.62 -23.39
C ASN G 205 -45.49 -49.50 -24.18
N LEU G 206 -46.21 -48.94 -25.15
CA LEU G 206 -47.09 -49.73 -25.99
C LEU G 206 -46.31 -50.79 -26.76
N GLN G 207 -45.22 -50.39 -27.41
CA GLN G 207 -44.41 -51.33 -28.18
C GLN G 207 -43.80 -52.40 -27.28
N SER G 208 -43.35 -52.01 -26.09
CA SER G 208 -42.76 -52.97 -25.17
C SER G 208 -43.80 -53.99 -24.70
N THR G 209 -45.01 -53.51 -24.37
CA THR G 209 -46.07 -54.41 -23.95
C THR G 209 -46.47 -55.35 -25.09
N VAL G 210 -46.51 -54.83 -26.32
CA VAL G 210 -46.86 -55.68 -27.47
C VAL G 210 -45.81 -56.77 -27.66
N ALA G 211 -44.54 -56.38 -27.64
CA ALA G 211 -43.48 -57.35 -27.88
C ALA G 211 -43.24 -58.28 -26.69
N GLY G 212 -43.77 -57.94 -25.52
CA GLY G 212 -43.59 -58.80 -24.36
C GLY G 212 -44.75 -59.73 -24.06
N HIS G 213 -45.98 -59.30 -24.40
CA HIS G 213 -47.15 -60.13 -24.13
C HIS G 213 -48.10 -60.28 -25.31
N GLY G 214 -48.08 -59.39 -26.29
CA GLY G 214 -48.95 -59.48 -27.45
C GLY G 214 -50.29 -58.77 -27.31
N LEU G 215 -50.93 -58.88 -26.15
CA LEU G 215 -52.22 -58.27 -25.89
C LEU G 215 -52.01 -57.07 -24.97
N VAL G 216 -52.53 -55.92 -25.38
CA VAL G 216 -52.38 -54.69 -24.60
C VAL G 216 -53.52 -54.62 -23.59
N ASN G 217 -53.32 -55.20 -22.41
CA ASN G 217 -54.31 -55.22 -21.35
C ASN G 217 -53.73 -54.54 -20.11
N ALA G 218 -54.63 -54.01 -19.26
CA ALA G 218 -54.18 -53.27 -18.09
C ALA G 218 -53.34 -54.14 -17.17
N ASP G 219 -53.66 -55.42 -17.06
CA ASP G 219 -52.86 -56.33 -16.24
C ASP G 219 -51.44 -56.43 -16.77
N ASN G 220 -51.30 -56.64 -18.08
CA ASN G 220 -49.97 -56.74 -18.68
C ASN G 220 -49.21 -55.43 -18.53
N VAL G 221 -49.88 -54.31 -18.80
CA VAL G 221 -49.22 -53.00 -18.72
C VAL G 221 -48.74 -52.74 -17.29
N PHE G 222 -49.53 -53.15 -16.30
CA PHE G 222 -49.15 -52.91 -14.91
C PHE G 222 -48.06 -53.87 -14.46
N LYS G 223 -48.04 -55.08 -15.02
CA LYS G 223 -47.01 -56.04 -14.61
C LYS G 223 -45.67 -55.77 -15.28
N ILE G 224 -45.67 -55.13 -16.45
CA ILE G 224 -44.45 -54.80 -17.16
C ILE G 224 -43.99 -53.38 -16.84
N VAL G 225 -44.96 -52.47 -16.63
CA VAL G 225 -44.66 -51.03 -16.40
C VAL G 225 -45.04 -50.67 -14.96
N ASP G 226 -44.42 -49.62 -14.39
CA ASP G 226 -44.66 -49.29 -12.96
C ASP G 226 -45.70 -48.16 -12.81
N SER G 227 -46.71 -48.38 -11.98
CA SER G 227 -47.73 -47.32 -11.71
C SER G 227 -46.99 -46.03 -11.34
N PRO G 228 -47.23 -44.92 -12.05
CA PRO G 228 -46.50 -43.68 -11.80
C PRO G 228 -45.94 -43.58 -10.38
N HIS G 229 -44.64 -43.81 -10.21
CA HIS G 229 -44.00 -43.65 -8.91
C HIS G 229 -44.60 -42.49 -8.10
N PRO G 230 -44.82 -41.30 -8.66
CA PRO G 230 -45.33 -40.19 -7.82
C PRO G 230 -46.72 -40.43 -7.26
N LEU G 231 -47.56 -41.23 -7.90
CA LEU G 231 -48.94 -41.38 -7.43
C LEU G 231 -48.99 -42.20 -6.14
N ILE G 232 -48.21 -43.27 -6.05
CA ILE G 232 -48.17 -44.04 -4.81
C ILE G 232 -47.59 -43.20 -3.69
N VAL G 233 -46.59 -42.37 -3.98
CA VAL G 233 -46.01 -41.49 -2.96
C VAL G 233 -47.04 -40.48 -2.49
N LYS G 234 -47.83 -39.93 -3.42
CA LYS G 234 -48.87 -38.99 -3.06
C LYS G 234 -49.93 -39.64 -2.19
N LYS G 235 -50.35 -40.85 -2.56
CA LYS G 235 -51.32 -41.59 -1.74
C LYS G 235 -50.75 -41.93 -0.37
N MET G 236 -49.43 -42.14 -0.26
CA MET G 236 -48.81 -42.40 1.03
C MET G 236 -48.78 -41.15 1.89
N LEU G 237 -48.44 -40.00 1.31
CA LEU G 237 -48.39 -38.76 2.07
C LEU G 237 -49.79 -38.27 2.43
N LEU G 238 -50.76 -38.48 1.54
CA LEU G 238 -52.12 -38.03 1.80
C LEU G 238 -52.92 -38.97 2.69
N ALA G 239 -52.27 -39.99 3.26
CA ALA G 239 -52.97 -40.92 4.13
C ALA G 239 -53.45 -40.21 5.40
N SER G 240 -54.59 -40.66 5.92
CA SER G 240 -55.18 -40.05 7.10
C SER G 240 -54.67 -40.67 8.40
N ASN G 241 -54.37 -41.96 8.40
CA ASN G 241 -53.88 -42.66 9.59
C ASN G 241 -52.45 -43.10 9.36
N LEU G 242 -51.68 -43.17 10.46
CA LEU G 242 -50.26 -43.48 10.35
C LEU G 242 -50.03 -44.91 9.86
N GLU G 243 -50.83 -45.86 10.35
CA GLU G 243 -50.65 -47.26 9.95
C GLU G 243 -50.88 -47.48 8.47
N ASP G 244 -51.83 -46.78 7.87
CA ASP G 244 -52.06 -46.91 6.42
C ASP G 244 -50.86 -46.43 5.63
N SER G 245 -50.32 -45.26 5.98
CA SER G 245 -49.14 -44.75 5.30
C SER G 245 -47.94 -45.67 5.50
N ILE G 246 -47.79 -46.22 6.71
CA ILE G 246 -46.68 -47.13 6.97
C ILE G 246 -46.81 -48.40 6.13
N GLN G 247 -48.02 -48.95 6.05
CA GLN G 247 -48.23 -50.15 5.24
C GLN G 247 -47.99 -49.87 3.76
N ILE G 248 -48.41 -48.69 3.29
CA ILE G 248 -48.17 -48.33 1.89
C ILE G 248 -46.67 -48.23 1.62
N LEU G 249 -45.95 -47.52 2.49
CA LEU G 249 -44.50 -47.38 2.32
C LEU G 249 -43.81 -48.74 2.36
N ARG G 250 -44.28 -49.63 3.23
CA ARG G 250 -43.64 -50.94 3.35
C ARG G 250 -43.90 -51.80 2.12
N THR G 251 -45.16 -51.95 1.73
CA THR G 251 -45.51 -52.90 0.67
C THR G 251 -45.21 -52.33 -0.72
N ASP G 252 -45.70 -51.13 -1.02
CA ASP G 252 -45.62 -50.62 -2.37
C ASP G 252 -44.21 -50.15 -2.73
N LEU G 253 -43.54 -49.46 -1.82
CA LEU G 253 -42.25 -48.85 -2.11
C LEU G 253 -41.06 -49.66 -1.61
N TRP G 254 -41.04 -50.04 -0.33
CA TRP G 254 -39.87 -50.68 0.24
C TRP G 254 -39.75 -52.15 -0.16
N LYS G 255 -40.87 -52.88 -0.23
CA LYS G 255 -40.82 -54.29 -0.59
C LYS G 255 -40.64 -54.51 -2.08
N LYS G 256 -40.69 -53.46 -2.90
CA LYS G 256 -40.55 -53.59 -4.34
C LYS G 256 -39.18 -53.13 -4.85
N GLY G 257 -38.31 -52.67 -3.95
CA GLY G 257 -36.94 -52.33 -4.33
C GLY G 257 -36.69 -50.86 -4.60
N TYR G 258 -37.59 -49.97 -4.20
CA TYR G 258 -37.38 -48.54 -4.41
C TYR G 258 -36.40 -48.00 -3.36
N SER G 259 -35.34 -47.35 -3.83
CA SER G 259 -34.33 -46.83 -2.94
C SER G 259 -34.90 -45.67 -2.10
N SER G 260 -34.29 -45.47 -0.92
CA SER G 260 -34.77 -44.44 -0.01
C SER G 260 -34.58 -43.04 -0.61
N ILE G 261 -33.50 -42.85 -1.38
CA ILE G 261 -33.26 -41.55 -1.99
C ILE G 261 -34.37 -41.22 -2.98
N ASP G 262 -34.74 -42.18 -3.82
CA ASP G 262 -35.85 -41.97 -4.75
C ASP G 262 -37.14 -41.68 -4.02
N ILE G 263 -37.39 -42.39 -2.91
CA ILE G 263 -38.63 -42.19 -2.15
C ILE G 263 -38.68 -40.79 -1.57
N VAL G 264 -37.58 -40.33 -0.96
CA VAL G 264 -37.59 -39.02 -0.33
C VAL G 264 -37.64 -37.91 -1.38
N THR G 265 -36.95 -38.13 -2.50
CA THR G 265 -36.89 -37.06 -3.53
C THR G 265 -38.24 -37.01 -4.24
N THR G 266 -38.77 -38.17 -4.57
CA THR G 266 -40.12 -38.20 -5.17
C THR G 266 -41.04 -37.54 -4.15
N SER G 267 -40.79 -37.80 -2.88
CA SER G 267 -41.68 -37.26 -1.82
C SER G 267 -41.62 -35.74 -1.86
N PHE G 268 -40.42 -35.19 -1.90
CA PHE G 268 -40.27 -33.72 -2.01
C PHE G 268 -41.05 -33.22 -3.21
N ARG G 269 -40.87 -33.86 -4.37
CA ARG G 269 -41.55 -33.31 -5.55
C ARG G 269 -43.06 -33.31 -5.31
N VAL G 270 -43.59 -34.44 -4.87
CA VAL G 270 -45.06 -34.55 -4.66
C VAL G 270 -45.48 -33.38 -3.78
N THR G 271 -44.79 -33.19 -2.67
CA THR G 271 -45.24 -32.12 -1.72
C THR G 271 -45.20 -30.77 -2.42
N LYS G 272 -44.04 -30.39 -2.94
CA LYS G 272 -43.90 -29.07 -3.61
C LYS G 272 -45.08 -28.88 -4.55
N ASN G 273 -45.43 -29.92 -5.33
CA ASN G 273 -46.49 -29.77 -6.31
C ASN G 273 -47.87 -30.12 -5.76
N LEU G 274 -48.00 -30.21 -4.44
CA LEU G 274 -49.30 -30.55 -3.85
C LEU G 274 -50.21 -29.33 -3.80
N ALA G 275 -51.51 -29.58 -3.90
CA ALA G 275 -52.51 -28.52 -3.84
C ALA G 275 -53.70 -28.85 -2.95
N GLN G 276 -53.73 -30.03 -2.32
CA GLN G 276 -54.87 -30.40 -1.49
C GLN G 276 -54.84 -29.68 -0.15
N VAL G 277 -53.64 -29.51 0.41
CA VAL G 277 -53.48 -28.91 1.73
C VAL G 277 -52.96 -27.49 1.59
N LYS G 278 -52.95 -26.78 2.71
CA LYS G 278 -52.59 -25.36 2.72
C LYS G 278 -51.10 -25.16 2.49
N GLU G 279 -50.68 -23.90 2.52
CA GLU G 279 -49.31 -23.54 2.23
C GLU G 279 -48.40 -23.80 3.43
N SER G 280 -48.86 -23.44 4.63
CA SER G 280 -48.01 -23.59 5.81
C SER G 280 -47.75 -25.06 6.13
N VAL G 281 -48.78 -25.89 6.05
CA VAL G 281 -48.60 -27.32 6.33
C VAL G 281 -47.74 -27.96 5.25
N ARG G 282 -47.87 -27.49 4.00
CA ARG G 282 -46.99 -27.96 2.94
C ARG G 282 -45.55 -27.59 3.21
N LEU G 283 -45.30 -26.37 3.68
CA LEU G 283 -43.94 -25.95 4.00
C LEU G 283 -43.37 -26.76 5.16
N GLU G 284 -44.20 -27.06 6.17
CA GLU G 284 -43.73 -27.87 7.28
C GLU G 284 -43.41 -29.30 6.84
N MET G 285 -44.26 -29.86 5.96
CA MET G 285 -43.98 -31.20 5.44
C MET G 285 -42.71 -31.20 4.59
N ILE G 286 -42.49 -30.15 3.81
CA ILE G 286 -41.26 -30.04 3.03
C ILE G 286 -40.04 -29.92 3.95
N LYS G 287 -40.19 -29.18 5.05
CA LYS G 287 -39.12 -29.07 6.03
C LYS G 287 -38.77 -30.43 6.62
N GLU G 288 -39.79 -31.21 7.01
CA GLU G 288 -39.52 -32.53 7.57
C GLU G 288 -38.91 -33.46 6.52
N ILE G 289 -39.39 -33.39 5.28
CA ILE G 289 -38.85 -34.23 4.22
C ILE G 289 -37.40 -33.88 3.95
N GLY G 290 -37.08 -32.60 4.18
CA GLY G 290 -35.71 -32.13 3.93
C GLY G 290 -34.76 -32.34 5.09
N LEU G 291 -35.23 -32.19 6.33
CA LEU G 291 -34.29 -32.49 7.44
C LEU G 291 -33.92 -33.96 7.34
N THR G 292 -34.94 -34.80 7.12
CA THR G 292 -34.65 -36.23 6.93
C THR G 292 -33.60 -36.32 5.82
N HIS G 293 -33.91 -35.73 4.66
CA HIS G 293 -32.97 -35.81 3.50
C HIS G 293 -31.56 -35.59 4.03
N MET G 294 -31.33 -34.45 4.69
CA MET G 294 -30.00 -34.19 5.22
C MET G 294 -29.40 -35.40 5.91
N ARG G 295 -30.23 -36.28 6.48
CA ARG G 295 -29.74 -37.51 7.05
C ARG G 295 -29.60 -38.61 6.00
N ILE G 296 -30.49 -38.62 5.00
CA ILE G 296 -30.40 -39.61 3.93
C ILE G 296 -29.11 -39.43 3.15
N LEU G 297 -28.69 -38.18 2.91
CA LEU G 297 -27.48 -37.94 2.13
C LEU G 297 -26.21 -38.28 2.91
N GLU G 298 -26.28 -38.26 4.24
CA GLU G 298 -25.12 -38.58 5.07
C GLU G 298 -24.89 -40.08 5.22
N GLY G 299 -25.69 -40.91 4.56
CA GLY G 299 -25.55 -42.34 4.63
C GLY G 299 -26.37 -43.02 5.70
N VAL G 300 -27.33 -42.31 6.31
CA VAL G 300 -28.16 -42.86 7.37
C VAL G 300 -29.51 -43.25 6.78
N GLY G 301 -29.54 -43.47 5.47
CA GLY G 301 -30.78 -43.76 4.78
C GLY G 301 -31.31 -45.15 5.02
N THR G 302 -32.37 -45.26 5.82
CA THR G 302 -33.01 -46.52 6.17
C THR G 302 -34.52 -46.32 6.18
N TYR G 303 -35.24 -47.37 6.55
CA TYR G 303 -36.69 -47.29 6.64
C TYR G 303 -37.13 -46.51 7.88
N LEU G 304 -36.32 -46.54 8.95
CA LEU G 304 -36.69 -45.84 10.17
C LEU G 304 -36.73 -44.34 9.96
N GLN G 305 -35.82 -43.81 9.14
CA GLN G 305 -35.81 -42.37 8.88
C GLN G 305 -37.06 -41.94 8.12
N LEU G 306 -37.47 -42.72 7.11
CA LEU G 306 -38.69 -42.39 6.38
C LEU G 306 -39.92 -42.54 7.27
N ALA G 307 -39.93 -43.54 8.14
CA ALA G 307 -41.03 -43.70 9.09
C ALA G 307 -41.12 -42.51 10.03
N SER G 308 -39.98 -42.02 10.51
CA SER G 308 -39.98 -40.86 11.38
C SER G 308 -40.41 -39.61 10.63
N MET G 309 -40.01 -39.48 9.35
CA MET G 309 -40.47 -38.36 8.54
C MET G 309 -41.99 -38.38 8.38
N LEU G 310 -42.56 -39.55 8.09
CA LEU G 310 -44.00 -39.66 7.98
C LEU G 310 -44.68 -39.35 9.31
N ALA G 311 -44.08 -39.81 10.42
CA ALA G 311 -44.66 -39.52 11.74
C ALA G 311 -44.65 -38.03 12.03
N LYS G 312 -43.56 -37.34 11.67
CA LYS G 312 -43.49 -35.90 11.90
C LYS G 312 -44.48 -35.16 11.00
N ILE G 313 -44.64 -35.61 9.76
CA ILE G 313 -45.62 -34.99 8.87
C ILE G 313 -47.03 -35.16 9.42
N HIS G 314 -47.33 -36.34 9.96
CA HIS G 314 -48.65 -36.57 10.54
C HIS G 314 -48.85 -35.75 11.81
N LYS G 315 -47.79 -35.60 12.62
CA LYS G 315 -47.86 -34.76 13.80
C LYS G 315 -48.11 -33.30 13.44
N LEU G 316 -47.51 -32.84 12.35
CA LEU G 316 -47.80 -31.50 11.85
C LEU G 316 -49.25 -31.40 11.39
N ASN G 317 -49.73 -32.44 10.69
CA ASN G 317 -51.13 -32.48 10.28
C ASN G 317 -52.06 -32.79 11.46
N ASN G 318 -51.50 -33.12 12.62
CA ASN G 318 -52.31 -33.44 13.80
C ASN G 318 -52.68 -32.18 14.57
N LYS G 319 -52.69 -31.03 13.89
CA LYS G 319 -53.03 -29.74 14.48
C LYS G 319 -52.04 -29.37 15.58
N SER H 1 -7.62 -69.73 -12.01
CA SER H 1 -8.71 -70.65 -11.71
C SER H 1 -9.84 -69.93 -10.99
N LYS H 2 -11.06 -70.45 -11.15
CA LYS H 2 -12.23 -69.85 -10.51
C LYS H 2 -12.30 -70.16 -9.02
N GLU H 3 -11.49 -71.09 -8.52
CA GLU H 3 -11.47 -71.42 -7.10
C GLU H 3 -10.78 -70.37 -6.26
N ASN H 4 -10.19 -69.34 -6.88
CA ASN H 4 -9.54 -68.26 -6.16
C ASN H 4 -10.44 -67.03 -6.03
N LEU H 5 -11.47 -66.91 -6.86
CA LEU H 5 -12.38 -65.78 -6.77
C LEU H 5 -13.28 -65.93 -5.54
N PRO H 6 -13.73 -64.82 -4.96
CA PRO H 6 -14.70 -64.91 -3.86
C PRO H 6 -16.02 -65.48 -4.34
N TRP H 7 -16.85 -65.89 -3.38
CA TRP H 7 -18.12 -66.53 -3.72
C TRP H 7 -19.04 -65.58 -4.47
N VAL H 8 -18.90 -64.27 -4.25
CA VAL H 8 -19.72 -63.30 -4.96
C VAL H 8 -19.31 -63.24 -6.43
N GLU H 9 -18.02 -63.43 -6.70
CA GLU H 9 -17.54 -63.36 -8.07
C GLU H 9 -17.53 -64.75 -8.72
N LYS H 10 -17.27 -65.79 -7.94
CA LYS H 10 -17.22 -67.14 -8.47
C LYS H 10 -18.58 -67.58 -9.00
N TYR H 11 -19.64 -67.25 -8.26
CA TYR H 11 -20.99 -67.65 -8.62
C TYR H 11 -21.75 -66.59 -9.40
N ARG H 12 -21.04 -65.78 -10.19
CA ARG H 12 -21.70 -64.80 -11.03
C ARG H 12 -22.43 -65.50 -12.16
N PRO H 13 -23.70 -65.20 -12.42
CA PRO H 13 -24.43 -65.89 -13.49
C PRO H 13 -23.84 -65.56 -14.86
N GLU H 14 -23.65 -66.62 -15.65
CA GLU H 14 -23.15 -66.48 -17.01
C GLU H 14 -24.23 -66.60 -18.07
N THR H 15 -25.35 -67.25 -17.76
CA THR H 15 -26.48 -67.35 -18.67
C THR H 15 -27.71 -66.75 -18.02
N LEU H 16 -28.71 -66.44 -18.84
CA LEU H 16 -29.95 -65.86 -18.33
C LEU H 16 -30.76 -66.83 -17.49
N ASP H 17 -30.44 -68.12 -17.53
CA ASP H 17 -31.16 -69.10 -16.72
C ASP H 17 -30.63 -69.18 -15.29
N GLU H 18 -29.51 -68.55 -14.99
CA GLU H 18 -28.93 -68.55 -13.65
C GLU H 18 -29.26 -67.28 -12.87
N VAL H 19 -30.07 -66.39 -13.43
CA VAL H 19 -30.47 -65.15 -12.78
C VAL H 19 -31.84 -65.42 -12.14
N TYR H 20 -31.83 -65.66 -10.83
CA TYR H 20 -33.06 -65.94 -10.11
C TYR H 20 -33.68 -64.64 -9.60
N GLY H 21 -34.91 -64.75 -9.09
CA GLY H 21 -35.62 -63.60 -8.56
C GLY H 21 -36.37 -62.78 -9.57
N GLN H 22 -35.71 -62.38 -10.65
CA GLN H 22 -36.34 -61.60 -11.71
C GLN H 22 -36.87 -62.55 -12.76
N ASN H 23 -38.20 -62.67 -12.84
CA ASN H 23 -38.85 -63.53 -13.82
C ASN H 23 -39.64 -62.74 -14.84
N GLU H 24 -40.38 -61.71 -14.41
CA GLU H 24 -41.19 -60.94 -15.33
C GLU H 24 -40.33 -60.13 -16.30
N VAL H 25 -39.16 -59.67 -15.85
CA VAL H 25 -38.30 -58.91 -16.73
C VAL H 25 -37.39 -59.82 -17.55
N ILE H 26 -36.96 -60.94 -16.97
CA ILE H 26 -36.08 -61.86 -17.69
C ILE H 26 -36.82 -62.48 -18.88
N THR H 27 -38.06 -62.92 -18.67
CA THR H 27 -38.82 -63.50 -19.76
C THR H 27 -39.11 -62.47 -20.84
N THR H 28 -39.44 -61.24 -20.43
CA THR H 28 -39.70 -60.18 -21.40
C THR H 28 -38.46 -59.84 -22.22
N VAL H 29 -37.28 -59.83 -21.59
CA VAL H 29 -36.05 -59.54 -22.30
C VAL H 29 -35.71 -60.69 -23.25
N ARG H 30 -35.91 -61.93 -22.81
CA ARG H 30 -35.69 -63.08 -23.68
C ARG H 30 -36.60 -63.00 -24.92
N LYS H 31 -37.87 -62.61 -24.70
CA LYS H 31 -38.78 -62.48 -25.83
C LYS H 31 -38.36 -61.33 -26.74
N PHE H 32 -37.91 -60.21 -26.16
CA PHE H 32 -37.40 -59.10 -26.94
C PHE H 32 -36.27 -59.54 -27.86
N VAL H 33 -35.34 -60.33 -27.32
CA VAL H 33 -34.17 -60.74 -28.09
C VAL H 33 -34.51 -61.82 -29.11
N ASP H 34 -35.40 -62.75 -28.78
CA ASP H 34 -35.77 -63.80 -29.74
C ASP H 34 -36.57 -63.23 -30.89
N GLU H 35 -37.56 -62.37 -30.59
CA GLU H 35 -38.36 -61.79 -31.65
C GLU H 35 -37.62 -60.69 -32.40
N GLY H 36 -36.59 -60.10 -31.80
CA GLY H 36 -35.75 -59.12 -32.45
C GLY H 36 -35.91 -57.70 -31.96
N LYS H 37 -37.10 -57.31 -31.52
CA LYS H 37 -37.33 -55.95 -31.06
C LYS H 37 -36.79 -55.74 -29.65
N LEU H 38 -35.52 -55.36 -29.55
CA LEU H 38 -34.90 -55.06 -28.27
C LEU H 38 -34.76 -53.55 -28.12
N PRO H 39 -35.59 -52.90 -27.32
CA PRO H 39 -35.49 -51.44 -27.17
C PRO H 39 -34.38 -51.03 -26.21
N HIS H 40 -34.21 -49.73 -26.00
CA HIS H 40 -33.23 -49.23 -25.05
C HIS H 40 -33.67 -49.56 -23.64
N LEU H 41 -32.83 -50.26 -22.89
CA LEU H 41 -33.19 -50.78 -21.58
C LEU H 41 -32.66 -49.89 -20.47
N LEU H 42 -33.43 -49.80 -19.39
CA LEU H 42 -33.05 -49.05 -18.20
C LEU H 42 -33.31 -49.94 -16.99
N PHE H 43 -32.27 -50.62 -16.52
CA PHE H 43 -32.37 -51.53 -15.38
C PHE H 43 -32.19 -50.72 -14.11
N TYR H 44 -33.29 -50.43 -13.41
CA TYR H 44 -33.25 -49.67 -12.17
C TYR H 44 -33.53 -50.60 -11.00
N GLY H 45 -32.67 -50.53 -9.98
CA GLY H 45 -32.85 -51.37 -8.82
C GLY H 45 -31.79 -51.22 -7.75
N PRO H 46 -32.02 -51.84 -6.61
CA PRO H 46 -31.06 -51.75 -5.49
C PRO H 46 -29.80 -52.54 -5.78
N PRO H 47 -28.73 -52.32 -5.04
CA PRO H 47 -27.50 -53.09 -5.27
C PRO H 47 -27.69 -54.55 -4.90
N GLY H 48 -27.02 -55.42 -5.67
CA GLY H 48 -27.07 -56.85 -5.43
C GLY H 48 -28.31 -57.56 -5.93
N THR H 49 -29.08 -56.94 -6.82
CA THR H 49 -30.26 -57.57 -7.38
C THR H 49 -29.98 -58.36 -8.65
N GLY H 50 -28.87 -58.09 -9.33
CA GLY H 50 -28.51 -58.86 -10.51
C GLY H 50 -28.74 -58.14 -11.81
N LYS H 51 -28.53 -56.83 -11.83
CA LYS H 51 -28.69 -56.07 -13.08
C LYS H 51 -27.48 -56.25 -13.99
N THR H 52 -26.27 -56.09 -13.43
CA THR H 52 -25.06 -56.28 -14.22
C THR H 52 -24.95 -57.71 -14.72
N SER H 53 -25.24 -58.69 -13.85
CA SER H 53 -25.21 -60.08 -14.28
C SER H 53 -26.24 -60.33 -15.37
N THR H 54 -27.44 -59.75 -15.23
CA THR H 54 -28.46 -59.92 -16.25
C THR H 54 -28.01 -59.38 -17.60
N ILE H 55 -27.48 -58.16 -17.62
CA ILE H 55 -27.09 -57.57 -18.90
C ILE H 55 -25.86 -58.28 -19.48
N VAL H 56 -24.96 -58.78 -18.63
CA VAL H 56 -23.80 -59.51 -19.15
C VAL H 56 -24.25 -60.83 -19.76
N ALA H 57 -25.12 -61.57 -19.09
CA ALA H 57 -25.64 -62.81 -19.65
C ALA H 57 -26.45 -62.55 -20.91
N LEU H 58 -27.15 -61.41 -20.97
CA LEU H 58 -27.90 -61.05 -22.17
C LEU H 58 -26.97 -60.81 -23.36
N ALA H 59 -25.92 -60.02 -23.13
CA ALA H 59 -24.96 -59.77 -24.21
C ALA H 59 -24.25 -61.05 -24.63
N ARG H 60 -24.00 -61.95 -23.67
CA ARG H 60 -23.41 -63.24 -24.01
C ARG H 60 -24.34 -64.06 -24.89
N GLU H 61 -25.63 -64.12 -24.54
CA GLU H 61 -26.60 -64.84 -25.35
C GLU H 61 -26.79 -64.20 -26.72
N ILE H 62 -26.61 -62.88 -26.82
CA ILE H 62 -26.82 -62.18 -28.10
C ILE H 62 -25.64 -62.37 -29.03
N TYR H 63 -24.41 -62.12 -28.54
CA TYR H 63 -23.23 -62.12 -29.39
C TYR H 63 -22.37 -63.37 -29.28
N GLY H 64 -22.61 -64.23 -28.30
CA GLY H 64 -21.82 -65.42 -28.13
C GLY H 64 -20.71 -65.24 -27.11
N LYS H 65 -19.64 -66.03 -27.31
CA LYS H 65 -18.52 -66.00 -26.38
C LYS H 65 -17.61 -64.80 -26.62
N ASN H 66 -17.73 -64.13 -27.77
CA ASN H 66 -16.94 -62.95 -28.09
C ASN H 66 -17.56 -61.66 -27.58
N TYR H 67 -18.39 -61.73 -26.54
CA TYR H 67 -19.08 -60.58 -25.98
C TYR H 67 -18.14 -59.44 -25.63
N SER H 68 -16.95 -59.76 -25.10
CA SER H 68 -16.02 -58.74 -24.63
C SER H 68 -15.49 -57.84 -25.75
N ASN H 69 -15.81 -58.13 -27.01
CA ASN H 69 -15.32 -57.33 -28.13
C ASN H 69 -16.43 -56.62 -28.89
N MET H 70 -17.62 -57.20 -28.95
CA MET H 70 -18.73 -56.61 -29.71
C MET H 70 -19.60 -55.68 -28.87
N VAL H 71 -19.26 -55.45 -27.61
CA VAL H 71 -20.06 -54.64 -26.70
C VAL H 71 -19.17 -53.57 -26.09
N LEU H 72 -19.67 -52.34 -26.03
CA LEU H 72 -18.97 -51.22 -25.41
C LEU H 72 -19.53 -51.02 -24.01
N GLU H 73 -18.76 -51.42 -23.00
CA GLU H 73 -19.19 -51.37 -21.62
C GLU H 73 -18.45 -50.24 -20.90
N LEU H 74 -19.20 -49.22 -20.50
CA LEU H 74 -18.66 -48.09 -19.76
C LEU H 74 -19.30 -48.04 -18.38
N ASN H 75 -18.53 -47.60 -17.39
CA ASN H 75 -18.98 -47.57 -16.01
C ASN H 75 -18.39 -46.36 -15.31
N ALA H 76 -18.67 -46.23 -14.02
CA ALA H 76 -18.18 -45.08 -13.26
C ALA H 76 -16.67 -45.13 -13.09
N SER H 77 -16.07 -46.33 -13.08
CA SER H 77 -14.63 -46.44 -13.00
C SER H 77 -13.92 -45.80 -14.18
N ASP H 78 -14.55 -45.82 -15.36
CA ASP H 78 -13.99 -45.16 -16.53
C ASP H 78 -14.47 -43.71 -16.59
N ASP H 79 -13.64 -42.87 -17.20
CA ASP H 79 -13.95 -41.46 -17.37
C ASP H 79 -15.13 -41.31 -18.34
N ARG H 80 -16.26 -40.83 -17.84
CA ARG H 80 -17.47 -40.64 -18.64
C ARG H 80 -17.86 -39.16 -18.57
N GLY H 81 -17.30 -38.37 -19.48
CA GLY H 81 -17.66 -36.98 -19.62
C GLY H 81 -18.41 -36.71 -20.91
N ILE H 82 -18.58 -35.41 -21.21
CA ILE H 82 -19.28 -35.06 -22.44
C ILE H 82 -18.37 -35.29 -23.65
N ASP H 83 -17.08 -34.97 -23.53
CA ASP H 83 -16.15 -35.24 -24.62
C ASP H 83 -15.95 -36.73 -24.81
N VAL H 84 -15.92 -37.50 -23.72
CA VAL H 84 -15.83 -38.95 -23.83
C VAL H 84 -17.03 -39.49 -24.59
N VAL H 85 -18.23 -39.01 -24.27
CA VAL H 85 -19.41 -39.38 -25.05
C VAL H 85 -19.20 -39.03 -26.52
N ARG H 86 -19.01 -37.73 -26.80
CA ARG H 86 -18.88 -37.22 -28.16
C ARG H 86 -17.94 -38.06 -29.00
N ASN H 87 -16.78 -38.41 -28.46
CA ASN H 87 -15.83 -39.18 -29.25
C ASN H 87 -16.17 -40.67 -29.25
N GLN H 88 -16.09 -41.31 -28.08
CA GLN H 88 -16.14 -42.77 -28.01
C GLN H 88 -17.53 -43.30 -28.37
N ILE H 89 -18.57 -42.79 -27.72
CA ILE H 89 -19.89 -43.37 -27.91
C ILE H 89 -20.40 -43.10 -29.31
N LYS H 90 -20.14 -41.91 -29.84
CA LYS H 90 -20.60 -41.59 -31.19
C LYS H 90 -19.82 -42.37 -32.24
N ASP H 91 -18.52 -42.57 -32.04
CA ASP H 91 -17.74 -43.35 -32.98
C ASP H 91 -18.13 -44.83 -32.93
N PHE H 92 -18.54 -45.30 -31.75
CA PHE H 92 -19.00 -46.68 -31.63
C PHE H 92 -20.36 -46.87 -32.28
N ALA H 93 -21.27 -45.90 -32.08
CA ALA H 93 -22.62 -46.02 -32.62
C ALA H 93 -22.62 -45.85 -34.14
N SER H 94 -21.84 -44.90 -34.65
CA SER H 94 -21.84 -44.61 -36.08
C SER H 94 -21.18 -45.72 -36.90
N THR H 95 -20.19 -46.41 -36.35
CA THR H 95 -19.49 -47.45 -37.08
C THR H 95 -20.18 -48.80 -36.86
N ARG H 96 -19.61 -49.85 -37.41
CA ARG H 96 -20.17 -51.19 -37.32
C ARG H 96 -19.18 -52.12 -36.65
N GLN H 97 -19.58 -53.39 -36.53
CA GLN H 97 -18.81 -54.37 -35.78
C GLN H 97 -17.62 -54.87 -36.60
N ILE H 98 -16.52 -55.17 -35.90
CA ILE H 98 -15.32 -55.65 -36.57
C ILE H 98 -15.22 -57.17 -36.54
N PHE H 99 -16.11 -57.85 -35.82
CA PHE H 99 -16.04 -59.29 -35.67
C PHE H 99 -17.18 -60.04 -36.33
N SER H 100 -18.36 -59.43 -36.47
CA SER H 100 -19.52 -60.08 -37.06
C SER H 100 -20.44 -59.00 -37.61
N LYS H 101 -21.66 -59.40 -37.97
CA LYS H 101 -22.67 -58.50 -38.50
C LYS H 101 -23.87 -58.50 -37.57
N GLY H 102 -24.32 -57.33 -37.17
CA GLY H 102 -25.46 -57.21 -36.28
C GLY H 102 -25.41 -55.90 -35.53
N PHE H 103 -26.46 -55.65 -34.75
CA PHE H 103 -26.56 -54.43 -33.97
C PHE H 103 -25.52 -54.43 -32.85
N LYS H 104 -25.20 -53.24 -32.37
CA LYS H 104 -24.23 -53.05 -31.31
C LYS H 104 -24.94 -52.85 -29.96
N LEU H 105 -24.16 -52.97 -28.89
CA LEU H 105 -24.68 -52.84 -27.54
C LEU H 105 -23.74 -51.97 -26.73
N ILE H 106 -24.28 -50.90 -26.14
CA ILE H 106 -23.56 -50.01 -25.25
C ILE H 106 -24.15 -50.15 -23.86
N ILE H 107 -23.37 -50.68 -22.94
CA ILE H 107 -23.80 -50.94 -21.57
C ILE H 107 -23.22 -49.83 -20.70
N LEU H 108 -24.05 -48.85 -20.34
CA LEU H 108 -23.65 -47.75 -19.48
C LEU H 108 -23.99 -48.15 -18.05
N ASP H 109 -23.12 -48.97 -17.45
CA ASP H 109 -23.33 -49.42 -16.08
C ASP H 109 -23.05 -48.30 -15.09
N GLU H 110 -23.88 -48.24 -14.05
CA GLU H 110 -23.76 -47.21 -13.00
C GLU H 110 -23.77 -45.80 -13.61
N ALA H 111 -24.69 -45.57 -14.54
CA ALA H 111 -24.79 -44.30 -15.23
C ALA H 111 -25.44 -43.21 -14.39
N ASP H 112 -25.71 -43.48 -13.11
CA ASP H 112 -26.26 -42.47 -12.20
C ASP H 112 -25.18 -41.50 -11.70
N ALA H 113 -23.92 -41.74 -12.03
CA ALA H 113 -22.83 -40.85 -11.66
C ALA H 113 -22.35 -40.02 -12.84
N MET H 114 -23.07 -40.02 -13.96
CA MET H 114 -22.68 -39.25 -15.12
C MET H 114 -23.09 -37.79 -14.96
N THR H 115 -22.37 -36.91 -15.64
CA THR H 115 -22.66 -35.48 -15.58
C THR H 115 -23.93 -35.17 -16.35
N ASN H 116 -24.58 -34.07 -15.98
CA ASN H 116 -25.80 -33.65 -16.66
C ASN H 116 -25.52 -33.31 -18.12
N ALA H 117 -24.37 -32.69 -18.39
CA ALA H 117 -24.01 -32.38 -19.77
C ALA H 117 -23.78 -33.66 -20.57
N ALA H 118 -23.20 -34.68 -19.95
CA ALA H 118 -23.01 -35.94 -20.63
C ALA H 118 -24.34 -36.58 -21.02
N GLN H 119 -25.31 -36.55 -20.11
CA GLN H 119 -26.63 -37.10 -20.43
C GLN H 119 -27.34 -36.26 -21.48
N ASN H 120 -27.17 -34.94 -21.43
CA ASN H 120 -27.79 -34.07 -22.44
C ASN H 120 -27.18 -34.31 -23.81
N ALA H 121 -25.90 -34.67 -23.87
CA ALA H 121 -25.29 -34.99 -25.15
C ALA H 121 -25.64 -36.40 -25.61
N LEU H 122 -25.88 -37.32 -24.67
CA LEU H 122 -26.17 -38.70 -25.01
C LEU H 122 -27.63 -38.91 -25.41
N ARG H 123 -28.54 -38.07 -24.90
CA ARG H 123 -29.95 -38.24 -25.22
C ARG H 123 -30.25 -38.05 -26.71
N ARG H 124 -29.39 -37.34 -27.43
CA ARG H 124 -29.52 -37.20 -28.88
C ARG H 124 -28.69 -38.24 -29.63
N VAL H 125 -27.72 -38.88 -28.96
CA VAL H 125 -27.03 -40.01 -29.56
C VAL H 125 -27.92 -41.25 -29.56
N ILE H 126 -28.71 -41.43 -28.50
CA ILE H 126 -29.64 -42.56 -28.44
C ILE H 126 -30.73 -42.42 -29.47
N GLU H 127 -31.18 -41.18 -29.74
CA GLU H 127 -32.27 -40.95 -30.68
C GLU H 127 -31.81 -40.94 -32.14
N ARG H 128 -30.56 -40.59 -32.41
CA ARG H 128 -30.04 -40.54 -33.77
C ARG H 128 -29.58 -41.90 -34.26
N TYR H 129 -28.68 -42.55 -33.53
CA TYR H 129 -28.19 -43.88 -33.87
C TYR H 129 -29.05 -44.89 -33.13
N THR H 130 -30.15 -45.31 -33.76
CA THR H 130 -31.07 -46.25 -33.14
C THR H 130 -31.40 -47.43 -34.05
N LYS H 131 -30.79 -47.52 -35.24
CA LYS H 131 -31.02 -48.62 -36.16
C LYS H 131 -29.86 -49.61 -36.17
N ASN H 132 -28.69 -49.23 -35.65
CA ASN H 132 -27.54 -50.12 -35.63
C ASN H 132 -26.97 -50.36 -34.25
N THR H 133 -27.47 -49.69 -33.21
CA THR H 133 -26.95 -49.87 -31.85
C THR H 133 -28.07 -49.67 -30.85
N ARG H 134 -27.85 -50.17 -29.63
CA ARG H 134 -28.80 -50.04 -28.54
C ARG H 134 -28.09 -49.54 -27.30
N PHE H 135 -28.87 -49.10 -26.32
CA PHE H 135 -28.36 -48.53 -25.09
C PHE H 135 -28.99 -49.22 -23.88
N CYS H 136 -28.15 -49.56 -22.91
CA CYS H 136 -28.60 -50.15 -21.65
C CYS H 136 -28.01 -49.34 -20.50
N VAL H 137 -28.88 -48.73 -19.70
CA VAL H 137 -28.48 -47.88 -18.59
C VAL H 137 -28.86 -48.57 -17.29
N LEU H 138 -27.87 -48.80 -16.43
CA LEU H 138 -28.08 -49.43 -15.13
C LEU H 138 -28.03 -48.37 -14.05
N ALA H 139 -28.99 -48.40 -13.13
CA ALA H 139 -29.11 -47.35 -12.13
C ALA H 139 -29.62 -47.91 -10.82
N ASN H 140 -29.17 -47.29 -9.73
CA ASN H 140 -29.68 -47.58 -8.40
C ASN H 140 -30.62 -46.47 -7.90
N TYR H 141 -30.40 -45.25 -8.37
CA TYR H 141 -31.24 -44.10 -8.04
C TYR H 141 -31.72 -43.46 -9.33
N ALA H 142 -33.03 -43.38 -9.52
CA ALA H 142 -33.62 -42.82 -10.73
C ALA H 142 -33.70 -41.30 -10.70
N HIS H 143 -33.27 -40.67 -9.61
CA HIS H 143 -33.30 -39.21 -9.50
C HIS H 143 -32.07 -38.54 -10.08
N LYS H 144 -30.98 -39.29 -10.29
CA LYS H 144 -29.76 -38.75 -10.86
C LYS H 144 -29.78 -38.72 -12.39
N LEU H 145 -30.83 -39.24 -13.01
CA LEU H 145 -30.95 -39.28 -14.46
C LEU H 145 -31.95 -38.21 -14.90
N THR H 146 -31.59 -37.48 -15.95
CA THR H 146 -32.49 -36.45 -16.48
C THR H 146 -33.77 -37.08 -17.01
N PRO H 147 -34.90 -36.38 -16.91
CA PRO H 147 -36.15 -36.95 -17.42
C PRO H 147 -36.14 -37.21 -18.92
N ALA H 148 -35.41 -36.39 -19.69
CA ALA H 148 -35.30 -36.64 -21.12
C ALA H 148 -34.61 -37.97 -21.40
N LEU H 149 -33.49 -38.23 -20.73
CA LEU H 149 -32.82 -39.52 -20.87
C LEU H 149 -33.66 -40.65 -20.27
N LEU H 150 -34.41 -40.35 -19.20
CA LEU H 150 -35.24 -41.36 -18.56
C LEU H 150 -36.43 -41.77 -19.41
N SER H 151 -36.87 -40.91 -20.32
CA SER H 151 -38.05 -41.20 -21.15
C SER H 151 -37.73 -41.94 -22.44
N ARG H 152 -36.46 -41.99 -22.83
CA ARG H 152 -36.09 -42.65 -24.09
C ARG H 152 -35.86 -44.15 -23.94
N CYS H 153 -35.83 -44.67 -22.72
CA CYS H 153 -35.55 -46.07 -22.48
C CYS H 153 -36.72 -46.75 -21.78
N THR H 154 -36.87 -48.05 -22.04
CA THR H 154 -37.88 -48.86 -21.37
C THR H 154 -37.36 -49.27 -19.99
N ARG H 155 -38.11 -48.92 -18.95
CA ARG H 155 -37.67 -49.08 -17.58
C ARG H 155 -38.05 -50.45 -17.05
N PHE H 156 -37.09 -51.15 -16.46
CA PHE H 156 -37.31 -52.43 -15.80
C PHE H 156 -36.82 -52.32 -14.37
N ARG H 157 -37.72 -52.53 -13.41
CA ARG H 157 -37.42 -52.41 -12.00
C ARG H 157 -37.05 -53.78 -11.44
N PHE H 158 -35.82 -53.92 -10.98
CA PHE H 158 -35.35 -55.18 -10.41
C PHE H 158 -35.80 -55.27 -8.95
N GLN H 159 -36.81 -56.08 -8.69
CA GLN H 159 -37.31 -56.23 -7.34
C GLN H 159 -36.29 -56.97 -6.47
N PRO H 160 -36.34 -56.77 -5.15
CA PRO H 160 -35.46 -57.55 -4.27
C PRO H 160 -35.74 -59.03 -4.38
N LEU H 161 -34.70 -59.83 -4.15
CA LEU H 161 -34.82 -61.27 -4.34
C LEU H 161 -35.80 -61.85 -3.32
N PRO H 162 -36.81 -62.62 -3.77
CA PRO H 162 -37.76 -63.21 -2.82
C PRO H 162 -37.19 -64.42 -2.12
N GLN H 163 -38.01 -65.08 -1.29
CA GLN H 163 -37.54 -66.21 -0.50
C GLN H 163 -37.22 -67.42 -1.38
N GLU H 164 -38.09 -67.70 -2.34
CA GLU H 164 -37.92 -68.90 -3.16
C GLU H 164 -36.62 -68.85 -3.97
N ALA H 165 -36.36 -67.73 -4.63
CA ALA H 165 -35.19 -67.64 -5.49
C ALA H 165 -33.90 -67.64 -4.68
N ILE H 166 -33.89 -66.93 -3.55
CA ILE H 166 -32.70 -66.90 -2.73
C ILE H 166 -32.43 -68.27 -2.11
N GLU H 167 -33.48 -69.00 -1.75
CA GLU H 167 -33.29 -70.36 -1.25
C GLU H 167 -32.81 -71.29 -2.36
N ARG H 168 -33.28 -71.08 -3.59
CA ARG H 168 -32.80 -71.87 -4.72
C ARG H 168 -31.31 -71.63 -4.96
N ARG H 169 -30.88 -70.37 -4.89
CA ARG H 169 -29.46 -70.06 -5.07
C ARG H 169 -28.64 -70.61 -3.91
N ILE H 170 -29.18 -70.57 -2.69
CA ILE H 170 -28.48 -71.15 -1.54
C ILE H 170 -28.32 -72.66 -1.73
N ALA H 171 -29.36 -73.32 -2.24
CA ALA H 171 -29.27 -74.76 -2.50
C ALA H 171 -28.25 -75.05 -3.59
N ASN H 172 -28.21 -74.21 -4.62
CA ASN H 172 -27.20 -74.38 -5.67
C ASN H 172 -25.79 -74.24 -5.11
N VAL H 173 -25.57 -73.27 -4.22
CA VAL H 173 -24.26 -73.10 -3.63
C VAL H 173 -23.92 -74.28 -2.71
N LEU H 174 -24.91 -74.78 -1.97
CA LEU H 174 -24.67 -75.92 -1.09
C LEU H 174 -24.43 -77.20 -1.89
N VAL H 175 -24.90 -77.23 -3.14
CA VAL H 175 -24.59 -78.35 -4.02
C VAL H 175 -23.17 -78.21 -4.56
N HIS H 176 -22.80 -76.98 -4.96
CA HIS H 176 -21.47 -76.75 -5.51
C HIS H 176 -20.36 -76.89 -4.49
N GLU H 177 -20.65 -76.64 -3.21
CA GLU H 177 -19.67 -76.73 -2.14
C GLU H 177 -20.02 -77.88 -1.21
N LYS H 178 -19.00 -78.48 -0.59
CA LYS H 178 -19.21 -79.54 0.39
C LYS H 178 -19.63 -78.88 1.71
N LEU H 179 -20.92 -78.52 1.77
CA LEU H 179 -21.44 -77.76 2.89
C LEU H 179 -22.89 -78.14 3.15
N LYS H 180 -23.27 -78.14 4.42
CA LYS H 180 -24.65 -78.39 4.84
C LYS H 180 -25.16 -77.20 5.65
N LEU H 181 -26.46 -76.95 5.57
CA LEU H 181 -27.08 -75.80 6.22
C LEU H 181 -28.36 -76.22 6.91
N SER H 182 -28.55 -75.74 8.15
CA SER H 182 -29.76 -76.04 8.89
C SER H 182 -30.93 -75.23 8.36
N PRO H 183 -32.16 -75.78 8.45
CA PRO H 183 -33.33 -75.04 7.96
C PRO H 183 -33.55 -73.72 8.67
N ASN H 184 -33.52 -73.73 10.01
CA ASN H 184 -33.66 -72.50 10.77
C ASN H 184 -32.49 -71.56 10.51
N ALA H 185 -31.29 -72.11 10.33
CA ALA H 185 -30.14 -71.31 9.95
C ALA H 185 -30.36 -70.65 8.60
N GLU H 186 -30.93 -71.40 7.65
CA GLU H 186 -31.24 -70.84 6.33
C GLU H 186 -32.27 -69.72 6.44
N LYS H 187 -33.29 -69.90 7.28
CA LYS H 187 -34.29 -68.86 7.47
C LYS H 187 -33.67 -67.61 8.07
N ALA H 188 -32.83 -67.77 9.09
CA ALA H 188 -32.15 -66.62 9.69
C ALA H 188 -31.25 -65.94 8.67
N LEU H 189 -30.60 -66.71 7.80
CA LEU H 189 -29.77 -66.14 6.74
C LEU H 189 -30.61 -65.31 5.77
N ILE H 190 -31.78 -65.83 5.39
CA ILE H 190 -32.66 -65.07 4.49
C ILE H 190 -33.16 -63.81 5.17
N GLU H 191 -33.31 -63.86 6.50
CA GLU H 191 -33.83 -62.70 7.22
C GLU H 191 -32.86 -61.53 7.21
N LEU H 192 -31.56 -61.79 7.32
CA LEU H 192 -30.55 -60.74 7.38
C LEU H 192 -29.98 -60.38 6.01
N SER H 193 -30.75 -60.60 4.93
CA SER H 193 -30.27 -60.35 3.58
C SER H 193 -30.94 -59.18 2.89
N ASN H 194 -32.24 -58.95 3.11
CA ASN H 194 -33.00 -57.88 2.45
C ASN H 194 -32.93 -58.00 0.93
N GLY H 195 -32.85 -59.22 0.42
CA GLY H 195 -32.80 -59.44 -1.01
C GLY H 195 -31.46 -59.11 -1.65
N ASP H 196 -30.36 -59.26 -0.91
CA ASP H 196 -29.03 -58.95 -1.40
C ASP H 196 -28.24 -60.25 -1.49
N MET H 197 -28.02 -60.74 -2.70
CA MET H 197 -27.29 -62.00 -2.89
C MET H 197 -25.82 -61.86 -2.49
N ARG H 198 -25.26 -60.66 -2.65
CA ARG H 198 -23.86 -60.44 -2.28
C ARG H 198 -23.64 -60.73 -0.80
N ARG H 199 -24.51 -60.19 0.06
CA ARG H 199 -24.40 -60.42 1.50
C ARG H 199 -24.52 -61.90 1.83
N VAL H 200 -25.47 -62.60 1.19
CA VAL H 200 -25.68 -64.01 1.46
C VAL H 200 -24.43 -64.80 1.10
N LEU H 201 -23.88 -64.55 -0.09
CA LEU H 201 -22.70 -65.29 -0.52
C LEU H 201 -21.51 -65.00 0.39
N ASN H 202 -21.32 -63.72 0.74
CA ASN H 202 -20.21 -63.34 1.60
C ASN H 202 -20.29 -64.02 2.97
N VAL H 203 -21.46 -63.93 3.61
CA VAL H 203 -21.60 -64.54 4.92
C VAL H 203 -21.60 -66.06 4.84
N LEU H 204 -22.02 -66.65 3.73
CA LEU H 204 -21.93 -68.10 3.58
C LEU H 204 -20.48 -68.55 3.52
N GLN H 205 -19.67 -67.85 2.73
CA GLN H 205 -18.23 -68.13 2.70
C GLN H 205 -17.62 -67.94 4.09
N SER H 206 -18.04 -66.87 4.78
CA SER H 206 -17.46 -66.58 6.09
C SER H 206 -17.83 -67.64 7.13
N CYS H 207 -19.08 -68.12 7.12
CA CYS H 207 -19.47 -69.16 8.06
C CYS H 207 -18.90 -70.52 7.68
N LYS H 208 -18.65 -70.77 6.39
CA LYS H 208 -17.90 -71.95 6.03
C LYS H 208 -16.47 -71.88 6.56
N ALA H 209 -15.88 -70.68 6.54
CA ALA H 209 -14.57 -70.51 7.13
C ALA H 209 -14.62 -70.61 8.65
N THR H 210 -15.78 -70.30 9.26
CA THR H 210 -15.89 -70.32 10.71
C THR H 210 -16.00 -71.76 11.23
N LEU H 211 -16.44 -72.69 10.37
CA LEU H 211 -16.71 -74.06 10.76
C LEU H 211 -15.55 -74.74 11.48
N ASP H 212 -14.32 -74.40 11.09
CA ASP H 212 -13.09 -74.91 11.69
C ASP H 212 -12.93 -76.42 11.50
N ASN H 213 -13.86 -77.07 10.81
CA ASN H 213 -13.90 -78.51 10.63
C ASN H 213 -13.69 -78.85 9.16
N PRO H 214 -13.47 -80.14 8.84
CA PRO H 214 -13.42 -80.56 7.42
C PRO H 214 -14.79 -80.60 6.77
N ASP H 215 -15.78 -79.94 7.38
CA ASP H 215 -17.13 -79.79 6.83
C ASP H 215 -17.90 -81.10 6.87
N GLU H 216 -17.70 -81.87 7.94
CA GLU H 216 -18.56 -83.02 8.20
C GLU H 216 -19.75 -82.67 9.09
N ASP H 217 -19.80 -81.45 9.60
CA ASP H 217 -20.89 -80.97 10.44
C ASP H 217 -21.75 -79.98 9.66
N GLU H 218 -22.80 -79.49 10.31
CA GLU H 218 -23.74 -78.57 9.72
C GLU H 218 -23.50 -77.15 10.21
N ILE H 219 -24.11 -76.19 9.53
CA ILE H 219 -24.07 -74.78 9.90
C ILE H 219 -25.41 -74.43 10.53
N SER H 220 -25.38 -74.11 11.82
CA SER H 220 -26.59 -73.80 12.59
C SER H 220 -26.76 -72.28 12.71
N ASP H 221 -27.80 -71.89 13.45
CA ASP H 221 -28.06 -70.47 13.67
C ASP H 221 -26.94 -69.82 14.46
N ASP H 222 -26.37 -70.55 15.42
CA ASP H 222 -25.29 -70.00 16.24
C ASP H 222 -24.11 -69.56 15.39
N VAL H 223 -23.72 -70.37 14.42
CA VAL H 223 -22.60 -70.02 13.54
C VAL H 223 -22.89 -68.73 12.78
N ILE H 224 -24.08 -68.63 12.19
CA ILE H 224 -24.44 -67.45 11.40
C ILE H 224 -24.44 -66.21 12.29
N TYR H 225 -25.05 -66.31 13.47
CA TYR H 225 -25.19 -65.14 14.34
C TYR H 225 -23.83 -64.70 14.89
N GLU H 226 -22.98 -65.66 15.25
CA GLU H 226 -21.65 -65.34 15.75
C GLU H 226 -20.73 -64.82 14.66
N CYS H 227 -20.95 -65.21 13.41
CA CYS H 227 -20.08 -64.77 12.32
C CYS H 227 -20.49 -63.40 11.79
N CYS H 228 -21.79 -63.15 11.65
CA CYS H 228 -22.28 -61.87 11.17
C CYS H 228 -22.48 -60.86 12.31
N GLY H 229 -22.30 -61.29 13.55
CA GLY H 229 -22.44 -60.41 14.70
C GLY H 229 -23.86 -59.87 14.88
N ALA H 230 -24.83 -60.51 14.24
CA ALA H 230 -26.21 -60.07 14.34
C ALA H 230 -26.86 -60.62 15.59
N PRO H 231 -27.74 -59.85 16.22
CA PRO H 231 -28.43 -60.33 17.42
C PRO H 231 -29.46 -61.40 17.09
N ARG H 232 -29.70 -62.27 18.08
CA ARG H 232 -30.67 -63.33 17.89
C ARG H 232 -32.06 -62.85 18.28
N PRO H 233 -33.11 -63.41 17.66
CA PRO H 233 -34.48 -63.02 18.03
C PRO H 233 -34.78 -63.28 19.50
N SER H 234 -34.14 -64.30 20.07
CA SER H 234 -34.33 -64.60 21.48
C SER H 234 -33.84 -63.46 22.36
N ASP H 235 -32.59 -63.05 22.19
CA ASP H 235 -32.06 -61.93 22.97
C ASP H 235 -32.78 -60.63 22.65
N LEU H 236 -33.18 -60.46 21.38
CA LEU H 236 -33.95 -59.28 20.99
C LEU H 236 -35.23 -59.18 21.79
N LYS H 237 -36.05 -60.24 21.77
CA LYS H 237 -37.30 -60.23 22.50
C LYS H 237 -37.09 -60.19 24.01
N ALA H 238 -36.00 -60.76 24.51
CA ALA H 238 -35.72 -60.66 25.95
C ALA H 238 -35.43 -59.24 26.36
N VAL H 239 -34.61 -58.53 25.57
CA VAL H 239 -34.32 -57.13 25.86
C VAL H 239 -35.59 -56.29 25.75
N LEU H 240 -36.40 -56.55 24.73
CA LEU H 240 -37.64 -55.78 24.57
C LEU H 240 -38.58 -56.02 25.74
N LYS H 241 -38.70 -57.27 26.20
CA LYS H 241 -39.56 -57.59 27.33
C LYS H 241 -39.05 -56.92 28.61
N SER H 242 -37.75 -56.99 28.85
CA SER H 242 -37.18 -56.38 30.04
C SER H 242 -37.32 -54.86 30.02
N ILE H 243 -37.33 -54.27 28.82
CA ILE H 243 -37.53 -52.83 28.71
C ILE H 243 -38.99 -52.47 28.96
N LEU H 244 -39.91 -53.28 28.40
CA LEU H 244 -41.33 -52.93 28.48
C LEU H 244 -41.92 -53.19 29.86
N GLU H 245 -41.48 -54.25 30.54
CA GLU H 245 -42.11 -54.68 31.79
C GLU H 245 -41.24 -54.50 33.01
N ASP H 246 -39.96 -54.86 32.93
CA ASP H 246 -39.11 -54.92 34.12
C ASP H 246 -38.72 -53.50 34.55
N ASP H 247 -37.90 -53.42 35.60
CA ASP H 247 -37.53 -52.15 36.22
C ASP H 247 -36.42 -51.47 35.43
N TRP H 248 -36.24 -50.17 35.69
CA TRP H 248 -35.23 -49.39 34.97
C TRP H 248 -33.84 -49.96 35.16
N GLY H 249 -33.41 -50.15 36.41
CA GLY H 249 -32.11 -50.72 36.66
C GLY H 249 -31.96 -52.12 36.12
N THR H 250 -33.01 -52.94 36.28
CA THR H 250 -32.99 -54.29 35.72
C THR H 250 -32.94 -54.27 34.19
N ALA H 251 -33.66 -53.33 33.56
CA ALA H 251 -33.61 -53.22 32.11
C ALA H 251 -32.22 -52.80 31.64
N HIS H 252 -31.60 -51.87 32.36
CA HIS H 252 -30.24 -51.44 32.02
C HIS H 252 -29.26 -52.60 32.15
N TYR H 253 -29.37 -53.36 33.25
CA TYR H 253 -28.49 -54.52 33.44
C TYR H 253 -28.71 -55.56 32.35
N THR H 254 -29.96 -55.80 31.98
CA THR H 254 -30.26 -56.79 30.94
C THR H 254 -29.67 -56.35 29.60
N LEU H 255 -29.89 -55.08 29.22
CA LEU H 255 -29.33 -54.57 27.98
C LEU H 255 -27.81 -54.66 27.98
N ASN H 256 -27.18 -54.31 29.10
CA ASN H 256 -25.73 -54.35 29.18
C ASN H 256 -25.21 -55.78 29.04
N LYS H 257 -25.79 -56.72 29.77
CA LYS H 257 -25.33 -58.10 29.70
C LYS H 257 -25.59 -58.71 28.34
N VAL H 258 -26.68 -58.34 27.67
CA VAL H 258 -26.96 -58.87 26.34
C VAL H 258 -25.99 -58.31 25.32
N ARG H 259 -25.73 -57.00 25.37
CA ARG H 259 -24.84 -56.39 24.40
C ARG H 259 -23.37 -56.66 24.69
N SER H 260 -23.04 -57.15 25.89
CA SER H 260 -21.66 -57.46 26.23
C SER H 260 -21.34 -58.94 26.23
N ALA H 261 -22.37 -59.81 26.31
CA ALA H 261 -22.10 -61.25 26.30
C ALA H 261 -21.73 -61.75 24.90
N LYS H 262 -22.40 -61.23 23.87
CA LYS H 262 -22.11 -61.60 22.50
C LYS H 262 -21.44 -60.47 21.71
N GLY H 263 -21.12 -59.35 22.35
CA GLY H 263 -20.51 -58.24 21.65
C GLY H 263 -21.41 -57.58 20.63
N LEU H 264 -22.72 -57.61 20.85
CA LEU H 264 -23.65 -57.04 19.90
C LEU H 264 -23.52 -55.52 19.85
N ALA H 265 -24.01 -54.94 18.76
CA ALA H 265 -23.99 -53.50 18.55
C ALA H 265 -25.35 -52.90 18.90
N LEU H 266 -25.32 -51.64 19.32
CA LEU H 266 -26.56 -50.97 19.71
C LEU H 266 -27.43 -50.66 18.50
N ILE H 267 -26.82 -50.39 17.34
CA ILE H 267 -27.59 -50.08 16.15
C ILE H 267 -28.36 -51.31 15.66
N ASP H 268 -27.74 -52.49 15.72
CA ASP H 268 -28.43 -53.71 15.32
C ASP H 268 -29.62 -53.99 16.24
N LEU H 269 -29.42 -53.79 17.55
CA LEU H 269 -30.53 -53.95 18.49
C LEU H 269 -31.63 -52.94 18.23
N ILE H 270 -31.26 -51.71 17.88
CA ILE H 270 -32.26 -50.69 17.57
C ILE H 270 -33.09 -51.10 16.36
N GLU H 271 -32.43 -51.53 15.29
CA GLU H 271 -33.14 -51.95 14.09
C GLU H 271 -34.02 -53.17 14.37
N GLY H 272 -33.52 -54.10 15.18
CA GLY H 272 -34.32 -55.27 15.51
C GLY H 272 -35.55 -54.93 16.32
N ILE H 273 -35.41 -54.04 17.31
CA ILE H 273 -36.55 -53.62 18.10
C ILE H 273 -37.55 -52.85 17.24
N VAL H 274 -37.05 -52.05 16.29
CA VAL H 274 -37.95 -51.35 15.37
C VAL H 274 -38.73 -52.35 14.52
N LYS H 275 -38.05 -53.38 14.02
CA LYS H 275 -38.72 -54.38 13.20
C LYS H 275 -39.75 -55.17 14.00
N ILE H 276 -39.44 -55.46 15.28
CA ILE H 276 -40.36 -56.23 16.10
C ILE H 276 -41.58 -55.40 16.47
N LEU H 277 -41.37 -54.14 16.87
CA LEU H 277 -42.47 -53.30 17.30
C LEU H 277 -43.36 -52.86 16.14
N GLU H 278 -42.94 -53.11 14.89
CA GLU H 278 -43.78 -52.76 13.75
C GLU H 278 -45.04 -53.61 13.68
N ASP H 279 -45.01 -54.82 14.24
CA ASP H 279 -46.18 -55.69 14.26
C ASP H 279 -47.08 -55.46 15.45
N TYR H 280 -46.64 -54.68 16.43
CA TYR H 280 -47.43 -54.41 17.62
C TYR H 280 -48.66 -53.58 17.27
N GLU H 281 -49.85 -54.15 17.50
CA GLU H 281 -51.09 -53.41 17.35
C GLU H 281 -51.24 -52.46 18.54
N LEU H 282 -51.11 -51.16 18.30
CA LEU H 282 -51.03 -50.17 19.36
C LEU H 282 -52.25 -49.25 19.36
N GLN H 283 -52.34 -48.46 20.42
CA GLN H 283 -53.37 -47.45 20.58
C GLN H 283 -53.02 -46.19 19.80
N ASN H 284 -53.68 -45.07 20.13
CA ASN H 284 -53.53 -43.79 19.46
C ASN H 284 -52.10 -43.52 19.00
N GLU H 285 -51.96 -43.11 17.73
CA GLU H 285 -50.67 -43.08 17.03
C GLU H 285 -49.63 -42.17 17.66
N GLU H 286 -49.96 -41.44 18.74
CA GLU H 286 -48.97 -40.59 19.38
C GLU H 286 -47.79 -41.41 19.90
N THR H 287 -48.05 -42.59 20.45
CA THR H 287 -46.97 -43.45 20.92
C THR H 287 -46.06 -43.86 19.76
N ARG H 288 -46.65 -44.21 18.62
CA ARG H 288 -45.84 -44.57 17.46
C ARG H 288 -45.03 -43.38 16.95
N VAL H 289 -45.64 -42.18 16.96
CA VAL H 289 -44.92 -40.98 16.53
C VAL H 289 -43.70 -40.74 17.42
N HIS H 290 -43.91 -40.73 18.73
CA HIS H 290 -42.81 -40.50 19.66
C HIS H 290 -41.74 -41.58 19.51
N LEU H 291 -42.16 -42.85 19.41
CA LEU H 291 -41.20 -43.94 19.28
C LEU H 291 -40.36 -43.80 18.03
N LEU H 292 -40.99 -43.59 16.87
CA LEU H 292 -40.25 -43.48 15.62
C LEU H 292 -39.32 -42.27 15.65
N THR H 293 -39.82 -41.12 16.12
CA THR H 293 -38.99 -39.92 16.15
C THR H 293 -37.76 -40.12 17.03
N LYS H 294 -37.97 -40.60 18.26
CA LYS H 294 -36.85 -40.75 19.18
C LYS H 294 -35.87 -41.82 18.70
N LEU H 295 -36.38 -42.91 18.14
CA LEU H 295 -35.50 -43.97 17.67
C LEU H 295 -34.68 -43.51 16.47
N ALA H 296 -35.29 -42.75 15.56
CA ALA H 296 -34.55 -42.23 14.42
C ALA H 296 -33.50 -41.21 14.87
N ASP H 297 -33.84 -40.37 15.87
CA ASP H 297 -32.86 -39.44 16.39
C ASP H 297 -31.68 -40.17 17.02
N ILE H 298 -31.96 -41.22 17.79
CA ILE H 298 -30.88 -41.98 18.43
C ILE H 298 -30.04 -42.70 17.37
N GLU H 299 -30.67 -43.20 16.31
CA GLU H 299 -29.92 -43.84 15.24
C GLU H 299 -29.02 -42.85 14.53
N TYR H 300 -29.53 -41.65 14.24
CA TYR H 300 -28.71 -40.63 13.59
C TYR H 300 -27.57 -40.18 14.49
N SER H 301 -27.78 -40.16 15.81
CA SER H 301 -26.70 -39.82 16.73
C SER H 301 -25.67 -40.94 16.80
N ILE H 302 -26.11 -42.20 16.75
CA ILE H 302 -25.18 -43.33 16.75
C ILE H 302 -24.35 -43.33 15.48
N SER H 303 -24.95 -42.91 14.36
CA SER H 303 -24.26 -42.88 13.08
C SER H 303 -23.08 -41.92 13.08
N LYS H 304 -22.94 -41.12 14.15
CA LYS H 304 -21.83 -40.20 14.29
C LYS H 304 -20.96 -40.48 15.51
N GLY H 305 -21.30 -41.47 16.32
CA GLY H 305 -20.51 -41.81 17.49
C GLY H 305 -21.15 -41.36 18.78
N GLY H 306 -20.34 -41.38 19.84
CA GLY H 306 -20.77 -40.97 21.16
C GLY H 306 -20.63 -42.07 22.18
N ASN H 307 -21.34 -41.89 23.30
CA ASN H 307 -21.31 -42.84 24.41
C ASN H 307 -22.36 -43.92 24.17
N ASP H 308 -21.91 -45.17 24.09
CA ASP H 308 -22.83 -46.28 23.85
C ASP H 308 -23.78 -46.49 25.02
N GLN H 309 -23.30 -46.30 26.25
CA GLN H 309 -24.16 -46.47 27.42
C GLN H 309 -25.23 -45.39 27.46
N ILE H 310 -24.84 -44.14 27.18
CA ILE H 310 -25.81 -43.05 27.16
C ILE H 310 -26.87 -43.29 26.09
N GLN H 311 -26.45 -43.76 24.91
CA GLN H 311 -27.40 -44.03 23.84
C GLN H 311 -28.31 -45.22 24.16
N GLY H 312 -27.79 -46.24 24.85
CA GLY H 312 -28.64 -47.35 25.26
C GLY H 312 -29.67 -46.94 26.28
N SER H 313 -29.25 -46.15 27.27
CA SER H 313 -30.20 -45.58 28.23
C SER H 313 -31.22 -44.70 27.53
N ALA H 314 -30.78 -43.96 26.50
CA ALA H 314 -31.71 -43.13 25.74
C ALA H 314 -32.74 -43.98 25.00
N VAL H 315 -32.31 -45.10 24.41
CA VAL H 315 -33.24 -46.00 23.75
C VAL H 315 -34.26 -46.55 24.75
N ILE H 316 -33.77 -46.99 25.92
CA ILE H 316 -34.67 -47.53 26.94
C ILE H 316 -35.68 -46.48 27.37
N GLY H 317 -35.21 -45.27 27.67
CA GLY H 317 -36.11 -44.21 28.11
C GLY H 317 -37.09 -43.78 27.04
N ALA H 318 -36.64 -43.77 25.78
CA ALA H 318 -37.52 -43.40 24.68
C ALA H 318 -38.63 -44.42 24.51
N ILE H 319 -38.28 -45.71 24.48
CA ILE H 319 -39.29 -46.75 24.36
C ILE H 319 -40.26 -46.70 25.54
N LYS H 320 -39.74 -46.49 26.75
CA LYS H 320 -40.58 -46.47 27.93
C LYS H 320 -41.55 -45.29 27.89
N ALA H 321 -41.04 -44.09 27.59
CA ALA H 321 -41.89 -42.91 27.56
C ALA H 321 -42.89 -42.98 26.41
N SER H 322 -42.52 -43.63 25.31
CA SER H 322 -43.48 -43.81 24.22
C SER H 322 -44.60 -44.76 24.62
N PHE H 323 -44.26 -45.84 25.32
CA PHE H 323 -45.30 -46.77 25.74
C PHE H 323 -46.11 -46.29 26.95
N GLU H 324 -45.60 -45.32 27.70
CA GLU H 324 -46.37 -44.76 28.81
C GLU H 324 -47.63 -44.03 28.36
N ASN H 325 -47.70 -43.62 27.08
CA ASN H 325 -48.91 -43.00 26.56
C ASN H 325 -49.97 -44.03 26.19
N GLU H 326 -49.64 -45.31 26.22
CA GLU H 326 -50.60 -46.38 25.94
C GLU H 326 -51.20 -46.94 27.22
N THR H 327 -52.16 -46.22 27.79
CA THR H 327 -52.81 -46.64 29.02
C THR H 327 -54.18 -46.00 29.17
N SER I 1 19.82 -54.67 11.07
CA SER I 1 18.69 -55.27 10.36
C SER I 1 17.53 -55.55 11.31
N LYS I 2 17.44 -56.79 11.80
CA LYS I 2 16.37 -57.15 12.71
C LYS I 2 16.61 -56.60 14.11
N LEU I 3 17.89 -56.54 14.52
CA LEU I 3 18.21 -55.99 15.84
C LEU I 3 17.88 -54.50 15.93
N ALA I 4 18.12 -53.74 14.85
CA ALA I 4 17.73 -52.33 14.84
C ALA I 4 16.22 -52.19 15.01
N ALA I 5 15.45 -53.06 14.35
CA ALA I 5 14.00 -53.05 14.52
C ALA I 5 13.60 -53.37 15.95
N GLU I 6 14.26 -54.36 16.56
CA GLU I 6 13.96 -54.69 17.95
C GLU I 6 14.24 -53.53 18.88
N GLN I 7 15.38 -52.85 18.69
CA GLN I 7 15.69 -51.70 19.54
C GLN I 7 14.75 -50.54 19.31
N SER I 8 14.34 -50.30 18.06
CA SER I 8 13.41 -49.22 17.79
C SER I 8 12.04 -49.52 18.38
N LEU I 9 11.64 -50.80 18.39
CA LEU I 9 10.40 -51.17 19.05
C LEU I 9 10.51 -51.01 20.56
N ALA I 10 11.66 -51.36 21.13
CA ALA I 10 11.88 -51.20 22.56
C ALA I 10 11.95 -49.74 22.99
N GLN I 11 12.32 -48.83 22.10
CA GLN I 11 12.35 -47.40 22.39
C GLN I 11 11.09 -46.70 21.88
N GLN I 12 10.04 -47.46 21.59
CA GLN I 12 8.79 -46.96 21.06
C GLN I 12 7.71 -46.98 22.14
N PRO I 13 6.75 -46.05 22.09
CA PRO I 13 5.62 -46.11 23.03
C PRO I 13 4.89 -47.44 22.95
N TRP I 14 4.22 -47.78 24.05
CA TRP I 14 3.60 -49.10 24.19
C TRP I 14 2.51 -49.35 23.16
N VAL I 15 1.91 -48.29 22.61
CA VAL I 15 0.87 -48.48 21.59
C VAL I 15 1.47 -49.11 20.34
N GLU I 16 2.61 -48.60 19.88
CA GLU I 16 3.28 -49.16 18.72
C GLU I 16 4.22 -50.29 19.07
N LYS I 17 4.72 -50.33 20.30
CA LYS I 17 5.62 -51.40 20.71
C LYS I 17 4.92 -52.75 20.74
N TYR I 18 3.66 -52.78 21.17
CA TYR I 18 2.90 -54.02 21.29
C TYR I 18 1.81 -54.12 20.22
N ARG I 19 2.08 -53.59 19.04
CA ARG I 19 1.15 -53.72 17.94
C ARG I 19 1.09 -55.18 17.49
N PRO I 20 -0.09 -55.75 17.29
CA PRO I 20 -0.17 -57.16 16.88
C PRO I 20 0.51 -57.39 15.53
N LYS I 21 1.50 -58.29 15.54
CA LYS I 21 2.23 -58.66 14.33
C LYS I 21 1.66 -59.90 13.65
N ASN I 22 1.01 -60.78 14.41
CA ASN I 22 0.39 -61.98 13.87
C ASN I 22 -1.11 -61.96 14.18
N LEU I 23 -1.84 -62.84 13.49
CA LEU I 23 -3.28 -62.94 13.72
C LEU I 23 -3.63 -63.55 15.07
N ASP I 24 -2.66 -64.16 15.76
CA ASP I 24 -2.92 -64.73 17.07
C ASP I 24 -2.85 -63.69 18.19
N GLU I 25 -2.21 -62.54 17.94
CA GLU I 25 -2.09 -61.52 18.98
C GLU I 25 -3.43 -60.81 19.21
N VAL I 26 -4.34 -60.88 18.23
CA VAL I 26 -5.67 -60.32 18.42
C VAL I 26 -6.38 -61.07 19.53
N THR I 27 -6.75 -60.36 20.59
CA THR I 27 -7.25 -61.01 21.79
C THR I 27 -8.75 -61.24 21.74
N ALA I 28 -9.53 -60.22 21.33
CA ALA I 28 -10.98 -60.28 21.42
C ALA I 28 -11.69 -60.46 20.10
N GLN I 29 -11.16 -59.90 19.00
CA GLN I 29 -11.82 -59.99 17.70
C GLN I 29 -11.49 -61.35 17.08
N ASP I 30 -12.13 -62.38 17.63
CA ASP I 30 -11.86 -63.76 17.22
C ASP I 30 -12.66 -64.19 15.99
N HIS I 31 -13.88 -63.69 15.83
CA HIS I 31 -14.72 -64.13 14.72
C HIS I 31 -14.12 -63.74 13.38
N ALA I 32 -13.50 -62.56 13.32
CA ALA I 32 -12.89 -62.12 12.06
C ALA I 32 -11.56 -62.82 11.81
N VAL I 33 -10.71 -62.92 12.83
CA VAL I 33 -9.41 -63.54 12.63
C VAL I 33 -9.53 -65.05 12.38
N THR I 34 -10.63 -65.69 12.82
CA THR I 34 -10.82 -67.09 12.49
C THR I 34 -11.01 -67.27 10.98
N VAL I 35 -11.87 -66.44 10.38
CA VAL I 35 -12.05 -66.48 8.94
C VAL I 35 -10.77 -66.09 8.22
N LEU I 36 -10.05 -65.11 8.75
CA LEU I 36 -8.79 -64.68 8.12
C LEU I 36 -7.74 -65.77 8.18
N LYS I 37 -7.75 -66.59 9.24
CA LYS I 37 -6.81 -67.71 9.33
C LYS I 37 -7.23 -68.85 8.42
N LYS I 38 -8.54 -69.09 8.29
CA LYS I 38 -9.01 -70.15 7.41
C LYS I 38 -8.69 -69.82 5.95
N THR I 39 -8.95 -68.58 5.53
CA THR I 39 -8.67 -68.20 4.15
C THR I 39 -7.18 -68.10 3.87
N LEU I 40 -6.34 -68.10 4.91
CA LEU I 40 -4.90 -68.09 4.71
C LEU I 40 -4.42 -69.39 4.06
N LYS I 41 -5.04 -70.51 4.37
CA LYS I 41 -4.74 -71.78 3.73
C LYS I 41 -5.38 -71.91 2.35
N SER I 42 -6.54 -71.28 2.15
CA SER I 42 -7.18 -71.26 0.84
C SER I 42 -6.68 -70.04 0.07
N ALA I 43 -7.34 -69.72 -1.05
CA ALA I 43 -6.95 -68.59 -1.88
C ALA I 43 -8.17 -67.80 -2.35
N ASN I 44 -9.21 -67.74 -1.54
CA ASN I 44 -10.45 -67.06 -1.93
C ASN I 44 -10.77 -65.89 -1.01
N LEU I 45 -9.76 -65.08 -0.69
CA LEU I 45 -9.95 -63.90 0.14
C LEU I 45 -10.91 -62.92 -0.54
N PRO I 46 -12.06 -62.64 0.05
CA PRO I 46 -13.01 -61.71 -0.57
C PRO I 46 -12.68 -60.27 -0.19
N HIS I 47 -13.37 -59.34 -0.85
CA HIS I 47 -13.27 -57.94 -0.47
C HIS I 47 -13.86 -57.73 0.92
N MET I 48 -13.12 -57.05 1.79
CA MET I 48 -13.50 -56.92 3.18
C MET I 48 -13.74 -55.47 3.55
N LEU I 49 -14.58 -55.26 4.56
CA LEU I 49 -14.91 -53.93 5.07
C LEU I 49 -14.93 -54.01 6.58
N PHE I 50 -13.85 -53.53 7.21
CA PHE I 50 -13.74 -53.50 8.66
C PHE I 50 -14.40 -52.24 9.19
N TYR I 51 -15.27 -52.39 10.18
CA TYR I 51 -15.93 -51.24 10.79
C TYR I 51 -16.16 -51.51 12.27
N GLY I 52 -16.10 -50.44 13.06
CA GLY I 52 -16.28 -50.54 14.49
C GLY I 52 -15.73 -49.34 15.22
N PRO I 53 -15.75 -49.38 16.55
CA PRO I 53 -15.24 -48.27 17.35
C PRO I 53 -13.74 -48.09 17.12
N PRO I 54 -13.20 -46.91 17.42
CA PRO I 54 -11.76 -46.70 17.24
C PRO I 54 -10.95 -47.43 18.30
N GLY I 55 -9.79 -47.93 17.89
CA GLY I 55 -8.93 -48.65 18.80
C GLY I 55 -9.30 -50.10 19.02
N THR I 56 -10.07 -50.70 18.12
CA THR I 56 -10.46 -52.10 18.23
C THR I 56 -9.48 -53.04 17.54
N GLY I 57 -8.60 -52.53 16.71
CA GLY I 57 -7.59 -53.33 16.07
C GLY I 57 -7.81 -53.65 14.60
N LYS I 58 -8.55 -52.83 13.86
CA LYS I 58 -8.79 -53.08 12.44
C LYS I 58 -7.51 -52.99 11.64
N THR I 59 -6.81 -51.86 11.77
CA THR I 59 -5.54 -51.69 11.05
C THR I 59 -4.52 -52.73 11.48
N SER I 60 -4.44 -53.02 12.78
CA SER I 60 -3.53 -54.05 13.24
C SER I 60 -3.90 -55.42 12.68
N THR I 61 -5.19 -55.74 12.64
CA THR I 61 -5.63 -57.03 12.11
C THR I 61 -5.27 -57.17 10.64
N ILE I 62 -5.54 -56.12 9.84
CA ILE I 62 -5.24 -56.22 8.42
C ILE I 62 -3.73 -56.25 8.17
N LEU I 63 -2.95 -55.54 8.99
CA LEU I 63 -1.50 -55.58 8.84
C LEU I 63 -0.96 -56.97 9.16
N ALA I 64 -1.46 -57.57 10.26
CA ALA I 64 -1.03 -58.91 10.62
C ALA I 64 -1.43 -59.92 9.55
N LEU I 65 -2.63 -59.77 8.99
CA LEU I 65 -3.08 -60.67 7.93
C LEU I 65 -2.20 -60.55 6.69
N THR I 66 -1.94 -59.32 6.24
CA THR I 66 -1.07 -59.12 5.08
C THR I 66 0.33 -59.65 5.33
N LYS I 67 0.85 -59.48 6.56
CA LYS I 67 2.16 -60.06 6.89
C LYS I 67 2.12 -61.58 6.78
N GLU I 68 1.22 -62.23 7.52
CA GLU I 68 1.14 -63.68 7.51
C GLU I 68 0.91 -64.21 6.09
N LEU I 69 0.31 -63.39 5.22
CA LEU I 69 0.06 -63.83 3.85
C LEU I 69 1.31 -63.72 2.98
N TYR I 70 1.97 -62.56 3.00
CA TYR I 70 2.96 -62.24 1.98
C TYR I 70 4.41 -62.31 2.45
N GLY I 71 4.67 -62.32 3.76
CA GLY I 71 6.04 -62.29 4.24
C GLY I 71 6.61 -60.88 4.24
N PRO I 72 7.68 -60.67 5.00
CA PRO I 72 8.29 -59.33 5.07
C PRO I 72 8.94 -58.89 3.78
N ASP I 73 9.10 -59.76 2.79
CA ASP I 73 9.66 -59.40 1.49
C ASP I 73 8.59 -58.90 0.53
N LEU I 74 7.51 -59.67 0.36
CA LEU I 74 6.40 -59.23 -0.49
C LEU I 74 5.47 -58.27 0.24
N MET I 75 5.75 -57.95 1.50
CA MET I 75 4.92 -56.99 2.23
C MET I 75 4.94 -55.61 1.59
N LYS I 76 6.05 -55.24 0.93
CA LYS I 76 6.19 -53.91 0.35
C LYS I 76 5.93 -53.87 -1.14
N SER I 77 5.68 -55.01 -1.78
CA SER I 77 5.50 -55.07 -3.22
C SER I 77 4.09 -55.43 -3.67
N ARG I 78 3.30 -56.10 -2.83
CA ARG I 78 1.95 -56.52 -3.20
C ARG I 78 0.88 -55.84 -2.36
N ILE I 79 1.18 -54.67 -1.79
CA ILE I 79 0.27 -53.95 -0.92
C ILE I 79 0.15 -52.51 -1.41
N LEU I 80 -1.07 -52.01 -1.50
CA LEU I 80 -1.34 -50.61 -1.80
C LEU I 80 -2.15 -50.03 -0.66
N GLU I 81 -1.48 -49.33 0.26
CA GLU I 81 -2.13 -48.75 1.43
C GLU I 81 -2.39 -47.28 1.18
N LEU I 82 -3.66 -46.89 1.23
CA LEU I 82 -4.07 -45.50 1.06
C LEU I 82 -4.76 -45.04 2.32
N ASN I 83 -4.21 -44.02 2.97
CA ASN I 83 -4.74 -43.51 4.22
C ASN I 83 -5.53 -42.23 3.97
N ALA I 84 -6.00 -41.58 5.04
CA ALA I 84 -6.70 -40.32 4.92
C ALA I 84 -5.76 -39.13 4.76
N SER I 85 -4.45 -39.34 4.93
CA SER I 85 -3.46 -38.29 4.72
C SER I 85 -3.07 -38.12 3.27
N ASP I 86 -3.74 -38.83 2.35
CA ASP I 86 -3.47 -38.74 0.93
C ASP I 86 -4.73 -38.26 0.21
N GLU I 87 -4.55 -37.84 -1.04
CA GLU I 87 -5.65 -37.39 -1.87
C GLU I 87 -6.38 -38.61 -2.42
N ARG I 88 -7.69 -38.64 -2.24
CA ARG I 88 -8.52 -39.78 -2.65
C ARG I 88 -9.76 -39.30 -3.38
N GLY I 89 -9.58 -38.36 -4.31
CA GLY I 89 -10.67 -37.90 -5.15
C GLY I 89 -10.99 -38.88 -6.25
N ILE I 90 -11.84 -38.42 -7.18
CA ILE I 90 -12.19 -39.25 -8.33
C ILE I 90 -10.96 -39.46 -9.22
N SER I 91 -10.13 -38.43 -9.38
CA SER I 91 -8.96 -38.53 -10.23
C SER I 91 -7.99 -39.58 -9.71
N ILE I 92 -7.72 -39.57 -8.40
CA ILE I 92 -6.79 -40.52 -7.81
C ILE I 92 -7.34 -41.94 -7.93
N VAL I 93 -8.60 -42.12 -7.55
CA VAL I 93 -9.22 -43.44 -7.61
C VAL I 93 -9.22 -43.98 -9.03
N ARG I 94 -9.43 -43.11 -10.03
CA ARG I 94 -9.50 -43.57 -11.41
C ARG I 94 -8.11 -43.86 -11.98
N GLU I 95 -7.12 -43.05 -11.65
CA GLU I 95 -5.79 -43.27 -12.20
C GLU I 95 -4.99 -44.28 -11.41
N LYS I 96 -4.66 -43.95 -10.16
CA LYS I 96 -3.64 -44.71 -9.42
C LYS I 96 -4.17 -46.07 -8.97
N VAL I 97 -5.33 -46.07 -8.32
CA VAL I 97 -5.90 -47.33 -7.82
C VAL I 97 -6.20 -48.27 -8.96
N LYS I 98 -6.75 -47.75 -10.07
CA LYS I 98 -7.10 -48.60 -11.19
C LYS I 98 -5.86 -49.10 -11.92
N ASN I 99 -4.79 -48.29 -11.98
CA ASN I 99 -3.57 -48.74 -12.61
C ASN I 99 -2.89 -49.82 -11.78
N PHE I 100 -2.96 -49.69 -10.45
CA PHE I 100 -2.39 -50.71 -9.58
C PHE I 100 -3.22 -52.00 -9.64
N ALA I 101 -4.54 -51.87 -9.76
CA ALA I 101 -5.39 -53.05 -9.83
C ALA I 101 -5.22 -53.78 -11.16
N ARG I 102 -5.13 -53.01 -12.26
CA ARG I 102 -4.96 -53.62 -13.57
C ARG I 102 -3.60 -54.29 -13.75
N LEU I 103 -2.59 -53.83 -13.00
CA LEU I 103 -1.27 -54.44 -13.07
C LEU I 103 -1.31 -55.88 -12.57
N THR I 104 -0.34 -56.66 -13.01
CA THR I 104 -0.23 -58.05 -12.61
C THR I 104 0.50 -58.16 -11.28
N VAL I 105 0.30 -59.30 -10.60
CA VAL I 105 0.95 -59.52 -9.32
C VAL I 105 2.44 -59.74 -9.52
N SER I 106 3.24 -59.22 -8.59
CA SER I 106 4.68 -59.36 -8.67
C SER I 106 5.09 -60.80 -8.42
N LYS I 107 6.16 -61.22 -9.08
CA LYS I 107 6.65 -62.59 -8.94
C LYS I 107 7.23 -62.80 -7.55
N PRO I 108 6.78 -63.82 -6.81
CA PRO I 108 7.42 -64.14 -5.53
C PRO I 108 8.77 -64.79 -5.75
N SER I 109 9.64 -64.64 -4.75
CA SER I 109 10.98 -65.20 -4.80
C SER I 109 10.94 -66.68 -4.40
N LYS I 110 12.10 -67.33 -4.40
CA LYS I 110 12.15 -68.74 -4.04
C LYS I 110 11.97 -68.92 -2.54
N HIS I 111 12.44 -67.95 -1.73
CA HIS I 111 12.27 -68.03 -0.29
C HIS I 111 10.85 -67.71 0.15
N ASP I 112 10.08 -67.01 -0.70
CA ASP I 112 8.72 -66.63 -0.32
C ASP I 112 7.78 -67.83 -0.35
N LEU I 113 7.80 -68.59 -1.45
CA LEU I 113 6.90 -69.72 -1.61
C LEU I 113 7.19 -70.86 -0.64
N GLU I 114 8.38 -70.89 -0.03
CA GLU I 114 8.74 -72.00 0.85
C GLU I 114 8.17 -71.83 2.25
N ASN I 115 7.89 -70.59 2.67
CA ASN I 115 7.41 -70.31 4.01
C ASN I 115 6.04 -69.68 4.06
N TYR I 116 5.62 -68.97 3.01
CA TYR I 116 4.36 -68.25 3.01
C TYR I 116 3.47 -68.75 1.87
N PRO I 117 2.15 -68.67 2.04
CA PRO I 117 1.25 -69.18 0.98
C PRO I 117 1.39 -68.44 -0.33
N CYS I 118 1.66 -67.12 -0.30
CA CYS I 118 1.83 -66.29 -1.49
C CYS I 118 0.63 -66.44 -2.42
N PRO I 119 -0.52 -65.87 -2.07
CA PRO I 119 -1.70 -65.99 -2.92
C PRO I 119 -1.49 -65.29 -4.26
N PRO I 120 -2.24 -65.67 -5.30
CA PRO I 120 -2.05 -65.07 -6.62
C PRO I 120 -2.65 -63.68 -6.78
N TYR I 121 -3.02 -63.01 -5.68
CA TYR I 121 -3.61 -61.68 -5.74
C TYR I 121 -2.88 -60.75 -4.79
N LYS I 122 -3.03 -59.45 -5.03
CA LYS I 122 -2.50 -58.41 -4.18
C LYS I 122 -3.63 -57.76 -3.39
N ILE I 123 -3.26 -56.90 -2.45
CA ILE I 123 -4.22 -56.30 -1.53
C ILE I 123 -4.10 -54.77 -1.60
N ILE I 124 -5.23 -54.11 -1.83
CA ILE I 124 -5.32 -52.66 -1.79
C ILE I 124 -6.22 -52.28 -0.61
N ILE I 125 -5.64 -51.67 0.41
CA ILE I 125 -6.36 -51.27 1.61
C ILE I 125 -6.54 -49.76 1.59
N LEU I 126 -7.70 -49.30 2.04
CA LEU I 126 -8.04 -47.89 2.12
C LEU I 126 -8.45 -47.58 3.56
N ASP I 127 -7.51 -47.07 4.35
CA ASP I 127 -7.74 -46.77 5.75
C ASP I 127 -8.50 -45.45 5.88
N GLU I 128 -9.38 -45.38 6.87
CA GLU I 128 -10.21 -44.20 7.12
C GLU I 128 -11.03 -43.84 5.88
N ALA I 129 -11.91 -44.76 5.49
CA ALA I 129 -12.76 -44.57 4.32
C ALA I 129 -13.92 -43.61 4.57
N ASP I 130 -14.05 -43.06 5.79
CA ASP I 130 -15.12 -42.12 6.08
C ASP I 130 -14.92 -40.81 5.34
N SER I 131 -13.66 -40.43 5.11
CA SER I 131 -13.34 -39.18 4.43
C SER I 131 -13.46 -39.30 2.91
N MET I 132 -13.68 -40.50 2.37
CA MET I 132 -13.81 -40.66 0.93
C MET I 132 -15.18 -40.19 0.47
N THR I 133 -15.21 -39.35 -0.55
CA THR I 133 -16.46 -38.86 -1.10
C THR I 133 -17.21 -39.99 -1.80
N ALA I 134 -18.54 -39.88 -1.83
CA ALA I 134 -19.38 -40.95 -2.36
C ALA I 134 -19.16 -41.20 -3.84
N ASP I 135 -18.79 -40.18 -4.62
CA ASP I 135 -18.53 -40.39 -6.04
C ASP I 135 -17.22 -41.14 -6.26
N ALA I 136 -16.18 -40.77 -5.52
CA ALA I 136 -14.93 -41.53 -5.57
C ALA I 136 -15.13 -42.96 -5.05
N GLN I 137 -16.11 -43.16 -4.17
CA GLN I 137 -16.42 -44.50 -3.69
C GLN I 137 -17.15 -45.32 -4.75
N SER I 138 -18.12 -44.71 -5.44
CA SER I 138 -18.82 -45.39 -6.52
C SER I 138 -17.88 -45.68 -7.69
N ALA I 139 -16.84 -44.86 -7.85
CA ALA I 139 -15.86 -45.14 -8.89
C ALA I 139 -15.11 -46.44 -8.62
N LEU I 140 -14.99 -46.82 -7.34
CA LEU I 140 -14.29 -48.05 -7.00
C LEU I 140 -15.11 -49.30 -7.27
N ARG I 141 -16.40 -49.14 -7.59
CA ARG I 141 -17.30 -50.30 -7.69
C ARG I 141 -16.82 -51.28 -8.75
N ARG I 142 -16.81 -50.86 -10.01
CA ARG I 142 -16.41 -51.77 -11.07
C ARG I 142 -14.91 -52.05 -11.03
N THR I 143 -14.13 -51.13 -10.49
CA THR I 143 -12.69 -51.37 -10.33
C THR I 143 -12.44 -52.59 -9.45
N MET I 144 -13.17 -52.70 -8.35
CA MET I 144 -13.04 -53.87 -7.48
C MET I 144 -13.88 -55.05 -7.95
N GLU I 145 -14.87 -54.82 -8.82
CA GLU I 145 -15.73 -55.90 -9.30
C GLU I 145 -15.11 -56.68 -10.46
N THR I 146 -14.39 -56.02 -11.35
CA THR I 146 -13.82 -56.69 -12.53
C THR I 146 -12.41 -57.20 -12.32
N TYR I 147 -11.60 -56.51 -11.52
CA TYR I 147 -10.21 -56.92 -11.28
C TYR I 147 -10.07 -57.73 -10.00
N SER I 148 -11.14 -58.39 -9.56
CA SER I 148 -11.07 -59.16 -8.33
C SER I 148 -10.15 -60.37 -8.46
N GLY I 149 -9.84 -60.78 -9.69
CA GLY I 149 -8.98 -61.94 -9.88
C GLY I 149 -7.53 -61.66 -9.51
N VAL I 150 -7.12 -60.40 -9.58
CA VAL I 150 -5.73 -60.04 -9.34
C VAL I 150 -5.53 -59.18 -8.10
N THR I 151 -6.55 -58.47 -7.63
CA THR I 151 -6.43 -57.65 -6.43
C THR I 151 -7.66 -57.83 -5.55
N ARG I 152 -7.46 -57.58 -4.26
CA ARG I 152 -8.53 -57.65 -3.27
C ARG I 152 -8.57 -56.34 -2.50
N PHE I 153 -9.78 -55.84 -2.25
CA PHE I 153 -9.96 -54.54 -1.64
C PHE I 153 -10.36 -54.69 -0.17
N CYS I 154 -9.70 -53.93 0.69
CA CYS I 154 -9.96 -53.92 2.12
C CYS I 154 -10.24 -52.49 2.56
N LEU I 155 -11.50 -52.19 2.84
CA LEU I 155 -11.90 -50.88 3.35
C LEU I 155 -11.88 -50.92 4.87
N ILE I 156 -11.49 -49.81 5.48
CA ILE I 156 -11.46 -49.68 6.94
C ILE I 156 -12.12 -48.37 7.32
N CYS I 157 -13.07 -48.43 8.23
CA CYS I 157 -13.78 -47.23 8.65
C CYS I 157 -14.27 -47.40 10.08
N ASN I 158 -14.74 -46.29 10.66
CA ASN I 158 -15.34 -46.27 11.99
C ASN I 158 -16.86 -46.23 11.91
N TYR I 159 -17.41 -45.41 11.01
CA TYR I 159 -18.85 -45.32 10.79
C TYR I 159 -19.17 -46.00 9.46
N VAL I 160 -19.87 -47.14 9.54
CA VAL I 160 -20.20 -47.88 8.33
C VAL I 160 -21.23 -47.14 7.49
N THR I 161 -21.92 -46.15 8.07
CA THR I 161 -22.91 -45.39 7.32
C THR I 161 -22.28 -44.43 6.32
N ARG I 162 -21.02 -44.03 6.54
CA ARG I 162 -20.37 -43.10 5.63
C ARG I 162 -20.01 -43.72 4.30
N ILE I 163 -20.03 -45.06 4.21
CA ILE I 163 -19.73 -45.76 2.97
C ILE I 163 -21.05 -46.07 2.26
N ILE I 164 -21.06 -45.88 0.95
CA ILE I 164 -22.29 -46.07 0.18
C ILE I 164 -22.75 -47.52 0.26
N ASP I 165 -24.04 -47.73 0.01
CA ASP I 165 -24.63 -49.07 0.08
C ASP I 165 -24.05 -50.06 -0.92
N PRO I 166 -23.80 -49.71 -2.18
CA PRO I 166 -23.20 -50.70 -3.10
C PRO I 166 -21.83 -51.19 -2.64
N LEU I 167 -20.98 -50.30 -2.12
CA LEU I 167 -19.67 -50.73 -1.64
C LEU I 167 -19.81 -51.61 -0.40
N ALA I 168 -20.73 -51.27 0.50
CA ALA I 168 -20.97 -52.11 1.67
C ALA I 168 -21.55 -53.46 1.29
N SER I 169 -22.24 -53.55 0.15
CA SER I 169 -22.75 -54.83 -0.31
C SER I 169 -21.68 -55.66 -1.00
N ARG I 170 -20.76 -55.00 -1.71
CA ARG I 170 -19.72 -55.73 -2.43
C ARG I 170 -18.70 -56.35 -1.47
N CYS I 171 -18.45 -55.72 -0.33
CA CYS I 171 -17.47 -56.20 0.62
C CYS I 171 -18.14 -56.97 1.75
N SER I 172 -17.40 -57.93 2.31
CA SER I 172 -17.86 -58.65 3.49
C SER I 172 -17.66 -57.78 4.72
N LYS I 173 -18.75 -57.55 5.45
CA LYS I 173 -18.76 -56.64 6.59
C LYS I 173 -18.20 -57.36 7.81
N PHE I 174 -17.13 -56.83 8.38
CA PHE I 174 -16.54 -57.33 9.61
C PHE I 174 -16.67 -56.26 10.69
N ARG I 175 -17.51 -56.53 11.67
CA ARG I 175 -17.73 -55.60 12.77
C ARG I 175 -16.81 -55.94 13.93
N PHE I 176 -15.94 -55.00 14.29
CA PHE I 176 -15.05 -55.16 15.43
C PHE I 176 -15.75 -54.70 16.69
N LYS I 177 -15.75 -55.57 17.71
CA LYS I 177 -16.47 -55.32 18.95
C LYS I 177 -15.64 -54.45 19.88
N ALA I 178 -16.35 -53.73 20.75
CA ALA I 178 -15.67 -52.91 21.75
C ALA I 178 -14.91 -53.79 22.73
N LEU I 179 -13.72 -53.33 23.12
CA LEU I 179 -12.82 -54.11 23.97
C LEU I 179 -13.03 -53.66 25.42
N ASP I 180 -13.99 -54.30 26.09
CA ASP I 180 -14.27 -54.01 27.48
C ASP I 180 -13.31 -54.79 28.37
N ALA I 181 -13.59 -54.83 29.68
CA ALA I 181 -12.70 -55.52 30.61
C ALA I 181 -12.67 -57.02 30.35
N SER I 182 -13.82 -57.61 30.00
CA SER I 182 -13.94 -59.05 29.91
C SER I 182 -13.01 -59.62 28.83
N ASN I 183 -13.11 -59.11 27.61
CA ASN I 183 -12.39 -59.68 26.47
C ASN I 183 -11.02 -59.04 26.24
N ALA I 184 -10.59 -58.12 27.10
CA ALA I 184 -9.29 -57.48 26.97
C ALA I 184 -8.46 -57.53 28.24
N ILE I 185 -8.98 -58.13 29.31
CA ILE I 185 -8.22 -58.21 30.56
C ILE I 185 -6.98 -59.08 30.37
N ASP I 186 -7.07 -60.11 29.52
CA ASP I 186 -5.92 -60.96 29.26
C ASP I 186 -4.81 -60.18 28.57
N ARG I 187 -5.16 -59.41 27.54
CA ARG I 187 -4.16 -58.62 26.83
C ARG I 187 -3.57 -57.54 27.73
N LEU I 188 -4.42 -56.90 28.55
CA LEU I 188 -3.91 -55.86 29.45
C LEU I 188 -2.97 -56.46 30.49
N ARG I 189 -3.31 -57.63 31.03
CA ARG I 189 -2.42 -58.28 31.99
C ARG I 189 -1.12 -58.73 31.33
N PHE I 190 -1.18 -59.19 30.08
CA PHE I 190 0.05 -59.54 29.37
C PHE I 190 0.94 -58.33 29.18
N ILE I 191 0.36 -57.19 28.78
CA ILE I 191 1.14 -55.97 28.62
C ILE I 191 1.73 -55.53 29.95
N SER I 192 0.97 -55.68 31.03
CA SER I 192 1.47 -55.28 32.34
C SER I 192 2.60 -56.18 32.82
N GLU I 193 2.51 -57.49 32.57
CA GLU I 193 3.57 -58.39 33.00
C GLU I 193 4.82 -58.22 32.16
N GLN I 194 4.67 -57.97 30.85
CA GLN I 194 5.82 -57.78 29.99
C GLN I 194 6.59 -56.50 30.34
N GLU I 195 5.95 -55.55 30.99
CA GLU I 195 6.59 -54.30 31.37
C GLU I 195 6.80 -54.18 32.88
N ASN I 196 6.52 -55.24 33.64
CA ASN I 196 6.67 -55.25 35.09
C ASN I 196 5.89 -54.11 35.74
N VAL I 197 4.64 -53.97 35.33
CA VAL I 197 3.74 -52.93 35.85
C VAL I 197 3.11 -53.48 37.13
N LYS I 198 3.65 -53.09 38.28
CA LYS I 198 3.14 -53.54 39.58
C LYS I 198 1.93 -52.69 39.95
N CYS I 199 0.74 -53.28 39.85
CA CYS I 199 -0.51 -52.61 40.16
C CYS I 199 -1.29 -53.41 41.20
N ASP I 200 -2.43 -52.86 41.60
CA ASP I 200 -3.30 -53.50 42.57
C ASP I 200 -4.22 -54.51 41.87
N ASP I 201 -5.20 -55.02 42.61
CA ASP I 201 -6.09 -56.05 42.10
C ASP I 201 -7.04 -55.51 41.02
N GLY I 202 -7.75 -54.43 41.31
CA GLY I 202 -8.76 -53.93 40.40
C GLY I 202 -8.34 -52.70 39.60
N VAL I 203 -7.09 -52.67 39.14
CA VAL I 203 -6.62 -51.54 38.36
C VAL I 203 -6.87 -51.76 36.87
N LEU I 204 -6.34 -52.86 36.33
CA LEU I 204 -6.46 -53.13 34.90
C LEU I 204 -7.91 -53.15 34.46
N GLU I 205 -8.75 -53.93 35.16
CA GLU I 205 -10.17 -53.96 34.85
C GLU I 205 -10.79 -52.58 34.93
N ARG I 206 -10.30 -51.75 35.85
CA ARG I 206 -10.79 -50.38 35.93
C ARG I 206 -10.33 -49.56 34.73
N ILE I 207 -9.08 -49.77 34.28
CA ILE I 207 -8.55 -49.00 33.16
C ILE I 207 -9.42 -49.16 31.93
N LEU I 208 -9.70 -50.42 31.56
CA LEU I 208 -10.59 -50.67 30.44
C LEU I 208 -11.98 -50.10 30.70
N ASP I 209 -12.41 -50.12 31.96
CA ASP I 209 -13.69 -49.50 32.30
C ASP I 209 -13.69 -48.01 31.97
N ILE I 210 -12.54 -47.35 32.11
CA ILE I 210 -12.43 -45.96 31.71
C ILE I 210 -12.28 -45.86 30.20
N SER I 211 -11.72 -46.91 29.59
CA SER I 211 -11.48 -46.88 28.15
C SER I 211 -12.78 -46.97 27.34
N ALA I 212 -13.79 -47.64 27.87
CA ALA I 212 -15.09 -47.79 27.21
C ALA I 212 -14.93 -48.43 25.83
N GLY I 213 -14.26 -49.58 25.80
CA GLY I 213 -14.06 -50.31 24.57
C GLY I 213 -12.98 -49.71 23.68
N ASP I 214 -11.79 -49.50 24.25
CA ASP I 214 -10.69 -48.90 23.49
C ASP I 214 -9.38 -49.38 24.12
N LEU I 215 -8.74 -50.36 23.49
CA LEU I 215 -7.50 -50.90 24.04
C LEU I 215 -6.33 -49.94 23.88
N ARG I 216 -6.34 -49.08 22.86
CA ARG I 216 -5.25 -48.12 22.69
C ARG I 216 -5.21 -47.13 23.83
N ARG I 217 -6.37 -46.55 24.18
CA ARG I 217 -6.42 -45.63 25.32
C ARG I 217 -6.07 -46.33 26.62
N GLY I 218 -6.50 -47.58 26.79
CA GLY I 218 -6.13 -48.31 27.99
C GLY I 218 -4.63 -48.56 28.09
N ILE I 219 -3.99 -48.92 26.97
CA ILE I 219 -2.54 -49.12 26.98
C ILE I 219 -1.82 -47.81 27.25
N THR I 220 -2.33 -46.71 26.71
CA THR I 220 -1.72 -45.40 26.97
C THR I 220 -1.86 -45.03 28.45
N LEU I 221 -3.02 -45.27 29.04
CA LEU I 221 -3.21 -45.00 30.46
C LEU I 221 -2.30 -45.88 31.32
N LEU I 222 -2.14 -47.15 30.93
CA LEU I 222 -1.26 -48.04 31.66
C LEU I 222 0.19 -47.57 31.58
N GLN I 223 0.62 -47.11 30.40
CA GLN I 223 1.97 -46.60 30.24
C GLN I 223 2.18 -45.34 31.08
N SER I 224 1.18 -44.45 31.11
CA SER I 224 1.29 -43.25 31.93
C SER I 224 1.35 -43.59 33.41
N ALA I 225 0.54 -44.55 33.86
CA ALA I 225 0.58 -44.95 35.26
C ALA I 225 1.91 -45.60 35.62
N SER I 226 2.46 -46.42 34.71
CA SER I 226 3.76 -47.02 34.95
C SER I 226 4.86 -45.97 35.02
N LYS I 227 4.81 -44.96 34.15
CA LYS I 227 5.80 -43.89 34.21
C LYS I 227 5.69 -43.11 35.51
N GLY I 228 4.46 -42.77 35.91
CA GLY I 228 4.25 -42.07 37.17
C GLY I 228 4.63 -42.85 38.41
N ALA I 229 4.53 -44.18 38.35
CA ALA I 229 4.96 -45.03 39.46
C ALA I 229 6.46 -45.29 39.46
N GLN I 230 7.10 -45.29 38.30
CA GLN I 230 8.56 -45.44 38.22
C GLN I 230 9.29 -44.15 38.58
N TYR I 231 8.69 -42.99 38.31
CA TYR I 231 9.32 -41.74 38.70
C TYR I 231 9.37 -41.60 40.22
N LEU I 232 8.30 -42.03 40.90
CA LEU I 232 8.28 -41.96 42.36
C LEU I 232 9.31 -42.89 42.97
N GLY I 233 9.41 -44.11 42.45
CA GLY I 233 10.37 -45.06 42.96
C GLY I 233 10.07 -45.60 44.34
N ASP I 234 8.83 -45.47 44.80
CA ASP I 234 8.47 -45.96 46.13
C ASP I 234 8.37 -47.47 46.20
N GLY I 235 8.29 -48.15 45.05
CA GLY I 235 8.16 -49.59 45.04
C GLY I 235 6.79 -50.12 45.35
N LYS I 236 5.79 -49.24 45.49
CA LYS I 236 4.43 -49.66 45.77
C LYS I 236 3.70 -50.01 44.48
N ASN I 237 2.43 -50.35 44.60
CA ASN I 237 1.60 -50.73 43.46
C ASN I 237 0.70 -49.58 43.04
N ILE I 238 0.40 -49.54 41.74
CA ILE I 238 -0.47 -48.51 41.19
C ILE I 238 -1.89 -48.73 41.73
N THR I 239 -2.54 -47.64 42.11
CA THR I 239 -3.89 -47.67 42.66
C THR I 239 -4.89 -47.20 41.63
N SER I 240 -6.15 -47.63 41.80
CA SER I 240 -7.21 -47.22 40.89
C SER I 240 -7.45 -45.71 40.95
N THR I 241 -7.26 -45.11 42.12
CA THR I 241 -7.42 -43.67 42.25
C THR I 241 -6.37 -42.91 41.45
N GLN I 242 -5.12 -43.36 41.51
CA GLN I 242 -4.06 -42.72 40.73
C GLN I 242 -4.32 -42.86 39.24
N VAL I 243 -4.96 -43.97 38.82
CA VAL I 243 -5.25 -44.17 37.41
C VAL I 243 -6.39 -43.24 36.97
N GLU I 244 -7.48 -43.21 37.75
CA GLU I 244 -8.60 -42.36 37.38
C GLU I 244 -8.31 -40.88 37.56
N GLU I 245 -7.23 -40.53 38.28
CA GLU I 245 -6.84 -39.13 38.40
C GLU I 245 -6.28 -38.60 37.08
N LEU I 246 -5.37 -39.37 36.46
CA LEU I 246 -4.76 -38.97 35.20
C LEU I 246 -5.59 -39.34 33.98
N ALA I 247 -6.70 -40.04 34.16
CA ALA I 247 -7.57 -40.42 33.06
C ALA I 247 -8.63 -39.37 32.75
N GLY I 248 -8.67 -38.28 33.50
CA GLY I 248 -9.68 -37.26 33.29
C GLY I 248 -11.01 -37.51 33.96
N VAL I 249 -11.06 -38.43 34.92
CA VAL I 249 -12.30 -38.76 35.60
C VAL I 249 -12.50 -37.81 36.77
N VAL I 250 -13.68 -37.24 36.88
CA VAL I 250 -13.99 -36.35 38.00
C VAL I 250 -14.09 -37.18 39.27
N PRO I 251 -13.50 -36.72 40.39
CA PRO I 251 -13.61 -37.47 41.64
C PRO I 251 -15.06 -37.63 42.07
N HIS I 252 -15.30 -38.63 42.92
CA HIS I 252 -16.66 -38.95 43.34
C HIS I 252 -17.26 -37.82 44.17
N ASP I 253 -16.45 -37.18 45.01
CA ASP I 253 -16.97 -36.12 45.87
C ASP I 253 -17.39 -34.90 45.07
N ILE I 254 -16.61 -34.53 44.04
CA ILE I 254 -16.98 -33.41 43.18
C ILE I 254 -18.27 -33.71 42.43
N LEU I 255 -18.51 -34.97 42.04
CA LEU I 255 -19.76 -35.31 41.38
C LEU I 255 -20.93 -35.28 42.36
N ILE I 256 -20.70 -35.73 43.60
CA ILE I 256 -21.76 -35.66 44.61
C ILE I 256 -22.12 -34.21 44.91
N GLU I 257 -21.14 -33.31 44.88
CA GLU I 257 -21.45 -31.89 45.02
C GLU I 257 -22.35 -31.40 43.89
N ILE I 258 -22.10 -31.86 42.66
CA ILE I 258 -22.96 -31.49 41.54
C ILE I 258 -24.37 -32.04 41.74
N VAL I 259 -24.48 -33.27 42.23
CA VAL I 259 -25.80 -33.85 42.48
C VAL I 259 -26.53 -33.04 43.55
N GLU I 260 -25.82 -32.60 44.59
CA GLU I 260 -26.46 -31.78 45.61
C GLU I 260 -26.90 -30.44 45.06
N LYS I 261 -26.07 -29.82 44.21
CA LYS I 261 -26.44 -28.54 43.63
C LYS I 261 -27.61 -28.67 42.66
N VAL I 262 -27.74 -29.80 41.98
CA VAL I 262 -28.87 -30.03 41.08
C VAL I 262 -30.14 -30.31 41.86
N LYS I 263 -30.07 -31.18 42.87
CA LYS I 263 -31.22 -31.51 43.70
C LYS I 263 -31.74 -30.29 44.44
N SER I 264 -30.90 -29.69 45.28
CA SER I 264 -31.24 -28.51 46.02
C SER I 264 -30.44 -27.31 45.51
N GLY I 265 -31.16 -26.28 45.08
CA GLY I 265 -30.51 -25.09 44.55
C GLY I 265 -31.28 -24.44 43.43
N ASP I 266 -31.08 -23.13 43.25
CA ASP I 266 -31.77 -22.36 42.23
C ASP I 266 -30.83 -22.14 41.03
N PHE I 267 -31.28 -21.31 40.09
CA PHE I 267 -30.48 -21.06 38.89
C PHE I 267 -29.16 -20.37 39.24
N ASP I 268 -29.17 -19.43 40.17
CA ASP I 268 -27.97 -18.65 40.46
C ASP I 268 -26.89 -19.51 41.10
N GLU I 269 -27.25 -20.31 42.10
CA GLU I 269 -26.26 -21.16 42.76
C GLU I 269 -25.69 -22.19 41.80
N ILE I 270 -26.55 -22.79 40.96
CA ILE I 270 -26.09 -23.77 39.99
C ILE I 270 -25.15 -23.12 38.98
N LYS I 271 -25.50 -21.92 38.51
CA LYS I 271 -24.65 -21.22 37.55
C LYS I 271 -23.30 -20.88 38.17
N LYS I 272 -23.30 -20.43 39.42
CA LYS I 272 -22.04 -20.10 40.09
C LYS I 272 -21.17 -21.33 40.27
N TYR I 273 -21.79 -22.46 40.69
CA TYR I 273 -21.00 -23.67 40.88
C TYR I 273 -20.48 -24.20 39.55
N VAL I 274 -21.25 -24.03 38.47
CA VAL I 274 -20.78 -24.47 37.16
C VAL I 274 -19.61 -23.60 36.70
N ASN I 275 -19.70 -22.29 36.93
CA ASN I 275 -18.60 -21.40 36.58
C ASN I 275 -17.34 -21.74 37.39
N THR I 276 -17.51 -22.13 38.65
CA THR I 276 -16.36 -22.55 39.45
C THR I 276 -15.80 -23.88 38.99
N PHE I 277 -16.68 -24.82 38.60
CA PHE I 277 -16.25 -26.15 38.20
C PHE I 277 -15.52 -26.11 36.85
N MET I 278 -15.96 -25.22 35.95
CA MET I 278 -15.29 -25.10 34.65
C MET I 278 -13.90 -24.51 34.76
N LYS I 279 -13.54 -23.91 35.89
CA LYS I 279 -12.18 -23.44 36.09
C LYS I 279 -11.21 -24.61 36.17
N SER I 280 -11.55 -25.64 36.94
CA SER I 280 -10.79 -26.88 36.93
C SER I 280 -11.08 -27.63 35.64
N GLY I 281 -10.04 -27.88 34.84
CA GLY I 281 -10.24 -28.49 33.53
C GLY I 281 -10.75 -29.92 33.58
N TRP I 282 -12.02 -30.11 33.21
CA TRP I 282 -12.60 -31.43 33.03
C TRP I 282 -13.33 -31.49 31.70
N SER I 283 -13.22 -32.64 31.04
CA SER I 283 -13.93 -32.85 29.78
C SER I 283 -15.42 -33.00 30.04
N ALA I 284 -16.23 -32.22 29.34
CA ALA I 284 -17.68 -32.28 29.53
C ALA I 284 -18.27 -33.62 29.18
N ALA I 285 -17.67 -34.34 28.22
CA ALA I 285 -18.16 -35.68 27.87
C ALA I 285 -18.03 -36.63 29.05
N SER I 286 -16.90 -36.58 29.76
CA SER I 286 -16.71 -37.44 30.92
C SER I 286 -17.68 -37.08 32.04
N VAL I 287 -17.93 -35.78 32.25
CA VAL I 287 -18.88 -35.37 33.28
C VAL I 287 -20.28 -35.86 32.94
N VAL I 288 -20.67 -35.73 31.67
CA VAL I 288 -21.99 -36.20 31.24
C VAL I 288 -22.10 -37.72 31.41
N ASN I 289 -21.04 -38.44 31.07
CA ASN I 289 -21.05 -39.90 31.21
C ASN I 289 -21.17 -40.31 32.67
N GLN I 290 -20.43 -39.63 33.55
CA GLN I 290 -20.50 -39.96 34.98
C GLN I 290 -21.87 -39.62 35.55
N LEU I 291 -22.44 -38.48 35.16
CA LEU I 291 -23.79 -38.13 35.61
C LEU I 291 -24.81 -39.14 35.11
N HIS I 292 -24.67 -39.60 33.87
CA HIS I 292 -25.57 -40.62 33.34
C HIS I 292 -25.46 -41.92 34.14
N GLU I 293 -24.23 -42.37 34.38
CA GLU I 293 -24.03 -43.58 35.17
C GLU I 293 -24.66 -43.45 36.55
N TYR I 294 -24.42 -42.31 37.22
CA TYR I 294 -24.95 -42.12 38.56
C TYR I 294 -26.48 -42.10 38.56
N TYR I 295 -27.08 -41.38 37.62
CA TYR I 295 -28.53 -41.21 37.63
C TYR I 295 -29.25 -42.50 37.23
N ILE I 296 -28.71 -43.22 36.24
CA ILE I 296 -29.38 -44.44 35.80
C ILE I 296 -29.14 -45.58 36.77
N THR I 297 -27.97 -45.63 37.40
CA THR I 297 -27.63 -46.70 38.33
C THR I 297 -28.30 -46.54 39.69
N ASN I 298 -28.48 -45.32 40.18
CA ASN I 298 -29.05 -45.08 41.49
C ASN I 298 -30.51 -45.50 41.50
N ASP I 299 -30.87 -46.38 42.43
CA ASP I 299 -32.24 -46.85 42.58
C ASP I 299 -33.02 -46.00 43.59
N ASN I 300 -33.01 -44.69 43.38
CA ASN I 300 -33.73 -43.76 44.25
C ASN I 300 -34.51 -42.70 43.49
N PHE I 301 -34.65 -42.84 42.18
CA PHE I 301 -35.36 -41.86 41.36
C PHE I 301 -36.52 -42.55 40.63
N ASP I 302 -37.56 -41.77 40.34
CA ASP I 302 -38.73 -42.31 39.67
C ASP I 302 -38.42 -42.63 38.21
N THR I 303 -39.17 -43.58 37.66
CA THR I 303 -38.99 -43.96 36.25
C THR I 303 -39.32 -42.80 35.32
N ASN I 304 -40.33 -42.01 35.67
CA ASN I 304 -40.65 -40.82 34.89
C ASN I 304 -39.49 -39.83 34.91
N PHE I 305 -38.79 -39.72 36.04
CA PHE I 305 -37.59 -38.89 36.10
C PHE I 305 -36.47 -39.53 35.29
N LYS I 306 -36.43 -40.86 35.24
CA LYS I 306 -35.33 -41.54 34.55
C LYS I 306 -35.44 -41.41 33.05
N ASN I 307 -36.65 -41.50 32.49
CA ASN I 307 -36.82 -41.26 31.06
C ASN I 307 -36.34 -39.87 30.69
N GLN I 308 -36.71 -38.86 31.48
CA GLN I 308 -36.33 -37.49 31.17
C GLN I 308 -34.83 -37.27 31.33
N ILE I 309 -34.22 -37.84 32.37
CA ILE I 309 -32.78 -37.67 32.54
C ILE I 309 -32.03 -38.36 31.40
N SER I 310 -32.51 -39.54 30.96
CA SER I 310 -31.86 -40.21 29.85
C SER I 310 -31.96 -39.41 28.56
N TRP I 311 -33.15 -38.89 28.26
CA TRP I 311 -33.29 -38.09 27.05
C TRP I 311 -32.46 -36.82 27.11
N LEU I 312 -32.40 -36.16 28.28
CA LEU I 312 -31.62 -34.94 28.40
C LEU I 312 -30.13 -35.22 28.24
N LEU I 313 -29.64 -36.30 28.85
CA LEU I 313 -28.23 -36.67 28.69
C LEU I 313 -27.92 -37.03 27.24
N PHE I 314 -28.85 -37.71 26.57
CA PHE I 314 -28.66 -38.02 25.16
C PHE I 314 -28.56 -36.76 24.32
N THR I 315 -29.46 -35.81 24.55
CA THR I 315 -29.43 -34.55 23.80
C THR I 315 -28.14 -33.78 24.08
N THR I 316 -27.70 -33.76 25.34
CA THR I 316 -26.48 -33.06 25.70
C THR I 316 -25.26 -33.69 25.04
N ASP I 317 -25.20 -35.02 25.00
CA ASP I 317 -24.08 -35.69 24.35
C ASP I 317 -24.11 -35.46 22.84
N SER I 318 -25.29 -35.48 22.24
CA SER I 318 -25.40 -35.23 20.80
C SER I 318 -24.98 -33.81 20.46
N ARG I 319 -25.28 -32.86 21.35
CA ARG I 319 -24.86 -31.47 21.10
C ARG I 319 -23.36 -31.31 21.33
N LEU I 320 -22.81 -31.99 22.34
CA LEU I 320 -21.38 -31.91 22.60
C LEU I 320 -20.55 -32.59 21.53
N ASN I 321 -21.12 -33.56 20.83
CA ASN I 321 -20.41 -34.26 19.76
C ASN I 321 -20.24 -33.43 18.48
N ASN I 322 -20.60 -32.14 18.52
CA ASN I 322 -20.52 -31.28 17.34
C ASN I 322 -19.54 -30.13 17.51
N GLY I 323 -18.71 -30.15 18.56
CA GLY I 323 -17.75 -29.09 18.77
C GLY I 323 -18.28 -27.86 19.47
N THR I 324 -19.35 -28.00 20.25
CA THR I 324 -19.94 -26.86 20.93
C THR I 324 -19.14 -26.48 22.17
N ASN I 325 -19.52 -25.36 22.79
CA ASN I 325 -18.88 -24.90 24.00
C ASN I 325 -19.30 -25.79 25.17
N GLU I 326 -18.31 -26.33 25.89
CA GLU I 326 -18.60 -27.27 26.96
C GLU I 326 -19.33 -26.58 28.12
N HIS I 327 -18.97 -25.34 28.42
CA HIS I 327 -19.55 -24.63 29.54
C HIS I 327 -21.05 -24.42 29.35
N ILE I 328 -21.44 -23.90 28.18
CA ILE I 328 -22.84 -23.60 27.92
C ILE I 328 -23.67 -24.88 27.94
N GLN I 329 -23.16 -25.93 27.29
CA GLN I 329 -23.90 -27.19 27.22
C GLN I 329 -24.04 -27.82 28.60
N LEU I 330 -22.98 -27.80 29.41
CA LEU I 330 -23.05 -28.37 30.75
C LEU I 330 -24.02 -27.58 31.62
N LEU I 331 -23.97 -26.25 31.55
CA LEU I 331 -24.89 -25.44 32.34
C LEU I 331 -26.33 -25.69 31.91
N ASN I 332 -26.59 -25.77 30.60
CA ASN I 332 -27.95 -26.03 30.12
C ASN I 332 -28.44 -27.39 30.58
N LEU I 333 -27.56 -28.41 30.51
CA LEU I 333 -27.95 -29.75 30.96
C LEU I 333 -28.28 -29.75 32.44
N LEU I 334 -27.44 -29.15 33.27
CA LEU I 334 -27.68 -29.14 34.71
C LEU I 334 -28.95 -28.37 35.05
N VAL I 335 -29.20 -27.27 34.33
CA VAL I 335 -30.41 -26.48 34.59
C VAL I 335 -31.65 -27.27 34.19
N LYS I 336 -31.60 -27.95 33.04
CA LYS I 336 -32.75 -28.71 32.58
C LYS I 336 -33.04 -29.88 33.51
N ILE I 337 -32.00 -30.53 34.02
CA ILE I 337 -32.23 -31.65 34.95
C ILE I 337 -32.54 -31.16 36.35
N SER I 338 -32.30 -29.89 36.66
CA SER I 338 -32.66 -29.35 37.96
C SER I 338 -34.15 -29.01 38.04
N GLN I 339 -34.76 -28.71 36.89
CA GLN I 339 -36.18 -28.37 36.86
C GLN I 339 -37.05 -29.60 37.04
N LEU I 340 -36.46 -30.78 36.90
CA LEU I 340 -37.20 -32.03 37.04
C LEU I 340 -37.59 -32.27 38.50
N TRP J 4 5.03 -7.29 32.84
CA TRP J 4 4.54 -7.85 31.59
C TRP J 4 4.47 -9.38 31.67
N VAL J 5 3.58 -9.97 30.88
CA VAL J 5 3.42 -11.43 30.88
C VAL J 5 4.70 -12.10 30.40
N ASP J 6 5.35 -11.53 29.38
CA ASP J 6 6.48 -12.20 28.75
C ASP J 6 7.77 -12.00 29.55
N LYS J 7 7.90 -10.88 30.26
CA LYS J 7 9.14 -10.63 31.00
C LYS J 7 9.32 -11.60 32.15
N TYR J 8 8.23 -12.06 32.75
CA TYR J 8 8.28 -13.00 33.88
C TYR J 8 7.48 -14.25 33.50
N ARG J 9 8.17 -15.21 32.89
CA ARG J 9 7.57 -16.46 32.48
C ARG J 9 8.53 -17.61 32.76
N PRO J 10 8.04 -18.71 33.35
CA PRO J 10 8.93 -19.84 33.64
C PRO J 10 9.47 -20.46 32.37
N LYS J 11 10.72 -20.92 32.45
CA LYS J 11 11.40 -21.54 31.33
C LYS J 11 11.72 -23.01 31.54
N SER J 12 11.48 -23.56 32.73
CA SER J 12 11.73 -24.96 33.02
C SER J 12 10.60 -25.51 33.88
N LEU J 13 10.71 -26.80 34.23
CA LEU J 13 9.69 -27.41 35.07
C LEU J 13 9.86 -27.01 36.54
N ASN J 14 11.10 -26.76 36.96
CA ASN J 14 11.37 -26.31 38.33
C ASN J 14 11.00 -24.84 38.54
N ALA J 15 10.65 -24.12 37.48
CA ALA J 15 10.29 -22.71 37.58
C ALA J 15 8.78 -22.50 37.63
N LEU J 16 7.99 -23.57 37.57
CA LEU J 16 6.55 -23.46 37.68
C LEU J 16 6.16 -23.18 39.13
N SER J 17 5.05 -22.45 39.29
CA SER J 17 4.66 -21.92 40.59
C SER J 17 3.21 -22.22 40.93
N HIS J 18 2.60 -23.18 40.22
CA HIS J 18 1.23 -23.58 40.52
C HIS J 18 0.99 -24.94 39.90
N ASN J 19 -0.01 -25.65 40.43
CA ASN J 19 -0.34 -27.01 40.03
C ASN J 19 0.88 -27.93 40.20
N GLU J 20 1.29 -28.08 41.45
CA GLU J 20 2.47 -28.90 41.77
C GLU J 20 2.29 -30.34 41.31
N GLU J 21 1.07 -30.86 41.39
CA GLU J 21 0.82 -32.23 40.93
C GLU J 21 1.02 -32.33 39.42
N LEU J 22 0.64 -31.28 38.69
CA LEU J 22 0.86 -31.27 37.24
C LEU J 22 2.34 -31.17 36.91
N THR J 23 3.09 -30.39 37.69
CA THR J 23 4.53 -30.31 37.48
C THR J 23 5.20 -31.66 37.75
N ASN J 24 4.77 -32.34 38.81
CA ASN J 24 5.32 -33.66 39.10
C ASN J 24 4.95 -34.68 38.03
N PHE J 25 3.73 -34.60 37.49
CA PHE J 25 3.34 -35.48 36.40
C PHE J 25 4.16 -35.21 35.16
N LEU J 26 4.46 -33.94 34.88
CA LEU J 26 5.29 -33.60 33.73
C LEU J 26 6.72 -34.10 33.92
N LYS J 27 7.25 -33.98 35.14
CA LYS J 27 8.58 -34.50 35.41
C LYS J 27 8.61 -36.02 35.25
N SER J 28 7.56 -36.70 35.71
CA SER J 28 7.46 -38.14 35.54
C SER J 28 7.43 -38.51 34.06
N LEU J 29 6.63 -37.79 33.27
CA LEU J 29 6.53 -38.05 31.84
C LEU J 29 7.81 -37.70 31.08
N SER J 30 8.63 -36.78 31.60
CA SER J 30 9.88 -36.41 30.96
C SER J 30 11.08 -37.16 31.52
N ASP J 31 10.88 -38.00 32.53
CA ASP J 31 11.99 -38.81 33.05
C ASP J 31 12.57 -39.70 31.96
N GLN J 32 11.71 -40.44 31.26
CA GLN J 32 12.13 -41.23 30.10
C GLN J 32 11.55 -40.61 28.84
N PRO J 33 12.33 -39.82 28.10
CA PRO J 33 11.78 -39.03 27.00
C PRO J 33 11.63 -39.75 25.67
N ARG J 34 12.34 -40.85 25.44
CA ARG J 34 12.28 -41.50 24.13
C ARG J 34 11.02 -42.35 23.96
N ASP J 35 10.56 -43.01 25.02
CA ASP J 35 9.33 -43.80 24.97
C ASP J 35 8.14 -42.94 25.40
N LEU J 36 8.01 -41.80 24.74
CA LEU J 36 6.98 -40.82 25.04
C LEU J 36 5.91 -40.82 23.96
N PRO J 37 4.65 -41.05 24.31
CA PRO J 37 3.58 -40.98 23.30
C PRO J 37 3.17 -39.54 23.04
N HIS J 38 2.25 -39.38 22.09
CA HIS J 38 1.74 -38.06 21.76
C HIS J 38 0.92 -37.51 22.92
N LEU J 39 0.93 -36.20 23.07
CA LEU J 39 0.28 -35.52 24.19
C LEU J 39 -0.71 -34.49 23.69
N LEU J 40 -1.77 -34.30 24.46
CA LEU J 40 -2.80 -33.30 24.18
C LEU J 40 -3.10 -32.55 25.48
N LEU J 41 -2.70 -31.29 25.52
CA LEU J 41 -2.91 -30.42 26.67
C LEU J 41 -4.25 -29.72 26.50
N TYR J 42 -5.19 -29.97 27.41
CA TYR J 42 -6.51 -29.36 27.35
C TYR J 42 -6.84 -28.71 28.69
N GLY J 43 -7.62 -27.64 28.63
CA GLY J 43 -8.00 -26.90 29.80
C GLY J 43 -8.43 -25.49 29.44
N PRO J 44 -8.72 -24.67 30.45
CA PRO J 44 -9.17 -23.30 30.19
C PRO J 44 -8.09 -22.48 29.49
N ASN J 45 -8.54 -21.49 28.73
CA ASN J 45 -7.64 -20.61 28.00
C ASN J 45 -7.02 -19.60 28.95
N GLY J 46 -5.69 -19.52 28.94
CA GLY J 46 -4.96 -18.64 29.84
C GLY J 46 -4.43 -19.31 31.09
N THR J 47 -4.43 -20.64 31.15
CA THR J 47 -3.95 -21.35 32.33
C THR J 47 -2.44 -21.47 32.37
N GLY J 48 -1.80 -21.63 31.22
CA GLY J 48 -0.35 -21.78 31.18
C GLY J 48 0.08 -23.12 30.63
N LYS J 49 -0.71 -23.69 29.72
CA LYS J 49 -0.37 -24.95 29.10
C LYS J 49 0.70 -24.81 28.02
N LYS J 50 0.67 -23.69 27.29
CA LYS J 50 1.69 -23.44 26.28
C LYS J 50 3.06 -23.18 26.90
N THR J 51 3.10 -22.63 28.12
CA THR J 51 4.36 -22.50 28.83
C THR J 51 4.84 -23.84 29.37
N ARG J 52 3.91 -24.66 29.87
CA ARG J 52 4.28 -25.97 30.39
C ARG J 52 4.76 -26.93 29.30
N CYS J 53 4.20 -26.85 28.10
CA CYS J 53 4.70 -27.68 27.01
C CYS J 53 6.13 -27.31 26.64
N MET J 54 6.43 -26.01 26.59
CA MET J 54 7.80 -25.58 26.30
C MET J 54 8.74 -25.95 27.45
N ALA J 55 8.25 -25.89 28.69
CA ALA J 55 9.06 -26.31 29.82
C ALA J 55 9.35 -27.80 29.78
N LEU J 56 8.37 -28.60 29.34
CA LEU J 56 8.59 -30.03 29.18
C LEU J 56 9.58 -30.32 28.06
N LEU J 57 9.51 -29.57 26.97
CA LEU J 57 10.50 -29.70 25.91
C LEU J 57 11.89 -29.32 26.41
N GLU J 58 11.95 -28.33 27.31
CA GLU J 58 13.22 -27.93 27.91
C GLU J 58 13.80 -29.04 28.78
N SER J 59 12.94 -29.95 29.25
CA SER J 59 13.44 -31.10 30.01
C SER J 59 13.79 -32.26 29.10
N ILE J 60 13.06 -32.39 27.97
CA ILE J 60 13.36 -33.45 27.01
C ILE J 60 14.62 -33.12 26.22
N PHE J 61 14.86 -31.84 25.95
CA PHE J 61 16.02 -31.43 25.17
C PHE J 61 16.84 -30.40 25.95
N GLY J 62 17.82 -29.79 25.30
CA GLY J 62 18.63 -28.78 25.94
C GLY J 62 17.88 -27.47 26.08
N PRO J 63 18.55 -26.48 26.68
CA PRO J 63 17.93 -25.16 26.86
C PRO J 63 17.75 -24.39 25.55
N GLY J 64 18.32 -24.87 24.46
CA GLY J 64 18.18 -24.20 23.17
C GLY J 64 16.81 -24.31 22.53
N VAL J 65 15.84 -24.94 23.19
CA VAL J 65 14.50 -25.09 22.66
C VAL J 65 13.78 -23.75 22.53
N TYR J 66 14.11 -22.78 23.39
CA TYR J 66 13.50 -21.47 23.33
C TYR J 66 14.10 -20.56 22.27
N ARG J 67 15.34 -20.80 21.87
CA ARG J 67 15.95 -20.07 20.77
C ARG J 67 15.35 -20.59 19.46
N LEU J 68 14.28 -19.94 19.01
CA LEU J 68 13.53 -20.40 17.85
C LEU J 68 13.50 -19.31 16.80
N LYS J 69 13.06 -19.67 15.59
CA LYS J 69 13.04 -18.76 14.46
C LYS J 69 11.75 -18.95 13.67
N ILE J 70 11.33 -17.89 12.99
CA ILE J 70 10.13 -17.92 12.16
C ILE J 70 10.53 -17.97 10.69
N ASP J 71 10.08 -19.01 10.00
CA ASP J 71 10.31 -19.18 8.57
C ASP J 71 8.97 -19.18 7.84
N VAL J 72 9.02 -19.30 6.52
CA VAL J 72 7.82 -19.30 5.69
C VAL J 72 7.87 -20.52 4.77
N ARG J 73 6.71 -21.10 4.51
CA ARG J 73 6.58 -22.22 3.57
C ARG J 73 5.34 -22.02 2.71
N GLN J 74 5.49 -22.29 1.42
CA GLN J 74 4.42 -22.09 0.46
C GLN J 74 3.84 -23.43 0.05
N PHE J 75 2.54 -23.44 -0.23
CA PHE J 75 1.84 -24.65 -0.65
C PHE J 75 0.93 -24.33 -1.83
N VAL J 76 0.69 -25.34 -2.65
CA VAL J 76 -0.18 -25.21 -3.82
C VAL J 76 -1.36 -26.16 -3.64
N THR J 77 -2.57 -25.60 -3.64
CA THR J 77 -3.78 -26.39 -3.51
C THR J 77 -4.16 -26.97 -4.87
N ALA J 78 -5.39 -27.49 -4.98
CA ALA J 78 -5.87 -28.03 -6.25
C ALA J 78 -5.91 -26.98 -7.35
N SER J 79 -5.96 -25.69 -7.01
CA SER J 79 -5.91 -24.60 -7.95
C SER J 79 -4.60 -23.83 -7.75
N ASN J 80 -4.42 -22.74 -8.49
CA ASN J 80 -3.21 -21.94 -8.41
C ASN J 80 -3.23 -20.94 -7.25
N ARG J 81 -4.17 -21.07 -6.32
CA ARG J 81 -4.14 -20.25 -5.12
C ARG J 81 -3.00 -20.71 -4.21
N LYS J 82 -2.09 -19.80 -3.91
CA LYS J 82 -0.91 -20.11 -3.12
C LYS J 82 -1.20 -19.92 -1.64
N LEU J 83 -1.02 -20.98 -0.86
CA LEU J 83 -1.20 -20.94 0.59
C LEU J 83 0.12 -20.55 1.24
N GLU J 84 0.11 -19.44 1.97
CA GLU J 84 1.29 -18.93 2.66
C GLU J 84 1.14 -19.21 4.16
N LEU J 85 2.08 -19.96 4.72
CA LEU J 85 2.03 -20.33 6.12
C LEU J 85 3.41 -20.14 6.76
N ASN J 86 3.44 -19.42 7.87
CA ASN J 86 4.67 -19.23 8.63
C ASN J 86 4.81 -20.33 9.67
N VAL J 87 6.05 -20.76 9.88
CA VAL J 87 6.36 -21.88 10.76
C VAL J 87 7.33 -21.41 11.84
N VAL J 88 7.05 -21.79 13.07
CA VAL J 88 7.94 -21.57 14.21
C VAL J 88 8.79 -22.82 14.38
N SER J 89 10.09 -22.69 14.17
CA SER J 89 10.99 -23.84 14.15
C SER J 89 12.10 -23.65 15.18
N SER J 90 12.60 -24.77 15.67
CA SER J 90 13.66 -24.81 16.66
C SER J 90 14.57 -25.99 16.33
N PRO J 91 15.85 -25.96 16.73
CA PRO J 91 16.74 -27.09 16.46
C PRO J 91 16.33 -28.39 17.13
N TYR J 92 15.23 -28.40 17.90
CA TYR J 92 14.73 -29.62 18.52
C TYR J 92 13.24 -29.85 18.32
N HIS J 93 12.48 -28.86 17.86
CA HIS J 93 11.05 -29.01 17.68
C HIS J 93 10.56 -27.95 16.70
N LEU J 94 9.29 -28.09 16.31
CA LEU J 94 8.66 -27.12 15.42
C LEU J 94 7.20 -26.96 15.81
N GLU J 95 6.65 -25.78 15.53
CA GLU J 95 5.29 -25.42 15.92
C GLU J 95 4.50 -25.00 14.69
N ILE J 96 3.33 -25.59 14.52
CA ILE J 96 2.42 -25.24 13.44
C ILE J 96 1.08 -24.82 14.04
N THR J 97 0.46 -23.82 13.42
CA THR J 97 -0.85 -23.33 13.85
C THR J 97 -1.79 -23.36 12.65
N PRO J 98 -2.55 -24.43 12.49
CA PRO J 98 -3.45 -24.54 11.33
C PRO J 98 -4.66 -23.62 11.41
N SER J 99 -4.73 -22.80 12.46
CA SER J 99 -5.81 -21.85 12.63
C SER J 99 -5.58 -20.55 11.88
N ASP J 100 -4.59 -20.49 11.00
CA ASP J 100 -4.25 -19.29 10.24
C ASP J 100 -4.81 -19.29 8.83
N MET J 101 -5.67 -20.25 8.48
CA MET J 101 -6.21 -20.35 7.15
C MET J 101 -7.63 -20.91 7.21
N GLY J 102 -8.22 -21.15 6.04
CA GLY J 102 -9.57 -21.66 5.95
C GLY J 102 -9.65 -23.17 5.96
N ASN J 103 -10.29 -23.74 4.94
CA ASN J 103 -10.47 -25.18 4.85
C ASN J 103 -9.24 -25.90 4.28
N ASN J 104 -8.10 -25.22 4.19
CA ASN J 104 -6.88 -25.82 3.65
C ASN J 104 -5.95 -26.31 4.75
N ASP J 105 -6.51 -26.71 5.90
CA ASP J 105 -5.67 -27.24 6.98
C ASP J 105 -5.13 -28.62 6.64
N ARG J 106 -5.93 -29.43 5.93
CA ARG J 106 -5.52 -30.80 5.63
C ARG J 106 -4.26 -30.84 4.77
N ILE J 107 -4.18 -29.97 3.76
CA ILE J 107 -3.03 -29.97 2.86
C ILE J 107 -1.77 -29.65 3.64
N VAL J 108 -1.77 -28.53 4.36
CA VAL J 108 -0.59 -28.14 5.13
C VAL J 108 -0.21 -29.23 6.12
N ILE J 109 -1.19 -29.73 6.87
CA ILE J 109 -0.92 -30.77 7.86
C ILE J 109 -0.22 -31.97 7.21
N GLN J 110 -0.86 -32.57 6.21
CA GLN J 110 -0.32 -33.79 5.63
C GLN J 110 1.04 -33.55 4.99
N GLU J 111 1.16 -32.53 4.15
CA GLU J 111 2.43 -32.32 3.43
C GLU J 111 3.56 -31.97 4.38
N LEU J 112 3.36 -30.99 5.27
CA LEU J 112 4.42 -30.59 6.17
C LEU J 112 4.82 -31.73 7.10
N LEU J 113 3.84 -32.45 7.66
CA LEU J 113 4.19 -33.51 8.59
C LEU J 113 4.89 -34.66 7.88
N LYS J 114 4.50 -34.95 6.63
CA LYS J 114 5.20 -36.00 5.89
C LYS J 114 6.62 -35.59 5.55
N GLU J 115 6.83 -34.31 5.22
CA GLU J 115 8.19 -33.84 4.95
C GLU J 115 9.06 -33.91 6.20
N VAL J 116 8.51 -33.53 7.35
CA VAL J 116 9.30 -33.57 8.58
C VAL J 116 9.55 -35.00 9.02
N ALA J 117 8.60 -35.91 8.76
CA ALA J 117 8.76 -37.30 9.15
C ALA J 117 9.68 -38.08 8.22
N HIS J 133 16.73 -35.44 21.19
CA HIS J 133 17.25 -36.82 21.22
C HIS J 133 17.29 -37.41 19.82
N ARG J 134 16.31 -38.27 19.51
CA ARG J 134 16.24 -38.93 18.22
C ARG J 134 15.06 -38.47 17.37
N TYR J 135 14.02 -37.92 17.97
CA TYR J 135 12.84 -37.45 17.26
C TYR J 135 12.73 -35.94 17.36
N LYS J 136 11.88 -35.38 16.51
CA LYS J 136 11.63 -33.93 16.47
C LYS J 136 10.18 -33.70 16.90
N CYS J 137 10.00 -32.88 17.94
CA CYS J 137 8.67 -32.65 18.47
C CYS J 137 7.89 -31.68 17.60
N VAL J 138 6.57 -31.86 17.61
CA VAL J 138 5.66 -31.03 16.82
C VAL J 138 4.58 -30.48 17.75
N ILE J 139 4.39 -29.18 17.74
CA ILE J 139 3.40 -28.51 18.58
C ILE J 139 2.31 -27.96 17.68
N ILE J 140 1.12 -28.56 17.75
CA ILE J 140 -0.03 -28.10 17.00
C ILE J 140 -0.82 -27.14 17.89
N ASN J 141 -0.77 -25.86 17.56
CA ASN J 141 -1.44 -24.84 18.34
C ASN J 141 -2.89 -24.68 17.91
N GLU J 142 -3.79 -24.57 18.89
CA GLU J 142 -5.22 -24.40 18.65
C GLU J 142 -5.77 -25.53 17.78
N ALA J 143 -5.71 -26.76 18.32
CA ALA J 143 -6.20 -27.93 17.59
C ALA J 143 -7.71 -27.92 17.40
N ASN J 144 -8.43 -27.02 18.07
CA ASN J 144 -9.88 -26.95 17.90
C ASN J 144 -10.27 -26.43 16.53
N SER J 145 -9.46 -25.58 15.92
CA SER J 145 -9.74 -25.06 14.58
C SER J 145 -9.45 -26.06 13.48
N LEU J 146 -8.78 -27.17 13.80
CA LEU J 146 -8.51 -28.21 12.82
C LEU J 146 -9.80 -28.82 12.31
N THR J 147 -10.03 -28.72 11.00
CA THR J 147 -11.21 -29.31 10.40
C THR J 147 -11.19 -30.83 10.55
N LYS J 148 -12.38 -31.43 10.43
CA LYS J 148 -12.51 -32.87 10.61
C LYS J 148 -11.69 -33.63 9.57
N ASP J 149 -11.58 -33.09 8.36
CA ASP J 149 -10.79 -33.76 7.34
C ASP J 149 -9.30 -33.69 7.65
N ALA J 150 -8.82 -32.56 8.18
CA ALA J 150 -7.43 -32.47 8.60
C ALA J 150 -7.14 -33.41 9.77
N GLN J 151 -8.08 -33.53 10.70
CA GLN J 151 -7.90 -34.46 11.81
C GLN J 151 -7.88 -35.90 11.31
N ALA J 152 -8.74 -36.22 10.34
CA ALA J 152 -8.73 -37.57 9.76
C ALA J 152 -7.41 -37.85 9.05
N ALA J 153 -6.86 -36.85 8.36
CA ALA J 153 -5.57 -37.01 7.70
C ALA J 153 -4.46 -37.22 8.71
N LEU J 154 -4.51 -36.48 9.83
CA LEU J 154 -3.50 -36.63 10.88
C LEU J 154 -3.67 -37.93 11.66
N ARG J 155 -4.85 -38.54 11.61
CA ARG J 155 -5.10 -39.77 12.35
C ARG J 155 -4.08 -40.86 12.02
N ARG J 156 -3.87 -41.13 10.74
CA ARG J 156 -2.92 -42.16 10.34
C ARG J 156 -1.47 -41.68 10.35
N THR J 157 -1.25 -40.38 10.16
CA THR J 157 0.11 -39.85 10.25
C THR J 157 0.65 -39.93 11.67
N MET J 158 -0.23 -39.87 12.67
CA MET J 158 0.21 -40.00 14.06
C MET J 158 0.74 -41.40 14.34
N GLU J 159 0.20 -42.41 13.66
CA GLU J 159 0.56 -43.80 13.94
C GLU J 159 1.63 -44.34 13.01
N LYS J 160 1.65 -43.91 11.74
CA LYS J 160 2.63 -44.45 10.80
C LYS J 160 4.04 -44.01 11.16
N TYR J 161 4.21 -42.75 11.57
CA TYR J 161 5.52 -42.20 11.95
C TYR J 161 5.47 -41.87 13.43
N SER J 162 5.78 -42.86 14.26
CA SER J 162 5.79 -42.71 15.71
C SER J 162 7.19 -42.72 16.30
N LYS J 163 8.21 -43.01 15.50
CA LYS J 163 9.59 -43.03 15.96
C LYS J 163 10.36 -41.78 15.56
N ASN J 164 9.75 -40.88 14.79
CA ASN J 164 10.40 -39.66 14.35
C ASN J 164 9.61 -38.39 14.65
N ILE J 165 8.30 -38.48 14.81
CA ILE J 165 7.44 -37.32 15.02
C ILE J 165 6.53 -37.60 16.21
N ARG J 166 6.60 -36.75 17.22
CA ARG J 166 5.71 -36.80 18.38
C ARG J 166 4.93 -35.49 18.46
N LEU J 167 3.61 -35.59 18.58
CA LEU J 167 2.73 -34.43 18.55
C LEU J 167 2.42 -33.98 19.97
N ILE J 168 2.46 -32.66 20.19
CA ILE J 168 2.02 -32.05 21.43
C ILE J 168 0.97 -31.01 21.06
N MET J 169 -0.30 -31.41 21.10
CA MET J 169 -1.40 -30.57 20.64
C MET J 169 -1.97 -29.78 21.81
N VAL J 170 -1.95 -28.45 21.67
CA VAL J 170 -2.47 -27.54 22.69
C VAL J 170 -3.85 -27.09 22.26
N CYS J 171 -4.84 -27.29 23.13
CA CYS J 171 -6.21 -26.90 22.83
C CYS J 171 -6.88 -26.46 24.13
N ASP J 172 -8.04 -25.81 23.99
CA ASP J 172 -8.81 -25.33 25.12
C ASP J 172 -10.02 -26.19 25.45
N SER J 173 -10.42 -27.08 24.56
CA SER J 173 -11.58 -27.95 24.81
C SER J 173 -11.53 -29.10 23.83
N MET J 174 -11.60 -30.33 24.34
CA MET J 174 -11.57 -31.52 23.50
C MET J 174 -12.89 -31.81 22.81
N SER J 175 -13.87 -30.91 22.88
CA SER J 175 -15.19 -31.14 22.29
C SER J 175 -15.11 -31.30 20.77
N PRO J 176 -14.44 -30.41 20.02
CA PRO J 176 -14.35 -30.60 18.58
C PRO J 176 -13.31 -31.61 18.12
N ILE J 177 -12.48 -32.12 19.03
CA ILE J 177 -11.47 -33.11 18.66
C ILE J 177 -12.15 -34.46 18.50
N ILE J 178 -11.85 -35.15 17.39
CA ILE J 178 -12.48 -36.44 17.14
C ILE J 178 -11.94 -37.48 18.12
N ALA J 179 -12.72 -38.56 18.28
CA ALA J 179 -12.39 -39.65 19.18
C ALA J 179 -11.12 -40.41 18.80
N PRO J 180 -10.87 -40.70 17.50
CA PRO J 180 -9.60 -41.34 17.16
C PRO J 180 -8.37 -40.55 17.58
N ILE J 181 -8.37 -39.23 17.35
CA ILE J 181 -7.23 -38.42 17.78
C ILE J 181 -7.12 -38.42 19.30
N LYS J 182 -8.25 -38.33 20.01
CA LYS J 182 -8.24 -38.40 21.46
C LYS J 182 -7.60 -39.70 21.95
N SER J 183 -7.91 -40.81 21.29
CA SER J 183 -7.35 -42.09 21.70
C SER J 183 -5.88 -42.19 21.32
N ARG J 184 -5.47 -41.55 20.23
CA ARG J 184 -4.10 -41.69 19.73
C ARG J 184 -3.08 -40.91 20.53
N CYS J 185 -3.50 -40.14 21.53
CA CYS J 185 -2.56 -39.37 22.34
C CYS J 185 -3.02 -39.36 23.79
N LEU J 186 -2.04 -39.25 24.70
CA LEU J 186 -2.36 -39.04 26.10
C LEU J 186 -3.07 -37.70 26.28
N LEU J 187 -3.95 -37.63 27.28
CA LEU J 187 -4.70 -36.42 27.57
C LEU J 187 -4.26 -35.86 28.90
N ILE J 188 -3.84 -34.59 28.91
CA ILE J 188 -3.35 -33.93 30.11
C ILE J 188 -4.21 -32.71 30.36
N ARG J 189 -4.89 -32.68 31.50
CA ARG J 189 -5.74 -31.55 31.86
C ARG J 189 -4.94 -30.53 32.66
N CYS J 190 -5.15 -29.25 32.35
CA CYS J 190 -4.49 -28.15 33.05
C CYS J 190 -5.54 -27.29 33.74
N PRO J 191 -5.85 -27.57 35.01
CA PRO J 191 -6.86 -26.75 35.71
C PRO J 191 -6.35 -25.35 35.96
N ALA J 192 -7.26 -24.38 35.89
CA ALA J 192 -6.90 -22.99 36.12
C ALA J 192 -6.37 -22.82 37.55
N PRO J 193 -5.34 -22.01 37.73
CA PRO J 193 -4.77 -21.81 39.06
C PRO J 193 -5.75 -21.11 39.99
N SER J 194 -5.65 -21.46 41.28
CA SER J 194 -6.51 -20.87 42.28
C SER J 194 -6.21 -19.38 42.43
N ASP J 195 -7.18 -18.66 43.00
CA ASP J 195 -7.00 -17.22 43.20
C ASP J 195 -5.82 -16.91 44.11
N SER J 196 -5.52 -17.81 45.05
CA SER J 196 -4.37 -17.61 45.93
C SER J 196 -3.05 -17.66 45.18
N GLU J 197 -2.90 -18.63 44.27
CA GLU J 197 -1.67 -18.74 43.50
C GLU J 197 -1.52 -17.55 42.55
N ILE J 198 -2.63 -17.11 41.95
CA ILE J 198 -2.60 -15.92 41.11
C ILE J 198 -2.18 -14.70 41.92
N SER J 199 -2.69 -14.59 43.15
CA SER J 199 -2.33 -13.47 44.00
C SER J 199 -0.85 -13.52 44.37
N THR J 200 -0.32 -14.71 44.67
CA THR J 200 1.10 -14.83 44.99
C THR J 200 1.96 -14.48 43.80
N ILE J 201 1.54 -14.86 42.59
CA ILE J 201 2.31 -14.51 41.39
C ILE J 201 2.27 -13.00 41.16
N LEU J 202 1.09 -12.38 41.29
CA LEU J 202 1.00 -10.94 41.15
C LEU J 202 1.82 -10.22 42.20
N SER J 203 1.95 -10.79 43.40
CA SER J 203 2.78 -10.18 44.42
C SER J 203 4.24 -10.14 43.99
N ASP J 204 4.78 -11.27 43.53
CA ASP J 204 6.15 -11.28 43.04
C ASP J 204 6.33 -10.34 41.86
N VAL J 205 5.32 -10.23 41.00
CA VAL J 205 5.42 -9.35 39.84
C VAL J 205 5.48 -7.89 40.27
N VAL J 206 4.63 -7.50 41.24
CA VAL J 206 4.59 -6.10 41.65
C VAL J 206 5.81 -5.74 42.50
N THR J 207 6.38 -6.72 43.21
CA THR J 207 7.63 -6.43 43.93
C THR J 207 8.82 -6.38 42.97
N ASN J 208 8.75 -7.10 41.86
CA ASN J 208 9.83 -7.02 40.87
C ASN J 208 9.65 -5.83 39.94
N GLU J 209 8.42 -5.51 39.55
CA GLU J 209 8.15 -4.33 38.73
C GLU J 209 8.06 -3.05 39.54
N ARG J 210 8.21 -3.13 40.87
CA ARG J 210 8.22 -1.96 41.75
C ARG J 210 6.90 -1.19 41.68
N ILE J 211 5.81 -1.90 41.95
CA ILE J 211 4.50 -1.29 42.06
C ILE J 211 4.21 -1.01 43.53
N GLN J 212 3.37 -0.01 43.80
CA GLN J 212 3.04 0.40 45.16
C GLN J 212 1.61 -0.04 45.47
N LEU J 213 1.47 -0.95 46.43
CA LEU J 213 0.18 -1.47 46.85
C LEU J 213 -0.13 -0.94 48.25
N GLU J 214 -1.23 -0.19 48.36
CA GLU J 214 -1.67 0.26 49.68
C GLU J 214 -2.20 -0.89 50.50
N THR J 215 -2.94 -1.81 49.87
CA THR J 215 -3.46 -3.01 50.53
C THR J 215 -3.35 -4.18 49.55
N LYS J 216 -2.92 -5.34 50.07
CA LYS J 216 -2.65 -6.49 49.22
C LYS J 216 -3.92 -7.08 48.62
N ASP J 217 -5.07 -6.95 49.29
CA ASP J 217 -6.29 -7.61 48.85
C ASP J 217 -6.70 -7.27 47.42
N ILE J 218 -6.28 -6.10 46.91
CA ILE J 218 -6.59 -5.73 45.52
C ILE J 218 -6.13 -6.83 44.56
N LEU J 219 -4.95 -7.41 44.82
CA LEU J 219 -4.47 -8.50 43.99
C LEU J 219 -5.49 -9.63 43.94
N LYS J 220 -6.01 -10.03 45.10
CA LYS J 220 -7.06 -11.03 45.14
C LYS J 220 -8.22 -10.65 44.21
N ARG J 221 -8.66 -9.38 44.29
CA ARG J 221 -9.76 -8.95 43.43
C ARG J 221 -9.41 -9.13 41.96
N ILE J 222 -8.15 -8.88 41.60
CA ILE J 222 -7.71 -9.11 40.22
C ILE J 222 -8.01 -10.55 39.82
N ALA J 223 -7.64 -11.50 40.68
CA ALA J 223 -7.99 -12.89 40.43
C ALA J 223 -9.49 -13.07 40.29
N GLN J 224 -10.25 -12.45 41.18
CA GLN J 224 -11.71 -12.55 41.11
C GLN J 224 -12.27 -11.87 39.86
N ALA J 225 -11.48 -11.08 39.16
CA ALA J 225 -11.91 -10.49 37.91
C ALA J 225 -11.36 -11.22 36.69
N SER J 226 -10.52 -12.23 36.90
CA SER J 226 -9.88 -12.93 35.78
C SER J 226 -10.44 -14.33 35.54
N ASN J 227 -11.12 -14.91 36.52
CA ASN J 227 -11.73 -16.23 36.39
C ASN J 227 -10.68 -17.30 36.07
N GLY J 228 -9.58 -17.27 36.83
CA GLY J 228 -8.51 -18.23 36.68
C GLY J 228 -7.51 -17.90 35.59
N ASN J 229 -7.80 -16.93 34.74
CA ASN J 229 -6.88 -16.57 33.66
C ASN J 229 -5.68 -15.81 34.20
N LEU J 230 -4.49 -16.37 34.03
CA LEU J 230 -3.27 -15.67 34.43
C LEU J 230 -2.83 -14.67 33.36
N ARG J 231 -2.96 -15.05 32.09
CA ARG J 231 -2.62 -14.14 31.00
C ARG J 231 -3.45 -12.86 31.06
N VAL J 232 -4.75 -13.01 31.36
CA VAL J 232 -5.60 -11.83 31.50
C VAL J 232 -5.30 -11.10 32.80
N SER J 233 -4.96 -11.84 33.87
CA SER J 233 -4.71 -11.23 35.16
C SER J 233 -3.51 -10.29 35.12
N LEU J 234 -2.38 -10.79 34.61
CA LEU J 234 -1.17 -9.97 34.54
C LEU J 234 -1.36 -8.77 33.62
N LEU J 235 -2.02 -8.99 32.47
CA LEU J 235 -2.24 -7.90 31.53
C LEU J 235 -3.13 -6.82 32.14
N MET J 236 -4.19 -7.22 32.86
CA MET J 236 -5.06 -6.24 33.50
C MET J 236 -4.34 -5.52 34.64
N LEU J 237 -3.51 -6.24 35.40
CA LEU J 237 -2.73 -5.61 36.45
C LEU J 237 -1.81 -4.55 35.88
N GLU J 238 -1.13 -4.87 34.77
CA GLU J 238 -0.24 -3.89 34.15
C GLU J 238 -1.00 -2.74 33.51
N SER J 239 -2.19 -3.01 32.97
CA SER J 239 -2.98 -1.94 32.37
C SER J 239 -3.50 -0.97 33.42
N MET J 240 -3.92 -1.48 34.58
CA MET J 240 -4.36 -0.61 35.66
C MET J 240 -3.20 0.01 36.44
N ALA J 241 -2.00 -0.55 36.31
CA ALA J 241 -0.82 0.08 36.90
C ALA J 241 -0.39 1.30 36.12
N LEU J 242 -0.71 1.37 34.82
CA LEU J 242 -0.39 2.54 34.03
C LEU J 242 -1.40 3.68 34.23
N ASN J 243 -2.63 3.35 34.61
CA ASN J 243 -3.63 4.37 34.90
C ASN J 243 -3.44 4.99 36.28
N ASN J 244 -2.98 4.20 37.25
CA ASN J 244 -2.70 4.68 38.60
C ASN J 244 -1.27 5.20 38.74
N GLU J 245 -0.51 5.25 37.65
CA GLU J 245 0.86 5.75 37.64
C GLU J 245 1.75 4.97 38.60
N LEU J 246 1.79 3.65 38.36
CA LEU J 246 2.68 2.73 39.06
C LEU J 246 2.43 2.69 40.57
N ALA J 247 1.23 3.08 41.01
CA ALA J 247 0.88 3.10 42.44
C ALA J 247 -0.59 2.74 42.57
N LEU J 248 -0.88 1.47 42.83
CA LEU J 248 -2.25 1.02 42.97
C LEU J 248 -2.79 1.37 44.36
N LYS J 249 -3.97 2.00 44.39
CA LYS J 249 -4.59 2.39 45.64
C LYS J 249 -5.56 1.31 46.11
N SER J 250 -6.33 1.63 47.15
CA SER J 250 -7.28 0.69 47.72
C SER J 250 -8.54 0.52 46.88
N SER J 251 -8.87 1.48 46.02
CA SER J 251 -10.08 1.43 45.21
C SER J 251 -9.75 1.71 43.75
N SER J 252 -8.70 1.08 43.24
CA SER J 252 -8.32 1.24 41.84
C SER J 252 -9.37 0.57 40.95
N PRO J 253 -9.87 1.27 39.93
CA PRO J 253 -10.88 0.67 39.06
C PRO J 253 -10.32 -0.51 38.27
N ILE J 254 -11.22 -1.43 37.93
CA ILE J 254 -10.87 -2.62 37.16
C ILE J 254 -10.95 -2.31 35.68
N ILE J 255 -9.85 -2.56 34.97
CA ILE J 255 -9.76 -2.27 33.55
C ILE J 255 -10.36 -3.44 32.78
N LYS J 256 -11.49 -3.20 32.13
CA LYS J 256 -12.16 -4.22 31.32
C LYS J 256 -11.94 -3.96 29.84
N PRO J 257 -11.79 -5.01 29.04
CA PRO J 257 -11.62 -4.82 27.60
C PRO J 257 -12.81 -4.13 26.96
N ASP J 258 -12.58 -3.58 25.78
CA ASP J 258 -13.63 -2.81 25.10
C ASP J 258 -14.78 -3.70 24.65
N TRP J 259 -14.48 -4.89 24.12
CA TRP J 259 -15.53 -5.77 23.65
C TRP J 259 -16.43 -6.25 24.77
N ILE J 260 -15.87 -6.43 25.97
CA ILE J 260 -16.70 -6.81 27.12
C ILE J 260 -17.67 -5.70 27.46
N ILE J 261 -17.22 -4.44 27.38
CA ILE J 261 -18.11 -3.31 27.65
C ILE J 261 -19.19 -3.22 26.58
N VAL J 262 -18.82 -3.47 25.32
CA VAL J 262 -19.81 -3.47 24.25
C VAL J 262 -20.85 -4.55 24.46
N ILE J 263 -20.41 -5.74 24.89
CA ILE J 263 -21.35 -6.83 25.14
C ILE J 263 -22.27 -6.49 26.32
N HIS J 264 -21.71 -5.86 27.36
CA HIS J 264 -22.53 -5.46 28.50
C HIS J 264 -23.58 -4.44 28.11
N LYS J 265 -23.19 -3.45 27.30
CA LYS J 265 -24.15 -2.47 26.80
C LYS J 265 -25.20 -3.14 25.91
N LEU J 266 -24.79 -4.16 25.15
CA LEU J 266 -25.74 -4.90 24.33
C LEU J 266 -26.77 -5.62 25.20
N THR J 267 -26.33 -6.22 26.30
CA THR J 267 -27.28 -6.89 27.19
C THR J 267 -28.19 -5.89 27.88
N ARG J 268 -27.65 -4.72 28.24
CA ARG J 268 -28.51 -3.67 28.80
C ARG J 268 -29.58 -3.26 27.80
N LYS J 269 -29.19 -3.08 26.54
CA LYS J 269 -30.16 -2.76 25.50
C LYS J 269 -31.17 -3.88 25.31
N ILE J 270 -30.73 -5.13 25.43
CA ILE J 270 -31.63 -6.27 25.28
C ILE J 270 -32.68 -6.26 26.38
N VAL J 271 -32.25 -6.17 27.64
CA VAL J 271 -33.19 -6.23 28.75
C VAL J 271 -34.03 -4.96 28.84
N LYS J 272 -33.57 -3.85 28.24
CA LYS J 272 -34.33 -2.61 28.31
C LYS J 272 -35.41 -2.57 27.23
N GLU J 273 -35.06 -2.86 25.99
CA GLU J 273 -35.99 -2.80 24.87
C GLU J 273 -35.99 -4.13 24.13
N ARG J 274 -37.18 -4.63 23.81
CA ARG J 274 -37.35 -5.87 23.06
C ARG J 274 -38.25 -5.58 21.87
N SER J 275 -37.64 -5.24 20.73
CA SER J 275 -38.40 -4.90 19.54
C SER J 275 -37.51 -5.11 18.32
N VAL J 276 -38.11 -4.95 17.14
CA VAL J 276 -37.37 -5.11 15.90
C VAL J 276 -36.47 -3.91 15.64
N ASN J 277 -36.93 -2.72 16.02
CA ASN J 277 -36.09 -1.52 15.88
C ASN J 277 -34.82 -1.64 16.70
N SER J 278 -34.93 -2.23 17.90
CA SER J 278 -33.74 -2.51 18.69
C SER J 278 -32.97 -3.71 18.13
N LEU J 279 -33.66 -4.61 17.45
CA LEU J 279 -32.96 -5.75 16.82
C LEU J 279 -32.06 -5.26 15.69
N ILE J 280 -32.44 -4.19 15.00
CA ILE J 280 -31.58 -3.64 13.95
C ILE J 280 -30.27 -3.13 14.53
N GLU J 281 -30.34 -2.35 15.61
CA GLU J 281 -29.11 -1.84 16.21
C GLU J 281 -28.32 -2.95 16.90
N CYS J 282 -29.02 -4.00 17.37
CA CYS J 282 -28.31 -5.17 17.87
C CYS J 282 -27.52 -5.86 16.77
N ARG J 283 -28.12 -6.01 15.58
CA ARG J 283 -27.41 -6.57 14.45
C ARG J 283 -26.22 -5.69 14.05
N ALA J 284 -26.41 -4.36 14.13
CA ALA J 284 -25.31 -3.44 13.82
C ALA J 284 -24.16 -3.62 14.82
N VAL J 285 -24.48 -3.75 16.11
CA VAL J 285 -23.45 -3.96 17.12
C VAL J 285 -22.74 -5.30 16.89
N LEU J 286 -23.51 -6.33 16.53
CA LEU J 286 -22.90 -7.63 16.23
C LEU J 286 -21.96 -7.54 15.04
N TYR J 287 -22.36 -6.79 14.01
CA TYR J 287 -21.50 -6.60 12.84
C TYR J 287 -20.22 -5.87 13.22
N ASP J 288 -20.34 -4.80 14.01
CA ASP J 288 -19.16 -4.06 14.44
C ASP J 288 -18.24 -4.90 15.31
N LEU J 289 -18.81 -5.82 16.10
CA LEU J 289 -17.98 -6.70 16.92
C LEU J 289 -17.29 -7.75 16.07
N LEU J 290 -17.99 -8.32 15.10
CA LEU J 290 -17.42 -9.39 14.28
C LEU J 290 -16.37 -8.83 13.32
N ALA J 291 -16.53 -7.59 12.88
CA ALA J 291 -15.60 -7.02 11.92
C ALA J 291 -14.24 -6.69 12.53
N HIS J 292 -14.11 -6.73 13.85
CA HIS J 292 -12.88 -6.37 14.54
C HIS J 292 -12.19 -7.58 15.17
N CYS J 293 -12.22 -8.71 14.48
CA CYS J 293 -11.46 -9.91 14.85
C CYS J 293 -11.89 -10.44 16.22
N ILE J 294 -13.20 -10.60 16.40
CA ILE J 294 -13.76 -11.15 17.62
C ILE J 294 -14.58 -12.38 17.23
N PRO J 295 -14.23 -13.57 17.70
CA PRO J 295 -14.99 -14.76 17.34
C PRO J 295 -16.42 -14.70 17.85
N ALA J 296 -17.30 -15.40 17.12
CA ALA J 296 -18.72 -15.34 17.45
C ALA J 296 -19.08 -16.27 18.59
N ASN J 297 -18.33 -17.37 18.76
CA ASN J 297 -18.60 -18.26 19.88
C ASN J 297 -18.31 -17.58 21.21
N ILE J 298 -17.20 -16.85 21.31
CA ILE J 298 -16.90 -16.11 22.52
C ILE J 298 -17.92 -15.00 22.73
N ILE J 299 -18.35 -14.35 21.66
CA ILE J 299 -19.38 -13.32 21.76
C ILE J 299 -20.66 -13.91 22.34
N LEU J 300 -21.10 -15.05 21.82
CA LEU J 300 -22.31 -15.70 22.32
C LEU J 300 -22.15 -16.13 23.77
N LYS J 301 -20.99 -16.68 24.12
CA LYS J 301 -20.75 -17.12 25.49
C LYS J 301 -20.84 -15.94 26.46
N GLU J 302 -20.11 -14.87 26.17
CA GLU J 302 -20.12 -13.70 27.04
C GLU J 302 -21.50 -13.06 27.10
N LEU J 303 -22.18 -12.93 25.96
CA LEU J 303 -23.52 -12.37 25.92
C LEU J 303 -24.49 -13.17 26.79
N THR J 304 -24.49 -14.50 26.66
CA THR J 304 -25.38 -15.33 27.47
C THR J 304 -25.04 -15.24 28.95
N PHE J 305 -23.74 -15.32 29.28
CA PHE J 305 -23.35 -15.32 30.68
C PHE J 305 -23.67 -13.99 31.35
N SER J 306 -23.53 -12.89 30.62
CA SER J 306 -23.84 -11.58 31.19
C SER J 306 -25.33 -11.28 31.14
N LEU J 307 -26.08 -11.96 30.27
CA LEU J 307 -27.53 -11.86 30.30
C LEU J 307 -28.13 -12.64 31.47
N LEU J 308 -27.52 -13.76 31.83
CA LEU J 308 -27.98 -14.51 33.00
C LEU J 308 -27.74 -13.73 34.28
N ASP J 309 -26.75 -12.81 34.26
CA ASP J 309 -26.45 -12.02 35.45
C ASP J 309 -27.47 -10.91 35.67
N VAL J 310 -28.36 -10.66 34.71
CA VAL J 310 -29.37 -9.62 34.85
C VAL J 310 -30.34 -10.03 35.94
N GLU J 311 -30.39 -9.26 37.03
CA GLU J 311 -31.26 -9.58 38.15
C GLU J 311 -32.73 -9.30 37.87
N THR J 312 -33.05 -8.60 36.78
CA THR J 312 -34.44 -8.31 36.48
C THR J 312 -35.19 -9.55 36.01
N LEU J 313 -34.49 -10.51 35.42
CA LEU J 313 -35.10 -11.72 34.91
C LEU J 313 -35.26 -12.75 36.04
N ASN J 314 -36.10 -13.75 35.78
CA ASN J 314 -36.36 -14.83 36.70
C ASN J 314 -35.81 -16.14 36.17
N THR J 315 -36.02 -17.22 36.94
CA THR J 315 -35.50 -18.52 36.55
C THR J 315 -36.13 -19.01 35.25
N THR J 316 -37.41 -18.70 35.03
CA THR J 316 -38.07 -19.11 33.80
C THR J 316 -37.43 -18.46 32.58
N ASN J 317 -37.00 -17.20 32.71
CA ASN J 317 -36.33 -16.53 31.61
C ASN J 317 -34.91 -17.06 31.41
N LYS J 318 -34.20 -17.29 32.51
CA LYS J 318 -32.80 -17.72 32.41
C LYS J 318 -32.69 -19.13 31.84
N SER J 319 -33.64 -20.01 32.18
CA SER J 319 -33.63 -21.36 31.63
C SER J 319 -33.83 -21.34 30.12
N SER J 320 -34.82 -20.57 29.65
CA SER J 320 -35.04 -20.43 28.22
C SER J 320 -33.84 -19.79 27.54
N ILE J 321 -33.20 -18.82 28.21
CA ILE J 321 -32.03 -18.17 27.63
C ILE J 321 -30.90 -19.17 27.44
N ILE J 322 -30.63 -19.98 28.46
CA ILE J 322 -29.53 -20.94 28.35
C ILE J 322 -29.86 -22.03 27.33
N GLU J 323 -31.13 -22.42 27.23
CA GLU J 323 -31.51 -23.41 26.21
C GLU J 323 -31.32 -22.85 24.81
N TYR J 324 -31.78 -21.62 24.57
CA TYR J 324 -31.59 -21.00 23.27
C TYR J 324 -30.12 -20.79 22.96
N SER J 325 -29.31 -20.47 23.97
CA SER J 325 -27.88 -20.27 23.72
C SER J 325 -27.21 -21.58 23.35
N SER J 326 -27.59 -22.68 24.00
CA SER J 326 -27.04 -23.98 23.61
C SER J 326 -27.47 -24.36 22.19
N VAL J 327 -28.74 -24.14 21.86
CA VAL J 327 -29.24 -24.46 20.53
C VAL J 327 -28.48 -23.67 19.47
N PHE J 328 -28.38 -22.36 19.67
CA PHE J 328 -27.70 -21.52 18.68
C PHE J 328 -26.18 -21.70 18.70
N ASP J 329 -25.61 -22.19 19.79
CA ASP J 329 -24.19 -22.56 19.78
C ASP J 329 -23.99 -23.79 18.90
N GLU J 330 -24.88 -24.76 18.98
CA GLU J 330 -24.84 -25.88 18.05
C GLU J 330 -25.00 -25.41 16.62
N ARG J 331 -25.94 -24.48 16.39
CA ARG J 331 -26.15 -23.92 15.05
C ARG J 331 -24.88 -23.25 14.53
N LEU J 332 -24.23 -22.45 15.38
CA LEU J 332 -23.01 -21.76 14.96
C LEU J 332 -21.87 -22.72 14.71
N SER J 333 -21.77 -23.78 15.51
CA SER J 333 -20.76 -24.81 15.27
C SER J 333 -21.05 -25.62 14.02
N LEU J 334 -22.31 -25.64 13.57
CA LEU J 334 -22.66 -26.32 12.33
C LEU J 334 -22.77 -25.38 11.13
N GLY J 335 -22.69 -24.06 11.36
CA GLY J 335 -22.79 -23.09 10.29
C GLY J 335 -21.51 -22.32 10.08
N ASN J 336 -21.54 -21.41 9.11
CA ASN J 336 -20.37 -20.60 8.77
C ASN J 336 -20.70 -19.12 8.85
N LYS J 337 -21.94 -18.74 8.51
CA LYS J 337 -22.39 -17.36 8.64
C LYS J 337 -22.80 -17.15 10.09
N ALA J 338 -21.85 -16.63 10.87
CA ALA J 338 -22.02 -16.57 12.32
C ALA J 338 -23.11 -15.58 12.73
N ILE J 339 -23.20 -14.45 12.03
CA ILE J 339 -24.22 -13.46 12.38
C ILE J 339 -25.61 -14.03 12.13
N PHE J 340 -25.76 -14.93 11.17
CA PHE J 340 -27.05 -15.55 10.91
C PHE J 340 -27.58 -16.32 12.10
N HIS J 341 -26.69 -16.82 12.96
CA HIS J 341 -27.08 -17.50 14.19
C HIS J 341 -27.13 -16.55 15.38
N LEU J 342 -26.22 -15.57 15.41
CA LEU J 342 -26.21 -14.61 16.51
C LEU J 342 -27.48 -13.78 16.53
N GLU J 343 -27.90 -13.27 15.37
CA GLU J 343 -29.14 -12.50 15.31
C GLU J 343 -30.35 -13.35 15.65
N GLY J 344 -30.34 -14.62 15.25
CA GLY J 344 -31.42 -15.51 15.62
C GLY J 344 -31.51 -15.75 17.11
N PHE J 345 -30.35 -15.95 17.76
CA PHE J 345 -30.34 -16.12 19.20
C PHE J 345 -30.82 -14.85 19.90
N ILE J 346 -30.40 -13.68 19.40
CA ILE J 346 -30.83 -12.43 20.01
C ILE J 346 -32.33 -12.25 19.87
N ALA J 347 -32.88 -12.60 18.70
CA ALA J 347 -34.31 -12.48 18.49
C ALA J 347 -35.09 -13.46 19.37
N LYS J 348 -34.56 -14.67 19.55
CA LYS J 348 -35.22 -15.62 20.44
C LYS J 348 -35.18 -15.16 21.89
N VAL J 349 -34.08 -14.55 22.31
CA VAL J 349 -34.01 -14.00 23.66
C VAL J 349 -34.99 -12.85 23.84
N MET J 350 -35.09 -11.99 22.82
CA MET J 350 -36.06 -10.89 22.86
C MET J 350 -37.48 -11.44 22.96
N CYS J 351 -37.78 -12.50 22.22
CA CYS J 351 -39.10 -13.11 22.29
C CYS J 351 -39.34 -13.77 23.64
N CYS J 352 -38.30 -14.28 24.28
CA CYS J 352 -38.45 -14.92 25.59
C CYS J 352 -38.79 -13.88 26.65
N LEU J 353 -38.04 -12.78 26.71
CA LEU J 353 -38.26 -11.75 27.70
C LEU J 353 -39.54 -10.95 27.39
N ASN K 131 -42.80 12.44 -22.37
CA ASN K 131 -41.75 13.48 -22.23
C ASN K 131 -41.69 14.51 -23.37
N GLU K 132 -42.84 14.89 -23.94
CA GLU K 132 -42.86 15.78 -25.10
C GLU K 132 -42.12 17.10 -24.88
N LYS K 133 -42.24 17.70 -23.70
CA LYS K 133 -41.54 18.94 -23.34
C LYS K 133 -40.01 18.77 -23.44
N THR K 134 -39.50 17.66 -22.91
CA THR K 134 -38.09 17.27 -22.94
C THR K 134 -37.62 17.03 -24.37
N ASN K 135 -38.42 16.32 -25.18
CA ASN K 135 -38.14 16.05 -26.59
C ASN K 135 -38.08 17.34 -27.42
N ARG K 136 -38.98 18.30 -27.15
CA ARG K 136 -38.95 19.63 -27.79
C ARG K 136 -37.72 20.43 -27.38
N ARG K 137 -37.28 20.36 -26.12
CA ARG K 137 -36.04 21.01 -25.65
C ARG K 137 -34.81 20.46 -26.36
N MET K 138 -34.71 19.14 -26.51
CA MET K 138 -33.65 18.49 -27.27
C MET K 138 -33.62 18.93 -28.73
N LEU K 139 -34.78 18.98 -29.37
CA LEU K 139 -34.91 19.48 -30.73
C LEU K 139 -34.49 20.96 -30.83
N GLY K 140 -34.90 21.79 -29.87
CA GLY K 140 -34.51 23.19 -29.79
C GLY K 140 -32.99 23.36 -29.67
N TRP K 141 -32.33 22.55 -28.84
CA TRP K 141 -30.88 22.55 -28.71
C TRP K 141 -30.17 22.12 -29.99
N LEU K 142 -30.63 21.06 -30.67
CA LEU K 142 -30.07 20.65 -31.96
C LEU K 142 -30.28 21.70 -33.07
N ARG K 143 -31.42 22.39 -33.07
CA ARG K 143 -31.67 23.50 -34.02
C ARG K 143 -30.73 24.70 -33.81
N GLN K 144 -30.20 24.90 -32.62
CA GLN K 144 -29.17 25.94 -32.39
C GLN K 144 -27.85 25.63 -33.11
N TRP K 145 -27.59 24.37 -33.47
CA TRP K 145 -26.43 23.99 -34.29
C TRP K 145 -26.63 24.27 -35.78
N THR K 146 -27.87 24.48 -36.23
CA THR K 146 -28.21 24.62 -37.65
C THR K 146 -27.41 25.70 -38.39
N PRO K 147 -27.22 26.93 -37.84
CA PRO K 147 -26.42 27.96 -38.50
C PRO K 147 -24.95 27.57 -38.69
N ALA K 148 -24.37 26.85 -37.75
CA ALA K 148 -22.97 26.44 -37.81
C ALA K 148 -22.73 25.28 -38.79
N VAL K 149 -23.70 24.37 -38.87
CA VAL K 149 -23.59 23.12 -39.64
C VAL K 149 -24.10 23.29 -41.08
N PHE K 150 -25.35 23.75 -41.22
CA PHE K 150 -26.06 23.82 -42.50
C PHE K 150 -25.96 25.19 -43.16
N LYS K 151 -25.40 26.19 -42.46
CA LYS K 151 -25.31 27.60 -42.91
C LYS K 151 -26.68 28.24 -43.21
N GLU K 152 -27.75 27.68 -42.64
CA GLU K 152 -29.10 28.23 -42.73
C GLU K 152 -29.30 29.32 -41.67
N GLN K 153 -30.03 30.38 -42.03
CA GLN K 153 -30.39 31.43 -41.09
C GLN K 153 -31.64 31.02 -40.31
N LEU K 154 -31.55 30.99 -38.97
CA LEU K 154 -32.72 30.78 -38.13
C LEU K 154 -33.67 31.98 -38.26
N PRO K 170 -18.70 33.52 -32.71
CA PRO K 170 -18.68 33.89 -34.14
C PRO K 170 -19.43 32.90 -35.04
N LEU K 171 -19.57 31.64 -34.61
CA LEU K 171 -20.31 30.60 -35.33
C LEU K 171 -21.77 30.45 -34.88
N LYS K 172 -22.27 31.29 -33.96
CA LYS K 172 -23.62 31.22 -33.38
C LYS K 172 -24.01 29.84 -32.85
N ARG K 173 -23.04 29.09 -32.34
CA ARG K 173 -23.24 27.77 -31.75
C ARG K 173 -23.87 27.90 -30.36
N PRO K 174 -24.52 26.84 -29.84
CA PRO K 174 -24.99 26.87 -28.46
C PRO K 174 -23.84 27.08 -27.47
N PRO K 175 -24.08 27.78 -26.34
CA PRO K 175 -23.05 28.04 -25.34
C PRO K 175 -22.48 26.74 -24.74
N LYS K 176 -23.35 25.73 -24.57
CA LYS K 176 -23.01 24.38 -24.15
C LYS K 176 -23.03 23.44 -25.35
N LYS K 177 -21.87 22.86 -25.66
CA LYS K 177 -21.63 22.12 -26.90
C LYS K 177 -22.01 20.64 -26.82
N ILE K 178 -22.19 20.12 -25.60
CA ILE K 178 -22.58 18.73 -25.37
C ILE K 178 -23.97 18.71 -24.76
N LEU K 179 -24.83 17.80 -25.22
CA LEU K 179 -26.11 17.50 -24.58
C LEU K 179 -25.96 16.26 -23.72
N LEU K 180 -26.31 16.33 -22.43
CA LEU K 180 -26.25 15.20 -21.52
C LEU K 180 -27.66 14.76 -21.13
N LEU K 181 -28.04 13.56 -21.57
CA LEU K 181 -29.31 12.91 -21.25
C LEU K 181 -29.13 11.96 -20.09
N HIS K 182 -29.97 12.08 -19.06
CA HIS K 182 -29.98 11.15 -17.95
C HIS K 182 -31.39 10.70 -17.59
N GLY K 183 -31.49 9.52 -16.96
CA GLY K 183 -32.75 8.96 -16.48
C GLY K 183 -32.70 7.44 -16.33
N PRO K 184 -33.77 6.81 -15.83
CA PRO K 184 -33.87 5.36 -15.68
C PRO K 184 -33.61 4.58 -16.98
N PRO K 185 -33.18 3.31 -16.92
CA PRO K 185 -33.04 2.47 -18.10
C PRO K 185 -34.41 2.20 -18.76
N GLY K 186 -34.40 1.84 -20.04
CA GLY K 186 -35.62 1.35 -20.73
C GLY K 186 -36.70 2.39 -21.07
N ILE K 187 -36.53 3.65 -20.68
CA ILE K 187 -37.49 4.75 -20.99
C ILE K 187 -37.34 5.35 -22.40
N GLY K 188 -36.32 4.92 -23.17
CA GLY K 188 -36.10 5.37 -24.54
C GLY K 188 -35.06 6.48 -24.74
N LYS K 189 -34.14 6.74 -23.79
CA LYS K 189 -33.07 7.77 -23.92
C LYS K 189 -32.32 7.69 -25.26
N THR K 190 -31.82 6.49 -25.60
CA THR K 190 -31.13 6.20 -26.87
C THR K 190 -32.05 6.44 -28.06
N SER K 191 -33.28 5.92 -28.02
CA SER K 191 -34.26 6.09 -29.11
C SER K 191 -34.60 7.57 -29.37
N VAL K 192 -34.80 8.37 -28.31
CA VAL K 192 -35.09 9.80 -28.43
C VAL K 192 -33.89 10.53 -29.06
N ALA K 193 -32.66 10.26 -28.61
CA ALA K 193 -31.46 10.86 -29.19
C ALA K 193 -31.34 10.58 -30.70
N HIS K 194 -31.55 9.32 -31.10
CA HIS K 194 -31.53 8.88 -32.50
C HIS K 194 -32.61 9.56 -33.35
N VAL K 195 -33.85 9.57 -32.89
CA VAL K 195 -34.99 10.12 -33.64
C VAL K 195 -34.83 11.62 -33.82
N ILE K 196 -34.46 12.36 -32.77
CA ILE K 196 -34.34 13.82 -32.84
C ILE K 196 -33.14 14.23 -33.71
N ALA K 197 -32.02 13.51 -33.64
CA ALA K 197 -30.86 13.77 -34.50
C ALA K 197 -31.20 13.54 -35.98
N LYS K 198 -31.86 12.42 -36.32
CA LYS K 198 -32.32 12.14 -37.69
C LYS K 198 -33.34 13.17 -38.19
N GLN K 199 -34.31 13.53 -37.33
CA GLN K 199 -35.32 14.55 -37.65
C GLN K 199 -34.69 15.93 -37.93
N SER K 200 -33.54 16.22 -37.33
CA SER K 200 -32.79 17.46 -37.53
C SER K 200 -31.84 17.41 -38.73
N GLY K 201 -31.85 16.33 -39.52
CA GLY K 201 -31.02 16.17 -40.72
C GLY K 201 -29.59 15.69 -40.47
N PHE K 202 -29.26 15.23 -39.26
CA PHE K 202 -27.94 14.68 -38.95
C PHE K 202 -27.89 13.16 -39.21
N SER K 203 -26.75 12.68 -39.71
CA SER K 203 -26.41 11.25 -39.69
C SER K 203 -25.94 10.85 -38.29
N VAL K 204 -26.51 9.81 -37.70
CA VAL K 204 -26.23 9.43 -36.31
C VAL K 204 -25.11 8.39 -36.26
N SER K 205 -24.07 8.66 -35.48
CA SER K 205 -23.01 7.69 -35.16
C SER K 205 -23.05 7.41 -33.67
N GLU K 206 -23.38 6.17 -33.30
CA GLU K 206 -23.48 5.71 -31.92
C GLU K 206 -22.17 5.04 -31.48
N ILE K 207 -21.69 5.38 -30.28
CA ILE K 207 -20.56 4.74 -29.61
C ILE K 207 -21.03 4.34 -28.21
N ASN K 208 -20.90 3.06 -27.88
CA ASN K 208 -21.09 2.60 -26.50
C ASN K 208 -19.81 2.85 -25.70
N ALA K 209 -19.86 3.74 -24.72
CA ALA K 209 -18.68 4.16 -23.96
C ALA K 209 -18.20 3.09 -22.96
N SER K 210 -19.06 2.15 -22.55
CA SER K 210 -18.72 1.07 -21.62
C SER K 210 -17.89 -0.03 -22.29
N ASP K 211 -18.14 -0.32 -23.57
CA ASP K 211 -17.44 -1.37 -24.32
C ASP K 211 -16.07 -0.94 -24.84
N GLU K 212 -15.90 0.35 -25.16
CA GLU K 212 -14.69 0.88 -25.79
C GLU K 212 -13.54 1.10 -24.78
N ARG K 213 -12.94 0.00 -24.33
CA ARG K 213 -11.89 0.09 -23.27
C ARG K 213 -10.56 0.54 -23.88
N ALA K 214 -10.57 1.61 -24.68
CA ALA K 214 -9.31 2.15 -25.26
C ALA K 214 -9.50 3.61 -25.65
N GLY K 215 -9.99 4.44 -24.72
CA GLY K 215 -10.16 5.87 -25.02
C GLY K 215 -9.01 6.37 -25.88
N PRO K 216 -7.74 6.27 -25.42
CA PRO K 216 -6.60 6.78 -26.18
C PRO K 216 -6.65 6.27 -27.63
N MET K 217 -7.07 5.02 -27.84
CA MET K 217 -7.23 4.50 -29.23
C MET K 217 -8.53 5.06 -29.81
N VAL K 218 -9.67 4.76 -29.17
CA VAL K 218 -10.98 5.34 -29.62
C VAL K 218 -10.70 6.76 -30.12
N LYS K 219 -9.96 7.53 -29.33
CA LYS K 219 -9.55 8.89 -29.72
C LYS K 219 -9.57 9.05 -31.23
N GLU K 220 -8.92 8.17 -31.98
CA GLU K 220 -8.88 8.28 -33.44
C GLU K 220 -10.27 8.20 -34.07
N LYS K 221 -11.13 7.27 -33.60
CA LYS K 221 -12.53 7.18 -34.03
C LYS K 221 -13.30 8.47 -33.79
N ILE K 222 -13.27 9.01 -32.56
CA ILE K 222 -13.97 10.25 -32.20
C ILE K 222 -13.44 11.43 -33.02
N TYR K 223 -12.13 11.56 -33.18
CA TYR K 223 -11.54 12.64 -33.97
C TYR K 223 -11.94 12.55 -35.45
N ASN K 224 -11.99 11.35 -36.02
CA ASN K 224 -12.45 11.14 -37.40
C ASN K 224 -13.94 11.48 -37.54
N LEU K 225 -14.77 11.05 -36.59
CA LEU K 225 -16.21 11.31 -36.58
C LEU K 225 -16.59 12.76 -36.31
N LEU K 226 -15.75 13.55 -35.62
CA LEU K 226 -16.05 14.96 -35.33
C LEU K 226 -15.47 15.92 -36.38
N PHE K 227 -14.32 15.58 -36.97
CA PHE K 227 -13.57 16.53 -37.80
C PHE K 227 -13.44 16.15 -39.28
N ASN K 228 -13.63 14.89 -39.67
CA ASN K 228 -13.55 14.49 -41.07
C ASN K 228 -14.93 14.48 -41.72
N HIS K 229 -15.01 14.87 -42.99
CA HIS K 229 -16.24 14.73 -43.77
C HIS K 229 -16.55 13.25 -43.97
N THR K 230 -17.77 12.85 -43.64
CA THR K 230 -18.28 11.51 -43.96
C THR K 230 -18.66 11.49 -45.44
N PHE K 231 -18.67 10.33 -46.06
CA PHE K 231 -19.12 10.16 -47.45
C PHE K 231 -20.61 10.49 -47.62
N ASP K 232 -21.39 10.41 -46.54
CA ASP K 232 -22.80 10.80 -46.52
C ASP K 232 -22.97 12.31 -46.71
N THR K 233 -24.03 12.70 -47.41
CA THR K 233 -24.42 14.10 -47.62
C THR K 233 -24.74 14.83 -46.31
N ASN K 234 -25.09 14.08 -45.27
CA ASN K 234 -25.59 14.62 -44.01
C ASN K 234 -24.47 14.72 -42.96
N PRO K 235 -24.42 15.83 -42.20
CA PRO K 235 -23.44 16.01 -41.13
C PRO K 235 -23.64 14.99 -40.00
N VAL K 236 -22.54 14.53 -39.41
CA VAL K 236 -22.61 13.52 -38.34
C VAL K 236 -22.93 14.15 -36.98
N CYS K 237 -23.81 13.51 -36.22
CA CYS K 237 -24.04 13.72 -34.80
C CYS K 237 -23.50 12.51 -34.02
N LEU K 238 -22.61 12.77 -33.07
CA LEU K 238 -22.05 11.73 -32.20
C LEU K 238 -23.01 11.45 -31.04
N VAL K 239 -23.44 10.21 -30.86
CA VAL K 239 -24.21 9.74 -29.71
C VAL K 239 -23.34 8.80 -28.89
N ALA K 240 -22.96 9.21 -27.68
CA ALA K 240 -22.20 8.41 -26.73
C ALA K 240 -23.16 7.82 -25.70
N ASP K 241 -23.40 6.51 -25.75
CA ASP K 241 -24.25 5.80 -24.78
C ASP K 241 -23.42 5.28 -23.59
N GLU K 242 -24.08 5.08 -22.45
CA GLU K 242 -23.51 4.54 -21.20
C GLU K 242 -22.19 5.20 -20.71
N ILE K 243 -22.11 6.53 -20.80
CA ILE K 243 -20.88 7.26 -20.41
C ILE K 243 -20.51 7.14 -18.93
N ASP K 244 -21.46 6.75 -18.07
CA ASP K 244 -21.24 6.50 -16.64
C ASP K 244 -20.57 5.15 -16.38
N GLY K 245 -20.59 4.22 -17.34
CA GLY K 245 -19.93 2.92 -17.27
C GLY K 245 -18.44 2.94 -17.59
N SER K 246 -17.89 4.04 -18.11
CA SER K 246 -16.45 4.11 -18.45
C SER K 246 -15.59 4.19 -17.18
N ILE K 247 -15.16 3.03 -16.68
CA ILE K 247 -14.31 2.87 -15.48
C ILE K 247 -12.96 3.58 -15.68
N GLU K 248 -12.47 3.60 -16.93
CA GLU K 248 -11.28 4.33 -17.32
C GLU K 248 -11.68 5.65 -17.97
N SER K 249 -11.42 6.75 -17.28
CA SER K 249 -11.65 8.13 -17.71
C SER K 249 -11.05 8.54 -19.08
N GLY K 250 -10.54 7.63 -19.91
CA GLY K 250 -10.02 7.88 -21.25
C GLY K 250 -11.04 8.58 -22.16
N PHE K 251 -12.24 8.00 -22.34
CA PHE K 251 -13.28 8.57 -23.21
C PHE K 251 -13.66 10.00 -22.78
N ILE K 252 -13.92 10.19 -21.48
CA ILE K 252 -14.31 11.50 -20.92
C ILE K 252 -13.16 12.51 -21.01
N ARG K 253 -11.92 12.10 -20.72
CA ARG K 253 -10.72 12.96 -20.89
C ARG K 253 -10.59 13.44 -22.33
N ILE K 254 -10.81 12.56 -23.31
CA ILE K 254 -10.77 12.92 -24.73
C ILE K 254 -11.83 13.96 -25.06
N LEU K 255 -13.07 13.78 -24.59
CA LEU K 255 -14.14 14.77 -24.80
C LEU K 255 -13.80 16.13 -24.15
N VAL K 256 -13.28 16.12 -22.91
CA VAL K 256 -12.86 17.33 -22.20
C VAL K 256 -11.72 18.03 -22.95
N ASP K 257 -10.72 17.28 -23.44
CA ASP K 257 -9.61 17.81 -24.22
C ASP K 257 -10.11 18.46 -25.52
N ILE K 258 -11.06 17.83 -26.20
CA ILE K 258 -11.69 18.38 -27.42
C ILE K 258 -12.42 19.68 -27.08
N MET K 259 -13.22 19.72 -26.00
CA MET K 259 -13.91 20.94 -25.57
C MET K 259 -12.94 22.08 -25.22
N GLN K 260 -11.90 21.79 -24.44
CA GLN K 260 -10.89 22.79 -24.07
C GLN K 260 -10.14 23.30 -25.31
N SER K 261 -9.84 22.43 -26.27
CA SER K 261 -9.20 22.83 -27.52
C SER K 261 -10.09 23.75 -28.36
N ASP K 262 -11.40 23.50 -28.40
CA ASP K 262 -12.37 24.33 -29.10
C ASP K 262 -12.61 25.67 -28.41
N ILE K 263 -12.63 25.73 -27.07
CA ILE K 263 -12.67 26.99 -26.30
C ILE K 263 -11.42 27.85 -26.60
N LYS K 264 -10.23 27.24 -26.64
CA LYS K 264 -9.00 27.95 -27.01
C LYS K 264 -9.03 28.44 -28.47
N ALA K 265 -9.60 27.65 -29.37
CA ALA K 265 -9.70 28.00 -30.79
C ALA K 265 -10.71 29.13 -31.04
N THR K 266 -11.83 29.13 -30.34
CA THR K 266 -12.85 30.19 -30.39
C THR K 266 -12.34 31.51 -29.84
N ASN K 267 -11.69 31.48 -28.67
CA ASN K 267 -11.10 32.69 -28.10
C ASN K 267 -10.04 33.31 -29.01
N LYS K 268 -9.26 32.48 -29.74
CA LYS K 268 -8.34 32.95 -30.78
C LYS K 268 -9.04 33.58 -31.98
N LEU K 269 -10.26 33.16 -32.30
CA LEU K 269 -11.03 33.74 -33.39
C LEU K 269 -11.68 35.08 -33.01
N LEU K 270 -12.09 35.21 -31.74
CA LEU K 270 -12.68 36.43 -31.18
C LEU K 270 -11.65 37.52 -30.90
N TYR K 271 -10.56 37.17 -30.21
CA TYR K 271 -9.57 38.13 -29.68
C TYR K 271 -8.22 38.10 -30.41
N GLY K 272 -7.98 37.12 -31.29
CA GLY K 272 -6.69 36.96 -31.95
C GLY K 272 -6.47 38.02 -33.01
N GLN K 273 -5.50 38.91 -32.76
CA GLN K 273 -4.91 39.73 -33.82
C GLN K 273 -4.32 38.82 -34.91
N PRO K 274 -4.35 39.21 -36.19
CA PRO K 274 -3.70 38.46 -37.24
C PRO K 274 -2.18 38.51 -37.00
N SER K 286 -6.34 25.10 -35.88
CA SER K 286 -7.06 24.64 -34.69
C SER K 286 -8.45 24.18 -35.12
N LYS K 287 -8.75 22.90 -34.90
CA LYS K 287 -10.01 22.30 -35.34
C LYS K 287 -11.12 22.76 -34.40
N LEU K 288 -12.07 23.53 -34.93
CA LEU K 288 -13.28 23.94 -34.24
C LEU K 288 -14.30 22.79 -34.29
N LEU K 289 -15.04 22.60 -33.20
CA LEU K 289 -16.12 21.63 -33.14
C LEU K 289 -17.31 22.16 -33.95
N THR K 290 -17.58 21.52 -35.08
CA THR K 290 -18.70 21.86 -35.96
C THR K 290 -19.85 20.85 -35.87
N ARG K 291 -19.72 19.81 -35.04
CA ARG K 291 -20.71 18.72 -34.92
C ARG K 291 -21.24 18.61 -33.49
N PRO K 292 -22.56 18.39 -33.32
CA PRO K 292 -23.15 18.20 -32.00
C PRO K 292 -22.74 16.84 -31.39
N ILE K 293 -22.62 16.82 -30.06
CA ILE K 293 -22.34 15.62 -29.27
C ILE K 293 -23.49 15.43 -28.29
N ILE K 294 -24.12 14.25 -28.31
CA ILE K 294 -25.14 13.82 -27.36
C ILE K 294 -24.53 12.70 -26.53
N CYS K 295 -24.55 12.85 -25.21
CA CYS K 295 -24.11 11.85 -24.26
C CYS K 295 -25.31 11.35 -23.45
N ILE K 296 -25.35 10.05 -23.16
CA ILE K 296 -26.43 9.40 -22.40
C ILE K 296 -25.81 8.71 -21.20
N CYS K 297 -26.35 8.97 -20.01
CA CYS K 297 -26.01 8.26 -18.78
C CYS K 297 -27.25 7.76 -18.05
N ASN K 298 -27.07 6.79 -17.16
CA ASN K 298 -28.10 6.42 -16.19
C ASN K 298 -27.95 7.26 -14.91
N ASN K 299 -26.72 7.48 -14.45
CA ASN K 299 -26.40 8.26 -13.26
C ASN K 299 -25.69 9.58 -13.58
N LEU K 300 -26.28 10.71 -13.18
CA LEU K 300 -25.71 12.04 -13.38
C LEU K 300 -24.54 12.32 -12.41
N TYR K 301 -24.58 11.82 -11.18
CA TYR K 301 -23.59 12.14 -10.13
C TYR K 301 -22.41 11.16 -10.08
N ALA K 302 -22.25 10.35 -11.13
CA ALA K 302 -21.07 9.51 -11.30
C ALA K 302 -19.78 10.36 -11.26
N PRO K 303 -18.76 9.98 -10.46
CA PRO K 303 -17.51 10.74 -10.32
C PRO K 303 -16.80 11.08 -11.63
N SER K 304 -16.89 10.18 -12.62
CA SER K 304 -16.25 10.33 -13.91
C SER K 304 -16.80 11.54 -14.70
N LEU K 305 -18.06 11.89 -14.49
CA LEU K 305 -18.77 12.93 -15.25
C LEU K 305 -18.58 14.34 -14.68
N GLU K 306 -18.01 14.49 -13.49
CA GLU K 306 -17.82 15.78 -12.80
C GLU K 306 -17.09 16.82 -13.68
N LYS K 307 -16.07 16.38 -14.43
CA LYS K 307 -15.30 17.25 -15.35
C LYS K 307 -16.06 17.61 -16.63
N LEU K 308 -17.01 16.80 -17.04
CA LEU K 308 -17.77 16.96 -18.28
C LEU K 308 -19.00 17.85 -18.08
N LYS K 309 -19.66 17.75 -16.91
CA LYS K 309 -20.87 18.50 -16.55
C LYS K 309 -20.84 19.99 -16.89
N PRO K 310 -19.76 20.76 -16.62
CA PRO K 310 -19.73 22.20 -16.92
C PRO K 310 -19.89 22.53 -18.41
N PHE K 311 -19.53 21.60 -19.29
CA PHE K 311 -19.64 21.77 -20.75
C PHE K 311 -20.97 21.25 -21.32
N CYS K 312 -21.79 20.60 -20.48
CA CYS K 312 -23.00 19.91 -20.88
C CYS K 312 -24.27 20.71 -20.58
N GLU K 313 -25.23 20.62 -21.50
CA GLU K 313 -26.63 20.94 -21.24
C GLU K 313 -27.34 19.68 -20.74
N ILE K 314 -27.79 19.72 -19.48
CA ILE K 314 -28.32 18.55 -18.79
C ILE K 314 -29.83 18.49 -19.00
N ILE K 315 -30.31 17.32 -19.43
CA ILE K 315 -31.73 17.06 -19.68
C ILE K 315 -32.14 15.75 -19.00
N ALA K 316 -33.10 15.86 -18.09
CA ALA K 316 -33.69 14.73 -17.39
C ALA K 316 -34.86 14.12 -18.20
N VAL K 317 -34.77 12.82 -18.49
CA VAL K 317 -35.86 12.03 -19.09
C VAL K 317 -36.56 11.28 -17.96
N LYS K 318 -37.84 11.61 -17.73
CA LYS K 318 -38.67 10.97 -16.69
C LYS K 318 -39.30 9.68 -17.22
N ARG K 319 -39.87 8.85 -16.34
CA ARG K 319 -40.67 7.71 -16.77
C ARG K 319 -41.93 8.20 -17.52
N THR K 323 -45.31 4.74 -22.73
CA THR K 323 -45.96 5.59 -23.74
C THR K 323 -45.14 5.76 -25.02
N THR K 324 -43.85 6.10 -24.89
CA THR K 324 -42.95 6.26 -26.04
C THR K 324 -42.72 4.94 -26.78
N LEU K 325 -42.72 3.82 -26.06
CA LEU K 325 -42.59 2.49 -26.64
C LEU K 325 -43.86 2.11 -27.42
N LEU K 326 -45.03 2.39 -26.84
CA LEU K 326 -46.34 2.19 -27.46
C LEU K 326 -46.44 2.98 -28.78
N GLU K 327 -46.08 4.27 -28.77
CA GLU K 327 -46.05 5.10 -29.98
C GLU K 327 -45.15 4.50 -31.06
N ARG K 328 -43.95 4.03 -30.69
CA ARG K 328 -43.04 3.39 -31.64
C ARG K 328 -43.61 2.10 -32.22
N LEU K 329 -44.17 1.22 -31.37
CA LEU K 329 -44.73 -0.05 -31.82
C LEU K 329 -45.95 0.17 -32.72
N ASN K 330 -46.82 1.14 -32.39
CA ASN K 330 -47.93 1.55 -33.26
C ASN K 330 -47.43 1.99 -34.65
N LEU K 331 -46.37 2.80 -34.71
CA LEU K 331 -45.78 3.21 -35.99
C LEU K 331 -45.26 2.02 -36.81
N ILE K 332 -44.67 1.02 -36.15
CA ILE K 332 -44.21 -0.22 -36.81
C ILE K 332 -45.43 -1.01 -37.33
N CYS K 333 -46.45 -1.22 -36.50
CA CYS K 333 -47.71 -1.90 -36.89
C CYS K 333 -48.34 -1.25 -38.12
N HIS K 334 -48.47 0.08 -38.12
CA HIS K 334 -49.04 0.83 -39.25
C HIS K 334 -48.23 0.67 -40.54
N LYS K 335 -46.90 0.61 -40.45
CA LYS K 335 -46.03 0.46 -41.63
C LYS K 335 -45.98 -0.98 -42.16
N GLU K 336 -46.19 -1.97 -41.31
CA GLU K 336 -46.31 -3.38 -41.69
C GLU K 336 -47.75 -3.78 -42.04
N ASN K 337 -48.69 -2.83 -42.07
CA ASN K 337 -50.13 -3.06 -42.32
C ASN K 337 -50.80 -4.04 -41.33
N MET K 338 -50.33 -4.08 -40.08
CA MET K 338 -50.89 -4.90 -39.02
C MET K 338 -51.92 -4.11 -38.19
N ASN K 339 -53.16 -4.58 -38.19
CA ASN K 339 -54.23 -4.00 -37.36
C ASN K 339 -54.25 -4.65 -35.97
N ILE K 340 -53.35 -4.19 -35.09
CA ILE K 340 -53.24 -4.62 -33.69
C ILE K 340 -54.04 -3.68 -32.77
N PRO K 341 -54.94 -4.18 -31.90
CA PRO K 341 -55.57 -3.36 -30.88
C PRO K 341 -54.54 -2.88 -29.86
N ILE K 342 -54.65 -1.60 -29.48
CA ILE K 342 -53.73 -0.92 -28.54
C ILE K 342 -53.62 -1.68 -27.19
N LYS K 343 -54.68 -2.37 -26.77
CA LYS K 343 -54.66 -3.20 -25.55
C LYS K 343 -53.61 -4.32 -25.64
N ALA K 344 -53.58 -5.06 -26.75
CA ALA K 344 -52.62 -6.14 -26.94
C ALA K 344 -51.16 -5.65 -27.00
N ILE K 345 -50.93 -4.42 -27.52
CA ILE K 345 -49.59 -3.81 -27.52
C ILE K 345 -49.16 -3.46 -26.10
N ASN K 346 -50.06 -2.92 -25.27
CA ASN K 346 -49.75 -2.68 -23.86
C ASN K 346 -49.42 -3.98 -23.14
N ASP K 347 -50.21 -5.03 -23.36
CA ASP K 347 -49.95 -6.34 -22.74
C ASP K 347 -48.59 -6.92 -23.18
N LEU K 348 -48.19 -6.69 -24.44
CA LEU K 348 -46.88 -7.08 -24.97
C LEU K 348 -45.74 -6.25 -24.34
N ILE K 349 -45.93 -4.95 -24.13
CA ILE K 349 -44.97 -4.08 -23.44
C ILE K 349 -44.75 -4.55 -22.00
N ASP K 350 -45.84 -4.88 -21.30
CA ASP K 350 -45.81 -5.40 -19.93
C ASP K 350 -45.09 -6.76 -19.87
N LEU K 351 -45.35 -7.65 -20.83
CA LEU K 351 -44.65 -8.93 -21.00
C LEU K 351 -43.14 -8.76 -21.26
N ALA K 352 -42.78 -7.78 -22.07
CA ALA K 352 -41.40 -7.51 -22.44
C ALA K 352 -40.64 -6.63 -21.44
N GLN K 353 -41.30 -6.11 -20.40
CA GLN K 353 -40.71 -5.27 -19.34
C GLN K 353 -39.96 -4.03 -19.87
N GLY K 354 -40.42 -3.48 -20.99
CA GLY K 354 -39.80 -2.32 -21.65
C GLY K 354 -38.54 -2.65 -22.48
N ASP K 355 -38.23 -3.93 -22.73
CA ASP K 355 -37.22 -4.33 -23.72
C ASP K 355 -37.77 -4.13 -25.14
N VAL K 356 -37.21 -3.16 -25.85
CA VAL K 356 -37.64 -2.78 -27.21
C VAL K 356 -37.35 -3.89 -28.22
N ARG K 357 -36.22 -4.59 -28.09
CA ARG K 357 -35.83 -5.70 -28.98
C ARG K 357 -36.80 -6.87 -28.81
N ASN K 358 -37.08 -7.25 -27.58
CA ASN K 358 -38.04 -8.31 -27.27
C ASN K 358 -39.45 -7.95 -27.76
N CYS K 359 -39.89 -6.70 -27.58
CA CYS K 359 -41.17 -6.24 -28.09
C CYS K 359 -41.30 -6.42 -29.60
N ILE K 360 -40.29 -5.99 -30.37
CA ILE K 360 -40.32 -6.06 -31.84
C ILE K 360 -40.32 -7.52 -32.31
N ASN K 361 -39.54 -8.40 -31.68
CA ASN K 361 -39.52 -9.82 -32.01
C ASN K 361 -40.87 -10.50 -31.74
N ASN K 362 -41.49 -10.20 -30.58
CA ASN K 362 -42.83 -10.73 -30.27
C ASN K 362 -43.89 -10.22 -31.25
N LEU K 363 -43.78 -8.96 -31.66
CA LEU K 363 -44.66 -8.39 -32.68
C LEU K 363 -44.47 -9.10 -34.04
N GLN K 364 -43.21 -9.33 -34.45
CA GLN K 364 -42.91 -10.05 -35.68
C GLN K 364 -43.47 -11.48 -35.66
N PHE K 365 -43.37 -12.16 -34.52
CA PHE K 365 -43.96 -13.50 -34.32
C PHE K 365 -45.49 -13.47 -34.41
N LEU K 366 -46.14 -12.44 -33.85
CA LEU K 366 -47.58 -12.26 -33.99
C LEU K 366 -47.98 -11.99 -35.44
N ALA K 367 -47.17 -11.26 -36.20
CA ALA K 367 -47.44 -10.96 -37.61
C ALA K 367 -47.36 -12.22 -38.49
N SER K 368 -46.33 -13.07 -38.30
CA SER K 368 -46.20 -14.32 -39.08
C SER K 368 -47.38 -15.28 -38.89
N ASN K 369 -48.04 -15.23 -37.73
CA ASN K 369 -49.21 -16.09 -37.45
C ASN K 369 -50.49 -15.59 -38.13
N ILE K 397 -36.89 -12.22 -13.46
CA ILE K 397 -37.21 -11.19 -12.44
C ILE K 397 -35.94 -10.86 -11.64
N SER K 398 -35.39 -9.66 -11.81
CA SER K 398 -34.21 -9.24 -11.02
C SER K 398 -34.35 -9.80 -9.61
N TRP K 399 -33.28 -10.39 -9.06
CA TRP K 399 -33.48 -11.01 -7.75
C TRP K 399 -34.03 -9.99 -6.73
N PHE K 400 -33.67 -8.70 -6.84
CA PHE K 400 -34.23 -7.61 -6.04
C PHE K 400 -35.75 -7.48 -6.16
N LYS K 401 -36.27 -7.62 -7.38
CA LYS K 401 -37.70 -7.55 -7.64
C LYS K 401 -38.42 -8.73 -6.99
N ILE K 402 -37.82 -9.92 -7.04
CA ILE K 402 -38.32 -11.10 -6.33
C ILE K 402 -38.30 -10.88 -4.82
N VAL K 403 -37.24 -10.31 -4.24
CA VAL K 403 -37.22 -10.01 -2.80
C VAL K 403 -38.36 -9.07 -2.41
N ASN K 404 -38.57 -7.97 -3.15
CA ASN K 404 -39.67 -7.06 -2.87
C ASN K 404 -41.05 -7.72 -3.07
N GLN K 405 -41.18 -8.64 -4.04
CA GLN K 405 -42.40 -9.43 -4.23
C GLN K 405 -42.63 -10.44 -3.10
N LEU K 406 -41.57 -11.03 -2.53
CA LEU K 406 -41.67 -11.95 -1.38
C LEU K 406 -42.24 -11.25 -0.13
N PHE K 407 -42.07 -9.93 0.03
CA PHE K 407 -42.67 -9.20 1.17
C PHE K 407 -44.04 -8.59 0.88
N ARG K 408 -44.55 -8.71 -0.36
CA ARG K 408 -45.84 -8.17 -0.80
C ARG K 408 -46.89 -9.26 -0.85
N LYS K 409 -48.07 -8.97 -0.30
CA LYS K 409 -49.28 -9.79 -0.53
C LYS K 409 -50.31 -8.98 -1.28
N ASP K 410 -50.78 -9.54 -2.39
CA ASP K 410 -51.90 -8.96 -3.12
C ASP K 410 -53.22 -9.43 -2.48
N PRO K 411 -54.10 -8.52 -2.04
CA PRO K 411 -55.36 -8.89 -1.39
C PRO K 411 -56.39 -9.49 -2.36
N HIS K 412 -56.19 -9.34 -3.68
CA HIS K 412 -57.16 -9.72 -4.71
C HIS K 412 -56.89 -11.10 -5.35
N ARG K 413 -55.80 -11.78 -4.98
CA ARG K 413 -55.41 -13.08 -5.55
C ARG K 413 -55.34 -14.13 -4.46
N ASP K 414 -55.56 -15.39 -4.82
CA ASP K 414 -55.40 -16.50 -3.89
C ASP K 414 -53.95 -16.62 -3.42
N ILE K 415 -53.76 -16.76 -2.10
CA ILE K 415 -52.42 -16.85 -1.48
C ILE K 415 -51.64 -18.04 -2.05
N LYS K 416 -52.32 -19.14 -2.37
CA LYS K 416 -51.72 -20.33 -2.96
C LYS K 416 -51.20 -20.08 -4.37
N GLU K 417 -51.96 -19.38 -5.20
CA GLU K 417 -51.53 -19.03 -6.56
C GLU K 417 -50.32 -18.10 -6.53
N GLN K 418 -50.35 -17.09 -5.65
CA GLN K 418 -49.21 -16.20 -5.41
C GLN K 418 -47.97 -16.99 -4.96
N PHE K 419 -48.14 -17.96 -4.06
CA PHE K 419 -47.05 -18.81 -3.57
C PHE K 419 -46.42 -19.65 -4.69
N TYR K 420 -47.22 -20.30 -5.54
CA TYR K 420 -46.70 -21.08 -6.67
C TYR K 420 -46.05 -20.20 -7.74
N GLU K 421 -46.58 -19.01 -8.01
CA GLU K 421 -45.96 -18.04 -8.92
C GLU K 421 -44.58 -17.61 -8.41
N LEU K 422 -44.48 -17.28 -7.11
CA LEU K 422 -43.22 -16.90 -6.48
C LEU K 422 -42.23 -18.07 -6.44
N LEU K 423 -42.67 -19.29 -6.16
CA LEU K 423 -41.82 -20.49 -6.18
C LEU K 423 -41.19 -20.67 -7.56
N ASN K 424 -42.00 -20.61 -8.63
CA ASN K 424 -41.50 -20.71 -10.00
C ASN K 424 -40.49 -19.61 -10.33
N GLN K 425 -40.72 -18.36 -9.89
CA GLN K 425 -39.78 -17.26 -10.11
C GLN K 425 -38.45 -17.45 -9.36
N VAL K 426 -38.49 -17.96 -8.13
CA VAL K 426 -37.29 -18.25 -7.33
C VAL K 426 -36.50 -19.40 -7.96
N GLU K 427 -37.17 -20.47 -8.41
CA GLU K 427 -36.54 -21.61 -9.06
C GLU K 427 -35.91 -21.24 -10.41
N LEU K 428 -36.61 -20.47 -11.26
CA LEU K 428 -36.10 -20.03 -12.56
C LEU K 428 -34.85 -19.15 -12.45
N ASN K 429 -34.71 -18.39 -11.36
CA ASN K 429 -33.58 -17.52 -11.15
C ASN K 429 -32.28 -18.25 -10.79
N GLY K 430 -32.35 -19.46 -10.24
CA GLY K 430 -31.21 -20.29 -9.83
C GLY K 430 -30.30 -19.70 -8.74
N ASN K 431 -30.52 -18.46 -8.31
CA ASN K 431 -29.71 -17.71 -7.35
C ASN K 431 -30.45 -17.54 -6.00
N SER K 432 -30.88 -18.66 -5.41
CA SER K 432 -31.64 -18.68 -4.14
C SER K 432 -30.89 -18.02 -2.99
N ASP K 433 -29.57 -18.21 -2.92
CA ASP K 433 -28.68 -17.60 -1.92
C ASP K 433 -28.78 -16.07 -1.95
N ARG K 434 -28.58 -15.41 -3.10
CA ARG K 434 -28.69 -13.94 -3.21
C ARG K 434 -30.07 -13.41 -2.84
N ILE K 435 -31.12 -14.14 -3.21
CA ILE K 435 -32.51 -13.78 -2.85
C ILE K 435 -32.66 -13.83 -1.34
N LEU K 436 -32.16 -14.88 -0.68
CA LEU K 436 -32.22 -15.03 0.76
C LEU K 436 -31.42 -13.95 1.50
N GLN K 437 -30.22 -13.64 1.05
CA GLN K 437 -29.39 -12.54 1.58
C GLN K 437 -30.12 -11.20 1.46
N GLY K 438 -30.80 -10.99 0.33
CA GLY K 438 -31.71 -9.86 0.14
C GLY K 438 -32.83 -9.83 1.16
N CYS K 439 -33.52 -10.97 1.37
CA CYS K 439 -34.57 -11.10 2.38
C CYS K 439 -34.04 -10.81 3.80
N PHE K 440 -32.84 -11.31 4.12
CA PHE K 440 -32.17 -11.10 5.41
C PHE K 440 -31.85 -9.62 5.66
N ASN K 441 -31.41 -8.88 4.63
CA ASN K 441 -31.14 -7.45 4.79
C ASN K 441 -32.42 -6.61 4.88
N ILE K 442 -33.51 -7.05 4.24
CA ILE K 442 -34.76 -6.29 4.13
C ILE K 442 -35.70 -6.50 5.33
N PHE K 443 -35.78 -7.72 5.88
CA PHE K 443 -36.81 -8.05 6.89
C PHE K 443 -36.85 -7.12 8.12
N PRO K 444 -35.73 -6.53 8.62
CA PRO K 444 -35.81 -5.63 9.78
C PRO K 444 -36.48 -4.29 9.46
N TYR K 445 -36.47 -3.87 8.19
CA TYR K 445 -37.03 -2.60 7.73
C TYR K 445 -38.47 -2.73 7.21
N VAL K 446 -38.93 -3.96 7.00
CA VAL K 446 -40.28 -4.26 6.52
C VAL K 446 -41.30 -4.09 7.64
N LYS K 447 -42.50 -3.61 7.30
CA LYS K 447 -43.61 -3.54 8.24
C LYS K 447 -44.24 -4.92 8.33
N TYR K 448 -44.29 -5.48 9.54
CA TYR K 448 -45.00 -6.78 9.72
C TYR K 448 -45.76 -6.72 11.05
N SER K 449 -47.07 -6.95 11.02
CA SER K 449 -47.82 -6.99 12.30
C SER K 449 -46.95 -7.67 13.35
N ASP K 450 -46.54 -6.96 14.39
CA ASP K 450 -45.58 -7.56 15.36
C ASP K 450 -46.29 -7.86 16.69
N ASN K 451 -46.14 -9.08 17.20
CA ASN K 451 -46.72 -9.45 18.52
C ASN K 451 -45.60 -9.38 19.55
N GLY K 452 -44.50 -10.11 19.32
CA GLY K 452 -43.34 -10.07 20.23
C GLY K 452 -42.06 -10.27 19.44
N ILE K 453 -42.11 -10.03 18.12
CA ILE K 453 -40.93 -10.25 17.25
C ILE K 453 -40.51 -11.72 17.34
N ARG K 454 -41.47 -12.64 17.38
CA ARG K 454 -41.14 -14.09 17.35
C ARG K 454 -40.88 -14.44 15.88
N LYS K 455 -41.81 -14.14 14.98
CA LYS K 455 -41.56 -14.27 13.54
C LYS K 455 -40.07 -14.24 13.21
N PRO K 456 -39.26 -13.29 13.71
CA PRO K 456 -37.82 -13.32 13.50
C PRO K 456 -37.13 -14.55 14.11
N ALA K 457 -37.57 -15.03 15.27
CA ALA K 457 -37.03 -16.25 15.88
C ALA K 457 -37.29 -17.51 15.04
N ASN K 458 -38.50 -17.66 14.49
CA ASN K 458 -38.77 -18.78 13.58
C ASN K 458 -37.90 -18.73 12.33
N ILE K 459 -37.60 -17.53 11.83
CA ILE K 459 -36.83 -17.34 10.60
C ILE K 459 -35.34 -17.54 10.84
N SER K 460 -34.82 -17.27 12.03
CA SER K 460 -33.43 -17.65 12.35
C SER K 460 -33.18 -19.14 12.21
N ASP K 461 -34.15 -19.99 12.57
CA ASP K 461 -34.03 -21.44 12.42
C ASP K 461 -34.02 -21.85 10.93
N TRP K 462 -34.87 -21.22 10.12
CA TRP K 462 -34.79 -21.50 8.67
C TRP K 462 -33.42 -21.05 8.17
N LEU K 463 -33.05 -19.79 8.40
CA LEU K 463 -31.77 -19.27 7.92
C LEU K 463 -30.62 -20.19 8.32
N PHE K 464 -30.62 -20.71 9.54
CA PHE K 464 -29.65 -21.71 9.98
C PHE K 464 -29.74 -23.00 9.15
N PHE K 465 -30.96 -23.46 8.85
CA PHE K 465 -31.17 -24.59 7.95
C PHE K 465 -30.59 -24.32 6.55
N HIS K 466 -30.79 -23.11 6.00
CA HIS K 466 -30.18 -22.73 4.73
C HIS K 466 -28.65 -22.76 4.79
N ASP K 467 -28.02 -22.25 5.85
CA ASP K 467 -26.57 -22.24 5.99
C ASP K 467 -25.99 -23.67 6.03
N LEU K 468 -26.65 -24.59 6.75
CA LEU K 468 -26.27 -26.01 6.76
C LEU K 468 -26.39 -26.64 5.36
N MET K 469 -27.49 -26.35 4.67
CA MET K 469 -27.73 -26.82 3.31
C MET K 469 -26.67 -26.29 2.34
N TYR K 470 -26.35 -25.00 2.41
CA TYR K 470 -25.34 -24.36 1.59
C TYR K 470 -23.93 -24.92 1.84
N GLN K 471 -23.58 -25.20 3.10
CA GLN K 471 -22.31 -25.88 3.43
C GLN K 471 -22.26 -27.30 2.84
N SER K 472 -23.38 -28.03 2.93
CA SER K 472 -23.47 -29.40 2.39
C SER K 472 -23.40 -29.45 0.86
N MET K 473 -23.76 -28.38 0.14
CA MET K 473 -23.66 -28.31 -1.32
C MET K 473 -22.23 -28.44 -1.83
N TYR K 474 -21.22 -28.02 -1.06
CA TYR K 474 -19.81 -28.19 -1.43
C TYR K 474 -19.26 -29.58 -1.07
N ALA K 475 -19.93 -30.31 -0.18
CA ALA K 475 -19.54 -31.65 0.25
C ALA K 475 -20.25 -32.77 -0.53
N HIS K 476 -21.50 -32.56 -0.93
CA HIS K 476 -22.36 -33.55 -1.56
C HIS K 476 -22.86 -33.08 -2.94
N ASN K 477 -23.06 -34.04 -3.85
CA ASN K 477 -23.68 -33.82 -5.15
C ASN K 477 -25.01 -33.08 -4.97
N GLY K 478 -25.24 -32.00 -5.72
CA GLY K 478 -26.25 -30.95 -5.48
C GLY K 478 -27.75 -31.32 -5.52
N GLU K 479 -28.14 -32.53 -5.14
CA GLU K 479 -29.53 -32.99 -4.99
C GLU K 479 -30.33 -32.10 -4.02
N LEU K 480 -29.65 -31.58 -2.99
CA LEU K 480 -30.22 -30.70 -1.97
C LEU K 480 -30.61 -29.31 -2.49
N LEU K 481 -30.16 -28.93 -3.71
CA LEU K 481 -30.44 -27.61 -4.30
C LEU K 481 -31.94 -27.34 -4.46
N ARG K 482 -32.77 -28.37 -4.64
CA ARG K 482 -34.23 -28.24 -4.78
C ARG K 482 -34.90 -27.62 -3.55
N TYR K 483 -34.36 -27.89 -2.35
CA TYR K 483 -34.91 -27.35 -1.10
C TYR K 483 -34.49 -25.89 -0.85
N SER K 484 -33.49 -25.38 -1.58
CA SER K 484 -32.98 -24.01 -1.39
C SER K 484 -34.04 -22.94 -1.73
N ALA K 485 -34.94 -23.23 -2.67
CA ALA K 485 -36.02 -22.31 -3.07
C ALA K 485 -37.12 -22.17 -2.02
N LEU K 486 -37.25 -23.13 -1.09
CA LEU K 486 -38.29 -23.12 -0.05
C LEU K 486 -38.01 -22.08 1.04
N VAL K 487 -36.74 -21.83 1.38
CA VAL K 487 -36.37 -20.93 2.48
C VAL K 487 -36.81 -19.48 2.19
N PRO K 488 -36.55 -18.90 1.00
CA PRO K 488 -37.10 -17.59 0.62
C PRO K 488 -38.63 -17.51 0.73
N LEU K 489 -39.35 -18.58 0.45
CA LEU K 489 -40.83 -18.59 0.51
C LEU K 489 -41.37 -18.54 1.94
N VAL K 490 -40.58 -18.98 2.94
CA VAL K 490 -40.94 -18.79 4.34
C VAL K 490 -41.06 -17.31 4.69
N PHE K 491 -40.26 -16.43 4.07
CA PHE K 491 -40.39 -14.97 4.23
C PHE K 491 -41.74 -14.46 3.72
N PHE K 492 -42.22 -14.97 2.59
CA PHE K 492 -43.54 -14.61 2.08
C PHE K 492 -44.66 -15.03 3.02
N GLN K 493 -44.58 -16.24 3.59
CA GLN K 493 -45.57 -16.70 4.54
C GLN K 493 -45.59 -15.86 5.83
N THR K 494 -44.42 -15.58 6.40
CA THR K 494 -44.25 -14.96 7.73
C THR K 494 -44.34 -13.44 7.73
N PHE K 495 -43.69 -12.78 6.77
CA PHE K 495 -43.54 -11.32 6.69
C PHE K 495 -44.29 -10.67 5.54
N GLY K 496 -44.86 -11.44 4.60
CA GLY K 496 -45.67 -10.86 3.54
C GLY K 496 -46.88 -10.10 4.12
N ASP K 497 -47.00 -8.82 3.79
CA ASP K 497 -48.08 -7.94 4.24
C ASP K 497 -48.51 -6.99 3.11
N ILE K 498 -49.77 -6.55 3.14
CA ILE K 498 -50.38 -5.62 2.19
C ILE K 498 -49.79 -4.20 2.37
N ALA K 499 -49.24 -3.92 3.56
CA ALA K 499 -48.62 -2.64 3.89
C ALA K 499 -47.33 -2.35 3.09
N ASN K 500 -46.67 -3.38 2.55
CA ASN K 500 -45.35 -3.27 1.93
C ASN K 500 -45.41 -2.86 0.45
N LYS K 501 -46.04 -1.72 0.15
CA LYS K 501 -46.24 -1.25 -1.24
C LYS K 501 -45.02 -0.60 -1.88
N ASP K 502 -44.10 -0.09 -1.08
CA ASP K 502 -42.91 0.61 -1.55
C ASP K 502 -41.74 -0.36 -1.71
N ASP K 503 -40.96 -0.22 -2.79
CA ASP K 503 -39.77 -1.03 -3.02
C ASP K 503 -38.64 -0.53 -2.10
N ILE K 504 -38.09 -1.41 -1.27
CA ILE K 504 -36.95 -1.08 -0.43
C ILE K 504 -35.68 -1.35 -1.24
N ARG K 505 -34.84 -0.34 -1.47
CA ARG K 505 -33.58 -0.65 -2.19
C ARG K 505 -32.65 -1.42 -1.25
N MET K 506 -31.65 -2.13 -1.78
CA MET K 506 -30.75 -2.96 -0.93
C MET K 506 -29.28 -2.81 -1.34
N LYS K 507 -28.37 -3.44 -0.59
CA LYS K 507 -26.91 -3.35 -0.87
C LYS K 507 -26.26 -4.69 -0.51
N ASN K 508 -24.91 -4.75 -0.50
CA ASN K 508 -24.20 -6.01 -0.19
C ASN K 508 -23.22 -5.79 0.97
N SER K 509 -23.74 -5.64 2.19
CA SER K 509 -22.87 -5.42 3.38
C SER K 509 -21.94 -6.62 3.57
N GLU K 510 -22.37 -7.81 3.14
CA GLU K 510 -21.57 -9.02 3.36
C GLU K 510 -20.26 -9.07 2.60
N TYR K 511 -20.26 -8.67 1.32
CA TYR K 511 -19.01 -8.64 0.57
C TYR K 511 -18.03 -7.65 1.21
N GLU K 512 -18.51 -6.47 1.61
CA GLU K 512 -17.69 -5.48 2.30
C GLU K 512 -17.19 -6.00 3.65
N GLN K 513 -18.06 -6.66 4.43
CA GLN K 513 -17.67 -7.31 5.68
C GLN K 513 -16.68 -8.45 5.48
N ARG K 514 -16.81 -9.23 4.40
CA ARG K 514 -15.90 -10.33 4.06
C ARG K 514 -14.53 -9.81 3.66
N GLU K 515 -14.49 -8.78 2.83
CA GLU K 515 -13.24 -8.12 2.44
C GLU K 515 -12.57 -7.45 3.65
N LEU K 516 -13.35 -6.80 4.53
CA LEU K 516 -12.84 -6.21 5.77
C LEU K 516 -12.32 -7.29 6.74
N LYS K 517 -13.06 -8.39 6.90
CA LYS K 517 -12.64 -9.54 7.72
C LYS K 517 -11.35 -10.17 7.18
N ARG K 518 -11.22 -10.26 5.86
CA ARG K 518 -10.00 -10.74 5.18
C ARG K 518 -8.83 -9.80 5.47
N ALA K 519 -9.01 -8.50 5.25
CA ALA K 519 -7.98 -7.49 5.54
C ALA K 519 -7.54 -7.52 7.02
N ASN K 520 -8.49 -7.57 7.95
CA ASN K 520 -8.20 -7.66 9.39
C ASN K 520 -7.49 -8.97 9.75
N SER K 521 -7.92 -10.09 9.16
CA SER K 521 -7.25 -11.40 9.34
C SER K 521 -5.83 -11.37 8.81
N ASP K 522 -5.58 -10.68 7.69
CA ASP K 522 -4.25 -10.57 7.10
C ASP K 522 -3.33 -9.71 7.98
N ILE K 523 -3.82 -8.57 8.50
CA ILE K 523 -3.11 -7.75 9.50
C ILE K 523 -2.75 -8.59 10.73
N VAL K 524 -3.72 -9.30 11.29
CA VAL K 524 -3.52 -10.15 12.47
C VAL K 524 -2.50 -11.27 12.18
N SER K 525 -2.58 -11.89 11.01
CA SER K 525 -1.63 -12.93 10.60
C SER K 525 -0.21 -12.39 10.48
N LEU K 526 -0.06 -11.15 10.02
CA LEU K 526 1.22 -10.46 9.93
C LEU K 526 1.77 -10.13 11.31
N ILE K 527 0.94 -9.63 12.24
CA ILE K 527 1.35 -9.39 13.64
C ILE K 527 1.78 -10.71 14.30
N MET K 528 1.02 -11.79 14.11
CA MET K 528 1.35 -13.10 14.67
C MET K 528 2.69 -13.62 14.13
N ARG K 529 3.00 -13.41 12.84
CA ARG K 529 4.31 -13.72 12.26
C ARG K 529 5.42 -12.86 12.86
N HIS K 530 5.19 -11.57 13.07
CA HIS K 530 6.16 -10.68 13.70
C HIS K 530 6.50 -11.11 15.13
N ILE K 531 5.49 -11.48 15.92
CA ILE K 531 5.66 -12.02 17.27
C ILE K 531 6.47 -13.32 17.23
N SER K 532 6.18 -14.22 16.28
CA SER K 532 6.92 -15.47 16.11
C SER K 532 8.40 -15.26 15.83
N VAL K 533 8.76 -14.19 15.10
CA VAL K 533 10.15 -13.89 14.75
C VAL K 533 10.93 -13.23 15.89
N GLN K 534 10.25 -12.37 16.66
CA GLN K 534 10.90 -11.68 17.79
C GLN K 534 10.66 -12.48 19.08
N SER K 535 9.45 -12.38 19.63
CA SER K 535 9.14 -13.06 20.92
C SER K 535 9.21 -14.58 20.72
N PRO K 536 10.25 -15.26 21.23
CA PRO K 536 10.40 -16.69 21.01
C PRO K 536 9.30 -17.43 21.78
N LEU K 537 8.98 -16.96 22.99
CA LEU K 537 7.99 -17.67 23.84
C LEU K 537 6.59 -17.06 23.68
N MET K 538 6.48 -15.75 23.39
CA MET K 538 5.14 -15.16 23.37
C MET K 538 4.27 -15.89 22.34
N ALA K 539 4.85 -16.24 21.20
CA ALA K 539 4.13 -16.90 20.11
C ALA K 539 3.47 -18.23 20.52
N SER K 540 4.05 -18.96 21.48
CA SER K 540 3.47 -20.21 21.98
C SER K 540 2.19 -20.03 22.79
N PHE K 541 2.01 -18.87 23.43
CA PHE K 541 0.84 -18.58 24.28
C PHE K 541 -0.23 -17.75 23.58
N THR K 542 0.06 -17.20 22.40
CA THR K 542 -0.86 -16.33 21.67
C THR K 542 -1.68 -17.09 20.64
N ASP K 543 -2.96 -17.33 20.93
CA ASP K 543 -3.94 -17.70 19.89
C ASP K 543 -4.42 -16.44 19.14
N ARG K 544 -4.89 -16.62 17.89
CA ARG K 544 -5.43 -15.54 17.05
C ARG K 544 -6.56 -14.80 17.76
N LYS K 545 -7.45 -15.51 18.45
CA LYS K 545 -8.59 -14.91 19.18
C LYS K 545 -8.12 -14.10 20.39
N SER K 546 -7.24 -14.68 21.22
CA SER K 546 -6.65 -13.98 22.38
C SER K 546 -5.89 -12.72 21.96
N LEU K 547 -5.18 -12.77 20.83
CA LEU K 547 -4.48 -11.60 20.30
C LEU K 547 -5.45 -10.47 19.94
N ILE K 548 -6.56 -10.77 19.25
CA ILE K 548 -7.55 -9.77 18.82
C ILE K 548 -8.33 -9.19 20.00
N PHE K 549 -8.78 -10.02 20.94
CA PHE K 549 -9.71 -9.58 22.00
C PHE K 549 -9.01 -9.12 23.28
N GLU K 550 -7.83 -9.65 23.61
CA GLU K 550 -7.14 -9.34 24.86
C GLU K 550 -5.93 -8.45 24.60
N ILE K 551 -4.97 -8.92 23.78
CA ILE K 551 -3.64 -8.27 23.70
C ILE K 551 -3.68 -6.94 22.95
N LEU K 552 -4.25 -6.92 21.73
CA LEU K 552 -4.24 -5.72 20.89
C LEU K 552 -5.02 -4.53 21.49
N PRO K 553 -6.21 -4.70 22.11
CA PRO K 553 -6.91 -3.60 22.75
C PRO K 553 -6.13 -2.99 23.90
N TYR K 554 -5.47 -3.81 24.73
CA TYR K 554 -4.62 -3.27 25.80
C TYR K 554 -3.39 -2.55 25.24
N LEU K 555 -2.73 -3.13 24.23
CA LEU K 555 -1.58 -2.50 23.58
C LEU K 555 -1.94 -1.13 23.01
N ASP K 556 -3.09 -1.03 22.36
CA ASP K 556 -3.56 0.23 21.82
C ASP K 556 -3.93 1.25 22.92
N SER K 557 -4.57 0.80 24.00
CA SER K 557 -4.87 1.66 25.15
C SER K 557 -3.60 2.22 25.80
N MET K 558 -2.51 1.42 25.82
CA MET K 558 -1.20 1.85 26.35
C MET K 558 -0.57 2.92 25.45
N ILE K 559 -0.63 2.77 24.12
CA ILE K 559 -0.08 3.73 23.15
C ILE K 559 -0.90 5.03 23.10
N SER K 560 -2.23 4.94 23.25
CA SER K 560 -3.16 6.07 23.20
C SER K 560 -3.32 6.84 24.52
N SER K 561 -2.67 6.40 25.59
CA SER K 561 -2.75 7.02 26.91
C SER K 561 -2.21 8.46 26.93
N ASP K 562 -2.91 9.38 27.61
CA ASP K 562 -2.55 10.81 27.62
C ASP K 562 -1.28 11.08 28.48
N PHE K 563 -0.08 11.04 27.87
CA PHE K 563 1.18 11.34 28.59
C PHE K 563 1.27 12.79 29.09
N ASN K 564 0.42 13.68 28.58
CA ASN K 564 0.39 15.09 29.00
C ASN K 564 -0.09 15.28 30.46
N LYS K 565 -0.79 14.30 31.04
CA LYS K 565 -1.22 14.36 32.45
C LYS K 565 -0.10 14.03 33.44
N ILE K 566 0.99 13.42 32.97
CA ILE K 566 2.10 12.97 33.82
C ILE K 566 3.08 14.13 34.03
N ARG K 567 3.08 14.72 35.23
CA ARG K 567 4.01 15.81 35.61
C ARG K 567 5.45 15.30 35.86
N ASN K 568 5.59 14.06 36.31
CA ASN K 568 6.89 13.47 36.63
C ASN K 568 7.64 13.05 35.36
N LEU K 569 8.66 13.82 34.97
CA LEU K 569 9.44 13.57 33.75
C LEU K 569 10.14 12.20 33.76
N LYS K 570 10.69 11.77 34.90
CA LYS K 570 11.37 10.46 35.02
C LYS K 570 10.41 9.29 34.75
N LEU K 571 9.20 9.37 35.31
CA LEU K 571 8.17 8.34 35.12
C LEU K 571 7.65 8.35 33.68
N LYS K 572 7.48 9.54 33.08
CA LYS K 572 7.16 9.67 31.65
C LYS K 572 8.25 9.02 30.78
N GLN K 573 9.53 9.24 31.08
CA GLN K 573 10.64 8.62 30.33
C GLN K 573 10.67 7.10 30.48
N ALA K 574 10.47 6.57 31.69
CA ALA K 574 10.43 5.13 31.94
C ALA K 574 9.28 4.45 31.18
N ILE K 575 8.07 5.00 31.24
CA ILE K 575 6.91 4.49 30.47
C ILE K 575 7.20 4.52 28.96
N MET K 576 7.82 5.60 28.47
CA MET K 576 8.17 5.71 27.05
C MET K 576 9.22 4.67 26.64
N GLU K 577 10.16 4.32 27.50
CA GLU K 577 11.15 3.26 27.25
C GLU K 577 10.51 1.86 27.21
N GLU K 578 9.59 1.58 28.12
CA GLU K 578 8.79 0.34 28.10
C GLU K 578 7.91 0.25 26.84
N LEU K 579 7.23 1.34 26.46
CA LEU K 579 6.43 1.38 25.23
C LEU K 579 7.28 1.18 23.98
N VAL K 580 8.50 1.72 23.93
CA VAL K 580 9.43 1.48 22.82
C VAL K 580 9.84 0.00 22.77
N GLN K 581 10.02 -0.63 23.93
CA GLN K 581 10.30 -2.08 24.00
C GLN K 581 9.10 -2.91 23.53
N LEU K 582 7.88 -2.54 23.89
CA LEU K 582 6.64 -3.18 23.42
C LEU K 582 6.45 -2.99 21.91
N LEU K 583 6.64 -1.78 21.37
CA LEU K 583 6.59 -1.54 19.93
C LEU K 583 7.61 -2.41 19.19
N LYS K 584 8.80 -2.60 19.77
CA LYS K 584 9.83 -3.48 19.21
C LYS K 584 9.46 -4.97 19.29
N SER K 585 8.86 -5.44 20.39
CA SER K 585 8.45 -6.85 20.53
C SER K 585 7.36 -7.24 19.53
N PHE K 586 6.40 -6.34 19.27
CA PHE K 586 5.34 -6.54 18.28
C PHE K 586 5.73 -6.12 16.84
N GLN K 587 6.96 -5.64 16.61
CA GLN K 587 7.46 -5.07 15.34
C GLN K 587 6.56 -3.99 14.73
N LEU K 588 6.02 -3.12 15.57
CA LEU K 588 5.18 -2.01 15.16
C LEU K 588 6.06 -0.83 14.75
N ASN K 589 6.03 -0.48 13.47
CA ASN K 589 6.80 0.63 12.92
C ASN K 589 5.97 1.91 12.94
N LEU K 590 6.58 3.01 13.38
CA LEU K 590 5.98 4.33 13.25
C LEU K 590 6.36 4.91 11.89
N ILE K 591 5.38 5.06 11.00
CA ILE K 591 5.56 5.66 9.68
C ILE K 591 4.99 7.08 9.71
N GLN K 592 5.79 8.04 9.27
CA GLN K 592 5.30 9.38 9.00
C GLN K 592 4.58 9.37 7.66
N ASN K 593 3.25 9.33 7.70
CA ASN K 593 2.46 9.53 6.51
C ASN K 593 2.55 11.00 6.13
N ARG K 594 3.31 11.27 5.06
CA ARG K 594 3.48 12.65 4.57
C ARG K 594 2.50 12.88 3.42
N SER K 595 1.39 12.12 3.41
CA SER K 595 0.35 12.27 2.35
C SER K 595 -0.49 13.52 2.61
N GLU K 596 -0.14 14.30 3.64
CA GLU K 596 -0.86 15.58 3.89
C GLU K 596 -0.78 16.40 2.60
N GLY K 597 0.42 16.61 2.06
CA GLY K 597 0.55 17.32 0.77
C GLY K 597 0.73 18.82 0.91
N PHE K 598 0.48 19.38 2.10
CA PHE K 598 0.55 20.86 2.21
C PHE K 598 1.49 21.30 3.34
N ASP K 599 2.51 20.49 3.65
CA ASP K 599 3.53 20.90 4.66
C ASP K 599 2.88 21.55 5.88
N VAL K 600 2.18 20.76 6.70
CA VAL K 600 1.59 21.30 7.96
C VAL K 600 1.76 20.26 9.06
N ARG K 601 1.04 19.13 8.95
CA ARG K 601 1.11 18.04 9.95
C ARG K 601 0.92 16.68 9.30
N GLY K 602 2.00 16.13 8.76
CA GLY K 602 2.05 14.71 8.39
C GLY K 602 1.77 13.84 9.61
N GLY K 603 0.57 13.25 9.68
CA GLY K 603 0.17 12.38 10.78
C GLY K 603 1.06 11.14 10.86
N LEU K 604 1.49 10.79 12.06
CA LEU K 604 2.19 9.53 12.31
C LEU K 604 1.18 8.40 12.40
N THR K 605 1.44 7.30 11.70
CA THR K 605 0.60 6.09 11.72
C THR K 605 1.45 4.88 12.11
N ILE K 606 0.82 3.94 12.82
CA ILE K 606 1.43 2.65 13.18
C ILE K 606 1.26 1.69 11.99
N ASP K 607 2.34 1.01 11.59
CA ASP K 607 2.33 -0.05 10.59
C ASP K 607 2.80 -1.37 11.22
N PRO K 608 2.00 -2.44 11.20
CA PRO K 608 0.62 -2.53 10.71
C PRO K 608 -0.40 -1.68 11.52
N PRO K 609 -1.49 -1.20 10.90
CA PRO K 609 -2.50 -0.37 11.57
C PRO K 609 -3.36 -1.22 12.49
N ILE K 610 -2.95 -1.33 13.76
CA ILE K 610 -3.71 -2.01 14.82
C ILE K 610 -5.09 -1.36 15.03
N ASP K 611 -5.13 -0.05 14.78
CA ASP K 611 -6.30 0.82 14.94
C ASP K 611 -7.53 0.30 14.19
N GLU K 612 -7.33 -0.23 12.97
CA GLU K 612 -8.41 -0.75 12.12
C GLU K 612 -9.01 -2.05 12.68
N VAL K 613 -8.25 -2.80 13.48
CA VAL K 613 -8.68 -4.07 14.09
C VAL K 613 -9.35 -3.84 15.45
N VAL K 614 -8.81 -2.91 16.25
CA VAL K 614 -9.23 -2.69 17.65
C VAL K 614 -10.37 -1.68 17.76
N LEU K 615 -10.34 -0.58 17.01
CA LEU K 615 -11.28 0.52 17.19
C LEU K 615 -12.59 0.26 16.45
N LEU K 616 -13.54 -0.36 17.14
CA LEU K 616 -14.88 -0.63 16.60
C LEU K 616 -15.80 0.61 16.66
N ASN K 617 -15.59 1.51 17.64
CA ASN K 617 -16.51 2.62 17.91
C ASN K 617 -16.07 3.92 17.20
N PRO K 618 -16.90 4.50 16.30
CA PRO K 618 -16.51 5.68 15.52
C PRO K 618 -16.25 6.92 16.39
N LYS K 619 -16.94 7.06 17.52
CA LYS K 619 -16.71 8.17 18.48
C LYS K 619 -15.32 8.08 19.12
N HIS K 620 -14.92 6.87 19.52
CA HIS K 620 -13.60 6.64 20.11
C HIS K 620 -12.47 6.82 19.09
N ILE K 621 -12.70 6.54 17.81
CA ILE K 621 -11.69 6.74 16.75
C ILE K 621 -11.18 8.19 16.74
N ASN K 622 -12.08 9.17 16.75
CA ASN K 622 -11.69 10.58 16.68
C ASN K 622 -10.93 11.03 17.94
N GLU K 623 -11.39 10.65 19.13
CA GLU K 623 -10.72 10.97 20.39
C GLU K 623 -9.31 10.38 20.45
N VAL K 624 -9.18 9.10 20.05
CA VAL K 624 -7.92 8.38 20.07
C VAL K 624 -6.94 8.94 19.04
N GLN K 625 -7.39 9.29 17.83
CA GLN K 625 -6.53 9.87 16.79
C GLN K 625 -5.84 11.17 17.24
N HIS K 626 -6.58 12.07 17.90
CA HIS K 626 -6.01 13.33 18.40
C HIS K 626 -4.97 13.11 19.51
N LYS K 627 -5.23 12.18 20.44
CA LYS K 627 -4.31 11.84 21.53
C LYS K 627 -3.06 11.15 21.01
N ARG K 628 -3.24 10.18 20.13
CA ARG K 628 -2.15 9.41 19.51
C ARG K 628 -1.19 10.31 18.75
N ALA K 629 -1.65 11.31 17.99
CA ALA K 629 -0.76 12.16 17.19
C ALA K 629 0.38 12.80 18.01
N ASN K 630 0.09 13.27 19.23
CA ASN K 630 1.08 13.86 20.14
C ASN K 630 1.99 12.80 20.81
N ASN K 631 1.43 11.63 21.11
CA ASN K 631 2.17 10.53 21.71
C ASN K 631 3.14 9.90 20.71
N LEU K 632 2.69 9.66 19.48
CA LEU K 632 3.48 9.06 18.41
C LEU K 632 4.66 9.94 18.02
N SER K 633 4.54 11.26 18.04
CA SER K 633 5.67 12.16 17.79
C SER K 633 6.71 12.07 18.89
N SER K 634 6.28 11.99 20.15
CA SER K 634 7.16 11.78 21.30
C SER K 634 7.84 10.40 21.26
N LEU K 635 7.10 9.35 20.86
CA LEU K 635 7.61 7.98 20.72
C LEU K 635 8.61 7.89 19.57
N LEU K 636 8.33 8.52 18.43
CA LEU K 636 9.24 8.58 17.29
C LEU K 636 10.54 9.27 17.67
N ALA K 637 10.47 10.43 18.35
CA ALA K 637 11.67 11.11 18.84
C ALA K 637 12.50 10.21 19.77
N LYS K 638 11.85 9.43 20.65
CA LYS K 638 12.54 8.48 21.53
C LYS K 638 13.14 7.29 20.77
N ILE K 639 12.46 6.77 19.75
CA ILE K 639 12.98 5.72 18.86
C ILE K 639 14.20 6.22 18.09
N GLU K 640 14.16 7.46 17.58
CA GLU K 640 15.29 8.10 16.91
C GLU K 640 16.47 8.35 17.86
N GLU K 641 16.20 8.81 19.09
CA GLU K 641 17.22 8.94 20.14
C GLU K 641 17.89 7.59 20.42
N ASN K 642 17.10 6.51 20.58
CA ASN K 642 17.63 5.17 20.80
C ASN K 642 18.43 4.64 19.59
N ARG K 643 17.99 4.96 18.37
CA ARG K 643 18.74 4.63 17.13
C ARG K 643 20.04 5.42 17.05
N MET L 1 34.32 -1.74 -5.10
CA MET L 1 33.25 -1.66 -6.12
C MET L 1 33.32 -2.93 -6.91
N LEU L 2 32.28 -3.20 -7.68
CA LEU L 2 32.21 -4.36 -8.54
C LEU L 2 32.52 -3.92 -9.98
N GLU L 3 33.46 -4.60 -10.61
CA GLU L 3 33.79 -4.31 -12.00
C GLU L 3 34.40 -5.58 -12.59
N ALA L 4 33.52 -6.38 -13.17
CA ALA L 4 33.95 -7.63 -13.74
C ALA L 4 33.47 -7.79 -15.17
N LYS L 5 34.42 -7.90 -16.08
CA LYS L 5 34.09 -8.07 -17.48
C LYS L 5 34.39 -9.46 -17.99
N PHE L 6 33.33 -10.13 -18.42
CA PHE L 6 33.43 -11.44 -19.02
C PHE L 6 33.67 -11.25 -20.54
N GLU L 7 34.60 -12.03 -21.06
CA GLU L 7 34.95 -12.04 -22.49
C GLU L 7 33.68 -12.38 -23.29
N GLU L 8 33.00 -13.44 -22.88
CA GLU L 8 31.78 -13.89 -23.52
C GLU L 8 30.65 -13.91 -22.50
N ALA L 9 29.56 -13.20 -22.79
CA ALA L 9 28.44 -13.17 -21.89
C ALA L 9 27.94 -14.60 -21.65
N SER L 10 28.26 -15.49 -22.58
CA SER L 10 27.81 -16.87 -22.48
C SER L 10 28.23 -17.58 -21.21
N LEU L 11 29.45 -17.33 -20.74
CA LEU L 11 29.90 -18.04 -19.53
C LEU L 11 29.01 -17.72 -18.35
N PHE L 12 28.68 -16.45 -18.17
CA PHE L 12 27.87 -16.05 -17.04
C PHE L 12 26.45 -16.58 -17.13
N LYS L 13 25.95 -16.64 -18.37
CA LYS L 13 24.61 -17.12 -18.63
C LYS L 13 24.47 -18.62 -18.28
N ARG L 14 25.51 -19.40 -18.55
CA ARG L 14 25.48 -20.81 -18.25
C ARG L 14 25.62 -21.02 -16.75
N ILE L 15 26.44 -20.20 -16.10
CA ILE L 15 26.64 -20.28 -14.66
C ILE L 15 25.29 -20.04 -13.99
N ILE L 16 24.62 -18.94 -14.36
CA ILE L 16 23.31 -18.62 -13.79
C ILE L 16 22.26 -19.71 -14.15
N ASP L 17 22.43 -20.35 -15.30
CA ASP L 17 21.52 -21.43 -15.67
C ASP L 17 21.57 -22.51 -14.62
N GLY L 18 22.72 -22.62 -13.94
CA GLY L 18 22.91 -23.62 -12.91
C GLY L 18 22.17 -23.36 -11.61
N PHE L 19 21.97 -22.10 -11.28
CA PHE L 19 21.27 -21.72 -10.07
C PHE L 19 19.80 -21.73 -10.39
N LYS L 20 19.52 -21.48 -11.66
CA LYS L 20 18.17 -21.39 -12.15
C LYS L 20 17.24 -22.51 -11.71
N ASP L 21 16.02 -22.09 -11.41
CA ASP L 21 14.95 -22.98 -11.00
C ASP L 21 15.10 -23.53 -9.60
N CYS L 22 16.23 -24.19 -9.29
CA CYS L 22 16.39 -24.75 -7.96
C CYS L 22 16.56 -23.80 -6.80
N VAL L 23 16.85 -22.53 -7.05
CA VAL L 23 16.95 -21.53 -5.98
C VAL L 23 16.33 -20.23 -6.45
N GLN L 24 15.87 -19.43 -5.49
CA GLN L 24 15.23 -18.15 -5.76
C GLN L 24 16.12 -16.94 -5.48
N LEU L 25 16.87 -16.99 -4.38
CA LEU L 25 17.73 -15.88 -3.99
C LEU L 25 19.20 -16.28 -4.02
N VAL L 26 20.03 -15.39 -4.55
CA VAL L 26 21.46 -15.66 -4.63
C VAL L 26 22.22 -14.51 -4.00
N ASN L 27 23.26 -14.85 -3.24
CA ASN L 27 24.06 -13.83 -2.59
C ASN L 27 25.44 -13.86 -3.21
N PHE L 28 25.77 -12.79 -3.92
CA PHE L 28 27.06 -12.64 -4.58
C PHE L 28 27.96 -11.78 -3.71
N GLN L 29 29.26 -11.98 -3.86
CA GLN L 29 30.22 -11.17 -3.19
C GLN L 29 31.47 -11.12 -4.05
N CYS L 30 31.85 -9.92 -4.47
CA CYS L 30 33.06 -9.77 -5.24
C CYS L 30 34.14 -9.29 -4.26
N LYS L 31 35.39 -9.66 -4.54
CA LYS L 31 36.51 -9.30 -3.71
C LYS L 31 37.81 -9.36 -4.48
N GLU L 32 38.91 -9.12 -3.80
CA GLU L 32 40.21 -9.09 -4.44
C GLU L 32 40.64 -10.34 -5.24
N ASP L 33 40.19 -11.50 -4.81
CA ASP L 33 40.56 -12.72 -5.50
C ASP L 33 39.44 -13.30 -6.37
N GLY L 34 38.39 -12.51 -6.60
CA GLY L 34 37.34 -12.99 -7.46
C GLY L 34 35.95 -12.81 -6.95
N ILE L 35 35.05 -13.59 -7.52
CA ILE L 35 33.66 -13.52 -7.15
C ILE L 35 33.15 -14.84 -6.62
N ILE L 36 32.38 -14.80 -5.54
CA ILE L 36 31.77 -16.03 -5.06
C ILE L 36 30.27 -15.76 -4.99
N ALA L 37 29.48 -16.82 -4.94
CA ALA L 37 28.03 -16.69 -4.84
C ALA L 37 27.47 -17.94 -4.18
N GLN L 38 26.46 -17.76 -3.34
CA GLN L 38 25.83 -18.90 -2.68
C GLN L 38 24.33 -18.75 -2.70
N ALA L 39 23.63 -19.86 -2.86
CA ALA L 39 22.16 -19.84 -2.87
C ALA L 39 21.71 -21.16 -2.25
N VAL L 40 20.71 -21.06 -1.38
CA VAL L 40 20.17 -22.24 -0.70
C VAL L 40 18.69 -22.31 -1.03
N ASP L 41 18.18 -23.50 -1.36
CA ASP L 41 16.76 -23.63 -1.68
C ASP L 41 15.90 -23.51 -0.39
N ASP L 42 14.57 -23.36 -0.51
CA ASP L 42 13.72 -23.17 0.69
C ASP L 42 13.75 -24.29 1.68
N SER L 43 13.82 -25.52 1.21
CA SER L 43 13.84 -26.65 2.11
C SER L 43 15.19 -26.86 2.73
N ARG L 44 16.18 -26.11 2.26
CA ARG L 44 17.54 -26.22 2.77
C ARG L 44 18.20 -27.58 2.58
N VAL L 45 18.00 -28.21 1.42
CA VAL L 45 18.64 -29.51 1.15
C VAL L 45 19.70 -29.32 0.06
N LEU L 46 19.66 -28.17 -0.59
CA LEU L 46 20.59 -27.87 -1.67
C LEU L 46 21.23 -26.51 -1.52
N LEU L 47 22.55 -26.51 -1.68
CA LEU L 47 23.32 -25.28 -1.63
C LEU L 47 24.03 -25.22 -2.97
N VAL L 48 23.95 -24.08 -3.64
CA VAL L 48 24.66 -23.87 -4.90
C VAL L 48 25.76 -22.84 -4.58
N SER L 49 27.00 -23.22 -4.83
CA SER L 49 28.13 -22.39 -4.48
C SER L 49 29.07 -22.18 -5.67
N LEU L 50 29.30 -20.92 -6.00
CA LEU L 50 30.15 -20.54 -7.11
C LEU L 50 31.44 -19.81 -6.73
N GLU L 51 32.48 -20.03 -7.52
CA GLU L 51 33.76 -19.35 -7.32
C GLU L 51 34.34 -19.07 -8.70
N ILE L 52 34.61 -17.80 -9.00
CA ILE L 52 35.19 -17.41 -10.28
C ILE L 52 36.44 -16.59 -9.93
N GLY L 53 37.61 -17.09 -10.29
CA GLY L 53 38.83 -16.37 -9.96
C GLY L 53 39.02 -15.22 -10.90
N VAL L 54 39.95 -14.34 -10.53
CA VAL L 54 40.27 -13.15 -11.31
C VAL L 54 40.64 -13.43 -12.77
N GLU L 55 41.33 -14.54 -12.99
CA GLU L 55 41.75 -14.94 -14.32
C GLU L 55 40.66 -15.37 -15.28
N ALA L 56 39.46 -15.65 -14.77
CA ALA L 56 38.34 -16.03 -15.65
C ALA L 56 37.78 -14.81 -16.40
N PHE L 57 38.16 -13.61 -15.96
CA PHE L 57 37.67 -12.37 -16.54
C PHE L 57 38.65 -11.75 -17.50
N GLN L 58 38.15 -10.87 -18.35
CA GLN L 58 38.99 -10.18 -19.32
C GLN L 58 39.47 -8.93 -18.62
N GLU L 59 38.71 -8.47 -17.64
CA GLU L 59 39.09 -7.31 -16.87
C GLU L 59 38.34 -7.42 -15.55
N TYR L 60 39.07 -7.23 -14.45
CA TYR L 60 38.51 -7.32 -13.11
C TYR L 60 39.23 -6.32 -12.22
N ARG L 61 38.46 -5.52 -11.53
CA ARG L 61 39.04 -4.54 -10.66
C ARG L 61 38.26 -4.54 -9.36
N CYS L 62 38.96 -4.65 -8.24
CA CYS L 62 38.29 -4.64 -6.95
C CYS L 62 39.16 -4.07 -5.87
N ASP L 63 38.81 -2.90 -5.37
CA ASP L 63 39.58 -2.29 -4.31
C ASP L 63 38.72 -2.26 -3.08
N HIS L 64 37.56 -2.91 -3.13
CA HIS L 64 36.65 -2.85 -2.00
C HIS L 64 35.52 -3.82 -2.24
N PRO L 65 35.54 -4.96 -1.54
CA PRO L 65 34.52 -5.99 -1.66
C PRO L 65 33.11 -5.44 -1.58
N VAL L 66 32.21 -6.05 -2.34
CA VAL L 66 30.79 -5.68 -2.32
C VAL L 66 29.97 -6.97 -2.28
N THR L 67 28.99 -7.03 -1.38
CA THR L 67 28.10 -8.16 -1.24
C THR L 67 26.71 -7.68 -1.77
N LEU L 68 26.07 -8.50 -2.59
CA LEU L 68 24.80 -8.12 -3.14
C LEU L 68 23.89 -9.30 -3.34
N GLY L 69 22.64 -9.15 -2.93
CA GLY L 69 21.70 -10.25 -3.06
C GLY L 69 20.68 -9.96 -4.10
N MET L 70 20.24 -11.00 -4.79
CA MET L 70 19.22 -10.79 -5.79
C MET L 70 18.40 -11.98 -6.09
N ASP L 71 17.27 -11.68 -6.69
CA ASP L 71 16.33 -12.67 -7.10
C ASP L 71 16.87 -13.33 -8.37
N LEU L 72 17.00 -14.64 -8.31
CA LEU L 72 17.53 -15.41 -9.42
C LEU L 72 16.66 -15.26 -10.66
N THR L 73 15.34 -15.34 -10.50
CA THR L 73 14.47 -15.23 -11.64
C THR L 73 14.64 -13.93 -12.40
N SER L 74 14.76 -12.82 -11.67
CA SER L 74 14.95 -11.50 -12.27
C SER L 74 16.24 -11.47 -13.09
N LEU L 75 17.28 -12.08 -12.52
CA LEU L 75 18.58 -12.13 -13.17
C LEU L 75 18.54 -12.92 -14.46
N SER L 76 17.95 -14.12 -14.45
CA SER L 76 17.90 -14.91 -15.68
C SER L 76 17.05 -14.22 -16.74
N LYS L 77 15.97 -13.56 -16.30
CA LYS L 77 15.10 -12.85 -17.25
C LYS L 77 15.95 -11.92 -18.06
N ILE L 78 16.96 -11.36 -17.44
CA ILE L 78 17.83 -10.40 -18.10
C ILE L 78 19.03 -11.06 -18.75
N LEU L 79 19.28 -12.30 -18.39
CA LEU L 79 20.42 -13.00 -18.89
C LEU L 79 20.31 -13.69 -20.23
N ARG L 80 19.41 -13.24 -21.08
CA ARG L 80 19.32 -13.79 -22.43
C ARG L 80 19.64 -12.69 -23.47
N CYS L 81 20.37 -11.64 -23.06
CA CYS L 81 20.72 -10.53 -23.98
C CYS L 81 22.18 -10.59 -24.41
N GLY L 82 22.89 -11.56 -23.84
CA GLY L 82 24.30 -11.67 -24.12
C GLY L 82 24.73 -12.04 -25.52
N ASN L 83 23.79 -12.43 -26.37
CA ASN L 83 24.17 -12.87 -27.73
C ASN L 83 25.24 -13.95 -27.61
N ASN L 84 25.57 -14.33 -26.38
CA ASN L 84 26.59 -15.29 -26.03
C ASN L 84 27.98 -14.77 -26.35
N THR L 85 28.10 -14.10 -27.50
CA THR L 85 29.38 -13.57 -27.96
C THR L 85 29.57 -12.15 -27.51
N ASP L 86 28.51 -11.55 -26.98
CA ASP L 86 28.60 -10.18 -26.48
C ASP L 86 29.57 -10.19 -25.31
N THR L 87 30.05 -9.01 -24.98
CA THR L 87 30.93 -8.85 -23.87
C THR L 87 29.99 -8.49 -22.69
N LEU L 88 30.24 -9.01 -21.49
CA LEU L 88 29.38 -8.67 -20.35
C LEU L 88 30.18 -8.05 -19.21
N THR L 89 29.76 -6.90 -18.71
CA THR L 89 30.46 -6.28 -17.58
C THR L 89 29.46 -6.11 -16.44
N LEU L 90 29.81 -6.64 -15.26
CA LEU L 90 28.99 -6.52 -14.06
C LEU L 90 29.59 -5.33 -13.34
N ILE L 91 28.74 -4.37 -12.93
CA ILE L 91 29.16 -3.13 -12.29
C ILE L 91 28.33 -2.75 -11.08
N ALA L 92 28.97 -2.34 -9.98
CA ALA L 92 28.22 -1.88 -8.80
C ALA L 92 29.06 -1.05 -7.88
N ASP L 93 28.47 -0.05 -7.23
CA ASP L 93 29.22 0.78 -6.33
C ASP L 93 29.35 0.03 -4.98
N ASN L 94 30.03 0.64 -4.01
CA ASN L 94 30.28 0.04 -2.70
C ASN L 94 29.10 -0.12 -1.78
N THR L 95 28.02 0.59 -2.07
CA THR L 95 26.81 0.51 -1.24
C THR L 95 25.72 0.55 -2.30
N PRO L 96 25.58 -0.55 -3.06
CA PRO L 96 24.57 -0.60 -4.12
C PRO L 96 23.12 -0.89 -3.79
N ASP L 97 22.24 -0.29 -4.58
CA ASP L 97 20.81 -0.56 -4.47
C ASP L 97 20.47 -1.36 -5.72
N SER L 98 21.42 -1.40 -6.66
CA SER L 98 21.25 -2.14 -7.91
C SER L 98 22.55 -2.74 -8.42
N ILE L 99 22.42 -3.63 -9.41
CA ILE L 99 23.55 -4.22 -10.10
C ILE L 99 23.32 -3.92 -11.59
N ILE L 100 24.37 -3.42 -12.22
CA ILE L 100 24.34 -3.07 -13.62
C ILE L 100 24.97 -4.14 -14.47
N LEU L 101 24.22 -4.59 -15.46
CA LEU L 101 24.75 -5.57 -16.40
C LEU L 101 24.90 -4.78 -17.71
N LEU L 102 26.10 -4.79 -18.27
CA LEU L 102 26.36 -4.04 -19.48
C LEU L 102 26.85 -4.96 -20.60
N PHE L 103 26.00 -5.17 -21.60
CA PHE L 103 26.36 -6.00 -22.73
C PHE L 103 26.71 -5.07 -23.88
N GLU L 104 27.85 -5.32 -24.53
CA GLU L 104 28.28 -4.52 -25.67
C GLU L 104 28.86 -5.42 -26.76
N ASP L 105 28.62 -5.02 -28.00
CA ASP L 105 29.15 -5.75 -29.14
C ASP L 105 30.53 -5.13 -29.39
N THR L 106 31.39 -5.85 -30.11
CA THR L 106 32.75 -5.37 -30.37
C THR L 106 32.77 -3.91 -30.81
N LYS L 107 31.99 -3.61 -31.85
CA LYS L 107 31.90 -2.25 -32.35
C LYS L 107 31.07 -1.42 -31.37
N LYS L 108 31.14 -0.10 -31.46
CA LYS L 108 30.39 0.76 -30.56
C LYS L 108 28.85 0.58 -30.66
N ASP L 109 28.43 0.05 -31.81
CA ASP L 109 27.04 -0.18 -32.22
C ASP L 109 25.88 -0.28 -31.23
N ARG L 110 25.73 -1.45 -30.65
CA ARG L 110 24.63 -1.74 -29.75
C ARG L 110 25.09 -1.99 -28.32
N ILE L 111 24.48 -1.26 -27.40
CA ILE L 111 24.81 -1.38 -25.99
C ILE L 111 23.56 -1.62 -25.18
N ALA L 112 23.43 -2.84 -24.66
CA ALA L 112 22.30 -3.16 -23.83
C ALA L 112 22.78 -3.06 -22.41
N GLU L 113 22.14 -2.19 -21.63
CA GLU L 113 22.51 -2.01 -20.25
C GLU L 113 21.28 -2.19 -19.33
N TYR L 114 21.47 -2.97 -18.26
CA TYR L 114 20.40 -3.23 -17.30
C TYR L 114 20.77 -2.80 -15.92
N SER L 115 19.76 -2.37 -15.17
CA SER L 115 19.94 -1.97 -13.79
C SER L 115 18.95 -2.79 -12.98
N LEU L 116 19.45 -3.88 -12.42
CA LEU L 116 18.67 -4.83 -11.61
C LEU L 116 18.58 -4.42 -10.13
N LYS L 117 17.37 -4.41 -9.61
CA LYS L 117 17.12 -4.06 -8.22
C LYS L 117 17.67 -5.19 -7.34
N LEU L 118 18.34 -4.86 -6.24
CA LEU L 118 18.90 -5.86 -5.33
C LEU L 118 17.97 -6.13 -4.16
N MET L 119 18.18 -7.27 -3.51
CA MET L 119 17.42 -7.67 -2.32
C MET L 119 18.43 -7.64 -1.16
N ASP L 120 17.96 -7.36 0.05
CA ASP L 120 18.85 -7.37 1.22
C ASP L 120 18.78 -8.76 1.82
N ILE L 121 19.91 -9.45 1.88
CA ILE L 121 19.96 -10.80 2.44
C ILE L 121 21.00 -10.82 3.54
N ASP L 122 20.67 -11.35 4.73
CA ASP L 122 21.68 -11.42 5.79
C ASP L 122 22.85 -12.26 5.31
N ALA L 123 24.01 -11.63 5.23
CA ALA L 123 25.26 -12.29 4.80
C ALA L 123 25.54 -13.41 5.81
N ASP L 124 25.62 -14.62 5.28
CA ASP L 124 25.84 -15.79 6.10
C ASP L 124 26.26 -16.93 5.17
N PHE L 125 27.46 -16.80 4.61
CA PHE L 125 27.95 -17.83 3.74
C PHE L 125 28.32 -19.10 4.54
N LEU L 126 27.88 -20.24 4.03
CA LEU L 126 28.15 -21.54 4.64
C LEU L 126 29.49 -22.09 4.16
N LYS L 127 30.16 -22.88 5.01
CA LYS L 127 31.43 -23.49 4.64
C LYS L 127 31.33 -24.95 5.08
N ILE L 128 30.43 -25.67 4.43
CA ILE L 128 30.16 -27.05 4.73
C ILE L 128 31.00 -28.10 4.01
N GLU L 129 31.94 -27.69 3.18
CA GLU L 129 32.76 -28.68 2.48
C GLU L 129 33.69 -29.41 3.45
N GLU L 130 33.84 -30.71 3.23
CA GLU L 130 34.65 -31.62 4.06
C GLU L 130 36.09 -31.77 3.61
N LEU L 131 36.93 -32.21 4.55
CA LEU L 131 38.31 -32.43 4.19
C LEU L 131 38.28 -33.73 3.36
N GLN L 132 37.86 -34.83 3.95
CA GLN L 132 37.82 -36.04 3.17
C GLN L 132 36.42 -36.60 3.08
N TYR L 133 36.09 -37.15 1.92
CA TYR L 133 34.81 -37.78 1.68
C TYR L 133 35.07 -39.28 1.62
N ASP L 134 34.07 -40.08 1.98
CA ASP L 134 34.11 -41.54 1.94
C ASP L 134 34.56 -42.04 0.56
N SER L 135 33.99 -41.45 -0.49
CA SER L 135 34.32 -41.82 -1.84
C SER L 135 34.24 -40.62 -2.71
N THR L 136 35.05 -40.66 -3.77
CA THR L 136 35.19 -39.61 -4.76
C THR L 136 35.20 -40.27 -6.13
N LEU L 137 34.47 -39.67 -7.07
CA LEU L 137 34.42 -40.18 -8.44
C LEU L 137 34.15 -39.06 -9.41
N SER L 138 34.65 -39.21 -10.62
CA SER L 138 34.40 -38.23 -11.69
C SER L 138 34.11 -39.06 -12.93
N LEU L 139 33.28 -38.50 -13.79
CA LEU L 139 32.89 -39.15 -15.02
C LEU L 139 32.35 -38.04 -15.90
N PRO L 140 32.19 -38.31 -17.20
CA PRO L 140 31.67 -37.30 -18.12
C PRO L 140 30.32 -36.80 -17.60
N SER L 141 30.09 -35.49 -17.63
CA SER L 141 28.84 -34.98 -17.12
C SER L 141 27.62 -35.35 -17.96
N SER L 142 27.83 -35.60 -19.25
CA SER L 142 26.70 -35.96 -20.11
C SER L 142 26.27 -37.36 -19.73
N GLU L 143 27.25 -38.19 -19.35
CA GLU L 143 26.93 -39.54 -18.92
C GLU L 143 26.12 -39.45 -17.60
N PHE L 144 26.57 -38.63 -16.65
CA PHE L 144 25.87 -38.45 -15.36
C PHE L 144 24.45 -37.96 -15.62
N SER L 145 24.28 -37.01 -16.55
CA SER L 145 22.94 -36.52 -16.89
C SER L 145 22.02 -37.65 -17.40
N LYS L 146 22.55 -38.50 -18.27
CA LYS L 146 21.78 -39.61 -18.81
C LYS L 146 21.40 -40.53 -17.67
N ILE L 147 22.37 -40.87 -16.82
CA ILE L 147 22.10 -41.74 -15.69
C ILE L 147 20.97 -41.15 -14.84
N VAL L 148 21.04 -39.86 -14.58
CA VAL L 148 20.00 -39.26 -13.77
C VAL L 148 18.67 -39.26 -14.52
N ARG L 149 18.69 -38.87 -15.79
CA ARG L 149 17.46 -38.84 -16.63
C ARG L 149 16.80 -40.23 -16.79
N ASP L 150 17.60 -41.29 -16.87
CA ASP L 150 17.07 -42.63 -16.93
C ASP L 150 16.21 -42.85 -15.66
N LEU L 151 16.90 -43.12 -14.56
CA LEU L 151 16.31 -43.41 -13.24
C LEU L 151 15.22 -42.49 -12.73
N SER L 152 15.30 -41.21 -13.05
CA SER L 152 14.31 -40.26 -12.59
C SER L 152 12.88 -40.68 -12.88
N GLN L 153 12.66 -41.31 -14.03
CA GLN L 153 11.34 -41.74 -14.47
C GLN L 153 10.71 -42.76 -13.58
N LEU L 154 11.55 -43.52 -12.87
CA LEU L 154 11.09 -44.62 -12.01
C LEU L 154 10.78 -44.29 -10.61
N SER L 155 11.37 -43.23 -10.08
CA SER L 155 11.17 -42.93 -8.67
C SER L 155 11.57 -41.51 -8.38
N ASP L 156 11.19 -41.05 -7.18
CA ASP L 156 11.53 -39.73 -6.71
C ASP L 156 12.83 -39.82 -5.90
N SER L 157 13.38 -41.03 -5.80
CA SER L 157 14.61 -41.27 -5.07
C SER L 157 15.52 -42.09 -5.91
N ILE L 158 16.78 -41.67 -5.98
CA ILE L 158 17.83 -42.39 -6.73
C ILE L 158 18.95 -42.67 -5.73
N ASN L 159 19.31 -43.93 -5.60
CA ASN L 159 20.33 -44.32 -4.66
C ASN L 159 21.67 -44.46 -5.36
N ILE L 160 22.73 -44.00 -4.71
CA ILE L 160 24.08 -44.14 -5.26
C ILE L 160 24.81 -45.05 -4.29
N MET L 161 25.35 -46.15 -4.79
CA MET L 161 26.08 -47.10 -3.95
C MET L 161 27.47 -47.32 -4.47
N ILE L 162 28.45 -47.25 -3.58
CA ILE L 162 29.83 -47.41 -3.98
C ILE L 162 30.54 -48.49 -3.17
N THR L 163 31.18 -49.39 -3.91
CA THR L 163 31.94 -50.49 -3.35
C THR L 163 33.22 -50.47 -4.20
N LYS L 164 34.21 -51.26 -3.79
CA LYS L 164 35.47 -51.28 -4.52
C LYS L 164 35.21 -51.45 -6.02
N GLU L 165 35.80 -50.56 -6.80
CA GLU L 165 35.66 -50.60 -8.24
C GLU L 165 34.25 -50.72 -8.79
N THR L 166 33.27 -50.24 -8.04
CA THR L 166 31.90 -50.30 -8.55
C THR L 166 31.04 -49.14 -8.08
N ILE L 167 30.39 -48.51 -9.03
CA ILE L 167 29.49 -47.41 -8.77
C ILE L 167 28.14 -47.87 -9.33
N LYS L 168 27.11 -47.81 -8.50
CA LYS L 168 25.80 -48.24 -8.92
C LYS L 168 24.70 -47.26 -8.54
N PHE L 169 23.96 -46.80 -9.54
CA PHE L 169 22.82 -45.89 -9.37
C PHE L 169 21.54 -46.75 -9.48
N VAL L 170 20.62 -46.58 -8.54
CA VAL L 170 19.41 -47.38 -8.51
C VAL L 170 18.14 -46.57 -8.18
N ALA L 171 17.05 -46.93 -8.85
CA ALA L 171 15.76 -46.29 -8.64
C ALA L 171 14.76 -47.44 -8.63
N ASP L 172 13.76 -47.34 -7.79
CA ASP L 172 12.79 -48.39 -7.65
C ASP L 172 11.51 -47.73 -7.23
N GLY L 173 10.46 -47.92 -8.02
CA GLY L 173 9.19 -47.30 -7.74
C GLY L 173 8.04 -48.14 -8.21
N ASP L 174 6.93 -47.48 -8.55
CA ASP L 174 5.72 -48.14 -9.00
C ASP L 174 5.81 -49.06 -10.21
N ILE L 175 6.27 -48.55 -11.34
CA ILE L 175 6.34 -49.37 -12.53
C ILE L 175 7.42 -50.44 -12.49
N GLY L 176 8.32 -50.37 -11.53
CA GLY L 176 9.40 -51.34 -11.44
C GLY L 176 10.68 -50.76 -10.86
N SER L 177 11.83 -51.29 -11.29
CA SER L 177 13.11 -50.84 -10.79
C SER L 177 14.10 -50.75 -11.92
N GLY L 178 15.13 -49.94 -11.71
CA GLY L 178 16.17 -49.76 -12.71
C GLY L 178 17.50 -49.54 -12.01
N SER L 179 18.58 -49.76 -12.74
CA SER L 179 19.90 -49.58 -12.20
C SER L 179 20.87 -49.34 -13.33
N VAL L 180 21.89 -48.55 -13.03
CA VAL L 180 22.96 -48.26 -13.98
C VAL L 180 24.22 -48.54 -13.21
N ILE L 181 25.02 -49.45 -13.74
CA ILE L 181 26.27 -49.83 -13.12
C ILE L 181 27.40 -49.41 -14.05
N ILE L 182 28.35 -48.66 -13.47
CA ILE L 182 29.52 -48.20 -14.21
C ILE L 182 30.77 -48.65 -13.47
N LYS L 183 31.84 -48.84 -14.23
CA LYS L 183 33.12 -49.28 -13.67
C LYS L 183 34.23 -48.31 -14.05
N PRO L 184 35.18 -48.12 -13.13
CA PRO L 184 36.30 -47.20 -13.37
C PRO L 184 37.09 -47.67 -14.60
N PHE L 185 37.58 -46.73 -15.40
CA PHE L 185 38.38 -47.07 -16.58
C PHE L 185 39.08 -45.85 -17.16
N VAL L 186 40.33 -46.06 -17.59
CA VAL L 186 41.15 -45.02 -18.18
C VAL L 186 41.13 -45.15 -19.68
N ASP L 187 40.61 -44.16 -20.39
CA ASP L 187 40.60 -44.19 -21.85
C ASP L 187 41.68 -43.24 -22.37
N MET L 188 42.77 -43.79 -22.91
CA MET L 188 43.85 -42.97 -23.42
C MET L 188 43.50 -42.35 -24.74
N GLU L 189 42.55 -42.97 -25.44
CA GLU L 189 42.09 -42.47 -26.74
C GLU L 189 41.46 -41.07 -26.56
N HIS L 190 41.29 -40.69 -25.29
CA HIS L 190 40.78 -39.41 -24.81
C HIS L 190 40.30 -39.62 -23.38
N PRO L 191 41.11 -39.20 -22.40
CA PRO L 191 40.83 -39.32 -20.97
C PRO L 191 39.67 -38.49 -20.41
N GLU L 192 39.00 -37.69 -21.24
CA GLU L 192 37.87 -36.91 -20.76
C GLU L 192 36.65 -37.79 -20.69
N THR L 193 36.82 -39.05 -21.09
CA THR L 193 35.72 -40.00 -21.08
C THR L 193 35.97 -41.09 -20.02
N SER L 194 37.11 -41.01 -19.36
CA SER L 194 37.45 -41.96 -18.32
C SER L 194 36.48 -41.84 -17.13
N ILE L 195 36.48 -42.83 -16.25
CA ILE L 195 35.64 -42.83 -15.07
C ILE L 195 36.52 -43.18 -13.91
N LYS L 196 36.86 -42.20 -13.08
CA LYS L 196 37.75 -42.44 -11.94
C LYS L 196 36.96 -42.67 -10.68
N LEU L 197 37.54 -43.39 -9.74
CA LEU L 197 36.89 -43.69 -8.49
C LEU L 197 37.92 -43.94 -7.42
N GLU L 198 37.82 -43.23 -6.31
CA GLU L 198 38.74 -43.45 -5.21
C GLU L 198 37.81 -43.71 -4.04
N MET L 199 37.82 -44.93 -3.52
CA MET L 199 36.95 -45.30 -2.41
C MET L 199 37.70 -45.60 -1.12
N ASP L 200 37.45 -44.82 -0.06
CA ASP L 200 38.12 -45.05 1.22
C ASP L 200 37.22 -45.88 2.07
N GLN L 201 35.94 -45.84 1.73
CA GLN L 201 34.92 -46.55 2.47
C GLN L 201 33.70 -46.68 1.56
N PRO L 202 33.07 -47.87 1.55
CA PRO L 202 31.90 -48.04 0.69
C PRO L 202 30.85 -47.08 1.20
N VAL L 203 30.09 -46.52 0.26
CA VAL L 203 29.02 -45.58 0.62
C VAL L 203 27.73 -46.03 -0.05
N ASP L 204 26.61 -45.60 0.50
CA ASP L 204 25.30 -45.95 0.00
C ASP L 204 24.35 -44.85 0.45
N LEU L 205 24.06 -43.89 -0.42
CA LEU L 205 23.21 -42.77 -0.07
C LEU L 205 22.05 -42.61 -1.03
N THR L 206 20.94 -42.06 -0.56
CA THR L 206 19.76 -41.84 -1.41
C THR L 206 19.52 -40.34 -1.53
N PHE L 207 19.19 -39.89 -2.74
CA PHE L 207 18.91 -38.48 -3.03
C PHE L 207 17.59 -38.37 -3.76
N GLY L 208 16.95 -37.21 -3.60
CA GLY L 208 15.69 -36.90 -4.26
C GLY L 208 15.99 -36.57 -5.70
N ALA L 209 15.38 -37.34 -6.58
CA ALA L 209 15.57 -37.23 -8.02
C ALA L 209 15.33 -35.84 -8.58
N LYS L 210 14.41 -35.11 -7.98
CA LYS L 210 14.10 -33.76 -8.41
C LYS L 210 15.34 -32.87 -8.27
N TYR L 211 16.15 -33.11 -7.24
CA TYR L 211 17.37 -32.33 -6.99
C TYR L 211 18.54 -32.71 -7.87
N LEU L 212 18.69 -34.00 -8.14
CA LEU L 212 19.76 -34.47 -9.01
C LEU L 212 19.48 -33.90 -10.40
N LEU L 213 18.20 -33.83 -10.76
CA LEU L 213 17.80 -33.27 -12.04
C LEU L 213 18.21 -31.81 -12.11
N ASP L 214 18.06 -31.04 -11.03
CA ASP L 214 18.51 -29.63 -11.01
C ASP L 214 20.03 -29.59 -11.19
N ILE L 215 20.73 -30.44 -10.49
CA ILE L 215 22.19 -30.49 -10.55
C ILE L 215 22.83 -30.80 -11.91
N ILE L 216 22.22 -31.69 -12.70
CA ILE L 216 22.83 -32.08 -13.97
C ILE L 216 23.08 -30.96 -14.96
N LYS L 217 22.41 -29.84 -14.74
CA LYS L 217 22.56 -28.64 -15.58
C LYS L 217 24.05 -28.23 -15.72
N GLY L 218 24.86 -28.51 -14.71
CA GLY L 218 26.25 -28.14 -14.76
C GLY L 218 27.02 -28.74 -15.93
N SER L 219 26.45 -29.73 -16.61
CA SER L 219 27.12 -30.35 -17.77
C SER L 219 27.54 -29.29 -18.77
N SER L 220 26.72 -28.26 -18.91
CA SER L 220 26.99 -27.19 -19.83
C SER L 220 28.19 -26.35 -19.45
N LEU L 221 28.80 -26.60 -18.29
CA LEU L 221 29.94 -25.79 -17.89
C LEU L 221 31.21 -26.57 -17.90
N SER L 222 31.09 -27.87 -17.81
CA SER L 222 32.28 -28.70 -17.78
C SER L 222 32.01 -30.08 -18.42
N ASP L 223 33.06 -30.68 -18.99
CA ASP L 223 32.97 -31.99 -19.62
C ASP L 223 32.81 -33.08 -18.59
N ARG L 224 33.43 -32.89 -17.44
CA ARG L 224 33.38 -33.86 -16.36
C ARG L 224 32.71 -33.30 -15.11
N VAL L 225 32.25 -34.21 -14.26
CA VAL L 225 31.62 -33.85 -13.01
C VAL L 225 32.30 -34.64 -11.93
N GLY L 226 32.54 -34.01 -10.80
CA GLY L 226 33.16 -34.71 -9.69
C GLY L 226 32.06 -34.92 -8.67
N ILE L 227 31.98 -36.10 -8.07
CA ILE L 227 30.95 -36.40 -7.09
C ILE L 227 31.66 -36.88 -5.84
N ARG L 228 31.45 -36.21 -4.71
CA ARG L 228 32.09 -36.62 -3.47
C ARG L 228 31.00 -36.97 -2.46
N LEU L 229 31.08 -38.18 -1.93
CA LEU L 229 30.04 -38.66 -1.04
C LEU L 229 30.55 -39.01 0.32
N SER L 230 29.70 -38.78 1.31
CA SER L 230 30.06 -39.08 2.67
C SER L 230 28.79 -39.40 3.43
N SER L 231 28.93 -40.21 4.45
CA SER L 231 27.81 -40.58 5.29
C SER L 231 27.69 -39.54 6.43
N GLU L 232 28.62 -38.60 6.45
CA GLU L 232 28.64 -37.58 7.48
C GLU L 232 28.16 -36.22 7.01
N ALA L 233 27.99 -36.04 5.70
CA ALA L 233 27.63 -34.73 5.21
C ALA L 233 26.91 -34.68 3.85
N PRO L 234 26.49 -33.48 3.42
CA PRO L 234 25.83 -33.35 2.12
C PRO L 234 26.83 -33.83 1.04
N ALA L 235 26.33 -34.39 -0.05
CA ALA L 235 27.20 -34.83 -1.14
C ALA L 235 27.60 -33.61 -1.95
N LEU L 236 28.78 -33.67 -2.56
CA LEU L 236 29.24 -32.56 -3.35
C LEU L 236 29.35 -32.98 -4.84
N PHE L 237 28.69 -32.25 -5.74
CA PHE L 237 28.75 -32.50 -7.18
C PHE L 237 29.46 -31.24 -7.69
N GLN L 238 30.58 -31.38 -8.37
CA GLN L 238 31.31 -30.21 -8.79
C GLN L 238 31.64 -30.14 -10.25
N PHE L 239 31.43 -28.94 -10.81
CA PHE L 239 31.67 -28.63 -12.21
C PHE L 239 32.74 -27.55 -12.29
N ASP L 240 33.95 -27.91 -12.72
CA ASP L 240 35.06 -26.97 -12.84
C ASP L 240 34.96 -25.99 -13.99
N LEU L 241 35.42 -24.79 -13.76
CA LEU L 241 35.44 -23.74 -14.76
C LEU L 241 36.92 -23.41 -14.93
N LYS L 242 37.24 -22.59 -15.93
CA LYS L 242 38.62 -22.16 -16.08
C LYS L 242 38.72 -21.16 -14.95
N SER L 243 39.52 -21.47 -13.94
CA SER L 243 39.66 -20.59 -12.77
C SER L 243 38.31 -20.49 -12.07
N GLY L 244 37.92 -21.53 -11.37
CA GLY L 244 36.67 -21.50 -10.69
C GLY L 244 35.97 -22.83 -10.68
N PHE L 245 34.75 -22.83 -10.19
CA PHE L 245 33.94 -24.03 -10.13
C PHE L 245 32.55 -23.68 -9.65
N LEU L 246 31.61 -24.55 -10.01
CA LEU L 246 30.23 -24.43 -9.60
C LEU L 246 30.05 -25.71 -8.79
N GLN L 247 29.60 -25.57 -7.55
CA GLN L 247 29.40 -26.71 -6.70
C GLN L 247 27.96 -26.80 -6.24
N PHE L 248 27.46 -28.02 -6.14
CA PHE L 248 26.10 -28.32 -5.63
C PHE L 248 26.28 -29.26 -4.43
N PHE L 249 25.85 -28.83 -3.24
CA PHE L 249 25.92 -29.71 -2.06
C PHE L 249 24.49 -30.15 -1.83
N LEU L 250 24.28 -31.45 -1.77
CA LEU L 250 22.92 -32.01 -1.61
C LEU L 250 22.86 -32.91 -0.42
N ALA L 251 21.93 -32.65 0.49
CA ALA L 251 21.78 -33.48 1.68
C ALA L 251 21.13 -34.80 1.31
N PRO L 252 21.68 -35.95 1.76
CA PRO L 252 21.08 -37.25 1.44
C PRO L 252 19.69 -37.35 2.07
N LYS L 253 18.82 -38.20 1.56
CA LYS L 253 17.51 -38.39 2.18
C LYS L 253 17.80 -39.16 3.45
N PHE L 254 17.12 -38.80 4.55
CA PHE L 254 17.30 -39.50 5.83
C PHE L 254 16.59 -40.84 5.64
N ASN L 255 15.48 -40.75 4.92
CA ASN L 255 14.60 -41.86 4.60
C ASN L 255 13.58 -41.12 3.74
N ASP L 256 13.45 -39.84 4.04
CA ASP L 256 12.57 -38.93 3.35
C ASP L 256 13.19 -37.53 3.52
N GLU L 257 14.26 -37.26 2.77
CA GLU L 257 14.88 -35.94 2.86
C GLU L 257 15.67 -35.31 1.70
N GLU L 258 15.23 -35.57 0.48
CA GLU L 258 15.80 -34.93 -0.71
C GLU L 258 17.31 -35.02 -0.99
N MET M 1 -11.79 -11.84 -62.91
CA MET M 1 -11.62 -13.09 -62.15
C MET M 1 -10.25 -13.02 -61.54
N LEU M 2 -10.00 -13.91 -60.57
CA LEU M 2 -8.70 -14.00 -59.93
C LEU M 2 -7.96 -15.21 -60.53
N GLU M 3 -6.74 -14.98 -60.97
CA GLU M 3 -5.90 -16.05 -61.49
C GLU M 3 -4.45 -15.64 -61.33
N ALA M 4 -3.89 -16.03 -60.19
CA ALA M 4 -2.53 -15.66 -59.88
C ALA M 4 -1.71 -16.89 -59.49
N LYS M 5 -0.68 -17.14 -60.27
CA LYS M 5 0.18 -18.26 -60.00
C LYS M 5 1.55 -17.84 -59.50
N PHE M 6 1.85 -18.27 -58.28
CA PHE M 6 3.13 -18.03 -57.66
C PHE M 6 4.07 -19.20 -58.06
N GLU M 7 5.29 -18.84 -58.44
CA GLU M 7 6.35 -19.78 -58.81
C GLU M 7 6.57 -20.74 -57.63
N GLU M 8 6.74 -20.16 -56.44
CA GLU M 8 6.96 -20.92 -55.23
C GLU M 8 5.87 -20.59 -54.22
N ALA M 9 5.17 -21.60 -53.74
CA ALA M 9 4.12 -21.37 -52.77
C ALA M 9 4.72 -20.69 -51.54
N SER M 10 6.03 -20.81 -51.37
CA SER M 10 6.68 -20.24 -50.21
C SER M 10 6.51 -18.73 -50.08
N LEU M 11 6.54 -18.00 -51.19
CA LEU M 11 6.41 -16.54 -51.08
C LEU M 11 5.10 -16.15 -50.44
N PHE M 12 4.01 -16.79 -50.87
CA PHE M 12 2.70 -16.45 -50.36
C PHE M 12 2.54 -16.83 -48.89
N LYS M 13 3.17 -17.94 -48.53
CA LYS M 13 3.13 -18.43 -47.17
C LYS M 13 3.84 -17.48 -46.20
N ARG M 14 4.93 -16.87 -46.63
CA ARG M 14 5.67 -15.95 -45.79
C ARG M 14 4.90 -14.64 -45.69
N ILE M 15 4.27 -14.23 -46.79
CA ILE M 15 3.49 -13.01 -46.80
C ILE M 15 2.36 -13.15 -45.78
N ILE M 16 1.61 -14.25 -45.87
CA ILE M 16 0.51 -14.50 -44.93
C ILE M 16 1.04 -14.64 -43.48
N ASP M 17 2.27 -15.15 -43.33
CA ASP M 17 2.85 -15.26 -42.01
C ASP M 17 2.91 -13.89 -41.37
N GLY M 18 3.01 -12.86 -42.22
CA GLY M 18 3.09 -11.48 -41.74
C GLY M 18 1.79 -10.91 -41.19
N PHE M 19 0.68 -11.37 -41.71
CA PHE M 19 -0.63 -10.91 -41.27
C PHE M 19 -0.99 -11.74 -40.07
N LYS M 20 -0.47 -12.96 -40.06
CA LYS M 20 -0.75 -13.92 -39.02
C LYS M 20 -0.65 -13.40 -37.61
N ASP M 21 -1.62 -13.87 -36.82
CA ASP M 21 -1.72 -13.55 -35.41
C ASP M 21 -2.19 -12.13 -35.13
N CYS M 22 -1.50 -11.12 -35.67
CA CYS M 22 -1.91 -9.75 -35.40
C CYS M 22 -3.21 -9.26 -35.99
N VAL M 23 -3.77 -9.97 -36.97
CA VAL M 23 -5.08 -9.60 -37.54
C VAL M 23 -5.89 -10.87 -37.78
N GLN M 24 -7.21 -10.71 -37.80
CA GLN M 24 -8.13 -11.82 -38.01
C GLN M 24 -8.75 -11.84 -39.39
N LEU M 25 -9.13 -10.68 -39.91
CA LEU M 25 -9.77 -10.59 -41.22
C LEU M 25 -8.90 -9.82 -42.21
N VAL M 26 -8.81 -10.34 -43.43
CA VAL M 26 -8.02 -9.69 -44.46
C VAL M 26 -8.87 -9.47 -45.69
N ASN M 27 -8.72 -8.31 -46.31
CA ASN M 27 -9.49 -8.00 -47.49
C ASN M 27 -8.52 -7.90 -48.67
N PHE M 28 -8.65 -8.84 -49.58
CA PHE M 28 -7.82 -8.91 -50.78
C PHE M 28 -8.59 -8.31 -51.93
N GLN M 29 -7.83 -7.80 -52.90
CA GLN M 29 -8.41 -7.31 -54.11
C GLN M 29 -7.41 -7.48 -55.22
N CYS M 30 -7.78 -8.25 -56.24
CA CYS M 30 -6.89 -8.44 -57.38
C CYS M 30 -7.41 -7.50 -58.46
N LYS M 31 -6.49 -7.02 -59.31
CA LYS M 31 -6.82 -6.10 -60.38
C LYS M 31 -5.76 -6.15 -61.47
N GLU M 32 -5.92 -5.30 -62.47
CA GLU M 32 -5.02 -5.29 -63.61
C GLU M 32 -3.52 -5.11 -63.31
N ASP M 33 -3.19 -4.38 -62.25
CA ASP M 33 -1.80 -4.15 -61.93
C ASP M 33 -1.32 -4.97 -60.73
N GLY M 34 -2.10 -5.97 -60.33
CA GLY M 34 -1.65 -6.81 -59.25
C GLY M 34 -2.65 -7.07 -58.17
N ILE M 35 -2.14 -7.48 -57.02
CA ILE M 35 -2.97 -7.79 -55.88
C ILE M 35 -2.64 -6.93 -54.70
N ILE M 36 -3.65 -6.43 -54.01
CA ILE M 36 -3.40 -5.69 -52.80
C ILE M 36 -4.22 -6.37 -51.69
N ALA M 37 -3.87 -6.13 -50.45
CA ALA M 37 -4.59 -6.70 -49.32
C ALA M 37 -4.41 -5.80 -48.11
N GLN M 38 -5.47 -5.64 -47.31
CA GLN M 38 -5.39 -4.82 -46.11
C GLN M 38 -6.07 -5.51 -44.97
N ALA M 39 -5.51 -5.36 -43.78
CA ALA M 39 -6.10 -5.97 -42.58
C ALA M 39 -5.81 -5.02 -41.43
N VAL M 40 -6.83 -4.80 -40.59
CA VAL M 40 -6.69 -3.90 -39.44
C VAL M 40 -7.02 -4.72 -38.21
N ASP M 41 -6.23 -4.58 -37.14
CA ASP M 41 -6.51 -5.33 -35.92
C ASP M 41 -7.75 -4.75 -35.19
N ASP M 42 -8.30 -5.45 -34.18
CA ASP M 42 -9.53 -4.97 -33.51
C ASP M 42 -9.42 -3.63 -32.84
N SER M 43 -8.27 -3.36 -32.23
CA SER M 43 -8.10 -2.10 -31.55
C SER M 43 -7.81 -0.97 -32.51
N ARG M 44 -7.63 -1.30 -33.78
CA ARG M 44 -7.33 -0.30 -34.81
C ARG M 44 -6.04 0.49 -34.59
N VAL M 45 -4.97 -0.17 -34.15
CA VAL M 45 -3.68 0.53 -33.98
C VAL M 45 -2.70 0.03 -35.03
N LEU M 46 -3.05 -1.07 -35.69
CA LEU M 46 -2.20 -1.67 -36.69
C LEU M 46 -2.94 -1.98 -37.97
N LEU M 47 -2.31 -1.57 -39.07
CA LEU M 47 -2.84 -1.84 -40.39
C LEU M 47 -1.74 -2.61 -41.11
N VAL M 48 -2.10 -3.73 -41.71
CA VAL M 48 -1.15 -4.51 -42.50
C VAL M 48 -1.59 -4.33 -43.97
N SER M 49 -0.70 -3.84 -44.80
CA SER M 49 -1.02 -3.54 -46.17
C SER M 49 -0.02 -4.17 -47.14
N LEU M 50 -0.56 -4.97 -48.07
CA LEU M 50 0.25 -5.66 -49.06
C LEU M 50 0.03 -5.21 -50.51
N GLU M 51 1.09 -5.29 -51.30
CA GLU M 51 1.01 -4.96 -52.71
C GLU M 51 1.94 -5.93 -53.45
N ILE M 52 1.41 -6.68 -54.40
CA ILE M 52 2.20 -7.63 -55.18
C ILE M 52 1.92 -7.27 -56.65
N GLY M 53 2.95 -6.83 -57.36
CA GLY M 53 2.75 -6.45 -58.75
C GLY M 53 2.67 -7.66 -59.61
N VAL M 54 2.23 -7.45 -60.85
CA VAL M 54 2.07 -8.51 -61.84
C VAL M 54 3.33 -9.34 -62.07
N GLU M 55 4.48 -8.68 -62.03
CA GLU M 55 5.75 -9.33 -62.25
C GLU M 55 6.21 -10.30 -61.17
N ALA M 56 5.59 -10.25 -59.99
CA ALA M 56 5.96 -11.18 -58.91
C ALA M 56 5.41 -12.59 -59.18
N PHE M 57 4.50 -12.69 -60.13
CA PHE M 57 3.86 -13.96 -60.48
C PHE M 57 4.45 -14.61 -61.69
N GLN M 58 4.21 -15.91 -61.82
CA GLN M 58 4.70 -16.66 -62.97
C GLN M 58 3.62 -16.54 -64.03
N GLU M 59 2.40 -16.32 -63.60
CA GLU M 59 1.29 -16.17 -64.51
C GLU M 59 0.22 -15.39 -63.73
N TYR M 60 -0.32 -14.36 -64.37
CA TYR M 60 -1.33 -13.52 -63.77
C TYR M 60 -2.27 -13.03 -64.87
N ARG M 61 -3.55 -13.22 -64.64
CA ARG M 61 -4.51 -12.80 -65.61
C ARG M 61 -5.66 -12.12 -64.88
N CYS M 62 -6.02 -10.92 -65.31
CA CYS M 62 -7.11 -10.21 -64.69
C CYS M 62 -7.84 -9.31 -65.65
N ASP M 63 -9.06 -9.66 -65.98
CA ASP M 63 -9.84 -8.84 -66.89
C ASP M 63 -10.98 -8.26 -66.11
N HIS M 64 -10.99 -8.43 -64.80
CA HIS M 64 -12.11 -7.96 -64.01
C HIS M 64 -11.76 -8.11 -62.54
N PRO M 65 -11.45 -7.00 -61.88
CA PRO M 65 -11.10 -6.99 -60.47
C PRO M 65 -12.07 -7.76 -59.60
N VAL M 66 -11.53 -8.40 -58.57
CA VAL M 66 -12.36 -9.14 -57.61
C VAL M 66 -11.86 -8.80 -56.21
N THR M 67 -12.79 -8.48 -55.30
CA THR M 67 -12.49 -8.16 -53.92
C THR M 67 -13.01 -9.37 -53.09
N LEU M 68 -12.20 -9.84 -52.16
CA LEU M 68 -12.61 -10.96 -51.35
C LEU M 68 -12.07 -10.89 -49.95
N GLY M 69 -12.93 -11.16 -48.98
CA GLY M 69 -12.49 -11.08 -47.60
C GLY M 69 -12.42 -12.44 -46.98
N MET M 70 -11.49 -12.64 -46.08
CA MET M 70 -11.38 -13.91 -45.43
C MET M 70 -10.73 -13.88 -44.10
N ASP M 71 -11.01 -14.94 -43.37
CA ASP M 71 -10.46 -15.14 -42.07
C ASP M 71 -8.99 -15.57 -42.23
N LEU M 72 -8.12 -14.81 -41.60
CA LEU M 72 -6.70 -15.08 -41.68
C LEU M 72 -6.34 -16.44 -41.13
N THR M 73 -6.91 -16.81 -39.99
CA THR M 73 -6.61 -18.10 -39.40
C THR M 73 -6.92 -19.25 -40.33
N SER M 74 -8.08 -19.20 -41.00
CA SER M 74 -8.48 -20.25 -41.94
C SER M 74 -7.47 -20.37 -43.07
N LEU M 75 -7.01 -19.22 -43.56
CA LEU M 75 -6.05 -19.16 -44.64
C LEU M 75 -4.72 -19.78 -44.24
N SER M 76 -4.17 -19.41 -43.09
CA SER M 76 -2.88 -19.99 -42.69
C SER M 76 -3.00 -21.47 -42.44
N LYS M 77 -4.14 -21.90 -41.88
CA LYS M 77 -4.35 -23.33 -41.63
C LYS M 77 -4.12 -24.09 -42.91
N ILE M 78 -4.48 -23.47 -44.02
CA ILE M 78 -4.34 -24.12 -45.32
C ILE M 78 -3.02 -23.80 -45.98
N LEU M 79 -2.33 -22.80 -45.46
CA LEU M 79 -1.10 -22.37 -46.05
C LEU M 79 0.17 -23.11 -45.66
N ARG M 80 0.05 -24.35 -45.22
CA ARG M 80 1.24 -25.14 -44.94
C ARG M 80 1.31 -26.36 -45.89
N CYS M 81 0.64 -26.29 -47.05
CA CYS M 81 0.64 -27.41 -48.01
C CYS M 81 1.53 -27.10 -49.22
N GLY M 82 2.09 -25.91 -49.22
CA GLY M 82 2.90 -25.51 -50.35
C GLY M 82 4.21 -26.22 -50.59
N ASN M 83 4.64 -27.05 -49.64
CA ASN M 83 5.94 -27.73 -49.80
C ASN M 83 7.02 -26.66 -50.08
N ASN M 84 6.60 -25.38 -50.05
CA ASN M 84 7.43 -24.24 -50.33
C ASN M 84 7.83 -24.20 -51.78
N THR M 85 8.17 -25.35 -52.34
CA THR M 85 8.63 -25.45 -53.72
C THR M 85 7.48 -25.74 -54.65
N ASP M 86 6.33 -26.07 -54.06
CA ASP M 86 5.14 -26.33 -54.87
C ASP M 86 4.79 -25.03 -55.60
N THR M 87 3.99 -25.18 -56.64
CA THR M 87 3.53 -24.05 -57.38
C THR M 87 2.16 -23.70 -56.73
N LEU M 88 1.85 -22.42 -56.56
CA LEU M 88 0.54 -22.06 -55.97
C LEU M 88 -0.26 -21.17 -56.89
N THR M 89 -1.52 -21.54 -57.16
CA THR M 89 -2.37 -20.69 -58.01
C THR M 89 -3.61 -20.31 -57.21
N LEU M 90 -3.86 -19.00 -57.12
CA LEU M 90 -5.04 -18.46 -56.43
C LEU M 90 -6.05 -18.27 -57.55
N ILE M 91 -7.28 -18.76 -57.36
CA ILE M 91 -8.33 -18.73 -58.36
C ILE M 91 -9.70 -18.32 -57.81
N ALA M 92 -10.41 -17.43 -58.50
CA ALA M 92 -11.76 -17.06 -58.05
C ALA M 92 -12.57 -16.42 -59.15
N ASP M 93 -13.87 -16.67 -59.18
CA ASP M 93 -14.70 -16.08 -60.21
C ASP M 93 -15.01 -14.63 -59.81
N ASN M 94 -15.76 -13.92 -60.64
CA ASN M 94 -16.10 -12.50 -60.42
C ASN M 94 -17.05 -12.19 -59.30
N THR M 95 -17.76 -13.20 -58.83
CA THR M 95 -18.72 -13.02 -57.74
C THR M 95 -18.51 -14.28 -56.92
N PRO M 96 -17.35 -14.38 -56.24
CA PRO M 96 -17.04 -15.57 -55.45
C PRO M 96 -17.63 -15.75 -54.07
N ASP M 97 -17.88 -17.01 -53.72
CA ASP M 97 -18.35 -17.36 -52.39
C ASP M 97 -17.15 -18.06 -51.75
N SER M 98 -16.14 -18.38 -52.56
CA SER M 98 -14.93 -19.05 -52.10
C SER M 98 -13.69 -18.61 -52.86
N ILE M 99 -12.53 -18.98 -52.33
CA ILE M 99 -11.24 -18.76 -52.98
C ILE M 99 -10.58 -20.14 -53.05
N ILE M 100 -10.10 -20.46 -54.24
CA ILE M 100 -9.45 -21.73 -54.51
C ILE M 100 -7.95 -21.59 -54.48
N LEU M 101 -7.31 -22.42 -53.67
CA LEU M 101 -5.86 -22.44 -53.62
C LEU M 101 -5.48 -23.78 -54.28
N LEU M 102 -4.65 -23.72 -55.30
CA LEU M 102 -4.25 -24.92 -56.02
C LEU M 102 -2.75 -25.11 -55.97
N PHE M 103 -2.31 -26.13 -55.23
CA PHE M 103 -0.89 -26.43 -55.13
C PHE M 103 -0.63 -27.65 -56.02
N GLU M 104 0.39 -27.56 -56.86
CA GLU M 104 0.76 -28.66 -57.75
C GLU M 104 2.27 -28.81 -57.79
N ASP M 105 2.71 -30.06 -57.89
CA ASP M 105 4.13 -30.36 -58.01
C ASP M 105 4.42 -30.30 -59.50
N THR M 106 5.70 -30.15 -59.86
CA THR M 106 6.10 -30.05 -61.27
C THR M 106 5.43 -31.10 -62.12
N LYS M 107 5.58 -32.36 -61.73
CA LYS M 107 4.96 -33.46 -62.45
C LYS M 107 3.45 -33.46 -62.16
N LYS M 108 2.67 -34.17 -62.97
CA LYS M 108 1.23 -34.21 -62.77
C LYS M 108 0.80 -34.81 -61.41
N ASP M 109 1.73 -35.60 -60.84
CA ASP M 109 1.58 -36.34 -59.59
C ASP M 109 0.56 -36.01 -58.51
N ARG M 110 0.90 -35.04 -57.70
CA ARG M 110 0.07 -34.65 -56.57
C ARG M 110 -0.48 -33.23 -56.71
N ILE M 111 -1.80 -33.14 -56.56
CA ILE M 111 -2.48 -31.87 -56.67
C ILE M 111 -3.34 -31.62 -55.44
N ALA M 112 -2.92 -30.67 -54.62
CA ALA M 112 -3.69 -30.34 -53.45
C ALA M 112 -4.47 -29.09 -53.81
N GLU M 113 -5.79 -29.20 -53.72
CA GLU M 113 -6.65 -28.07 -54.02
C GLU M 113 -7.59 -27.77 -52.85
N TYR M 114 -7.69 -26.49 -52.50
CA TYR M 114 -8.56 -26.05 -51.41
C TYR M 114 -9.58 -25.06 -51.87
N SER M 115 -10.74 -25.09 -51.22
CA SER M 115 -11.81 -24.17 -51.50
C SER M 115 -12.19 -23.54 -50.18
N LEU M 116 -11.62 -22.36 -49.94
CA LEU M 116 -11.82 -21.57 -48.71
C LEU M 116 -13.06 -20.68 -48.76
N LYS M 117 -13.89 -20.77 -47.73
CA LYS M 117 -15.11 -19.99 -47.64
C LYS M 117 -14.71 -18.52 -47.39
N LEU M 118 -15.36 -17.57 -48.06
CA LEU M 118 -15.05 -16.15 -47.89
C LEU M 118 -15.99 -15.49 -46.91
N MET M 119 -15.58 -14.34 -46.40
CA MET M 119 -16.37 -13.54 -45.47
C MET M 119 -16.73 -12.26 -46.23
N ASP M 120 -17.87 -11.64 -45.94
CA ASP M 120 -18.26 -10.39 -46.57
C ASP M 120 -17.75 -9.25 -45.70
N ILE M 121 -16.88 -8.43 -46.24
CA ILE M 121 -16.34 -7.30 -45.48
C ILE M 121 -16.60 -6.01 -46.25
N ASP M 122 -17.14 -4.98 -45.61
CA ASP M 122 -17.37 -3.72 -46.33
C ASP M 122 -16.05 -3.20 -46.86
N ALA M 123 -15.95 -3.11 -48.19
CA ALA M 123 -14.74 -2.60 -48.86
C ALA M 123 -14.54 -1.16 -48.40
N ASP M 124 -13.37 -0.92 -47.82
CA ASP M 124 -13.03 0.37 -47.29
C ASP M 124 -11.52 0.40 -47.06
N PHE M 125 -10.77 0.39 -48.15
CA PHE M 125 -9.34 0.43 -48.04
C PHE M 125 -8.87 1.82 -47.57
N LEU M 126 -7.96 1.82 -46.60
CA LEU M 126 -7.40 3.06 -46.06
C LEU M 126 -6.19 3.50 -46.88
N LYS M 127 -5.94 4.80 -46.94
CA LYS M 127 -4.79 5.34 -47.67
C LYS M 127 -4.16 6.37 -46.73
N ILE M 128 -3.63 5.87 -45.64
CA ILE M 128 -3.01 6.68 -44.62
C ILE M 128 -1.52 6.99 -44.77
N GLU M 129 -0.88 6.52 -45.83
CA GLU M 129 0.53 6.81 -46.00
C GLU M 129 0.77 8.30 -46.29
N GLU M 130 1.82 8.84 -45.70
CA GLU M 130 2.22 10.24 -45.80
C GLU M 130 3.18 10.56 -46.93
N LEU M 131 3.20 11.83 -47.32
CA LEU M 131 4.13 12.23 -48.35
C LEU M 131 5.49 12.23 -47.66
N GLN M 132 5.68 13.06 -46.65
CA GLN M 132 6.96 13.06 -45.99
C GLN M 132 6.83 12.70 -44.52
N TYR M 133 7.81 11.94 -44.02
CA TYR M 133 7.87 11.56 -42.63
C TYR M 133 9.00 12.38 -42.01
N ASP M 134 8.89 12.64 -40.71
CA ASP M 134 9.90 13.37 -39.93
C ASP M 134 11.29 12.72 -40.10
N SER M 135 11.34 11.40 -40.04
CA SER M 135 12.58 10.69 -40.20
C SER M 135 12.31 9.38 -40.86
N THR M 136 13.34 8.92 -41.58
CA THR M 136 13.34 7.69 -42.36
C THR M 136 14.64 6.97 -42.08
N LEU M 137 14.56 5.66 -41.87
CA LEU M 137 15.75 4.85 -41.64
C LEU M 137 15.51 3.42 -42.12
N SER M 138 16.58 2.77 -42.52
CA SER M 138 16.53 1.37 -42.93
C SER M 138 17.74 0.72 -42.31
N LEU M 139 17.60 -0.56 -42.00
CA LEU M 139 18.65 -1.34 -41.40
C LEU M 139 18.26 -2.79 -41.63
N PRO M 140 19.22 -3.71 -41.43
CA PRO M 140 18.92 -5.13 -41.63
C PRO M 140 17.73 -5.52 -40.77
N SER M 141 16.79 -6.29 -41.32
CA SER M 141 15.63 -6.66 -40.53
C SER M 141 15.92 -7.61 -39.37
N SER M 142 16.98 -8.39 -39.49
CA SER M 142 17.34 -9.32 -38.41
C SER M 142 17.85 -8.51 -37.26
N GLU M 143 18.53 -7.42 -37.57
CA GLU M 143 19.02 -6.52 -36.53
C GLU M 143 17.80 -5.89 -35.82
N PHE M 144 16.83 -5.38 -36.58
CA PHE M 144 15.61 -4.78 -36.02
C PHE M 144 14.89 -5.78 -35.14
N SER M 145 14.79 -7.03 -35.60
CA SER M 145 14.15 -8.09 -34.78
C SER M 145 14.85 -8.29 -33.43
N LYS M 146 16.19 -8.32 -33.44
CA LYS M 146 16.95 -8.48 -32.22
C LYS M 146 16.68 -7.30 -31.31
N ILE M 147 16.75 -6.09 -31.87
CA ILE M 147 16.49 -4.89 -31.08
C ILE M 147 15.13 -4.99 -30.43
N VAL M 148 14.11 -5.41 -31.19
CA VAL M 148 12.80 -5.50 -30.61
C VAL M 148 12.75 -6.61 -29.57
N ARG M 149 13.31 -7.77 -29.89
CA ARG M 149 13.33 -8.93 -28.95
C ARG M 149 14.09 -8.62 -27.63
N ASP M 150 15.15 -7.84 -27.70
CA ASP M 150 15.87 -7.43 -26.51
C ASP M 150 14.86 -6.69 -25.60
N LEU M 151 14.62 -5.42 -25.94
CA LEU M 151 13.73 -4.52 -25.22
C LEU M 151 12.37 -5.02 -24.78
N SER M 152 11.76 -5.86 -25.60
CA SER M 152 10.44 -6.39 -25.29
C SER M 152 10.34 -6.98 -23.89
N GLN M 153 11.40 -7.62 -23.43
CA GLN M 153 11.44 -8.29 -22.13
C GLN M 153 11.30 -7.34 -20.97
N LEU M 154 11.67 -6.08 -21.19
CA LEU M 154 11.68 -5.06 -20.14
C LEU M 154 10.44 -4.28 -19.97
N SER M 155 9.64 -4.16 -21.02
CA SER M 155 8.47 -3.31 -20.93
C SER M 155 7.49 -3.64 -22.03
N ASP M 156 6.28 -3.09 -21.90
CA ASP M 156 5.24 -3.25 -22.90
C ASP M 156 5.30 -2.07 -23.85
N SER M 157 6.25 -1.16 -23.63
CA SER M 157 6.43 0.01 -24.46
C SER M 157 7.87 0.13 -24.81
N ILE M 158 8.15 0.38 -26.09
CA ILE M 158 9.52 0.59 -26.59
C ILE M 158 9.51 1.95 -27.30
N ASN M 159 10.40 2.82 -26.89
CA ASN M 159 10.46 4.15 -27.44
C ASN M 159 11.54 4.22 -28.51
N ILE M 160 11.24 4.92 -29.61
CA ILE M 160 12.22 5.10 -30.67
C ILE M 160 12.49 6.59 -30.70
N MET M 161 13.75 6.98 -30.56
CA MET M 161 14.13 8.39 -30.57
C MET M 161 15.16 8.65 -31.64
N ILE M 162 14.93 9.70 -32.42
CA ILE M 162 15.85 10.03 -33.49
C ILE M 162 16.32 11.47 -33.42
N THR M 163 17.64 11.62 -33.49
CA THR M 163 18.32 12.90 -33.47
C THR M 163 19.35 12.75 -34.59
N LYS M 164 20.01 13.86 -34.94
CA LYS M 164 20.99 13.81 -36.01
C LYS M 164 21.95 12.65 -35.80
N GLU M 165 22.10 11.84 -36.84
CA GLU M 165 22.98 10.70 -36.80
C GLU M 165 22.85 9.77 -35.60
N THR M 166 21.66 9.70 -35.01
CA THR M 166 21.49 8.80 -33.88
C THR M 166 20.08 8.25 -33.80
N ILE M 167 20.01 6.92 -33.68
CA ILE M 167 18.78 6.22 -33.53
C ILE M 167 18.88 5.47 -32.20
N LYS M 168 17.91 5.66 -31.32
CA LYS M 168 17.93 5.04 -30.03
C LYS M 168 16.62 4.39 -29.65
N PHE M 169 16.66 3.09 -29.36
CA PHE M 169 15.50 2.31 -28.92
C PHE M 169 15.62 2.16 -27.40
N VAL M 170 14.54 2.42 -26.66
CA VAL M 170 14.57 2.35 -25.22
C VAL M 170 13.32 1.70 -24.60
N ALA M 171 13.54 0.91 -23.55
CA ALA M 171 12.48 0.24 -22.82
C ALA M 171 12.84 0.43 -21.35
N ASP M 172 11.83 0.61 -20.53
CA ASP M 172 12.06 0.86 -19.13
C ASP M 172 10.84 0.33 -18.42
N GLY M 173 11.06 -0.61 -17.51
CA GLY M 173 9.96 -1.20 -16.79
C GLY M 173 10.36 -1.61 -15.40
N ASP M 174 9.70 -2.64 -14.88
CA ASP M 174 9.94 -3.15 -13.53
C ASP M 174 11.35 -3.58 -13.17
N ILE M 175 11.91 -4.51 -13.91
CA ILE M 175 13.24 -4.99 -13.59
C ILE M 175 14.36 -4.00 -13.87
N GLY M 176 14.05 -2.93 -14.60
CA GLY M 176 15.07 -1.94 -14.93
C GLY M 176 14.83 -1.27 -16.28
N SER M 177 15.91 -0.88 -16.95
CA SER M 177 15.80 -0.21 -18.22
C SER M 177 16.85 -0.72 -19.18
N GLY M 178 16.60 -0.55 -20.46
CA GLY M 178 17.53 -0.99 -21.48
C GLY M 178 17.46 -0.03 -22.66
N SER M 179 18.50 -0.04 -23.48
CA SER M 179 18.57 0.82 -24.63
C SER M 179 19.52 0.21 -25.64
N VAL M 180 19.21 0.46 -26.92
CA VAL M 180 20.05 0.02 -28.01
C VAL M 180 20.24 1.25 -28.85
N ILE M 181 21.50 1.63 -29.02
CA ILE M 181 21.86 2.78 -29.80
C ILE M 181 22.62 2.33 -31.04
N ILE M 182 22.14 2.79 -32.20
CA ILE M 182 22.77 2.45 -33.47
C ILE M 182 23.09 3.74 -34.20
N LYS M 183 24.12 3.69 -35.03
CA LYS M 183 24.57 4.84 -35.80
C LYS M 183 24.60 4.52 -37.29
N PRO M 184 24.26 5.50 -38.12
CA PRO M 184 24.27 5.31 -39.57
C PRO M 184 25.68 4.93 -40.04
N PHE M 185 25.76 4.03 -41.02
CA PHE M 185 27.04 3.63 -41.57
C PHE M 185 26.91 2.86 -42.88
N VAL M 186 27.81 3.13 -43.81
CA VAL M 186 27.82 2.48 -45.13
C VAL M 186 28.86 1.40 -45.14
N ASP M 187 28.44 0.14 -45.30
CA ASP M 187 29.40 -0.95 -45.38
C ASP M 187 29.53 -1.40 -46.83
N MET M 188 30.68 -1.10 -47.45
CA MET M 188 30.88 -1.48 -48.84
C MET M 188 31.18 -2.94 -48.98
N GLU M 189 31.66 -3.55 -47.91
CA GLU M 189 31.97 -4.98 -47.90
C GLU M 189 30.68 -5.79 -48.15
N HIS M 190 29.56 -5.06 -48.13
CA HIS M 190 28.20 -5.55 -48.41
C HIS M 190 27.24 -4.55 -47.80
N PRO M 191 26.66 -3.67 -48.64
CA PRO M 191 25.71 -2.63 -48.23
C PRO M 191 24.35 -3.08 -47.72
N GLU M 192 24.09 -4.38 -47.67
CA GLU M 192 22.82 -4.86 -47.15
C GLU M 192 22.87 -4.86 -45.63
N THR M 193 24.02 -4.48 -45.09
CA THR M 193 24.20 -4.43 -43.66
C THR M 193 24.35 -2.98 -43.17
N SER M 194 24.33 -2.04 -44.12
CA SER M 194 24.42 -0.63 -43.79
C SER M 194 23.19 -0.16 -42.98
N ILE M 195 23.29 1.01 -42.37
CA ILE M 195 22.19 1.56 -41.59
C ILE M 195 22.05 2.99 -42.05
N LYS M 196 21.01 3.27 -42.83
CA LYS M 196 20.79 4.62 -43.35
C LYS M 196 19.82 5.39 -42.49
N LEU M 197 19.94 6.71 -42.50
CA LEU M 197 19.07 7.55 -41.71
C LEU M 197 18.97 8.91 -42.35
N GLU M 198 17.76 9.36 -42.58
CA GLU M 198 17.55 10.69 -43.14
C GLU M 198 16.62 11.34 -42.15
N MET M 199 17.10 12.36 -41.45
CA MET M 199 16.28 13.05 -40.45
C MET M 199 15.95 14.49 -40.82
N ASP M 200 14.67 14.81 -40.98
CA ASP M 200 14.27 16.17 -41.31
C ASP M 200 13.91 16.87 -40.04
N GLN M 201 13.60 16.08 -39.03
CA GLN M 201 13.18 16.60 -37.75
C GLN M 201 13.37 15.48 -36.73
N PRO M 202 13.92 15.80 -35.55
CA PRO M 202 14.11 14.77 -34.53
C PRO M 202 12.73 14.25 -34.18
N VAL M 203 12.65 12.95 -33.93
CA VAL M 203 11.39 12.31 -33.55
C VAL M 203 11.59 11.51 -32.27
N ASP M 204 10.51 11.27 -31.56
CA ASP M 204 10.54 10.53 -30.32
C ASP M 204 9.15 9.96 -30.12
N LEU M 205 8.96 8.68 -30.49
CA LEU M 205 7.66 8.05 -30.38
C LEU M 205 7.71 6.78 -29.57
N THR M 206 6.60 6.40 -28.94
CA THR M 206 6.53 5.18 -28.16
C THR M 206 5.52 4.24 -28.80
N PHE M 207 5.86 2.94 -28.86
CA PHE M 207 5.02 1.91 -29.44
C PHE M 207 4.86 0.78 -28.46
N GLY M 208 3.75 0.05 -28.57
CA GLY M 208 3.46 -1.11 -27.74
C GLY M 208 4.29 -2.27 -28.28
N ALA M 209 5.12 -2.80 -27.40
CA ALA M 209 6.03 -3.88 -27.72
C ALA M 209 5.38 -5.10 -28.33
N LYS M 210 4.15 -5.38 -27.94
CA LYS M 210 3.41 -6.51 -28.48
C LYS M 210 3.22 -6.35 -30.00
N TYR M 211 3.06 -5.11 -30.46
CA TYR M 211 2.86 -4.82 -31.88
C TYR M 211 4.13 -4.84 -32.70
N LEU M 212 5.22 -4.33 -32.12
CA LEU M 212 6.50 -4.34 -32.79
C LEU M 212 6.90 -5.80 -32.97
N LEU M 213 6.58 -6.63 -31.98
CA LEU M 213 6.87 -8.05 -32.04
C LEU M 213 6.11 -8.67 -33.22
N ASP M 214 4.85 -8.29 -33.44
CA ASP M 214 4.10 -8.79 -34.60
C ASP M 214 4.79 -8.35 -35.90
N ILE M 215 5.18 -7.10 -35.96
CA ILE M 215 5.83 -6.54 -37.13
C ILE M 215 7.17 -7.16 -37.57
N ILE M 216 8.00 -7.57 -36.63
CA ILE M 216 9.32 -8.10 -37.00
C ILE M 216 9.31 -9.33 -37.91
N LYS M 217 8.16 -9.99 -37.96
CA LYS M 217 7.98 -11.17 -38.81
C LYS M 217 8.38 -10.88 -40.28
N GLY M 218 8.24 -9.65 -40.72
CA GLY M 218 8.58 -9.30 -42.08
C GLY M 218 10.02 -9.60 -42.46
N SER M 219 10.89 -9.86 -41.48
CA SER M 219 12.30 -10.16 -41.75
C SER M 219 12.42 -11.29 -42.76
N SER M 220 11.49 -12.24 -42.68
CA SER M 220 11.48 -13.37 -43.57
C SER M 220 11.16 -13.02 -45.00
N LEU M 221 10.83 -11.76 -45.29
CA LEU M 221 10.49 -11.40 -46.65
C LEU M 221 11.52 -10.50 -47.26
N SER M 222 12.28 -9.84 -46.42
CA SER M 222 13.28 -8.91 -46.94
C SER M 222 14.49 -8.83 -45.99
N ASP M 223 15.66 -8.56 -46.55
CA ASP M 223 16.89 -8.41 -45.79
C ASP M 223 16.89 -7.14 -44.97
N ARG M 224 16.28 -6.10 -45.52
CA ARG M 224 16.21 -4.81 -44.86
C ARG M 224 14.78 -4.40 -44.54
N VAL M 225 14.65 -3.48 -43.59
CA VAL M 225 13.36 -2.96 -43.19
C VAL M 225 13.47 -1.46 -43.23
N GLY M 226 12.43 -0.81 -43.71
CA GLY M 226 12.43 0.64 -43.75
C GLY M 226 11.48 1.08 -42.66
N ILE M 227 11.85 2.10 -41.89
CA ILE M 227 11.01 2.59 -40.81
C ILE M 227 10.82 4.08 -41.05
N ARG M 228 9.56 4.53 -41.16
CA ARG M 228 9.30 5.94 -41.38
C ARG M 228 8.46 6.46 -40.22
N LEU M 229 8.95 7.50 -39.57
CA LEU M 229 8.27 8.00 -38.39
C LEU M 229 7.85 9.43 -38.51
N SER M 230 6.72 9.72 -37.88
CA SER M 230 6.20 11.06 -37.92
C SER M 230 5.43 11.30 -36.64
N SER M 231 5.36 12.55 -36.24
CA SER M 231 4.62 12.93 -35.04
C SER M 231 3.17 13.23 -35.46
N GLU M 232 2.90 13.15 -36.76
CA GLU M 232 1.57 13.44 -37.26
C GLU M 232 0.79 12.20 -37.67
N ALA M 233 1.43 11.04 -37.71
CA ALA M 233 0.73 9.86 -38.19
C ALA M 233 1.29 8.50 -37.72
N PRO M 234 0.60 7.40 -38.07
CA PRO M 234 1.09 6.09 -37.69
C PRO M 234 2.49 5.89 -38.31
N ALA M 235 3.36 5.13 -37.66
CA ALA M 235 4.69 4.87 -38.20
C ALA M 235 4.56 3.80 -39.27
N LEU M 236 5.45 3.83 -40.25
CA LEU M 236 5.42 2.86 -41.30
C LEU M 236 6.68 1.97 -41.25
N PHE M 237 6.50 0.65 -41.18
CA PHE M 237 7.62 -0.31 -41.20
C PHE M 237 7.39 -1.05 -42.52
N GLN M 238 8.37 -1.04 -43.40
CA GLN M 238 8.15 -1.65 -44.70
C GLN M 238 9.17 -2.68 -45.10
N PHE M 239 8.65 -3.80 -45.62
CA PHE M 239 9.45 -4.92 -46.11
C PHE M 239 9.20 -5.11 -47.60
N ASP M 240 10.19 -4.77 -48.42
CA ASP M 240 10.10 -4.87 -49.87
C ASP M 240 10.15 -6.29 -50.42
N LEU M 241 9.37 -6.52 -51.47
CA LEU M 241 9.32 -7.81 -52.13
C LEU M 241 9.81 -7.52 -53.55
N LYS M 242 10.03 -8.56 -54.33
CA LYS M 242 10.40 -8.34 -55.73
C LYS M 242 9.05 -7.92 -56.30
N SER M 243 8.93 -6.68 -56.71
CA SER M 243 7.66 -6.17 -57.25
C SER M 243 6.61 -6.23 -56.14
N GLY M 244 6.70 -5.31 -55.19
CA GLY M 244 5.74 -5.32 -54.13
C GLY M 244 6.34 -4.92 -52.82
N PHE M 245 5.54 -5.04 -51.77
CA PHE M 245 5.97 -4.71 -50.42
C PHE M 245 4.90 -5.09 -49.44
N LEU M 246 5.31 -5.30 -48.20
CA LEU M 246 4.44 -5.60 -47.11
C LEU M 246 4.68 -4.41 -46.18
N GLN M 247 3.62 -3.71 -45.80
CA GLN M 247 3.74 -2.57 -44.94
C GLN M 247 2.94 -2.76 -43.68
N PHE M 248 3.48 -2.26 -42.57
CA PHE M 248 2.82 -2.28 -41.25
C PHE M 248 2.74 -0.81 -40.78
N PHE M 249 1.53 -0.28 -40.59
CA PHE M 249 1.40 1.09 -40.08
C PHE M 249 0.96 0.92 -38.64
N LEU M 250 1.69 1.52 -37.73
CA LEU M 250 1.42 1.38 -36.30
C LEU M 250 1.23 2.72 -35.65
N ALA M 251 0.12 2.91 -34.97
CA ALA M 251 -0.15 4.19 -34.30
C ALA M 251 0.69 4.30 -33.04
N PRO M 252 1.39 5.44 -32.83
CA PRO M 252 2.20 5.59 -31.62
C PRO M 252 1.31 5.57 -30.38
N LYS M 253 1.86 5.26 -29.21
CA LYS M 253 1.06 5.31 -27.99
C LYS M 253 0.87 6.78 -27.71
N PHE M 254 -0.32 7.17 -27.28
CA PHE M 254 -0.61 8.57 -26.95
C PHE M 254 0.11 8.81 -25.62
N ASN M 255 0.07 7.76 -24.81
CA ASN M 255 0.66 7.73 -23.48
C ASN M 255 0.32 6.28 -23.11
N ASP M 256 -0.78 5.82 -23.72
CA ASP M 256 -1.29 4.48 -23.53
C ASP M 256 -2.06 4.17 -24.82
N GLU M 257 -1.35 3.88 -25.91
CA GLU M 257 -2.03 3.54 -27.16
C GLU M 257 -1.40 2.66 -28.23
N GLU M 258 -0.62 1.67 -27.81
CA GLU M 258 -0.05 0.67 -28.72
C GLU M 258 0.78 1.11 -29.93
N MET N 1 10.82 -69.26 -22.84
CA MET N 1 11.26 -68.00 -22.20
C MET N 1 11.42 -67.00 -23.30
N LEU N 2 11.52 -65.73 -22.92
CA LEU N 2 11.74 -64.65 -23.87
C LEU N 2 13.23 -64.26 -23.82
N GLU N 3 13.85 -64.22 -24.98
CA GLU N 3 15.24 -63.80 -25.07
C GLU N 3 15.48 -63.27 -26.48
N ALA N 4 15.27 -61.97 -26.63
CA ALA N 4 15.41 -61.34 -27.92
C ALA N 4 16.33 -60.14 -27.86
N LYS N 5 17.42 -60.22 -28.60
CA LYS N 5 18.36 -59.13 -28.64
C LYS N 5 18.35 -58.38 -29.95
N PHE N 6 18.01 -57.10 -29.86
CA PHE N 6 18.02 -56.21 -30.99
C PHE N 6 19.44 -55.61 -31.11
N GLU N 7 19.94 -55.58 -32.34
CA GLU N 7 21.24 -55.00 -32.68
C GLU N 7 21.26 -53.54 -32.22
N GLU N 8 20.21 -52.80 -32.60
CA GLU N 8 20.06 -51.40 -32.25
C GLU N 8 18.76 -51.20 -31.49
N ALA N 9 18.85 -50.64 -30.29
CA ALA N 9 17.66 -50.40 -29.51
C ALA N 9 16.71 -49.51 -30.30
N SER N 10 17.23 -48.79 -31.27
CA SER N 10 16.42 -47.89 -32.06
C SER N 10 15.25 -48.56 -32.78
N LEU N 11 15.45 -49.76 -33.30
CA LEU N 11 14.37 -50.40 -34.04
C LEU N 11 13.17 -50.62 -33.15
N PHE N 12 13.40 -51.10 -31.93
CA PHE N 12 12.30 -51.38 -31.03
C PHE N 12 11.59 -50.12 -30.57
N LYS N 13 12.38 -49.06 -30.41
CA LYS N 13 11.85 -47.77 -29.99
C LYS N 13 10.92 -47.17 -31.05
N ARG N 14 11.24 -47.35 -32.32
CA ARG N 14 10.42 -46.82 -33.40
C ARG N 14 9.16 -47.66 -33.52
N ILE N 15 9.29 -48.98 -33.33
CA ILE N 15 8.15 -49.88 -33.39
C ILE N 15 7.15 -49.46 -32.32
N ILE N 16 7.62 -49.31 -31.08
CA ILE N 16 6.75 -48.91 -29.98
C ILE N 16 6.18 -47.49 -30.22
N ASP N 17 6.94 -46.64 -30.90
CA ASP N 17 6.45 -45.31 -31.22
C ASP N 17 5.17 -45.42 -32.01
N GLY N 18 5.04 -46.53 -32.75
CA GLY N 18 3.85 -46.77 -33.58
C GLY N 18 2.59 -47.13 -32.82
N PHE N 19 2.76 -47.77 -31.68
CA PHE N 19 1.62 -48.16 -30.85
C PHE N 19 1.28 -46.98 -29.99
N LYS N 20 2.31 -46.19 -29.71
CA LYS N 20 2.21 -45.03 -28.84
C LYS N 20 1.03 -44.13 -29.12
N ASP N 21 0.46 -43.67 -28.02
CA ASP N 21 -0.66 -42.76 -28.02
C ASP N 21 -1.99 -43.40 -28.44
N CYS N 22 -2.04 -44.01 -29.62
CA CYS N 22 -3.29 -44.61 -30.06
C CYS N 22 -3.80 -45.83 -29.33
N VAL N 23 -2.96 -46.49 -28.53
CA VAL N 23 -3.40 -47.64 -27.73
C VAL N 23 -2.76 -47.56 -26.36
N GLN N 24 -3.41 -48.18 -25.37
CA GLN N 24 -2.93 -48.20 -24.00
C GLN N 24 -2.32 -49.53 -23.58
N LEU N 25 -2.93 -50.64 -23.99
CA LEU N 25 -2.46 -51.96 -23.62
C LEU N 25 -2.01 -52.75 -24.83
N VAL N 26 -0.87 -53.42 -24.70
CA VAL N 26 -0.34 -54.22 -25.79
C VAL N 26 -0.09 -55.65 -25.32
N ASN N 27 -0.43 -56.61 -26.16
CA ASN N 27 -0.23 -58.00 -25.79
C ASN N 27 0.82 -58.58 -26.72
N PHE N 28 1.96 -58.91 -26.14
CA PHE N 28 3.09 -59.48 -26.86
C PHE N 28 3.07 -60.98 -26.67
N GLN N 29 3.64 -61.67 -27.66
CA GLN N 29 3.82 -63.10 -27.55
C GLN N 29 5.04 -63.48 -28.35
N CYS N 30 6.02 -64.07 -27.67
CA CYS N 30 7.21 -64.52 -28.37
C CYS N 30 7.03 -66.02 -28.57
N LYS N 31 7.62 -66.53 -29.66
CA LYS N 31 7.52 -67.94 -30.00
C LYS N 31 8.67 -68.34 -30.91
N GLU N 32 8.64 -69.60 -31.35
CA GLU N 32 9.72 -70.13 -32.17
C GLU N 32 10.04 -69.38 -33.47
N ASP N 33 9.04 -68.76 -34.08
CA ASP N 33 9.27 -68.05 -35.32
C ASP N 33 9.30 -66.52 -35.15
N GLY N 34 9.38 -66.07 -33.90
CA GLY N 34 9.47 -64.64 -33.71
C GLY N 34 8.56 -64.08 -32.66
N ILE N 35 8.36 -62.77 -32.76
CA ILE N 35 7.51 -62.07 -31.82
C ILE N 35 6.35 -61.40 -32.51
N ILE N 36 5.17 -61.50 -31.92
CA ILE N 36 4.03 -60.78 -32.46
C ILE N 36 3.47 -59.94 -31.32
N ALA N 37 2.69 -58.93 -31.67
CA ALA N 37 2.08 -58.06 -30.66
C ALA N 37 0.81 -57.46 -31.24
N GLN N 38 -0.23 -57.34 -30.42
CA GLN N 38 -1.48 -56.74 -30.87
C GLN N 38 -2.01 -55.80 -29.83
N ALA N 39 -2.59 -54.70 -30.27
CA ALA N 39 -3.18 -53.72 -29.37
C ALA N 39 -4.40 -53.13 -30.06
N VAL N 40 -5.48 -53.00 -29.31
CA VAL N 40 -6.73 -52.45 -29.85
C VAL N 40 -7.08 -51.23 -29.01
N ASP N 41 -7.49 -50.13 -29.66
CA ASP N 41 -7.86 -48.93 -28.91
C ASP N 41 -9.21 -49.13 -28.18
N ASP N 42 -9.60 -48.24 -27.26
CA ASP N 42 -10.85 -48.43 -26.49
C ASP N 42 -12.10 -48.48 -27.31
N SER N 43 -12.19 -47.67 -28.36
CA SER N 43 -13.37 -47.65 -29.17
C SER N 43 -13.41 -48.82 -30.14
N ARG N 44 -12.33 -49.58 -30.18
CA ARG N 44 -12.25 -50.75 -31.07
C ARG N 44 -12.37 -50.43 -32.56
N VAL N 45 -11.74 -49.33 -33.02
CA VAL N 45 -11.78 -49.00 -34.45
C VAL N 45 -10.38 -49.21 -35.04
N LEU N 46 -9.39 -49.35 -34.17
CA LEU N 46 -8.02 -49.52 -34.60
C LEU N 46 -7.34 -50.68 -33.90
N LEU N 47 -6.67 -51.48 -34.73
CA LEU N 47 -5.92 -52.61 -34.24
C LEU N 47 -4.50 -52.38 -34.74
N VAL N 48 -3.53 -52.47 -33.84
CA VAL N 48 -2.12 -52.34 -34.22
C VAL N 48 -1.52 -53.76 -34.06
N SER N 49 -0.97 -54.28 -35.15
CA SER N 49 -0.46 -55.63 -35.16
C SER N 49 0.97 -55.69 -35.67
N LEU N 50 1.84 -56.26 -34.85
CA LEU N 50 3.26 -56.39 -35.17
C LEU N 50 3.75 -57.83 -35.36
N GLU N 51 4.74 -57.98 -36.23
CA GLU N 51 5.36 -59.27 -36.47
C GLU N 51 6.84 -59.02 -36.72
N ILE N 52 7.71 -59.64 -35.92
CA ILE N 52 9.16 -59.50 -36.06
C ILE N 52 9.69 -60.94 -36.16
N GLY N 53 10.27 -61.28 -37.31
CA GLY N 53 10.78 -62.64 -37.46
C GLY N 53 12.08 -62.78 -36.75
N VAL N 54 12.52 -64.03 -36.61
CA VAL N 54 13.76 -64.38 -35.93
C VAL N 54 14.99 -63.66 -36.50
N GLU N 55 15.00 -63.48 -37.82
CA GLU N 55 16.12 -62.83 -38.48
C GLU N 55 16.29 -61.35 -38.22
N ALA N 56 15.27 -60.69 -37.67
CA ALA N 56 15.39 -59.25 -37.34
C ALA N 56 16.26 -59.03 -36.11
N PHE N 57 16.55 -60.11 -35.36
CA PHE N 57 17.32 -60.04 -34.14
C PHE N 57 18.76 -60.45 -34.34
N GLN N 58 19.61 -60.05 -33.39
CA GLN N 58 21.01 -60.41 -33.45
C GLN N 58 21.13 -61.72 -32.71
N GLU N 59 20.21 -61.98 -31.82
CA GLU N 59 20.19 -63.21 -31.07
C GLU N 59 18.75 -63.40 -30.60
N TYR N 60 18.23 -64.60 -30.80
CA TYR N 60 16.86 -64.93 -30.42
C TYR N 60 16.82 -66.39 -30.02
N ARG N 61 16.27 -66.64 -28.85
CA ARG N 61 16.18 -67.99 -28.39
C ARG N 61 14.79 -68.20 -27.80
N CYS N 62 14.10 -69.25 -28.23
CA CYS N 62 12.79 -69.53 -27.71
C CYS N 62 12.47 -71.00 -27.71
N ASP N 63 12.39 -71.59 -26.53
CA ASP N 63 12.08 -73.01 -26.44
C ASP N 63 10.73 -73.13 -25.80
N HIS N 64 10.04 -72.00 -25.59
CA HIS N 64 8.77 -72.06 -24.89
C HIS N 64 8.11 -70.69 -24.97
N PRO N 65 7.10 -70.57 -25.83
CA PRO N 65 6.37 -69.32 -26.02
C PRO N 65 5.94 -68.68 -24.72
N VAL N 66 5.97 -67.35 -24.71
CA VAL N 66 5.53 -66.58 -23.53
C VAL N 66 4.64 -65.43 -24.04
N THR N 67 3.49 -65.25 -23.41
CA THR N 67 2.56 -64.19 -23.73
C THR N 67 2.63 -63.17 -22.55
N LEU N 68 2.72 -61.89 -22.86
CA LEU N 68 2.80 -60.91 -21.82
C LEU N 68 2.13 -59.62 -22.20
N GLY N 69 1.35 -59.06 -21.29
CA GLY N 69 0.64 -57.85 -21.58
C GLY N 69 1.19 -56.69 -20.80
N MET N 70 1.16 -55.51 -21.39
CA MET N 70 1.65 -54.36 -20.68
C MET N 70 1.10 -53.08 -21.14
N ASP N 71 1.24 -52.12 -20.25
CA ASP N 71 0.81 -50.78 -20.48
C ASP N 71 1.81 -50.11 -21.43
N LEU N 72 1.29 -49.62 -22.54
CA LEU N 72 2.11 -48.98 -23.55
C LEU N 72 2.84 -47.77 -23.00
N THR N 73 2.14 -46.94 -22.24
CA THR N 73 2.77 -45.74 -21.71
C THR N 73 3.99 -46.06 -20.85
N SER N 74 3.87 -47.08 -20.00
CA SER N 74 4.98 -47.49 -19.13
C SER N 74 6.18 -47.92 -19.96
N LEU N 75 5.90 -48.65 -21.03
CA LEU N 75 6.92 -49.14 -21.92
C LEU N 75 7.66 -48.01 -22.63
N SER N 76 6.94 -47.05 -23.19
CA SER N 76 7.61 -45.94 -23.88
C SER N 76 8.41 -45.10 -22.90
N LYS N 77 7.87 -44.93 -21.69
CA LYS N 77 8.58 -44.15 -20.67
C LYS N 77 9.97 -44.70 -20.53
N ILE N 78 10.10 -46.00 -20.67
CA ILE N 78 11.37 -46.67 -20.50
C ILE N 78 12.13 -46.81 -21.81
N LEU N 79 11.42 -46.59 -22.90
CA LEU N 79 12.03 -46.75 -24.19
C LEU N 79 12.81 -45.58 -24.78
N ARG N 80 13.32 -44.72 -23.93
CA ARG N 80 14.17 -43.64 -24.42
C ARG N 80 15.60 -43.80 -23.84
N CYS N 81 15.99 -45.01 -23.42
CA CYS N 81 17.32 -45.25 -22.84
C CYS N 81 18.24 -45.97 -23.82
N GLY N 82 17.67 -46.31 -24.98
CA GLY N 82 18.44 -47.06 -25.96
C GLY N 82 19.60 -46.39 -26.62
N ASN N 83 19.78 -45.08 -26.42
CA ASN N 83 20.87 -44.37 -27.09
C ASN N 83 20.77 -44.64 -28.61
N ASN N 84 19.73 -45.39 -29.00
CA ASN N 84 19.48 -45.81 -30.36
C ASN N 84 20.52 -46.81 -30.83
N THR N 85 21.77 -46.57 -30.46
CA THR N 85 22.88 -47.43 -30.88
C THR N 85 23.15 -48.49 -29.85
N ASP N 86 22.53 -48.34 -28.68
CA ASP N 86 22.70 -49.33 -27.62
C ASP N 86 22.13 -50.65 -28.13
N THR N 87 22.54 -51.72 -27.48
CA THR N 87 22.03 -53.02 -27.81
C THR N 87 20.83 -53.22 -26.86
N LEU N 88 19.74 -53.82 -27.33
CA LEU N 88 18.59 -54.04 -26.43
C LEU N 88 18.22 -55.51 -26.36
N THR N 89 18.09 -56.05 -25.15
CA THR N 89 17.69 -57.46 -25.01
C THR N 89 16.43 -57.52 -24.16
N LEU N 90 15.39 -58.15 -24.70
CA LEU N 90 14.11 -58.35 -24.01
C LEU N 90 14.24 -59.73 -23.39
N ILE N 91 13.94 -59.82 -22.09
CA ILE N 91 14.08 -61.05 -21.32
C ILE N 91 12.91 -61.37 -20.40
N ALA N 92 12.43 -62.61 -20.40
CA ALA N 92 11.34 -62.98 -19.48
C ALA N 92 11.26 -64.47 -19.28
N ASP N 93 10.89 -64.90 -18.08
CA ASP N 93 10.77 -66.32 -17.82
C ASP N 93 9.43 -66.80 -18.37
N ASN N 94 9.15 -68.10 -18.24
CA ASN N 94 7.93 -68.73 -18.77
C ASN N 94 6.64 -68.37 -18.09
N THR N 95 6.71 -67.82 -16.89
CA THR N 95 5.52 -67.43 -16.15
C THR N 95 5.95 -66.10 -15.52
N PRO N 96 6.10 -65.07 -16.36
CA PRO N 96 6.54 -63.76 -15.86
C PRO N 96 5.56 -62.83 -15.16
N ASP N 97 6.08 -62.07 -14.22
CA ASP N 97 5.31 -61.04 -13.54
C ASP N 97 5.88 -59.73 -14.06
N SER N 98 7.02 -59.82 -14.75
CA SER N 98 7.69 -58.64 -15.32
C SER N 98 8.39 -58.95 -16.63
N ILE N 99 8.80 -57.89 -17.32
CA ILE N 99 9.58 -57.98 -18.55
C ILE N 99 10.83 -57.13 -18.29
N ILE N 100 11.97 -57.72 -18.58
CA ILE N 100 13.25 -57.08 -18.40
C ILE N 100 13.78 -56.52 -19.69
N LEU N 101 14.11 -55.24 -19.68
CA LEU N 101 14.71 -54.60 -20.84
C LEU N 101 16.16 -54.34 -20.42
N LEU N 102 17.10 -54.83 -21.21
CA LEU N 102 18.50 -54.68 -20.88
C LEU N 102 19.25 -53.95 -21.99
N PHE N 103 19.65 -52.70 -21.72
CA PHE N 103 20.39 -51.92 -22.68
C PHE N 103 21.85 -51.94 -22.25
N GLU N 104 22.74 -52.24 -23.19
CA GLU N 104 24.18 -52.27 -22.93
C GLU N 104 24.94 -51.62 -24.07
N ASP N 105 26.02 -50.94 -23.71
CA ASP N 105 26.90 -50.32 -24.70
C ASP N 105 27.90 -51.40 -25.08
N THR N 106 28.55 -51.24 -26.22
CA THR N 106 29.52 -52.23 -26.72
C THR N 106 30.45 -52.69 -25.62
N LYS N 107 31.12 -51.73 -24.99
CA LYS N 107 32.04 -52.02 -23.91
C LYS N 107 31.23 -52.40 -22.66
N LYS N 108 31.87 -53.03 -21.68
CA LYS N 108 31.17 -53.44 -20.47
C LYS N 108 30.56 -52.25 -19.68
N ASP N 109 31.11 -51.07 -19.92
CA ASP N 109 30.79 -49.79 -19.28
C ASP N 109 29.48 -49.52 -18.56
N ARG N 110 28.47 -49.18 -19.35
CA ARG N 110 27.17 -48.81 -18.81
C ARG N 110 26.08 -49.82 -19.19
N ILE N 111 25.37 -50.26 -18.17
CA ILE N 111 24.30 -51.22 -18.36
C ILE N 111 23.02 -50.72 -17.71
N ALA N 112 22.06 -50.35 -18.54
CA ALA N 112 20.80 -49.90 -18.03
C ALA N 112 19.85 -51.08 -18.14
N GLU N 113 19.31 -51.49 -17.00
CA GLU N 113 18.39 -52.60 -16.97
C GLU N 113 17.06 -52.21 -16.29
N TYR N 114 15.95 -52.56 -16.93
CA TYR N 114 14.63 -52.26 -16.40
C TYR N 114 13.82 -53.49 -16.18
N SER N 115 12.96 -53.44 -15.17
CA SER N 115 12.06 -54.53 -14.85
C SER N 115 10.67 -53.93 -14.82
N LEU N 116 9.97 -54.06 -15.94
CA LEU N 116 8.61 -53.54 -16.13
C LEU N 116 7.52 -54.50 -15.65
N LYS N 117 6.61 -53.99 -14.85
CA LYS N 117 5.50 -54.77 -14.30
C LYS N 117 4.55 -55.09 -15.47
N LEU N 118 4.05 -56.33 -15.52
CA LEU N 118 3.12 -56.75 -16.59
C LEU N 118 1.68 -56.65 -16.14
N MET N 119 0.76 -56.62 -17.10
CA MET N 119 -0.67 -56.59 -16.85
C MET N 119 -1.21 -57.93 -17.36
N ASP N 120 -2.28 -58.45 -16.76
CA ASP N 120 -2.89 -59.70 -17.22
C ASP N 120 -3.97 -59.33 -18.22
N ILE N 121 -3.84 -59.79 -19.45
CA ILE N 121 -4.82 -59.50 -20.50
C ILE N 121 -5.32 -60.81 -21.07
N ASP N 122 -6.63 -61.01 -21.19
CA ASP N 122 -7.12 -62.26 -21.77
C ASP N 122 -6.60 -62.39 -23.19
N ALA N 123 -5.80 -63.43 -23.43
CA ALA N 123 -5.22 -63.71 -24.73
C ALA N 123 -6.38 -63.94 -25.71
N ASP N 124 -6.40 -63.13 -26.74
CA ASP N 124 -7.45 -63.17 -27.74
C ASP N 124 -6.97 -62.39 -28.96
N PHE N 125 -5.98 -62.95 -29.65
CA PHE N 125 -5.47 -62.31 -30.83
C PHE N 125 -6.49 -62.40 -31.98
N LEU N 126 -6.70 -61.28 -32.65
CA LEU N 126 -7.62 -61.20 -33.78
C LEU N 126 -6.90 -61.56 -35.08
N LYS N 127 -7.65 -62.11 -36.04
CA LYS N 127 -7.08 -62.48 -37.34
C LYS N 127 -8.06 -61.97 -38.38
N ILE N 128 -8.17 -60.66 -38.43
CA ILE N 128 -9.09 -59.98 -39.34
C ILE N 128 -8.57 -59.64 -40.74
N GLU N 129 -7.34 -60.00 -41.06
CA GLU N 129 -6.84 -59.70 -42.39
C GLU N 129 -7.55 -60.53 -43.47
N GLU N 130 -7.83 -59.89 -44.59
CA GLU N 130 -8.55 -60.47 -45.74
C GLU N 130 -7.67 -61.12 -46.78
N LEU N 131 -8.26 -62.02 -47.56
CA LEU N 131 -7.51 -62.64 -48.62
C LEU N 131 -7.35 -61.54 -49.68
N GLN N 132 -8.44 -61.06 -50.23
CA GLN N 132 -8.31 -60.02 -51.22
C GLN N 132 -9.03 -58.75 -50.81
N TYR N 133 -8.42 -57.62 -51.13
CA TYR N 133 -9.00 -56.32 -50.86
C TYR N 133 -9.44 -55.75 -52.20
N ASP N 134 -10.46 -54.90 -52.18
CA ASP N 134 -11.00 -54.21 -53.35
C ASP N 134 -9.88 -53.49 -54.12
N SER N 135 -9.02 -52.80 -53.39
CA SER N 135 -7.92 -52.09 -54.01
C SER N 135 -6.75 -52.11 -53.07
N THR N 136 -5.57 -52.04 -53.69
CA THR N 136 -4.27 -52.09 -53.04
C THR N 136 -3.41 -51.00 -53.65
N LEU N 137 -2.71 -50.26 -52.82
CA LEU N 137 -1.79 -49.22 -53.30
C LEU N 137 -0.65 -49.02 -52.33
N SER N 138 0.48 -48.61 -52.85
CA SER N 138 1.64 -48.29 -52.02
C SER N 138 2.21 -47.00 -52.58
N LEU N 139 2.82 -46.22 -51.70
CA LEU N 139 3.41 -44.95 -52.07
C LEU N 139 4.36 -44.62 -50.94
N PRO N 140 5.25 -43.66 -51.16
CA PRO N 140 6.21 -43.26 -50.11
C PRO N 140 5.43 -42.89 -48.85
N SER N 141 5.89 -43.33 -47.69
CA SER N 141 5.16 -43.01 -46.48
C SER N 141 5.21 -41.54 -46.07
N SER N 142 6.26 -40.84 -46.50
CA SER N 142 6.37 -39.42 -46.16
C SER N 142 5.32 -38.68 -46.96
N GLU N 143 5.07 -39.16 -48.18
CA GLU N 143 4.05 -38.56 -49.01
C GLU N 143 2.67 -38.78 -48.34
N PHE N 144 2.40 -40.02 -47.89
CA PHE N 144 1.13 -40.36 -47.22
C PHE N 144 0.97 -39.48 -45.98
N SER N 145 2.04 -39.29 -45.22
CA SER N 145 1.98 -38.42 -44.02
C SER N 145 1.57 -36.98 -44.38
N LYS N 146 2.16 -36.44 -45.45
CA LYS N 146 1.85 -35.09 -45.88
C LYS N 146 0.39 -35.04 -46.28
N ILE N 147 -0.05 -36.01 -47.08
CA ILE N 147 -1.44 -36.05 -47.51
C ILE N 147 -2.35 -36.05 -46.29
N VAL N 148 -2.03 -36.86 -45.29
CA VAL N 148 -2.88 -36.90 -44.12
C VAL N 148 -2.80 -35.58 -43.36
N ARG N 149 -1.58 -35.06 -43.16
CA ARG N 149 -1.39 -33.77 -42.45
C ARG N 149 -2.08 -32.56 -43.14
N ASP N 150 -2.11 -32.56 -44.47
CA ASP N 150 -2.82 -31.53 -45.20
C ASP N 150 -4.29 -31.57 -44.74
N LEU N 151 -5.03 -32.52 -45.30
CA LEU N 151 -6.45 -32.73 -45.05
C LEU N 151 -6.96 -32.70 -43.62
N SER N 152 -6.15 -33.21 -42.70
CA SER N 152 -6.55 -33.24 -41.30
C SER N 152 -7.05 -31.90 -40.77
N GLN N 153 -6.45 -30.82 -41.23
CA GLN N 153 -6.79 -29.47 -40.78
C GLN N 153 -8.20 -29.06 -41.13
N LEU N 154 -8.74 -29.67 -42.18
CA LEU N 154 -10.06 -29.32 -42.69
C LEU N 154 -11.21 -30.04 -42.12
N SER N 155 -10.98 -31.25 -41.62
CA SER N 155 -12.11 -32.05 -41.15
C SER N 155 -11.62 -33.17 -40.25
N ASP N 156 -12.57 -33.79 -39.58
CA ASP N 156 -12.29 -34.93 -38.71
C ASP N 156 -12.47 -36.21 -39.51
N SER N 157 -12.81 -36.07 -40.79
CA SER N 157 -13.01 -37.20 -41.68
C SER N 157 -12.28 -36.95 -42.95
N ILE N 158 -11.54 -37.97 -43.42
CA ILE N 158 -10.79 -37.90 -44.68
C ILE N 158 -11.27 -39.11 -45.50
N ASN N 159 -11.74 -38.82 -46.71
CA ASN N 159 -12.26 -39.86 -47.56
C ASN N 159 -11.20 -40.30 -48.56
N ILE N 160 -11.13 -41.61 -48.80
CA ILE N 160 -10.17 -42.13 -49.78
C ILE N 160 -11.04 -42.74 -50.87
N MET N 161 -10.86 -42.30 -52.10
CA MET N 161 -11.63 -42.81 -53.23
C MET N 161 -10.72 -43.36 -54.30
N ILE N 162 -11.04 -44.57 -54.77
CA ILE N 162 -10.21 -45.20 -55.78
C ILE N 162 -11.02 -45.62 -57.00
N THR N 163 -10.52 -45.21 -58.16
CA THR N 163 -11.11 -45.52 -59.45
C THR N 163 -9.89 -45.91 -60.29
N LYS N 164 -10.14 -46.44 -61.48
CA LYS N 164 -9.03 -46.87 -62.33
C LYS N 164 -7.99 -45.77 -62.42
N GLU N 165 -6.74 -46.16 -62.15
CA GLU N 165 -5.63 -45.23 -62.21
C GLU N 165 -5.80 -43.91 -61.48
N THR N 166 -6.61 -43.89 -60.44
CA THR N 166 -6.78 -42.65 -59.68
C THR N 166 -7.05 -42.89 -58.21
N ILE N 167 -6.27 -42.20 -57.39
CA ILE N 167 -6.41 -42.26 -55.96
C ILE N 167 -6.68 -40.81 -55.52
N LYS N 168 -7.76 -40.61 -54.78
CA LYS N 168 -8.12 -39.29 -54.35
C LYS N 168 -8.48 -39.22 -52.87
N PHE N 169 -7.77 -38.37 -52.13
CA PHE N 169 -8.01 -38.12 -50.70
C PHE N 169 -8.78 -36.80 -50.60
N VAL N 170 -9.86 -36.79 -49.82
CA VAL N 170 -10.68 -35.60 -49.70
C VAL N 170 -11.16 -35.32 -48.27
N ALA N 171 -11.19 -34.04 -47.91
CA ALA N 171 -11.63 -33.58 -46.61
C ALA N 171 -12.50 -32.36 -46.90
N ASP N 172 -13.55 -32.22 -46.13
CA ASP N 172 -14.49 -31.14 -46.35
C ASP N 172 -15.07 -30.82 -45.00
N GLY N 173 -14.92 -29.58 -44.58
CA GLY N 173 -15.42 -29.18 -43.28
C GLY N 173 -15.84 -27.73 -43.27
N ASP N 174 -15.74 -27.10 -42.11
CA ASP N 174 -16.12 -25.71 -41.90
C ASP N 174 -15.47 -24.66 -42.79
N ILE N 175 -14.15 -24.57 -42.75
CA ILE N 175 -13.47 -23.57 -43.52
C ILE N 175 -13.49 -23.80 -45.03
N GLY N 176 -13.89 -25.00 -45.45
CA GLY N 176 -13.92 -25.31 -46.87
C GLY N 176 -13.64 -26.78 -47.17
N SER N 177 -13.04 -27.06 -48.32
CA SER N 177 -12.75 -28.42 -48.71
C SER N 177 -11.38 -28.50 -49.34
N GLY N 178 -10.81 -29.69 -49.33
CA GLY N 178 -9.50 -29.92 -49.91
C GLY N 178 -9.46 -31.32 -50.50
N SER N 179 -8.50 -31.53 -51.39
CA SER N 179 -8.33 -32.81 -52.02
C SER N 179 -6.92 -32.95 -52.52
N VAL N 180 -6.43 -34.19 -52.50
CA VAL N 180 -5.12 -34.50 -53.01
C VAL N 180 -5.34 -35.67 -53.95
N ILE N 181 -4.96 -35.47 -55.19
CA ILE N 181 -5.10 -36.48 -56.20
C ILE N 181 -3.72 -36.93 -56.65
N ILE N 182 -3.52 -38.25 -56.61
CA ILE N 182 -2.25 -38.84 -57.02
C ILE N 182 -2.53 -39.88 -58.08
N LYS N 183 -1.55 -40.09 -58.96
CA LYS N 183 -1.66 -41.06 -60.04
C LYS N 183 -0.52 -42.08 -59.99
N PRO N 184 -0.81 -43.32 -60.35
CA PRO N 184 0.21 -44.37 -60.35
C PRO N 184 1.34 -44.00 -61.31
N PHE N 185 2.58 -44.31 -60.93
CA PHE N 185 3.73 -44.04 -61.78
C PHE N 185 4.99 -44.76 -61.31
N VAL N 186 5.76 -45.26 -62.27
CA VAL N 186 7.00 -45.98 -62.00
C VAL N 186 8.18 -45.06 -62.22
N ASP N 187 8.93 -44.78 -61.17
CA ASP N 187 10.11 -43.94 -61.32
C ASP N 187 11.37 -44.82 -61.27
N MET N 188 12.02 -44.99 -62.41
CA MET N 188 13.21 -45.82 -62.47
C MET N 188 14.41 -45.13 -61.88
N GLU N 189 14.35 -43.80 -61.83
CA GLU N 189 15.44 -43.00 -61.26
C GLU N 189 15.59 -43.34 -59.76
N HIS N 190 14.62 -44.12 -59.27
CA HIS N 190 14.55 -44.65 -57.90
C HIS N 190 13.09 -45.03 -57.65
N PRO N 191 12.78 -46.34 -57.76
CA PRO N 191 11.44 -46.89 -57.56
C PRO N 191 10.85 -46.82 -56.15
N GLU N 192 11.59 -46.28 -55.18
CA GLU N 192 11.04 -46.16 -53.84
C GLU N 192 10.13 -44.95 -53.76
N THR N 193 10.03 -44.24 -54.88
CA THR N 193 9.19 -43.06 -54.95
C THR N 193 7.99 -43.30 -55.88
N SER N 194 7.94 -44.48 -56.47
CA SER N 194 6.83 -44.85 -57.34
C SER N 194 5.51 -44.93 -56.55
N ILE N 195 4.39 -44.95 -57.27
CA ILE N 195 3.08 -45.04 -56.64
C ILE N 195 2.34 -46.13 -57.38
N LYS N 196 2.20 -47.30 -56.75
CA LYS N 196 1.53 -48.42 -57.39
C LYS N 196 0.08 -48.48 -56.99
N LEU N 197 -0.75 -49.08 -57.84
CA LEU N 197 -2.16 -49.19 -57.57
C LEU N 197 -2.72 -50.37 -58.32
N GLU N 198 -3.39 -51.26 -57.62
CA GLU N 198 -4.02 -52.40 -58.26
C GLU N 198 -5.46 -52.31 -57.80
N MET N 199 -6.37 -52.04 -58.72
CA MET N 199 -7.78 -51.90 -58.39
C MET N 199 -8.66 -52.99 -58.98
N ASP N 200 -9.31 -53.79 -58.14
CA ASP N 200 -10.19 -54.85 -58.62
C ASP N 200 -11.59 -54.33 -58.65
N GLN N 201 -11.81 -53.28 -57.86
CA GLN N 201 -13.12 -52.69 -57.73
C GLN N 201 -12.92 -51.28 -57.16
N PRO N 202 -13.63 -50.29 -57.70
CA PRO N 202 -13.48 -48.93 -57.19
C PRO N 202 -13.92 -48.95 -55.74
N VAL N 203 -13.24 -48.19 -54.90
CA VAL N 203 -13.59 -48.10 -53.49
C VAL N 203 -13.75 -46.64 -53.10
N ASP N 204 -14.48 -46.41 -52.02
CA ASP N 204 -14.73 -45.06 -51.53
C ASP N 204 -15.05 -45.22 -50.05
N LEU N 205 -14.06 -44.97 -49.19
CA LEU N 205 -14.25 -45.13 -47.75
C LEU N 205 -13.86 -43.87 -47.00
N THR N 206 -14.48 -43.64 -45.84
CA THR N 206 -14.16 -42.48 -45.01
C THR N 206 -13.56 -42.96 -43.70
N PHE N 207 -12.52 -42.26 -43.24
CA PHE N 207 -11.83 -42.58 -41.99
C PHE N 207 -11.73 -41.34 -41.14
N GLY N 208 -11.65 -41.54 -39.83
CA GLY N 208 -11.49 -40.46 -38.86
C GLY N 208 -10.05 -40.01 -38.91
N ALA N 209 -9.89 -38.73 -39.20
CA ALA N 209 -8.58 -38.10 -39.35
C ALA N 209 -7.66 -38.28 -38.16
N LYS N 210 -8.24 -38.35 -36.96
CA LYS N 210 -7.48 -38.54 -35.75
C LYS N 210 -6.71 -39.88 -35.80
N TYR N 211 -7.34 -40.89 -36.42
CA TYR N 211 -6.74 -42.22 -36.53
C TYR N 211 -5.68 -42.34 -37.61
N LEU N 212 -5.92 -41.68 -38.74
CA LEU N 212 -4.97 -41.69 -39.84
C LEU N 212 -3.71 -40.99 -39.32
N LEU N 213 -3.90 -39.95 -38.51
CA LEU N 213 -2.79 -39.22 -37.92
C LEU N 213 -1.97 -40.15 -37.04
N ASP N 214 -2.62 -41.03 -36.26
CA ASP N 214 -1.90 -42.01 -35.43
C ASP N 214 -1.11 -42.95 -36.34
N ILE N 215 -1.74 -43.43 -37.39
CA ILE N 215 -1.11 -44.35 -38.33
C ILE N 215 0.13 -43.87 -39.09
N ILE N 216 0.18 -42.59 -39.46
CA ILE N 216 1.31 -42.10 -40.25
C ILE N 216 2.68 -42.24 -39.60
N LYS N 217 2.67 -42.44 -38.28
CA LYS N 217 3.91 -42.65 -37.52
C LYS N 217 4.79 -43.76 -38.12
N GLY N 218 4.17 -44.74 -38.76
CA GLY N 218 4.93 -45.84 -39.33
C GLY N 218 5.96 -45.41 -40.36
N SER N 219 5.88 -44.17 -40.84
CA SER N 219 6.86 -43.68 -41.83
C SER N 219 8.28 -43.89 -41.34
N SER N 220 8.48 -43.77 -40.03
CA SER N 220 9.77 -43.93 -39.44
C SER N 220 10.28 -45.36 -39.48
N LEU N 221 9.48 -46.30 -39.96
CA LEU N 221 9.92 -47.69 -40.00
C LEU N 221 10.14 -48.17 -41.40
N SER N 222 9.49 -47.52 -42.34
CA SER N 222 9.62 -47.94 -43.72
C SER N 222 9.47 -46.76 -44.69
N ASP N 223 10.14 -46.86 -45.84
CA ASP N 223 10.09 -45.81 -46.86
C ASP N 223 8.74 -45.77 -47.53
N ARG N 224 8.13 -46.94 -47.69
CA ARG N 224 6.82 -47.04 -48.33
C ARG N 224 5.75 -47.57 -47.38
N VAL N 225 4.50 -47.29 -47.74
CA VAL N 225 3.38 -47.74 -46.97
C VAL N 225 2.43 -48.43 -47.92
N GLY N 226 1.85 -49.54 -47.49
CA GLY N 226 0.92 -50.25 -48.32
C GLY N 226 -0.45 -49.99 -47.73
N ILE N 227 -1.45 -49.70 -48.56
CA ILE N 227 -2.80 -49.43 -48.09
C ILE N 227 -3.73 -50.38 -48.81
N ARG N 228 -4.48 -51.19 -48.06
CA ARG N 228 -5.39 -52.13 -48.67
C ARG N 228 -6.81 -51.80 -48.20
N LEU N 229 -7.70 -51.57 -49.16
CA LEU N 229 -9.04 -51.15 -48.83
C LEU N 229 -10.10 -52.09 -49.30
N SER N 230 -11.16 -52.18 -48.52
CA SER N 230 -12.25 -53.05 -48.87
C SER N 230 -13.51 -52.47 -48.28
N SER N 231 -14.63 -52.75 -48.92
CA SER N 231 -15.92 -52.30 -48.45
C SER N 231 -16.48 -53.34 -47.48
N GLU N 232 -15.75 -54.44 -47.30
CA GLU N 232 -16.19 -55.51 -46.42
C GLU N 232 -15.44 -55.56 -45.11
N ALA N 233 -14.36 -54.80 -44.97
CA ALA N 233 -13.59 -54.90 -43.75
C ALA N 233 -12.73 -53.67 -43.38
N PRO N 234 -12.07 -53.71 -42.22
CA PRO N 234 -11.22 -52.60 -41.82
C PRO N 234 -10.11 -52.44 -42.89
N ALA N 235 -9.64 -51.22 -43.11
CA ALA N 235 -8.57 -50.98 -44.08
C ALA N 235 -7.26 -51.38 -43.43
N LEU N 236 -6.30 -51.80 -44.24
CA LEU N 236 -5.01 -52.19 -43.72
C LEU N 236 -3.93 -51.22 -44.24
N PHE N 237 -3.15 -50.62 -43.33
CA PHE N 237 -2.04 -49.74 -43.68
C PHE N 237 -0.84 -50.52 -43.16
N GLN N 238 0.12 -50.82 -44.03
CA GLN N 238 1.23 -51.64 -43.58
C GLN N 238 2.59 -51.08 -43.85
N PHE N 239 3.44 -51.18 -42.83
CA PHE N 239 4.82 -50.71 -42.86
C PHE N 239 5.77 -51.89 -42.66
N ASP N 240 6.45 -52.30 -43.72
CA ASP N 240 7.37 -53.43 -43.69
C ASP N 240 8.67 -53.17 -42.95
N LEU N 241 9.15 -54.20 -42.27
CA LEU N 241 10.40 -54.14 -41.54
C LEU N 241 11.27 -55.21 -42.20
N LYS N 242 12.55 -55.24 -41.84
CA LYS N 242 13.41 -56.28 -42.36
C LYS N 242 12.92 -57.48 -41.54
N SER N 243 12.28 -58.43 -42.20
CA SER N 243 11.73 -59.61 -41.51
C SER N 243 10.66 -59.14 -40.54
N GLY N 244 9.50 -58.77 -41.07
CA GLY N 244 8.45 -58.33 -40.21
C GLY N 244 7.63 -57.24 -40.83
N PHE N 245 6.73 -56.68 -40.04
CA PHE N 245 5.87 -55.60 -40.47
C PHE N 245 5.06 -55.08 -39.31
N LEU N 246 4.62 -53.85 -39.43
CA LEU N 246 3.78 -53.20 -38.47
C LEU N 246 2.52 -52.92 -39.29
N GLN N 247 1.38 -53.38 -38.80
CA GLN N 247 0.14 -53.18 -39.50
C GLN N 247 -0.85 -52.43 -38.65
N PHE N 248 -1.64 -51.56 -39.29
CA PHE N 248 -2.72 -50.80 -38.65
C PHE N 248 -4.01 -51.15 -39.40
N PHE N 249 -4.99 -51.73 -38.71
CA PHE N 249 -6.27 -52.03 -39.36
C PHE N 249 -7.23 -50.99 -38.80
N LEU N 250 -7.89 -50.26 -39.67
CA LEU N 250 -8.78 -49.17 -39.26
C LEU N 250 -10.15 -49.37 -39.84
N ALA N 251 -11.17 -49.37 -39.00
CA ALA N 251 -12.54 -49.54 -39.45
C ALA N 251 -13.03 -48.27 -40.12
N PRO N 252 -13.64 -48.35 -41.33
CA PRO N 252 -14.14 -47.15 -42.00
C PRO N 252 -15.26 -46.53 -41.17
N LYS N 253 -15.67 -45.31 -41.53
CA LYS N 253 -16.84 -44.68 -40.86
C LYS N 253 -18.10 -45.48 -41.20
N PHE N 254 -19.28 -44.99 -40.83
CA PHE N 254 -20.55 -45.74 -41.04
C PHE N 254 -20.38 -46.75 -42.19
FE1 SF4 O . -21.99 66.75 8.55
FE2 SF4 O . -21.29 68.61 10.42
FE3 SF4 O . -19.82 66.37 10.10
FE4 SF4 O . -22.29 66.23 11.20
S1 SF4 O . -20.49 67.30 12.06
S2 SF4 O . -21.42 64.86 9.61
S3 SF4 O . -23.37 67.81 10.02
S4 SF4 O . -20.12 68.00 8.57
PG AGS P . -37.38 -33.97 -26.19
S1G AGS P . -36.66 -32.28 -25.55
O2G AGS P . -37.06 -35.09 -25.17
O3G AGS P . -36.70 -34.33 -27.56
PB AGS P . -39.54 -33.84 -27.85
O1B AGS P . -38.64 -33.15 -28.79
O2B AGS P . -40.91 -33.18 -27.73
O3B AGS P . -38.91 -33.86 -26.39
PA AGS P . -39.62 -35.69 -29.87
O1A AGS P . -38.23 -36.08 -30.16
O2A AGS P . -40.11 -34.46 -30.66
O3A AGS P . -39.81 -35.32 -28.34
O5' AGS P . -40.55 -36.95 -30.13
C5' AGS P . -40.01 -38.28 -30.14
C4' AGS P . -41.04 -39.23 -30.69
O4' AGS P . -42.28 -39.08 -29.97
C3' AGS P . -41.42 -38.99 -32.15
O3' AGS P . -40.52 -39.67 -33.02
C2' AGS P . -42.84 -39.57 -32.23
O2' AGS P . -42.82 -40.98 -32.45
C1' AGS P . -43.39 -39.25 -30.83
N9 AGS P . -44.21 -38.05 -30.77
C8 AGS P . -44.01 -36.94 -29.99
N7 AGS P . -44.91 -36.01 -30.14
C5 AGS P . -45.77 -36.53 -31.08
C6 AGS P . -46.95 -36.03 -31.69
N6 AGS P . -47.47 -34.83 -31.40
N1 AGS P . -47.57 -36.81 -32.59
C2 AGS P . -47.05 -38.00 -32.89
N3 AGS P . -45.95 -38.59 -32.39
C4 AGS P . -45.35 -37.79 -31.49
MG MG Q . -35.51 -33.79 -29.24
PG AGS R . -25.02 -53.21 -8.29
S1G AGS R . -25.70 -51.55 -9.03
O2G AGS R . -24.49 -52.98 -6.84
O3G AGS R . -23.86 -53.74 -9.18
PB AGS R . -26.16 -55.48 -9.28
O1B AGS R . -25.55 -55.07 -10.56
O2B AGS R . -27.63 -55.90 -9.44
O3B AGS R . -26.16 -54.28 -8.25
PA AGS R . -24.60 -57.71 -9.64
O1A AGS R . -23.22 -57.21 -9.86
O2A AGS R . -25.42 -57.85 -10.93
O3A AGS R . -25.41 -56.73 -8.68
O5' AGS R . -24.50 -59.08 -8.87
C5' AGS R . -23.45 -59.35 -7.93
C4' AGS R . -23.42 -60.82 -7.60
O4' AGS R . -24.58 -61.16 -6.81
C3' AGS R . -23.50 -61.74 -8.82
O3' AGS R . -22.20 -61.98 -9.35
C2' AGS R . -24.13 -63.00 -8.24
O2' AGS R . -23.16 -63.84 -7.62
C1' AGS R . -25.09 -62.42 -7.20
N9 AGS R . -26.46 -62.23 -7.67
C8 AGS R . -27.16 -61.05 -7.73
N7 AGS R . -28.37 -61.18 -8.21
C5 AGS R . -28.48 -62.54 -8.49
C6 AGS R . -29.53 -63.31 -9.02
N6 AGS R . -30.72 -62.82 -9.37
N1 AGS R . -29.31 -64.64 -9.17
C2 AGS R . -28.12 -65.14 -8.81
N3 AGS R . -27.07 -64.51 -8.30
C4 AGS R . -27.31 -63.20 -8.16
MG MG S . -23.38 -53.43 -11.20
PG AGS T . -8.67 -46.35 14.55
S1G AGS T . -10.27 -46.73 13.53
O2G AGS T . -8.81 -44.96 15.24
O3G AGS T . -7.44 -46.33 13.60
PB AGS T . -7.95 -48.90 15.21
O1B AGS T . -9.08 -49.86 15.20
O2B AGS T . -7.29 -48.74 13.84
O3B AGS T . -8.45 -47.46 15.63
PA AGS T . -5.42 -49.89 15.62
O1A AGS T . -5.62 -51.06 14.72
O2A AGS T . -4.77 -48.68 14.93
O3A AGS T . -6.81 -49.37 16.21
O5' AGS T . -4.59 -50.35 16.88
C5' AGS T . -3.99 -49.38 17.76
C4' AGS T . -3.22 -50.12 18.83
O4' AGS T . -4.14 -50.58 19.85
C3' AGS T . -2.50 -51.37 18.36
O3' AGS T . -1.20 -51.05 17.88
C2' AGS T . -2.43 -52.21 19.63
O2' AGS T . -1.34 -51.85 20.46
C1' AGS T . -3.76 -51.87 20.30
N9 AGS T . -4.85 -52.80 20.00
C8 AGS T . -6.06 -52.48 19.44
N7 AGS T . -6.86 -53.52 19.28
C5 AGS T . -6.11 -54.58 19.77
C6 AGS T . -6.39 -55.96 19.87
N6 AGS T . -7.54 -56.52 19.48
N1 AGS T . -5.43 -56.75 20.41
C2 AGS T . -4.28 -56.19 20.81
N3 AGS T . -3.91 -54.91 20.75
C4 AGS T . -4.87 -54.15 20.21
MG MG U . -7.01 -47.48 11.80
PB ADP V . -0.86 -20.79 27.98
O1B ADP V . -1.04 -20.26 26.58
O2B ADP V . 0.56 -21.20 28.29
O3B ADP V . -1.86 -21.87 28.31
PA ADP V . -0.64 -18.07 28.88
O1A ADP V . -1.21 -17.44 27.66
O2A ADP V . 0.86 -18.13 29.02
O3A ADP V . -1.20 -19.57 28.96
O5' ADP V . -1.27 -17.41 30.19
C5' ADP V . -0.77 -17.81 31.49
C4' ADP V . -0.09 -16.64 32.16
O4' ADP V . 0.56 -17.09 33.37
C3' ADP V . 1.04 -15.97 31.37
O3' ADP V . 1.28 -14.66 31.84
C2' ADP V . 2.20 -16.90 31.71
O2' ADP V . 3.47 -16.33 31.45
C1' ADP V . 1.96 -17.09 33.20
N9 ADP V . 2.49 -18.33 33.73
C8 ADP V . 2.54 -19.55 33.09
N7 ADP V . 3.09 -20.49 33.81
C5 ADP V . 3.44 -19.87 35.00
C6 ADP V . 4.05 -20.33 36.18
N6 ADP V . 4.45 -21.60 36.35
N1 ADP V . 4.26 -19.44 37.17
C2 ADP V . 3.86 -18.18 36.99
N3 ADP V . 3.26 -17.63 35.94
C4 ADP V . 3.07 -18.53 34.96
#